data_9HG3
#
_entry.id   9HG3
#
_cell.length_a   113.080
_cell.length_b   145.930
_cell.length_c   146.320
_cell.angle_alpha   90.000
_cell.angle_beta   95.929
_cell.angle_gamma   90.000
#
_symmetry.space_group_name_H-M   'P 1 21 1'
#
loop_
_entity.id
_entity.type
_entity.pdbx_description
1 polymer 'GMP reductase'
2 non-polymer "GUANOSINE-5'-MONOPHOSPHATE"
3 non-polymer "GUANOSINE-5'-TRIPHOSPHATE"
#
_entity_poly.entity_id   1
_entity_poly.type   'polypeptide(L)'
_entity_poly.pdbx_seq_one_letter_code
;MVRFLDGHTPAYDLTYNDVFVVPGRSDVASRFDVDLSTVDGSGTTIPVVVANMTAVAGRRMAETVARRGGIVVLPQDLPI
TAVSETVDFVKSRDLVVDTPVTLSPEDSVSDANALLHKRAHGAAVVVFEGRPIGLVTEANCAGVDRFARVRDIALSDFVT
APVGTDPREVFDLLEHAPIDVAVMTAPDGTLAGVLTRTGAIRAGIYTPAVDAKGRLRIAAAVGINGDVGAKAQALAEAGA
DLLVIDTAHGHQAKMLDAIKAVASLDLGLPLVAGNVVSAEGTRDLIEAGASIVKVGVGPGAMCTTRMMTGVGRPQFSAVV
ECAAAARQLGGHVWADGGVRHPRDVALALAAGASNVMIGSWFAGTYESPGDLLFDRDDRPYKESYGMASKRAVAARTAGD
SSFDRARKGLFEEGISTSRMSLDPARGGVEDLLDHITSGVRSTCTYVGAANLPELHEKVVLGVQSAAGFAEGHPLPAGWT
AAAKEDLEHHHHHHHH
;
_entity_poly.pdbx_strand_id   A,B,C,D,E,F,G,H
#
loop_
_chem_comp.id
_chem_comp.type
_chem_comp.name
_chem_comp.formula
5GP non-polymer GUANOSINE-5'-MONOPHOSPHATE 'C10 H14 N5 O8 P'
GTP non-polymer GUANOSINE-5'-TRIPHOSPHATE 'C10 H16 N5 O14 P3'
#
# COMPACT_ATOMS: atom_id res chain seq x y z
N VAL A 2 51.86 10.83 15.94
CA VAL A 2 51.04 9.63 15.86
C VAL A 2 51.80 8.51 15.18
N ARG A 3 51.59 7.29 15.65
CA ARG A 3 52.26 6.10 15.12
C ARG A 3 51.23 5.20 14.46
N PHE A 4 51.48 4.83 13.22
CA PHE A 4 50.65 3.88 12.49
C PHE A 4 51.32 2.52 12.45
N LEU A 5 50.50 1.49 12.24
CA LEU A 5 51.03 0.14 12.09
C LEU A 5 51.98 0.08 10.89
N ASP A 6 52.93 -0.85 10.96
CA ASP A 6 53.91 -0.99 9.89
C ASP A 6 53.23 -1.36 8.58
N GLY A 7 53.49 -0.56 7.54
CA GLY A 7 52.92 -0.78 6.24
C GLY A 7 51.68 0.03 5.94
N HIS A 8 51.05 0.60 6.97
CA HIS A 8 49.81 1.37 6.80
C HIS A 8 50.15 2.79 6.36
N THR A 9 50.65 2.89 5.13
CA THR A 9 50.97 4.16 4.48
C THR A 9 50.10 4.26 3.23
N PRO A 10 48.83 4.63 3.37
CA PRO A 10 47.93 4.62 2.22
C PRO A 10 48.19 5.78 1.27
N ALA A 11 47.92 5.55 0.00
CA ALA A 11 48.05 6.58 -1.03
C ALA A 11 46.84 7.50 -1.09
N TYR A 12 46.30 7.89 0.07
CA TYR A 12 45.15 8.77 0.14
C TYR A 12 45.02 9.28 1.57
N ASP A 13 44.23 10.34 1.73
CA ASP A 13 43.96 10.86 3.06
C ASP A 13 42.81 10.11 3.71
N LEU A 14 42.70 10.25 5.03
CA LEU A 14 41.86 9.40 5.86
C LEU A 14 40.75 10.20 6.52
N THR A 15 39.53 9.68 6.46
CA THR A 15 38.41 10.22 7.23
C THR A 15 38.33 9.49 8.56
N TYR A 16 37.30 9.77 9.35
CA TYR A 16 37.10 9.03 10.60
C TYR A 16 36.69 7.58 10.35
N ASN A 17 36.15 7.28 9.16
CA ASN A 17 35.75 5.91 8.85
C ASN A 17 36.92 5.04 8.40
N ASP A 18 38.06 5.64 8.08
CA ASP A 18 39.18 4.89 7.50
C ASP A 18 40.16 4.35 8.54
N VAL A 19 40.09 4.82 9.79
CA VAL A 19 41.12 4.51 10.77
C VAL A 19 40.49 3.81 11.98
N PHE A 20 41.32 3.06 12.68
CA PHE A 20 40.95 2.40 13.93
C PHE A 20 42.11 2.48 14.90
N VAL A 21 41.80 2.36 16.19
CA VAL A 21 42.78 2.44 17.26
C VAL A 21 43.12 1.02 17.72
N VAL A 22 44.40 0.71 17.77
CA VAL A 22 44.86 -0.59 18.26
C VAL A 22 45.11 -0.48 19.76
N PRO A 23 44.52 -1.33 20.58
CA PRO A 23 44.75 -1.24 22.03
C PRO A 23 46.18 -1.60 22.39
N GLY A 24 46.65 -1.00 23.48
CA GLY A 24 47.99 -1.26 23.98
C GLY A 24 47.95 -1.65 25.45
N ARG A 25 49.14 -1.95 25.98
CA ARG A 25 49.25 -2.30 27.38
C ARG A 25 48.79 -1.14 28.26
N SER A 26 47.94 -1.44 29.24
CA SER A 26 47.25 -0.42 30.01
C SER A 26 47.30 -0.76 31.49
N ASP A 27 47.48 0.29 32.31
CA ASP A 27 47.30 0.18 33.75
C ASP A 27 46.14 1.02 34.25
N VAL A 28 45.49 1.78 33.36
CA VAL A 28 44.34 2.59 33.74
C VAL A 28 43.17 1.65 34.02
N ALA A 29 42.77 1.56 35.29
CA ALA A 29 41.75 0.62 35.72
C ALA A 29 40.39 0.95 35.11
N SER A 30 39.77 2.02 35.59
CA SER A 30 38.42 2.39 35.19
C SER A 30 38.44 3.68 34.37
N ARG A 31 37.29 3.96 33.75
CA ARG A 31 37.14 5.20 32.99
C ARG A 31 37.26 6.42 33.88
N PHE A 32 36.80 6.33 35.13
CA PHE A 32 36.79 7.47 36.04
C PHE A 32 38.19 7.89 36.48
N ASP A 33 39.21 7.07 36.22
CA ASP A 33 40.58 7.47 36.48
C ASP A 33 41.16 8.34 35.38
N VAL A 34 40.45 8.50 34.27
CA VAL A 34 40.95 9.30 33.15
C VAL A 34 40.61 10.76 33.37
N ASP A 35 41.59 11.63 33.10
CA ASP A 35 41.40 13.08 33.20
C ASP A 35 41.14 13.61 31.79
N LEU A 36 39.89 13.99 31.54
CA LEU A 36 39.47 14.50 30.23
C LEU A 36 39.70 16.00 30.08
N SER A 37 40.33 16.65 31.05
CA SER A 37 40.53 18.09 30.98
C SER A 37 41.53 18.44 29.89
N THR A 38 41.28 19.58 29.24
CA THR A 38 42.14 20.05 28.16
C THR A 38 43.19 21.03 28.70
N VAL A 39 44.23 21.24 27.90
CA VAL A 39 45.33 22.12 28.27
C VAL A 39 45.67 23.05 27.12
N ASP A 40 44.63 23.61 26.48
CA ASP A 40 44.81 24.52 25.36
C ASP A 40 44.41 25.96 25.70
N GLY A 41 44.20 26.26 26.99
CA GLY A 41 43.77 27.58 27.39
C GLY A 41 42.28 27.83 27.30
N SER A 42 41.49 26.84 26.91
CA SER A 42 40.06 27.05 26.81
C SER A 42 39.35 26.91 28.15
N GLY A 43 39.92 26.14 29.07
CA GLY A 43 39.32 25.93 30.37
C GLY A 43 38.30 24.80 30.43
N THR A 44 38.18 24.00 29.37
CA THR A 44 37.21 22.92 29.36
C THR A 44 37.77 21.70 30.08
N THR A 45 36.92 21.08 30.92
CA THR A 45 37.29 19.85 31.59
C THR A 45 36.91 18.61 30.79
N ILE A 46 36.19 18.78 29.69
CA ILE A 46 35.94 17.71 28.73
C ILE A 46 36.22 18.27 27.33
N PRO A 47 36.75 17.47 26.40
CA PRO A 47 37.12 17.97 25.07
C PRO A 47 35.93 18.17 24.13
N VAL A 48 34.94 18.93 24.59
CA VAL A 48 33.72 19.17 23.83
C VAL A 48 33.50 20.68 23.74
N VAL A 49 33.37 21.19 22.51
CA VAL A 49 33.06 22.59 22.25
C VAL A 49 31.87 22.65 21.31
N VAL A 50 30.92 23.53 21.61
CA VAL A 50 29.72 23.67 20.79
C VAL A 50 29.97 24.70 19.71
N ALA A 51 29.66 24.34 18.47
CA ALA A 51 29.98 25.18 17.33
C ALA A 51 29.21 26.49 17.36
N ASN A 52 29.79 27.51 16.73
CA ASN A 52 29.18 28.84 16.65
C ASN A 52 28.15 28.85 15.51
N MET A 53 27.05 28.15 15.76
CA MET A 53 25.94 28.06 14.83
C MET A 53 24.67 28.50 15.54
N THR A 54 23.88 29.35 14.87
CA THR A 54 22.66 29.88 15.49
C THR A 54 21.66 28.78 15.83
N ALA A 55 21.77 27.62 15.17
CA ALA A 55 20.86 26.51 15.43
C ALA A 55 21.28 25.65 16.61
N VAL A 56 22.42 25.94 17.24
CA VAL A 56 22.93 25.12 18.34
C VAL A 56 23.36 25.99 19.50
N ALA A 57 24.16 27.01 19.23
CA ALA A 57 24.81 27.82 20.26
C ALA A 57 23.83 28.86 20.79
N GLY A 58 23.07 28.48 21.80
CA GLY A 58 22.10 29.36 22.42
C GLY A 58 22.36 29.55 23.91
N ARG A 59 21.45 30.30 24.53
CA ARG A 59 21.57 30.58 25.96
C ARG A 59 21.47 29.32 26.80
N ARG A 60 20.42 28.52 26.58
CA ARG A 60 20.24 27.31 27.38
C ARG A 60 21.35 26.29 27.12
N MET A 61 21.88 26.26 25.90
CA MET A 61 23.00 25.36 25.61
C MET A 61 24.27 25.82 26.33
N ALA A 62 24.49 27.14 26.37
CA ALA A 62 25.70 27.66 27.00
C ALA A 62 25.74 27.33 28.49
N GLU A 63 24.61 27.49 29.18
CA GLU A 63 24.56 27.14 30.60
C GLU A 63 24.72 25.64 30.82
N THR A 64 24.02 24.83 30.01
CA THR A 64 24.00 23.39 30.25
C THR A 64 25.34 22.75 29.96
N VAL A 65 26.01 23.16 28.88
CA VAL A 65 27.26 22.52 28.50
C VAL A 65 28.41 22.98 29.39
N ALA A 66 28.44 24.28 29.73
CA ALA A 66 29.53 24.79 30.56
C ALA A 66 29.51 24.19 31.96
N ARG A 67 28.33 23.86 32.48
CA ARG A 67 28.26 23.24 33.79
C ARG A 67 28.85 21.84 33.79
N ARG A 68 28.83 21.16 32.65
CA ARG A 68 29.34 19.80 32.53
C ARG A 68 30.77 19.74 32.03
N GLY A 69 31.41 20.89 31.78
CA GLY A 69 32.81 20.95 31.45
C GLY A 69 33.12 21.49 30.08
N GLY A 70 32.14 21.59 29.20
CA GLY A 70 32.34 22.09 27.87
C GLY A 70 32.28 23.61 27.81
N ILE A 71 32.33 24.12 26.59
CA ILE A 71 32.19 25.55 26.34
C ILE A 71 31.41 25.73 25.05
N VAL A 72 30.64 26.81 24.99
CA VAL A 72 29.79 27.13 23.85
C VAL A 72 30.28 28.43 23.23
N VAL A 73 30.47 28.42 21.92
CA VAL A 73 30.91 29.59 21.16
C VAL A 73 29.66 30.26 20.60
N LEU A 74 29.32 31.44 21.10
CA LEU A 74 28.18 32.16 20.59
C LEU A 74 28.39 32.49 19.11
N PRO A 75 27.36 32.37 18.28
CA PRO A 75 27.54 32.62 16.85
C PRO A 75 27.89 34.07 16.56
N GLN A 76 28.69 34.27 15.52
CA GLN A 76 29.12 35.60 15.14
C GLN A 76 27.92 36.42 14.63
N ASP A 77 28.14 37.73 14.55
CA ASP A 77 27.14 38.72 14.13
C ASP A 77 25.95 38.79 15.09
N LEU A 78 26.02 38.10 16.23
CA LEU A 78 25.00 38.27 17.25
C LEU A 78 25.09 39.68 17.83
N PRO A 79 23.96 40.35 18.02
CA PRO A 79 24.00 41.72 18.58
C PRO A 79 24.72 41.75 19.92
N ILE A 80 25.53 42.79 20.11
CA ILE A 80 26.35 42.89 21.32
C ILE A 80 25.49 42.95 22.56
N THR A 81 24.29 43.52 22.46
CA THR A 81 23.36 43.52 23.59
C THR A 81 22.90 42.11 23.91
N ALA A 82 22.57 41.33 22.86
CA ALA A 82 22.21 39.94 23.08
C ALA A 82 23.36 39.13 23.67
N VAL A 83 24.60 39.47 23.29
CA VAL A 83 25.76 38.80 23.86
C VAL A 83 25.84 39.07 25.35
N SER A 84 25.69 40.34 25.75
CA SER A 84 25.79 40.70 27.15
C SER A 84 24.69 40.03 27.97
N GLU A 85 23.46 40.02 27.45
CA GLU A 85 22.36 39.36 28.16
C GLU A 85 22.62 37.87 28.31
N THR A 86 23.23 37.24 27.30
CA THR A 86 23.53 35.82 27.39
C THR A 86 24.67 35.55 28.35
N VAL A 87 25.74 36.35 28.28
CA VAL A 87 26.88 36.16 29.17
C VAL A 87 26.48 36.39 30.61
N ASP A 88 25.73 37.46 30.87
CA ASP A 88 25.29 37.75 32.24
C ASP A 88 24.42 36.63 32.79
N PHE A 89 23.59 36.03 31.93
CA PHE A 89 22.78 34.90 32.37
C PHE A 89 23.65 33.69 32.71
N VAL A 90 24.55 33.32 31.79
CA VAL A 90 25.37 32.13 32.00
C VAL A 90 26.27 32.30 33.21
N LYS A 91 26.83 33.49 33.39
CA LYS A 91 27.75 33.74 34.49
C LYS A 91 27.05 34.00 35.81
N SER A 92 25.72 33.95 35.86
CA SER A 92 24.97 34.05 37.10
C SER A 92 24.31 32.74 37.48
N ARG A 93 24.65 31.63 36.81
CA ARG A 93 24.05 30.34 37.08
C ARG A 93 24.82 29.61 38.19
N ASP A 94 24.12 28.73 38.87
CA ASP A 94 24.75 27.90 39.90
C ASP A 94 25.54 26.78 39.24
N LEU A 95 26.67 26.43 39.85
CA LEU A 95 27.56 25.43 39.28
C LEU A 95 27.05 24.01 39.49
N VAL A 96 25.96 23.83 40.24
CA VAL A 96 25.39 22.50 40.49
C VAL A 96 23.89 22.53 40.21
N VAL A 97 23.22 23.55 40.72
CA VAL A 97 21.77 23.68 40.56
C VAL A 97 21.47 24.24 39.18
N ASP A 98 20.51 23.62 38.49
CA ASP A 98 20.16 23.99 37.13
C ASP A 98 18.96 24.94 37.10
N THR A 99 18.85 25.69 36.03
CA THR A 99 17.76 26.65 35.85
C THR A 99 16.53 25.94 35.31
N PRO A 100 15.40 25.93 36.02
CA PRO A 100 14.22 25.23 35.52
C PRO A 100 13.37 26.09 34.60
N VAL A 101 12.29 25.51 34.09
CA VAL A 101 11.27 26.26 33.36
C VAL A 101 10.28 26.80 34.38
N THR A 102 10.12 28.12 34.42
CA THR A 102 9.24 28.77 35.37
C THR A 102 7.92 29.12 34.72
N LEU A 103 6.83 28.90 35.45
CA LEU A 103 5.49 29.17 34.96
C LEU A 103 4.73 30.02 35.97
N SER A 104 3.88 30.89 35.46
CA SER A 104 2.96 31.65 36.28
C SER A 104 1.63 30.91 36.39
N PRO A 105 0.93 31.05 37.52
CA PRO A 105 -0.39 30.41 37.64
C PRO A 105 -1.39 30.83 36.57
N GLU A 106 -1.18 31.99 35.95
CA GLU A 106 -2.06 32.48 34.90
C GLU A 106 -1.64 32.03 33.50
N ASP A 107 -0.50 31.37 33.37
CA ASP A 107 -0.09 30.86 32.07
C ASP A 107 -1.02 29.75 31.60
N SER A 108 -1.08 29.58 30.29
CA SER A 108 -1.93 28.56 29.67
C SER A 108 -1.23 27.22 29.65
N VAL A 109 -2.03 26.15 29.69
CA VAL A 109 -1.48 24.80 29.55
C VAL A 109 -0.85 24.62 28.18
N SER A 110 -1.30 25.39 27.18
CA SER A 110 -0.67 25.36 25.86
C SER A 110 0.80 25.75 25.95
N ASP A 111 1.09 26.90 26.57
CA ASP A 111 2.49 27.31 26.73
C ASP A 111 3.20 26.43 27.75
N ALA A 112 2.48 25.93 28.76
CA ALA A 112 3.12 25.11 29.79
C ALA A 112 3.63 23.80 29.20
N ASN A 113 2.88 23.19 28.28
CA ASN A 113 3.32 21.94 27.68
C ASN A 113 4.48 22.14 26.72
N ALA A 114 4.50 23.29 26.02
CA ALA A 114 5.55 23.54 25.04
C ALA A 114 6.84 24.02 25.72
N LEU A 115 6.72 24.82 26.78
CA LEU A 115 7.90 25.28 27.50
C LEU A 115 8.61 24.15 28.24
N LEU A 116 7.91 23.04 28.50
CA LEU A 116 8.53 21.92 29.20
C LEU A 116 9.72 21.35 28.45
N HIS A 117 9.67 21.39 27.11
CA HIS A 117 10.68 20.76 26.29
C HIS A 117 11.90 21.64 26.04
N LYS A 118 11.96 22.83 26.63
CA LYS A 118 13.17 23.64 26.53
C LYS A 118 14.22 23.24 27.54
N ARG A 119 13.90 22.29 28.43
CA ARG A 119 14.86 21.71 29.36
C ARG A 119 14.62 20.20 29.40
N ALA A 120 15.56 19.49 30.02
CA ALA A 120 15.48 18.04 30.15
C ALA A 120 14.98 17.58 31.51
N HIS A 121 14.43 18.49 32.32
CA HIS A 121 14.03 18.13 33.67
C HIS A 121 12.74 17.32 33.70
N GLY A 122 11.87 17.50 32.71
CA GLY A 122 10.59 16.82 32.71
C GLY A 122 9.56 17.42 33.64
N ALA A 123 9.86 18.54 34.28
CA ALA A 123 8.92 19.21 35.18
C ALA A 123 9.27 20.68 35.24
N ALA A 124 8.24 21.53 35.27
CA ALA A 124 8.40 22.97 35.36
C ALA A 124 7.92 23.45 36.72
N VAL A 125 8.59 24.49 37.23
CA VAL A 125 8.28 25.04 38.54
C VAL A 125 7.30 26.19 38.40
N VAL A 126 6.21 26.14 39.16
CA VAL A 126 5.25 27.23 39.22
C VAL A 126 5.70 28.19 40.31
N VAL A 127 5.78 29.47 39.96
CA VAL A 127 6.28 30.48 40.88
C VAL A 127 5.28 31.63 40.99
N PHE A 128 5.26 32.27 42.14
CA PHE A 128 4.47 33.48 42.38
C PHE A 128 5.32 34.44 43.19
N GLU A 129 5.63 35.60 42.60
CA GLU A 129 6.53 36.57 43.21
C GLU A 129 7.88 35.94 43.55
N GLY A 130 8.36 35.06 42.68
CA GLY A 130 9.69 34.50 42.80
C GLY A 130 9.84 33.32 43.72
N ARG A 131 8.73 32.73 44.19
CA ARG A 131 8.82 31.61 45.11
C ARG A 131 8.04 30.41 44.58
N PRO A 132 8.57 29.20 44.71
CA PRO A 132 7.91 28.02 44.14
C PRO A 132 6.62 27.70 44.88
N ILE A 133 5.56 27.42 44.13
CA ILE A 133 4.26 27.11 44.71
C ILE A 133 3.68 25.85 44.09
N GLY A 134 4.32 25.33 43.05
CA GLY A 134 3.81 24.14 42.40
C GLY A 134 4.72 23.65 41.29
N LEU A 135 4.41 22.45 40.82
CA LEU A 135 5.12 21.81 39.72
C LEU A 135 4.14 21.49 38.60
N VAL A 136 4.65 21.44 37.37
CA VAL A 136 3.86 21.07 36.19
C VAL A 136 4.67 20.07 35.38
N THR A 137 4.14 18.86 35.22
CA THR A 137 4.74 17.84 34.40
C THR A 137 3.92 17.64 33.14
N GLU A 138 4.43 16.81 32.23
CA GLU A 138 3.72 16.55 30.98
C GLU A 138 2.50 15.67 31.22
N ALA A 139 2.53 14.82 32.26
CA ALA A 139 1.36 14.02 32.59
C ALA A 139 0.21 14.89 33.08
N ASN A 140 0.52 16.04 33.69
CA ASN A 140 -0.53 16.94 34.15
C ASN A 140 -1.16 17.73 33.02
N CYS A 141 -0.52 17.79 31.85
CA CYS A 141 -1.06 18.49 30.70
C CYS A 141 -1.80 17.58 29.72
N ALA A 142 -1.67 16.26 29.88
CA ALA A 142 -2.28 15.33 28.94
C ALA A 142 -3.79 15.33 29.08
N GLY A 143 -4.49 15.53 27.97
CA GLY A 143 -5.95 15.51 27.97
C GLY A 143 -6.61 16.70 28.64
N VAL A 144 -5.87 17.76 28.91
CA VAL A 144 -6.41 18.94 29.57
C VAL A 144 -6.78 19.96 28.50
N ASP A 145 -7.85 20.73 28.78
CA ASP A 145 -8.23 21.83 27.91
C ASP A 145 -7.04 22.75 27.67
N ARG A 146 -6.66 22.91 26.40
CA ARG A 146 -5.42 23.57 26.04
C ARG A 146 -5.36 25.03 26.48
N PHE A 147 -6.48 25.63 26.88
CA PHE A 147 -6.49 26.99 27.39
C PHE A 147 -6.91 27.06 28.85
N ALA A 148 -6.75 25.97 29.59
CA ALA A 148 -6.87 26.03 31.03
C ALA A 148 -5.67 26.76 31.63
N ARG A 149 -5.75 27.06 32.91
CA ARG A 149 -4.66 27.75 33.58
C ARG A 149 -3.71 26.74 34.25
N VAL A 150 -2.50 27.21 34.53
CA VAL A 150 -1.50 26.36 35.17
C VAL A 150 -1.98 25.91 36.55
N ARG A 151 -2.68 26.78 37.26
CA ARG A 151 -3.16 26.44 38.60
C ARG A 151 -4.14 25.28 38.59
N ASP A 152 -4.74 24.97 37.44
CA ASP A 152 -5.73 23.90 37.34
C ASP A 152 -5.11 22.52 37.22
N ILE A 153 -3.80 22.42 36.96
CA ILE A 153 -3.15 21.13 36.76
C ILE A 153 -1.86 20.99 37.58
N ALA A 154 -1.47 22.01 38.33
CA ALA A 154 -0.19 21.99 39.01
C ALA A 154 -0.24 21.14 40.27
N LEU A 155 0.86 20.43 40.54
CA LEU A 155 1.00 19.69 41.78
C LEU A 155 1.32 20.65 42.91
N SER A 156 0.61 20.53 44.03
CA SER A 156 0.78 21.48 45.12
C SER A 156 1.90 21.11 46.07
N ASP A 157 2.29 19.83 46.11
CA ASP A 157 3.36 19.38 46.97
C ASP A 157 4.55 18.92 46.14
N PHE A 158 5.76 19.23 46.61
CA PHE A 158 6.98 18.86 45.92
C PHE A 158 8.12 18.89 46.93
N VAL A 159 9.27 18.38 46.49
CA VAL A 159 10.46 18.30 47.32
C VAL A 159 11.21 19.62 47.25
N THR A 160 11.55 20.18 48.40
CA THR A 160 12.35 21.40 48.49
C THR A 160 13.59 21.13 49.32
N ALA A 161 14.67 21.82 48.98
CA ALA A 161 15.95 21.68 49.66
C ALA A 161 16.69 23.01 49.57
N PRO A 162 17.45 23.39 50.59
CA PRO A 162 18.20 24.65 50.51
C PRO A 162 19.32 24.57 49.50
N VAL A 163 19.56 25.68 48.80
CA VAL A 163 20.68 25.74 47.88
C VAL A 163 21.98 25.60 48.66
N GLY A 164 22.85 24.72 48.18
CA GLY A 164 24.06 24.36 48.90
C GLY A 164 24.02 22.99 49.54
N THR A 165 22.85 22.34 49.54
CA THR A 165 22.75 20.99 50.06
C THR A 165 23.64 20.04 49.25
N ASP A 166 24.24 19.07 49.94
CA ASP A 166 25.07 18.07 49.29
C ASP A 166 24.27 17.37 48.19
N PRO A 167 24.74 17.40 46.94
CA PRO A 167 24.04 16.66 45.88
C PRO A 167 23.85 15.19 46.19
N ARG A 168 24.69 14.61 47.06
CA ARG A 168 24.50 13.22 47.48
C ARG A 168 23.21 13.08 48.30
N GLU A 169 22.91 14.06 49.14
CA GLU A 169 21.70 13.98 49.95
C GLU A 169 20.45 14.26 49.11
N VAL A 170 20.56 15.18 48.15
CA VAL A 170 19.44 15.45 47.24
C VAL A 170 19.12 14.20 46.43
N PHE A 171 20.13 13.42 46.08
CA PHE A 171 19.91 12.18 45.33
C PHE A 171 19.09 11.19 46.15
N ASP A 172 19.30 11.15 47.46
CA ASP A 172 18.54 10.24 48.31
C ASP A 172 17.14 10.74 48.60
N LEU A 173 16.96 12.07 48.66
CA LEU A 173 15.63 12.62 48.91
C LEU A 173 14.65 12.31 47.79
N LEU A 174 15.14 12.17 46.56
CA LEU A 174 14.28 11.98 45.40
C LEU A 174 14.14 10.51 45.00
N GLU A 175 14.62 9.58 45.84
CA GLU A 175 14.56 8.16 45.46
C GLU A 175 13.12 7.68 45.38
N HIS A 176 12.32 7.96 46.40
CA HIS A 176 10.93 7.55 46.44
C HIS A 176 9.97 8.72 46.21
N ALA A 177 10.47 9.82 45.64
CA ALA A 177 9.61 10.95 45.36
C ALA A 177 8.82 10.69 44.07
N PRO A 178 7.57 11.15 43.99
CA PRO A 178 6.78 10.89 42.78
C PRO A 178 7.33 11.57 41.54
N ILE A 179 7.93 12.75 41.68
CA ILE A 179 8.54 13.47 40.56
C ILE A 179 10.03 13.57 40.83
N ASP A 180 10.83 13.20 39.83
CA ASP A 180 12.29 13.18 39.97
C ASP A 180 12.86 14.57 39.75
N VAL A 181 12.56 15.45 40.70
CA VAL A 181 13.08 16.82 40.69
C VAL A 181 12.93 17.39 42.09
N ALA A 182 13.95 18.09 42.55
CA ALA A 182 13.95 18.75 43.84
C ALA A 182 14.15 20.24 43.65
N VAL A 183 13.24 21.04 44.19
CA VAL A 183 13.25 22.49 43.98
C VAL A 183 14.20 23.12 45.00
N MET A 184 15.24 23.77 44.49
CA MET A 184 16.24 24.43 45.33
C MET A 184 15.80 25.85 45.64
N THR A 185 15.82 26.21 46.92
CA THR A 185 15.35 27.50 47.37
C THR A 185 16.44 28.24 48.15
N ALA A 186 16.38 29.56 48.10
CA ALA A 186 17.24 30.41 48.89
C ALA A 186 16.74 30.47 50.32
N PRO A 187 17.53 31.03 51.25
CA PRO A 187 17.05 31.15 52.63
C PRO A 187 15.74 31.92 52.77
N ASP A 188 15.46 32.87 51.88
CA ASP A 188 14.20 33.60 51.94
C ASP A 188 13.06 32.86 51.25
N GLY A 189 13.29 31.67 50.73
CA GLY A 189 12.26 30.90 50.07
C GLY A 189 12.18 31.08 48.57
N THR A 190 12.91 32.03 48.00
CA THR A 190 12.85 32.27 46.56
C THR A 190 13.46 31.09 45.80
N LEU A 191 13.02 30.93 44.56
CA LEU A 191 13.48 29.82 43.74
C LEU A 191 14.94 30.01 43.36
N ALA A 192 15.77 29.01 43.67
CA ALA A 192 17.17 29.02 43.27
C ALA A 192 17.45 28.11 42.08
N GLY A 193 16.53 27.21 41.74
CA GLY A 193 16.69 26.29 40.65
C GLY A 193 16.19 24.92 41.03
N VAL A 194 16.57 23.93 40.24
CA VAL A 194 16.17 22.54 40.47
C VAL A 194 17.39 21.64 40.38
N LEU A 195 17.21 20.39 40.81
CA LEU A 195 18.27 19.39 40.74
C LEU A 195 17.62 18.02 40.75
N THR A 196 17.80 17.27 39.67
CA THR A 196 17.23 15.93 39.55
C THR A 196 18.23 14.89 40.04
N ARG A 197 17.76 13.64 40.10
CA ARG A 197 18.64 12.54 40.50
C ARG A 197 19.80 12.38 39.54
N THR A 198 19.53 12.44 38.24
CA THR A 198 20.61 12.36 37.26
C THR A 198 21.50 13.59 37.32
N GLY A 199 20.90 14.76 37.60
CA GLY A 199 21.70 15.97 37.69
C GLY A 199 22.64 15.95 38.89
N ALA A 200 22.21 15.32 39.99
CA ALA A 200 23.07 15.17 41.15
C ALA A 200 24.19 14.17 40.87
N ILE A 201 23.95 13.19 40.01
CA ILE A 201 25.01 12.27 39.60
C ILE A 201 26.08 13.00 38.82
N ARG A 202 25.66 13.83 37.85
CA ARG A 202 26.61 14.51 36.98
C ARG A 202 27.41 15.57 37.70
N ALA A 203 26.95 16.03 38.87
CA ALA A 203 27.73 16.98 39.65
C ALA A 203 28.99 16.33 40.21
N GLY A 204 28.96 15.02 40.45
CA GLY A 204 30.11 14.28 40.91
C GLY A 204 30.94 13.64 39.83
N ILE A 205 30.54 13.78 38.57
CA ILE A 205 31.29 13.24 37.45
C ILE A 205 31.93 14.34 36.61
N TYR A 206 31.19 15.41 36.32
CA TYR A 206 31.67 16.50 35.50
C TYR A 206 32.11 17.68 36.35
N THR A 207 33.21 18.30 35.95
CA THR A 207 33.71 19.51 36.60
C THR A 207 33.33 20.71 35.77
N PRO A 208 32.62 21.70 36.32
CA PRO A 208 32.22 22.86 35.51
C PRO A 208 33.42 23.65 35.01
N ALA A 209 33.28 24.19 33.80
CA ALA A 209 34.30 25.05 33.22
C ALA A 209 34.05 26.48 33.70
N VAL A 210 34.89 26.96 34.60
CA VAL A 210 34.68 28.25 35.25
C VAL A 210 35.83 29.19 34.91
N ASP A 211 35.56 30.49 35.08
CA ASP A 211 36.56 31.52 34.88
C ASP A 211 37.31 31.76 36.18
N ALA A 212 38.08 32.85 36.25
CA ALA A 212 38.83 33.15 37.45
C ALA A 212 37.91 33.51 38.62
N LYS A 213 36.71 34.01 38.33
CA LYS A 213 35.74 34.38 39.34
C LYS A 213 34.79 33.25 39.70
N GLY A 214 35.00 32.05 39.15
CA GLY A 214 34.17 30.91 39.47
C GLY A 214 32.86 30.84 38.71
N ARG A 215 32.68 31.65 37.68
CA ARG A 215 31.47 31.66 36.87
C ARG A 215 31.68 30.81 35.63
N LEU A 216 30.59 30.21 35.15
CA LEU A 216 30.64 29.33 33.99
C LEU A 216 31.24 30.04 32.78
N ARG A 217 32.05 29.31 32.02
CA ARG A 217 32.73 29.88 30.87
C ARG A 217 31.80 29.97 29.67
N ILE A 218 32.13 30.88 28.75
CA ILE A 218 31.39 31.05 27.51
C ILE A 218 32.31 31.75 26.52
N ALA A 219 32.23 31.33 25.26
CA ALA A 219 33.03 31.91 24.19
C ALA A 219 32.13 32.61 23.19
N ALA A 220 32.77 33.35 22.27
CA ALA A 220 32.04 34.09 21.25
C ALA A 220 32.87 34.11 19.98
N ALA A 221 32.17 34.10 18.85
CA ALA A 221 32.81 34.11 17.54
C ALA A 221 32.70 35.47 16.88
N VAL A 222 33.52 35.68 15.86
CA VAL A 222 33.53 36.94 15.11
C VAL A 222 33.96 36.64 13.68
N GLY A 223 33.29 37.30 12.73
CA GLY A 223 33.68 37.20 11.34
C GLY A 223 34.79 38.18 10.99
N ILE A 224 35.41 37.95 9.84
CA ILE A 224 36.56 38.75 9.42
C ILE A 224 36.11 39.94 8.59
N ASN A 225 34.80 40.15 8.51
CA ASN A 225 34.26 41.31 7.82
C ASN A 225 34.13 42.50 8.76
N GLY A 226 34.26 43.70 8.20
CA GLY A 226 34.14 44.90 9.01
C GLY A 226 35.33 45.11 9.92
N ASP A 227 35.08 45.78 11.04
CA ASP A 227 36.12 46.08 12.03
C ASP A 227 36.23 44.89 12.98
N VAL A 228 37.15 43.97 12.68
CA VAL A 228 37.30 42.77 13.47
C VAL A 228 37.81 43.11 14.87
N GLY A 229 38.72 44.08 14.97
CA GLY A 229 39.26 44.44 16.27
C GLY A 229 38.21 45.05 17.18
N ALA A 230 37.33 45.89 16.64
CA ALA A 230 36.29 46.51 17.45
C ALA A 230 35.27 45.47 17.93
N LYS A 231 34.85 44.56 17.03
CA LYS A 231 33.90 43.53 17.43
C LYS A 231 34.53 42.57 18.44
N ALA A 232 35.82 42.28 18.29
CA ALA A 232 36.49 41.37 19.21
C ALA A 232 36.63 42.00 20.60
N GLN A 233 36.92 43.31 20.66
CA GLN A 233 37.08 43.95 21.95
C GLN A 233 35.74 44.15 22.65
N ALA A 234 34.67 44.38 21.90
CA ALA A 234 33.34 44.50 22.52
C ALA A 234 32.90 43.17 23.10
N LEU A 235 33.20 42.06 22.41
CA LEU A 235 32.87 40.75 22.96
C LEU A 235 33.71 40.44 24.19
N ALA A 236 34.97 40.87 24.19
CA ALA A 236 35.82 40.67 25.36
C ALA A 236 35.30 41.46 26.57
N GLU A 237 34.93 42.72 26.34
CA GLU A 237 34.37 43.53 27.43
C GLU A 237 33.00 43.04 27.87
N ALA A 238 32.29 42.29 27.01
CA ALA A 238 31.01 41.72 27.40
C ALA A 238 31.16 40.56 28.38
N GLY A 239 32.35 39.98 28.47
CA GLY A 239 32.59 38.91 29.43
C GLY A 239 33.02 37.60 28.81
N ALA A 240 33.26 37.60 27.50
CA ALA A 240 33.68 36.36 26.83
C ALA A 240 35.03 35.90 27.36
N ASP A 241 35.16 34.58 27.54
CA ASP A 241 36.39 33.98 28.03
C ASP A 241 37.27 33.43 26.92
N LEU A 242 36.79 33.45 25.67
CA LEU A 242 37.55 32.92 24.54
C LEU A 242 36.92 33.47 23.27
N LEU A 243 37.77 33.86 22.32
CA LEU A 243 37.32 34.45 21.07
C LEU A 243 37.67 33.53 19.90
N VAL A 244 36.75 33.43 18.95
CA VAL A 244 36.92 32.59 17.76
C VAL A 244 36.79 33.47 16.53
N ILE A 245 37.88 33.65 15.80
CA ILE A 245 37.87 34.36 14.53
C ILE A 245 37.59 33.32 13.45
N ASP A 246 36.37 33.31 12.93
CA ASP A 246 35.86 32.22 12.11
C ASP A 246 35.58 32.71 10.69
N THR A 247 36.02 31.93 9.70
CA THR A 247 35.70 32.19 8.30
C THR A 247 35.80 30.86 7.55
N ALA A 248 35.21 30.83 6.36
CA ALA A 248 35.15 29.60 5.58
C ALA A 248 36.55 29.19 5.12
N HIS A 249 37.30 30.12 4.53
CA HIS A 249 38.66 29.87 4.06
C HIS A 249 39.60 30.68 4.95
N GLY A 250 40.14 30.03 5.99
CA GLY A 250 40.99 30.73 6.94
C GLY A 250 42.37 31.07 6.42
N HIS A 251 42.78 30.46 5.32
CA HIS A 251 44.13 30.67 4.79
C HIS A 251 44.11 31.74 3.70
N GLN A 252 43.66 32.93 4.07
CA GLN A 252 43.65 34.08 3.18
C GLN A 252 44.20 35.30 3.90
N ALA A 253 44.53 36.33 3.12
CA ALA A 253 45.19 37.50 3.68
C ALA A 253 44.29 38.22 4.67
N LYS A 254 42.98 38.29 4.40
CA LYS A 254 42.08 39.02 5.28
C LYS A 254 41.96 38.37 6.65
N MET A 255 42.17 37.05 6.73
CA MET A 255 42.16 36.40 8.04
C MET A 255 43.45 36.70 8.80
N LEU A 256 44.59 36.68 8.13
CA LEU A 256 45.86 37.01 8.78
C LEU A 256 45.84 38.42 9.34
N ASP A 257 45.29 39.37 8.59
CA ASP A 257 45.15 40.73 9.09
C ASP A 257 44.17 40.81 10.24
N ALA A 258 43.11 39.99 10.21
CA ALA A 258 42.13 40.01 11.29
C ALA A 258 42.73 39.50 12.59
N ILE A 259 43.61 38.50 12.51
CA ILE A 259 44.24 37.96 13.71
C ILE A 259 45.22 38.98 14.29
N LYS A 260 46.01 39.62 13.43
CA LYS A 260 46.97 40.62 13.90
C LYS A 260 46.26 41.83 14.51
N ALA A 261 45.08 42.19 13.98
CA ALA A 261 44.35 43.32 14.54
C ALA A 261 43.82 43.01 15.94
N VAL A 262 43.34 41.78 16.15
CA VAL A 262 42.81 41.41 17.46
C VAL A 262 43.95 41.13 18.43
N ALA A 263 45.03 40.51 17.96
CA ALA A 263 46.16 40.23 18.84
C ALA A 263 46.85 41.51 19.31
N SER A 264 46.88 42.54 18.46
CA SER A 264 47.51 43.80 18.85
C SER A 264 46.77 44.50 19.98
N LEU A 265 45.48 44.21 20.15
CA LEU A 265 44.71 44.82 21.24
C LEU A 265 45.08 44.24 22.60
N ASP A 266 45.75 43.09 22.64
CA ASP A 266 46.20 42.46 23.87
C ASP A 266 45.03 42.26 24.84
N LEU A 267 43.98 41.60 24.35
CA LEU A 267 42.77 41.41 25.14
C LEU A 267 42.94 40.39 26.27
N GLY A 268 44.05 39.67 26.30
CA GLY A 268 44.27 38.69 27.35
C GLY A 268 43.39 37.45 27.27
N LEU A 269 42.85 37.15 26.10
CA LEU A 269 42.00 35.99 25.89
C LEU A 269 42.60 35.07 24.84
N PRO A 270 42.36 33.77 24.94
CA PRO A 270 42.83 32.86 23.89
C PRO A 270 42.14 33.13 22.57
N LEU A 271 42.92 33.14 21.49
CA LEU A 271 42.43 33.42 20.15
C LEU A 271 42.35 32.14 19.35
N VAL A 272 41.17 31.84 18.82
CA VAL A 272 40.96 30.71 17.92
C VAL A 272 40.74 31.26 16.53
N ALA A 273 41.38 30.63 15.54
CA ALA A 273 41.27 31.07 14.14
C ALA A 273 41.08 29.86 13.24
N GLY A 274 40.26 30.03 12.22
CA GLY A 274 40.00 28.94 11.28
C GLY A 274 39.06 29.41 10.19
N ASN A 275 38.80 28.51 9.25
CA ASN A 275 39.32 27.15 9.29
C ASN A 275 40.35 26.89 8.20
N VAL A 276 41.29 25.98 8.49
CA VAL A 276 42.29 25.51 7.54
C VAL A 276 42.40 24.00 7.67
N VAL A 277 43.07 23.38 6.69
CA VAL A 277 43.26 21.94 6.69
C VAL A 277 44.68 21.60 6.26
N SER A 278 45.57 22.59 6.27
CA SER A 278 46.95 22.40 5.83
C SER A 278 47.90 22.88 6.92
N ALA A 279 49.09 22.28 6.95
CA ALA A 279 50.10 22.68 7.92
C ALA A 279 50.56 24.11 7.67
N GLU A 280 50.72 24.49 6.40
CA GLU A 280 51.11 25.85 6.07
C GLU A 280 50.07 26.84 6.60
N GLY A 281 48.79 26.57 6.37
CA GLY A 281 47.76 27.45 6.89
C GLY A 281 47.71 27.48 8.40
N THR A 282 48.14 26.40 9.05
CA THR A 282 48.17 26.38 10.51
C THR A 282 49.29 27.26 11.05
N ARG A 283 50.45 27.25 10.39
CA ARG A 283 51.57 28.08 10.86
C ARG A 283 51.29 29.55 10.60
N ASP A 284 50.71 29.88 9.45
CA ASP A 284 50.43 31.27 9.14
C ASP A 284 49.44 31.87 10.13
N LEU A 285 48.44 31.09 10.56
CA LEU A 285 47.48 31.59 11.54
C LEU A 285 48.13 31.80 12.91
N ILE A 286 49.00 30.88 13.31
CA ILE A 286 49.69 31.04 14.59
C ILE A 286 50.66 32.21 14.54
N GLU A 287 51.38 32.37 13.43
CA GLU A 287 52.28 33.51 13.27
C GLU A 287 51.52 34.83 13.31
N ALA A 288 50.27 34.84 12.85
CA ALA A 288 49.48 36.05 12.88
C ALA A 288 49.06 36.43 14.30
N GLY A 289 49.09 35.50 15.23
CA GLY A 289 48.78 35.80 16.61
C GLY A 289 47.74 34.88 17.23
N ALA A 290 47.33 33.85 16.50
CA ALA A 290 46.33 32.92 17.00
C ALA A 290 46.95 31.90 17.93
N SER A 291 46.23 31.58 18.99
CA SER A 291 46.67 30.57 19.96
C SER A 291 46.17 29.18 19.59
N ILE A 292 44.96 29.08 19.04
CA ILE A 292 44.36 27.82 18.64
C ILE A 292 43.92 27.93 17.20
N VAL A 293 44.14 26.88 16.42
CA VAL A 293 43.76 26.83 15.01
C VAL A 293 42.60 25.86 14.86
N LYS A 294 41.50 26.35 14.29
CA LYS A 294 40.32 25.52 14.06
C LYS A 294 40.43 24.84 12.69
N VAL A 295 40.28 23.53 12.67
CA VAL A 295 40.56 22.71 11.50
C VAL A 295 39.25 22.12 10.98
N GLY A 296 39.01 22.26 9.67
CA GLY A 296 37.83 21.71 9.05
C GLY A 296 37.35 22.50 7.85
N VAL A 297 37.63 21.99 6.64
CA VAL A 297 37.15 22.60 5.40
C VAL A 297 36.56 21.49 4.56
N GLY A 298 35.23 21.48 4.43
CA GLY A 298 34.52 20.48 3.68
C GLY A 298 34.92 19.06 4.03
N PRO A 299 34.64 18.63 5.25
CA PRO A 299 35.04 17.27 5.65
C PRO A 299 34.25 16.19 4.94
N GLY A 300 32.97 16.44 4.65
CA GLY A 300 32.15 15.42 4.00
C GLY A 300 32.41 15.37 2.51
N ALA A 301 32.63 14.16 2.00
CA ALA A 301 32.92 13.98 0.57
C ALA A 301 31.73 14.28 -0.32
N MET A 302 30.52 14.43 0.25
CA MET A 302 29.31 14.67 -0.52
C MET A 302 28.49 15.81 0.08
N CYS A 303 29.15 16.79 0.67
CA CYS A 303 28.46 17.93 1.26
C CYS A 303 28.47 19.09 0.28
N THR A 304 28.00 20.26 0.73
CA THR A 304 27.82 21.40 -0.16
C THR A 304 29.17 21.91 -0.68
N THR A 305 30.13 22.11 0.22
CA THR A 305 31.43 22.65 -0.20
C THR A 305 32.12 21.73 -1.20
N ARG A 306 32.09 20.42 -0.93
CA ARG A 306 32.78 19.48 -1.82
C ARG A 306 32.08 19.37 -3.16
N MET A 307 30.74 19.40 -3.16
CA MET A 307 29.99 19.24 -4.41
C MET A 307 29.96 20.52 -5.24
N MET A 308 30.07 21.68 -4.60
CA MET A 308 30.07 22.94 -5.36
C MET A 308 31.45 23.27 -5.89
N THR A 309 32.50 23.00 -5.11
CA THR A 309 33.84 23.46 -5.44
C THR A 309 34.88 22.36 -5.59
N GLY A 310 34.63 21.17 -5.06
CA GLY A 310 35.65 20.15 -5.00
C GLY A 310 36.73 20.40 -3.97
N VAL A 311 36.61 21.47 -3.18
CA VAL A 311 37.61 21.83 -2.18
C VAL A 311 37.27 21.14 -0.86
N GLY A 312 38.29 20.62 -0.21
CA GLY A 312 38.09 19.96 1.06
C GLY A 312 39.27 19.06 1.38
N ARG A 313 39.13 18.33 2.48
CA ARG A 313 40.15 17.37 2.90
C ARG A 313 39.56 16.44 3.93
N PRO A 314 39.82 15.14 3.85
CA PRO A 314 39.38 14.22 4.91
C PRO A 314 39.83 14.71 6.28
N GLN A 315 38.90 14.69 7.23
CA GLN A 315 39.10 15.42 8.48
C GLN A 315 40.21 14.80 9.32
N PHE A 316 40.32 13.47 9.33
CA PHE A 316 41.31 12.83 10.18
C PHE A 316 42.74 13.18 9.74
N SER A 317 43.00 13.10 8.43
CA SER A 317 44.32 13.48 7.94
C SER A 317 44.58 14.98 8.12
N ALA A 318 43.54 15.79 8.02
CA ALA A 318 43.69 17.23 8.23
C ALA A 318 44.09 17.54 9.67
N VAL A 319 43.45 16.87 10.64
CA VAL A 319 43.77 17.12 12.04
C VAL A 319 45.17 16.61 12.36
N VAL A 320 45.56 15.46 11.80
CA VAL A 320 46.88 14.91 12.07
C VAL A 320 47.97 15.88 11.62
N GLU A 321 47.86 16.38 10.38
CA GLU A 321 48.89 17.27 9.86
C GLU A 321 48.89 18.61 10.57
N CYS A 322 47.70 19.18 10.83
CA CYS A 322 47.63 20.51 11.41
C CYS A 322 48.00 20.52 12.88
N ALA A 323 47.61 19.48 13.63
CA ALA A 323 47.96 19.42 15.05
C ALA A 323 49.47 19.31 15.23
N ALA A 324 50.14 18.55 14.36
CA ALA A 324 51.59 18.42 14.45
C ALA A 324 52.27 19.74 14.17
N ALA A 325 51.75 20.52 13.21
CA ALA A 325 52.34 21.82 12.91
C ALA A 325 52.09 22.82 14.02
N ALA A 326 50.91 22.77 14.64
CA ALA A 326 50.59 23.73 15.69
C ALA A 326 51.38 23.44 16.96
N ARG A 327 51.62 22.17 17.27
CA ARG A 327 52.37 21.82 18.47
C ARG A 327 53.83 22.28 18.37
N GLN A 328 54.39 22.29 17.16
CA GLN A 328 55.76 22.74 17.00
C GLN A 328 55.90 24.22 17.33
N LEU A 329 54.89 25.02 16.99
CA LEU A 329 54.91 26.45 17.25
C LEU A 329 54.23 26.81 18.56
N GLY A 330 53.95 25.84 19.42
CA GLY A 330 53.33 26.11 20.70
C GLY A 330 51.84 26.33 20.68
N GLY A 331 51.17 25.99 19.57
CA GLY A 331 49.74 26.17 19.45
C GLY A 331 48.97 24.87 19.60
N HIS A 332 47.66 24.98 19.40
CA HIS A 332 46.75 23.85 19.52
C HIS A 332 45.79 23.85 18.33
N VAL A 333 45.03 22.76 18.21
CA VAL A 333 44.14 22.55 17.06
C VAL A 333 42.79 22.07 17.56
N TRP A 334 41.72 22.68 17.04
CA TRP A 334 40.35 22.25 17.30
C TRP A 334 39.83 21.46 16.10
N ALA A 335 39.23 20.30 16.37
CA ALA A 335 38.63 19.48 15.32
C ALA A 335 37.19 19.92 15.12
N ASP A 336 36.91 20.53 13.97
CA ASP A 336 35.63 21.18 13.70
C ASP A 336 34.97 20.53 12.48
N GLY A 337 33.85 19.87 12.69
CA GLY A 337 33.02 19.39 11.60
C GLY A 337 33.02 17.88 11.47
N GLY A 338 31.82 17.32 11.21
CA GLY A 338 31.69 15.92 10.87
C GLY A 338 31.55 14.95 12.02
N VAL A 339 31.42 15.44 13.26
CA VAL A 339 31.31 14.55 14.42
C VAL A 339 29.89 14.03 14.51
N ARG A 340 29.74 12.70 14.40
CA ARG A 340 28.44 12.05 14.52
C ARG A 340 28.37 11.01 15.64
N HIS A 341 29.50 10.47 16.06
CA HIS A 341 29.54 9.42 17.07
C HIS A 341 30.69 9.70 18.02
N PRO A 342 30.68 9.10 19.21
CA PRO A 342 31.79 9.32 20.14
C PRO A 342 33.14 8.90 19.59
N ARG A 343 33.17 7.95 18.65
CA ARG A 343 34.46 7.54 18.08
C ARG A 343 35.09 8.65 17.26
N ASP A 344 34.27 9.58 16.74
CA ASP A 344 34.82 10.73 16.03
C ASP A 344 35.57 11.65 16.99
N VAL A 345 35.05 11.84 18.19
CA VAL A 345 35.73 12.65 19.19
C VAL A 345 37.03 11.96 19.63
N ALA A 346 36.97 10.65 19.86
CA ALA A 346 38.16 9.91 20.28
C ALA A 346 39.25 9.95 19.21
N LEU A 347 38.87 9.70 17.96
CA LEU A 347 39.85 9.71 16.87
C LEU A 347 40.42 11.12 16.66
N ALA A 348 39.59 12.15 16.84
CA ALA A 348 40.09 13.51 16.70
C ALA A 348 41.13 13.84 17.76
N LEU A 349 40.90 13.39 18.99
CA LEU A 349 41.87 13.60 20.05
C LEU A 349 43.14 12.79 19.82
N ALA A 350 42.98 11.54 19.37
CA ALA A 350 44.15 10.71 19.07
C ALA A 350 44.98 11.30 17.95
N ALA A 351 44.34 12.06 17.04
CA ALA A 351 45.06 12.68 15.94
C ALA A 351 45.92 13.85 16.39
N GLY A 352 45.65 14.42 17.57
CA GLY A 352 46.43 15.53 18.08
C GLY A 352 45.63 16.76 18.44
N ALA A 353 44.32 16.80 18.21
CA ALA A 353 43.53 17.97 18.55
C ALA A 353 43.35 18.07 20.06
N SER A 354 43.29 19.31 20.56
CA SER A 354 43.09 19.55 21.99
C SER A 354 41.61 19.62 22.35
N ASN A 355 40.76 20.04 21.43
CA ASN A 355 39.32 20.08 21.65
C ASN A 355 38.61 19.69 20.36
N VAL A 356 37.38 19.22 20.52
CA VAL A 356 36.55 18.79 19.40
C VAL A 356 35.30 19.65 19.37
N MET A 357 35.04 20.29 18.24
CA MET A 357 33.89 21.17 18.08
C MET A 357 32.75 20.40 17.41
N ILE A 358 31.57 20.46 18.02
CA ILE A 358 30.40 19.71 17.56
C ILE A 358 29.30 20.70 17.24
N GLY A 359 28.61 20.46 16.12
CA GLY A 359 27.57 21.38 15.68
C GLY A 359 26.18 20.78 15.58
N SER A 360 25.83 20.30 14.39
CA SER A 360 24.45 19.88 14.12
C SER A 360 24.02 18.69 14.98
N TRP A 361 24.96 17.90 15.50
CA TRP A 361 24.60 16.78 16.36
C TRP A 361 23.88 17.27 17.61
N PHE A 362 24.33 18.38 18.20
CA PHE A 362 23.71 18.92 19.41
C PHE A 362 22.42 19.68 19.11
N ALA A 363 22.01 19.78 17.85
CA ALA A 363 20.76 20.46 17.54
C ALA A 363 19.55 19.64 17.95
N GLY A 364 19.64 18.31 17.82
CA GLY A 364 18.56 17.45 18.24
C GLY A 364 18.53 17.20 19.73
N THR A 365 18.44 18.28 20.51
CA THR A 365 18.37 18.20 21.97
C THR A 365 17.34 19.19 22.47
N TYR A 366 16.94 19.02 23.74
CA TYR A 366 16.00 19.95 24.33
C TYR A 366 16.58 21.34 24.49
N GLU A 367 17.89 21.44 24.72
CA GLU A 367 18.52 22.70 25.07
C GLU A 367 18.88 23.56 23.85
N SER A 368 18.81 23.02 22.65
CA SER A 368 19.16 23.80 21.46
C SER A 368 18.11 24.88 21.22
N PRO A 369 18.48 25.98 20.55
CA PRO A 369 17.52 27.08 20.36
C PRO A 369 16.32 26.73 19.52
N GLY A 370 16.37 25.65 18.73
CA GLY A 370 15.27 25.33 17.86
C GLY A 370 14.04 24.88 18.62
N ASP A 371 12.87 25.11 18.02
CA ASP A 371 11.62 24.64 18.59
C ASP A 371 11.44 23.15 18.30
N LEU A 372 10.96 22.42 19.30
CA LEU A 372 10.77 20.99 19.17
C LEU A 372 9.62 20.71 18.20
N LEU A 373 9.89 19.94 17.16
CA LEU A 373 8.91 19.62 16.14
C LEU A 373 8.67 18.11 16.10
N PHE A 374 7.55 17.72 15.48
CA PHE A 374 7.17 16.33 15.35
C PHE A 374 6.77 16.05 13.92
N ASP A 375 7.17 14.89 13.41
CA ASP A 375 6.88 14.49 12.04
C ASP A 375 5.51 13.82 11.97
N ARG A 376 5.23 13.15 10.85
CA ARG A 376 3.96 12.46 10.70
C ARG A 376 3.84 11.28 11.66
N ASP A 377 4.96 10.63 11.97
CA ASP A 377 4.98 9.53 12.92
C ASP A 377 5.09 9.99 14.37
N ASP A 378 4.87 11.29 14.63
CA ASP A 378 4.89 11.84 15.98
C ASP A 378 6.24 11.64 16.67
N ARG A 379 7.32 11.67 15.89
CA ARG A 379 8.66 11.51 16.43
C ARG A 379 9.33 12.88 16.63
N PRO A 380 9.97 13.09 17.77
CA PRO A 380 10.55 14.41 18.05
C PRO A 380 11.83 14.66 17.25
N TYR A 381 11.97 15.89 16.77
CA TYR A 381 13.15 16.28 16.02
C TYR A 381 13.28 17.79 16.07
N LYS A 382 14.47 18.28 15.70
CA LYS A 382 14.71 19.71 15.57
C LYS A 382 15.54 19.95 14.31
N GLU A 383 15.38 21.14 13.74
CA GLU A 383 16.05 21.48 12.50
C GLU A 383 17.43 22.06 12.77
N SER A 384 18.38 21.69 11.92
CA SER A 384 19.71 22.28 11.93
C SER A 384 20.01 22.89 10.57
N TYR A 385 20.79 23.97 10.58
CA TYR A 385 21.10 24.69 9.36
C TYR A 385 22.45 25.38 9.52
N GLY A 386 23.14 25.58 8.40
CA GLY A 386 24.44 26.19 8.43
C GLY A 386 24.38 27.70 8.54
N MET A 387 25.54 28.28 8.87
CA MET A 387 25.66 29.73 8.97
C MET A 387 25.71 30.41 7.61
N ALA A 388 26.12 29.70 6.57
CA ALA A 388 26.08 30.17 5.18
C ALA A 388 26.92 31.43 5.06
N SER A 389 26.35 32.59 4.72
CA SER A 389 27.15 33.77 4.42
C SER A 389 27.84 34.35 5.65
N LYS A 390 27.39 33.98 6.85
CA LYS A 390 28.03 34.48 8.07
C LYS A 390 29.42 33.88 8.29
N ARG A 391 29.86 32.97 7.44
CA ARG A 391 31.23 32.45 7.48
C ARG A 391 32.05 32.86 6.26
N ALA A 392 31.48 33.65 5.34
CA ALA A 392 32.15 34.04 4.12
C ALA A 392 32.51 35.53 4.17
N VAL A 393 33.39 35.92 3.27
CA VAL A 393 33.83 37.31 3.14
C VAL A 393 32.88 38.04 2.21
N ALA A 394 32.46 39.24 2.61
CA ALA A 394 31.56 40.05 1.80
C ALA A 394 32.25 40.55 0.54
N SER A 401 23.61 48.96 -2.63
CA SER A 401 23.05 48.84 -3.97
C SER A 401 22.17 47.61 -4.08
N SER A 402 20.91 47.80 -4.49
CA SER A 402 20.02 46.67 -4.68
C SER A 402 20.49 45.77 -5.81
N PHE A 403 21.20 46.33 -6.79
CA PHE A 403 21.90 45.50 -7.77
C PHE A 403 22.89 44.58 -7.07
N ASP A 404 23.81 45.16 -6.29
CA ASP A 404 24.80 44.37 -5.56
C ASP A 404 24.13 43.40 -4.59
N ARG A 405 22.98 43.77 -4.03
CA ARG A 405 22.26 42.84 -3.16
C ARG A 405 21.73 41.65 -3.95
N ALA A 406 21.37 41.86 -5.23
CA ALA A 406 20.93 40.75 -6.07
C ALA A 406 22.11 39.98 -6.64
N ARG A 407 23.24 40.65 -6.89
CA ARG A 407 24.45 39.94 -7.28
C ARG A 407 24.90 38.99 -6.18
N LYS A 408 24.69 39.37 -4.92
CA LYS A 408 25.02 38.49 -3.81
C LYS A 408 24.11 37.26 -3.79
N GLY A 409 22.80 37.48 -3.79
CA GLY A 409 21.85 36.38 -3.73
C GLY A 409 21.89 35.45 -4.91
N LEU A 410 22.43 35.92 -6.05
CA LEU A 410 22.51 35.07 -7.23
C LEU A 410 23.61 34.03 -7.12
N PHE A 411 24.69 34.34 -6.40
CA PHE A 411 25.78 33.41 -6.18
C PHE A 411 25.90 32.94 -4.74
N GLU A 412 24.99 33.36 -3.86
CA GLU A 412 25.15 33.08 -2.44
C GLU A 412 24.95 31.59 -2.16
N GLU A 413 25.50 31.16 -1.02
CA GLU A 413 25.37 29.78 -0.57
C GLU A 413 23.98 29.56 0.00
N GLY A 414 23.26 28.60 -0.56
CA GLY A 414 21.95 28.26 -0.02
C GLY A 414 22.03 27.69 1.38
N ILE A 415 21.00 27.95 2.17
CA ILE A 415 20.96 27.50 3.56
C ILE A 415 20.31 26.13 3.58
N SER A 416 21.12 25.10 3.83
CA SER A 416 20.62 23.73 3.90
C SER A 416 19.94 23.48 5.24
N THR A 417 18.89 22.65 5.22
CA THR A 417 18.12 22.33 6.40
C THR A 417 17.98 20.82 6.52
N SER A 418 18.34 20.28 7.69
CA SER A 418 18.23 18.85 7.94
C SER A 418 17.50 18.63 9.26
N ARG A 419 16.87 17.46 9.38
CA ARG A 419 16.15 17.09 10.59
C ARG A 419 17.06 16.30 11.51
N MET A 420 17.26 16.79 12.72
CA MET A 420 18.07 16.10 13.74
C MET A 420 17.12 15.48 14.75
N SER A 421 16.98 14.16 14.69
CA SER A 421 16.05 13.45 15.55
C SER A 421 16.55 13.40 16.98
N LEU A 422 15.63 13.51 17.93
CA LEU A 422 15.95 13.38 19.35
C LEU A 422 15.80 11.93 19.79
N ASP A 423 16.62 11.53 20.74
CA ASP A 423 16.45 10.25 21.40
C ASP A 423 15.18 10.31 22.25
N PRO A 424 14.16 9.49 21.98
CA PRO A 424 12.93 9.56 22.76
C PRO A 424 13.12 9.31 24.25
N ALA A 425 14.21 8.64 24.63
CA ALA A 425 14.50 8.40 26.04
C ALA A 425 15.65 9.24 26.58
N ARG A 426 16.54 9.72 25.72
CA ARG A 426 17.69 10.50 26.15
C ARG A 426 17.83 11.75 25.27
N GLY A 427 16.84 12.63 25.33
CA GLY A 427 16.81 13.78 24.46
C GLY A 427 17.57 15.00 24.93
N GLY A 428 18.26 14.93 26.05
CA GLY A 428 19.02 16.07 26.56
C GLY A 428 20.46 16.06 26.07
N VAL A 429 21.04 17.26 25.99
CA VAL A 429 22.42 17.37 25.52
C VAL A 429 23.38 16.73 26.52
N GLU A 430 23.02 16.74 27.81
CA GLU A 430 23.86 16.06 28.80
C GLU A 430 23.92 14.56 28.54
N ASP A 431 22.83 13.99 28.01
CA ASP A 431 22.85 12.57 27.65
C ASP A 431 23.83 12.30 26.52
N LEU A 432 23.96 13.25 25.58
CA LEU A 432 24.98 13.11 24.54
C LEU A 432 26.37 13.29 25.14
N LEU A 433 26.51 14.18 26.13
CA LEU A 433 27.79 14.34 26.81
C LEU A 433 28.17 13.07 27.56
N ASP A 434 27.18 12.40 28.17
CA ASP A 434 27.44 11.10 28.77
C ASP A 434 27.89 10.09 27.73
N HIS A 435 27.23 10.09 26.57
CA HIS A 435 27.57 9.14 25.51
C HIS A 435 28.95 9.43 24.94
N ILE A 436 29.30 10.71 24.78
CA ILE A 436 30.58 11.06 24.17
C ILE A 436 31.73 10.77 25.13
N THR A 437 31.62 11.26 26.37
CA THR A 437 32.72 11.10 27.33
C THR A 437 32.90 9.65 27.74
N SER A 438 31.83 8.84 27.70
CA SER A 438 31.98 7.42 28.00
C SER A 438 32.87 6.73 26.98
N GLY A 439 32.76 7.13 25.71
CA GLY A 439 33.56 6.54 24.66
C GLY A 439 35.00 6.99 24.68
N VAL A 440 35.23 8.28 24.94
CA VAL A 440 36.59 8.79 25.00
C VAL A 440 37.34 8.19 26.18
N ARG A 441 36.66 8.03 27.31
CA ARG A 441 37.30 7.43 28.48
C ARG A 441 37.64 5.96 28.23
N SER A 442 36.74 5.23 27.56
CA SER A 442 37.04 3.85 27.20
C SER A 442 38.22 3.78 26.22
N THR A 443 38.29 4.76 25.30
CA THR A 443 39.42 4.81 24.38
C THR A 443 40.73 4.98 25.14
N CYS A 444 40.75 5.85 26.14
CA CYS A 444 41.97 6.07 26.92
C CYS A 444 42.38 4.80 27.66
N THR A 445 41.40 4.04 28.16
CA THR A 445 41.74 2.79 28.86
C THR A 445 42.26 1.74 27.90
N TYR A 446 41.69 1.66 26.70
CA TYR A 446 42.19 0.73 25.70
C TYR A 446 43.62 1.08 25.28
N VAL A 447 43.93 2.36 25.20
CA VAL A 447 45.27 2.79 24.81
C VAL A 447 46.23 2.73 25.99
N GLY A 448 45.72 2.89 27.20
CA GLY A 448 46.56 2.98 28.38
C GLY A 448 46.88 4.39 28.81
N ALA A 449 46.02 5.36 28.51
CA ALA A 449 46.27 6.75 28.81
C ALA A 449 45.44 7.19 30.02
N ALA A 450 46.07 7.97 30.90
CA ALA A 450 45.39 8.54 32.05
C ALA A 450 44.83 9.93 31.78
N ASN A 451 45.15 10.52 30.63
CA ASN A 451 44.67 11.85 30.29
C ASN A 451 44.79 12.02 28.78
N LEU A 452 44.30 13.15 28.28
CA LEU A 452 44.32 13.40 26.84
C LEU A 452 45.73 13.50 26.25
N PRO A 453 46.70 14.18 26.88
CA PRO A 453 48.05 14.17 26.31
C PRO A 453 48.65 12.78 26.16
N GLU A 454 48.37 11.88 27.11
CA GLU A 454 48.88 10.52 26.98
C GLU A 454 48.17 9.74 25.88
N LEU A 455 46.92 10.12 25.57
CA LEU A 455 46.21 9.47 24.46
C LEU A 455 46.93 9.74 23.14
N HIS A 456 47.22 11.01 22.86
CA HIS A 456 47.95 11.36 21.64
C HIS A 456 49.35 10.76 21.64
N GLU A 457 49.93 10.58 22.82
CA GLU A 457 51.29 10.06 22.92
C GLU A 457 51.35 8.55 22.65
N LYS A 458 50.42 7.79 23.22
CA LYS A 458 50.52 6.33 23.22
C LYS A 458 49.67 5.63 22.16
N VAL A 459 48.83 6.37 21.43
CA VAL A 459 47.89 5.73 20.52
C VAL A 459 48.63 5.14 19.32
N VAL A 460 48.20 3.96 18.90
CA VAL A 460 48.69 3.32 17.68
C VAL A 460 47.50 3.15 16.75
N LEU A 461 47.62 3.70 15.56
CA LEU A 461 46.51 3.77 14.62
C LEU A 461 46.71 2.81 13.46
N GLY A 462 45.59 2.41 12.84
CA GLY A 462 45.64 1.54 11.68
C GLY A 462 44.58 1.96 10.67
N VAL A 463 44.82 1.56 9.43
CA VAL A 463 43.91 1.87 8.32
C VAL A 463 43.15 0.60 7.95
N GLN A 464 41.89 0.79 7.60
CA GLN A 464 41.00 -0.34 7.21
C GLN A 464 40.45 -0.08 5.81
N SER A 465 39.94 -1.11 5.14
CA SER A 465 39.34 -1.01 3.83
C SER A 465 37.85 -0.69 3.99
N ALA A 466 37.10 -0.82 2.89
CA ALA A 466 35.66 -0.53 2.93
C ALA A 466 34.92 -1.57 3.77
N ALA A 467 35.34 -2.83 3.71
CA ALA A 467 34.71 -3.89 4.48
C ALA A 467 35.03 -3.75 5.97
N VAL B 2 51.92 -17.91 7.13
CA VAL B 2 51.00 -17.54 6.06
C VAL B 2 51.77 -16.93 4.90
N ARG B 3 51.37 -17.29 3.68
CA ARG B 3 52.01 -16.81 2.46
C ARG B 3 50.97 -16.11 1.60
N PHE B 4 51.23 -14.86 1.24
CA PHE B 4 50.39 -14.10 0.34
C PHE B 4 50.98 -14.10 -1.06
N LEU B 5 50.11 -13.86 -2.04
CA LEU B 5 50.55 -13.73 -3.42
C LEU B 5 51.50 -12.54 -3.56
N ASP B 6 52.34 -12.60 -4.60
CA ASP B 6 53.31 -11.53 -4.81
C ASP B 6 52.59 -10.21 -5.07
N GLY B 7 53.02 -9.17 -4.34
CA GLY B 7 52.45 -7.85 -4.45
C GLY B 7 51.29 -7.59 -3.52
N HIS B 8 50.68 -8.62 -2.94
CA HIS B 8 49.52 -8.46 -2.07
C HIS B 8 49.96 -8.04 -0.68
N THR B 9 50.46 -6.80 -0.60
CA THR B 9 50.90 -6.18 0.66
C THR B 9 50.14 -4.87 0.82
N PRO B 10 48.86 -4.94 1.19
CA PRO B 10 48.05 -3.71 1.24
C PRO B 10 48.46 -2.81 2.38
N ALA B 11 48.15 -1.51 2.21
CA ALA B 11 48.42 -0.50 3.23
C ALA B 11 47.30 -0.42 4.28
N TYR B 12 46.76 -1.56 4.68
CA TYR B 12 45.68 -1.60 5.66
C TYR B 12 45.58 -3.02 6.20
N ASP B 13 44.78 -3.17 7.25
CA ASP B 13 44.50 -4.48 7.81
C ASP B 13 43.28 -5.10 7.13
N LEU B 14 43.16 -6.42 7.27
CA LEU B 14 42.24 -7.21 6.48
C LEU B 14 41.17 -7.85 7.36
N THR B 15 39.92 -7.78 6.90
CA THR B 15 38.84 -8.52 7.52
C THR B 15 38.66 -9.85 6.79
N TYR B 16 37.62 -10.61 7.16
CA TYR B 16 37.35 -11.85 6.46
C TYR B 16 36.88 -11.62 5.03
N ASN B 17 36.29 -10.45 4.76
CA ASN B 17 35.82 -10.11 3.42
C ASN B 17 36.95 -9.65 2.49
N ASP B 18 38.12 -9.31 3.04
CA ASP B 18 39.21 -8.75 2.25
C ASP B 18 40.11 -9.81 1.61
N VAL B 19 40.01 -11.06 2.03
CA VAL B 19 40.98 -12.08 1.64
C VAL B 19 40.28 -13.25 0.97
N PHE B 20 41.06 -14.04 0.23
CA PHE B 20 40.59 -15.25 -0.41
C PHE B 20 41.72 -16.27 -0.40
N VAL B 21 41.35 -17.55 -0.51
CA VAL B 21 42.31 -18.65 -0.50
C VAL B 21 42.53 -19.13 -1.92
N VAL B 22 43.78 -19.27 -2.32
CA VAL B 22 44.15 -19.78 -3.64
C VAL B 22 44.32 -21.30 -3.54
N PRO B 23 43.65 -22.09 -4.36
CA PRO B 23 43.83 -23.54 -4.31
C PRO B 23 45.22 -23.94 -4.78
N GLY B 24 45.67 -25.10 -4.30
CA GLY B 24 46.99 -25.61 -4.68
C GLY B 24 46.97 -27.08 -5.06
N ARG B 25 48.15 -27.65 -5.28
CA ARG B 25 48.26 -29.07 -5.57
C ARG B 25 47.73 -29.88 -4.40
N SER B 26 46.83 -30.81 -4.68
CA SER B 26 46.13 -31.55 -3.64
C SER B 26 46.10 -33.04 -3.98
N ASP B 27 46.42 -33.86 -2.98
CA ASP B 27 46.23 -35.30 -3.04
C ASP B 27 45.10 -35.76 -2.13
N VAL B 28 44.50 -34.85 -1.37
CA VAL B 28 43.38 -35.16 -0.49
C VAL B 28 42.14 -35.37 -1.36
N ALA B 29 41.62 -36.60 -1.37
CA ALA B 29 40.50 -36.95 -2.25
C ALA B 29 39.20 -36.32 -1.77
N SER B 30 38.64 -36.86 -0.69
CA SER B 30 37.34 -36.44 -0.18
C SER B 30 37.51 -35.59 1.07
N ARG B 31 36.40 -34.99 1.49
CA ARG B 31 36.43 -34.16 2.70
C ARG B 31 36.56 -35.00 3.97
N PHE B 32 36.12 -36.26 3.92
CA PHE B 32 36.20 -37.12 5.09
C PHE B 32 37.60 -37.64 5.35
N ASP B 33 38.52 -37.48 4.40
CA ASP B 33 39.93 -37.78 4.65
C ASP B 33 40.59 -36.73 5.52
N VAL B 34 39.95 -35.59 5.73
CA VAL B 34 40.55 -34.51 6.51
C VAL B 34 40.31 -34.75 7.99
N ASP B 35 41.34 -34.51 8.80
CA ASP B 35 41.25 -34.62 10.25
C ASP B 35 41.07 -33.21 10.81
N LEU B 36 39.85 -32.92 11.29
CA LEU B 36 39.52 -31.61 11.82
C LEU B 36 39.87 -31.46 13.30
N SER B 37 40.69 -32.36 13.84
CA SER B 37 41.03 -32.31 15.26
C SER B 37 41.96 -31.13 15.54
N THR B 38 41.75 -30.49 16.70
CA THR B 38 42.60 -29.40 17.14
C THR B 38 43.75 -29.93 17.97
N VAL B 39 44.77 -29.10 18.14
CA VAL B 39 46.01 -29.50 18.80
C VAL B 39 46.38 -28.52 19.90
N ASP B 40 45.40 -27.80 20.43
CA ASP B 40 45.65 -26.78 21.45
C ASP B 40 45.33 -27.26 22.86
N GLY B 41 45.12 -28.56 23.05
CA GLY B 41 44.80 -29.09 24.35
C GLY B 41 43.36 -28.91 24.80
N SER B 42 42.49 -28.42 23.91
CA SER B 42 41.09 -28.25 24.29
C SER B 42 40.31 -29.56 24.22
N GLY B 43 40.74 -30.50 23.40
CA GLY B 43 40.06 -31.76 23.25
C GLY B 43 38.98 -31.79 22.18
N THR B 44 38.81 -30.71 21.43
CA THR B 44 37.79 -30.67 20.39
C THR B 44 38.26 -31.42 19.15
N THR B 45 37.34 -32.18 18.55
CA THR B 45 37.61 -32.86 17.30
C THR B 45 37.19 -32.05 16.09
N ILE B 46 36.49 -30.93 16.30
CA ILE B 46 36.19 -29.96 15.25
C ILE B 46 36.58 -28.58 15.78
N PRO B 47 37.05 -27.67 14.92
CA PRO B 47 37.51 -26.35 15.37
C PRO B 47 36.38 -25.37 15.67
N VAL B 48 35.45 -25.79 16.53
CA VAL B 48 34.27 -24.99 16.87
C VAL B 48 34.19 -24.87 18.38
N VAL B 49 34.13 -23.64 18.88
CA VAL B 49 33.95 -23.36 20.30
C VAL B 49 32.79 -22.39 20.44
N VAL B 50 31.85 -22.72 21.32
CA VAL B 50 30.70 -21.85 21.56
C VAL B 50 31.08 -20.78 22.56
N ALA B 51 30.76 -19.53 22.24
CA ALA B 51 31.18 -18.40 23.06
C ALA B 51 30.50 -18.45 24.43
N ASN B 52 31.17 -17.84 25.41
CA ASN B 52 30.66 -17.77 26.79
C ASN B 52 29.69 -16.60 26.92
N MET B 53 28.56 -16.75 26.23
CA MET B 53 27.49 -15.75 26.24
C MET B 53 26.23 -16.39 26.79
N THR B 54 25.51 -15.62 27.61
CA THR B 54 24.29 -16.12 28.23
C THR B 54 23.27 -16.58 27.17
N ALA B 55 23.24 -15.92 26.03
CA ALA B 55 22.24 -16.20 25.01
C ALA B 55 22.55 -17.42 24.16
N VAL B 56 23.65 -18.12 24.41
CA VAL B 56 24.01 -19.25 23.55
C VAL B 56 24.65 -20.39 24.35
N ALA B 57 25.39 -20.06 25.41
CA ALA B 57 26.14 -21.07 26.16
C ALA B 57 25.25 -21.65 27.26
N GLY B 58 24.33 -22.52 26.84
CA GLY B 58 23.38 -23.13 27.73
C GLY B 58 23.68 -24.59 28.02
N ARG B 59 22.79 -25.20 28.80
CA ARG B 59 22.95 -26.60 29.18
C ARG B 59 22.71 -27.53 28.00
N ARG B 60 21.61 -27.30 27.26
CA ARG B 60 21.32 -28.13 26.10
C ARG B 60 22.37 -27.93 25.00
N MET B 61 22.91 -26.72 24.87
CA MET B 61 23.94 -26.47 23.87
C MET B 61 25.23 -27.21 24.24
N ALA B 62 25.58 -27.25 25.52
CA ALA B 62 26.82 -27.89 25.95
C ALA B 62 26.82 -29.39 25.63
N GLU B 63 25.67 -30.05 25.81
CA GLU B 63 25.58 -31.46 25.49
C GLU B 63 25.60 -31.68 23.98
N THR B 64 24.82 -30.89 23.23
CA THR B 64 24.68 -31.12 21.80
C THR B 64 25.98 -30.86 21.06
N VAL B 65 26.69 -29.79 21.41
CA VAL B 65 27.90 -29.43 20.68
C VAL B 65 29.06 -30.35 21.05
N ALA B 66 29.19 -30.72 22.33
CA ALA B 66 30.29 -31.56 22.75
C ALA B 66 30.20 -32.96 22.16
N ARG B 67 28.97 -33.46 21.94
CA ARG B 67 28.83 -34.78 21.33
C ARG B 67 29.34 -34.80 19.90
N ARG B 68 29.29 -33.66 19.20
CA ARG B 68 29.73 -33.57 17.82
C ARG B 68 31.15 -33.08 17.67
N GLY B 69 31.86 -32.84 18.78
CA GLY B 69 33.27 -32.53 18.75
C GLY B 69 33.62 -31.14 19.25
N GLY B 70 32.66 -30.25 19.36
CA GLY B 70 32.93 -28.91 19.85
C GLY B 70 32.99 -28.87 21.37
N ILE B 71 33.13 -27.64 21.89
CA ILE B 71 33.12 -27.41 23.32
C ILE B 71 32.41 -26.09 23.58
N VAL B 72 31.72 -26.03 24.71
CA VAL B 72 30.94 -24.85 25.09
C VAL B 72 31.53 -24.29 26.38
N VAL B 73 31.90 -23.00 26.33
CA VAL B 73 32.40 -22.30 27.50
C VAL B 73 31.21 -21.71 28.24
N LEU B 74 30.98 -22.18 29.46
CA LEU B 74 29.87 -21.66 30.24
C LEU B 74 30.08 -20.18 30.54
N PRO B 75 29.03 -19.36 30.49
CA PRO B 75 29.22 -17.92 30.70
C PRO B 75 29.68 -17.60 32.10
N GLN B 76 30.59 -16.64 32.20
CA GLN B 76 31.12 -16.25 33.49
C GLN B 76 30.03 -15.64 34.37
N ASP B 77 30.33 -15.55 35.67
CA ASP B 77 29.41 -15.07 36.70
C ASP B 77 28.19 -15.97 36.88
N LEU B 78 28.18 -17.13 36.25
CA LEU B 78 27.13 -18.11 36.50
C LEU B 78 27.32 -18.70 37.89
N PRO B 79 26.26 -18.83 38.69
CA PRO B 79 26.42 -19.38 40.04
C PRO B 79 27.05 -20.76 40.01
N ILE B 80 27.99 -20.98 40.94
CA ILE B 80 28.77 -22.21 40.95
C ILE B 80 27.87 -23.43 41.13
N THR B 81 26.74 -23.27 41.83
CA THR B 81 25.79 -24.35 41.95
C THR B 81 25.18 -24.69 40.59
N ALA B 82 24.79 -23.66 39.84
CA ALA B 82 24.29 -23.89 38.49
C ALA B 82 25.36 -24.47 37.58
N VAL B 83 26.62 -24.08 37.80
CA VAL B 83 27.72 -24.66 37.03
C VAL B 83 27.85 -26.16 37.31
N SER B 84 27.77 -26.54 38.59
CA SER B 84 27.91 -27.95 38.94
C SER B 84 26.78 -28.78 38.35
N GLU B 85 25.55 -28.28 38.45
CA GLU B 85 24.41 -29.04 37.93
C GLU B 85 24.42 -29.10 36.41
N THR B 86 25.04 -28.13 35.74
CA THR B 86 25.19 -28.20 34.30
C THR B 86 26.29 -29.15 33.89
N VAL B 87 27.42 -29.12 34.61
CA VAL B 87 28.51 -30.04 34.32
C VAL B 87 28.10 -31.48 34.59
N ASP B 88 27.46 -31.73 35.73
CA ASP B 88 26.99 -33.08 36.05
C ASP B 88 26.03 -33.60 35.00
N PHE B 89 25.21 -32.71 34.42
CA PHE B 89 24.31 -33.13 33.34
C PHE B 89 25.10 -33.53 32.11
N VAL B 90 26.04 -32.68 31.68
CA VAL B 90 26.81 -32.96 30.47
C VAL B 90 27.70 -34.18 30.65
N LYS B 91 28.32 -34.33 31.82
CA LYS B 91 29.19 -35.46 32.08
C LYS B 91 28.43 -36.79 32.14
N SER B 92 27.10 -36.76 32.25
CA SER B 92 26.30 -37.97 32.33
C SER B 92 25.54 -38.28 31.05
N ARG B 93 25.88 -37.62 29.95
CA ARG B 93 25.17 -37.84 28.68
C ARG B 93 25.84 -38.95 27.89
N ASP B 94 25.03 -39.68 27.13
CA ASP B 94 25.56 -40.72 26.26
C ASP B 94 26.24 -40.09 25.05
N LEU B 95 27.30 -40.75 24.59
CA LEU B 95 28.10 -40.23 23.49
C LEU B 95 27.44 -40.39 22.12
N VAL B 96 26.34 -41.14 22.04
CA VAL B 96 25.63 -41.33 20.77
C VAL B 96 24.16 -41.00 20.97
N VAL B 97 23.59 -41.48 22.06
CA VAL B 97 22.17 -41.28 22.34
C VAL B 97 21.95 -39.88 22.91
N ASP B 98 20.98 -39.16 22.37
CA ASP B 98 20.70 -37.78 22.74
C ASP B 98 19.57 -37.70 23.76
N THR B 99 19.60 -36.63 24.56
CA THR B 99 18.59 -36.42 25.58
C THR B 99 17.33 -35.85 24.95
N PRO B 100 16.18 -36.53 25.03
CA PRO B 100 14.96 -36.01 24.40
C PRO B 100 14.18 -35.08 25.32
N VAL B 101 13.08 -34.53 24.79
CA VAL B 101 12.14 -33.78 25.61
C VAL B 101 11.16 -34.77 26.22
N THR B 102 11.07 -34.76 27.55
CA THR B 102 10.19 -35.69 28.27
C THR B 102 8.92 -34.98 28.68
N LEU B 103 7.79 -35.68 28.52
CA LEU B 103 6.48 -35.14 28.86
C LEU B 103 5.72 -36.14 29.72
N SER B 104 4.94 -35.61 30.64
CA SER B 104 4.03 -36.40 31.44
C SER B 104 2.66 -36.47 30.78
N PRO B 105 1.92 -37.57 30.96
CA PRO B 105 0.57 -37.64 30.39
C PRO B 105 -0.35 -36.55 30.88
N GLU B 106 -0.08 -35.95 32.04
CA GLU B 106 -0.90 -34.88 32.58
C GLU B 106 -0.50 -33.50 32.09
N ASP B 107 0.62 -33.37 31.39
CA ASP B 107 1.03 -32.08 30.86
C ASP B 107 0.05 -31.59 29.80
N SER B 108 0.03 -30.29 29.60
CA SER B 108 -0.86 -29.66 28.64
C SER B 108 -0.28 -29.68 27.23
N VAL B 109 -1.16 -29.69 26.24
CA VAL B 109 -0.72 -29.59 24.85
C VAL B 109 -0.01 -28.26 24.62
N SER B 110 -0.37 -27.23 25.39
CA SER B 110 0.31 -25.95 25.31
C SER B 110 1.81 -26.10 25.58
N ASP B 111 2.15 -26.68 26.74
CA ASP B 111 3.56 -26.89 27.06
C ASP B 111 4.19 -27.92 26.13
N ALA B 112 3.42 -28.94 25.74
CA ALA B 112 3.96 -29.98 24.87
C ALA B 112 4.40 -29.41 23.53
N ASN B 113 3.61 -28.50 22.95
CA ASN B 113 3.97 -27.90 21.68
C ASN B 113 5.17 -26.97 21.83
N ALA B 114 5.28 -26.28 22.97
CA ALA B 114 6.36 -25.32 23.15
C ALA B 114 7.67 -26.01 23.55
N LEU B 115 7.59 -27.05 24.39
CA LEU B 115 8.79 -27.79 24.79
C LEU B 115 9.42 -28.55 23.63
N LEU B 116 8.65 -28.81 22.56
CA LEU B 116 9.19 -29.57 21.43
C LEU B 116 10.36 -28.87 20.79
N HIS B 117 10.37 -27.54 20.79
CA HIS B 117 11.36 -26.76 20.06
C HIS B 117 12.65 -26.53 20.87
N LYS B 118 12.78 -27.16 22.04
CA LYS B 118 14.04 -27.11 22.77
C LYS B 118 15.05 -28.13 22.26
N ARG B 119 14.63 -29.02 21.37
CA ARG B 119 15.51 -29.98 20.71
C ARG B 119 15.17 -30.01 19.23
N ALA B 120 16.01 -30.68 18.46
CA ALA B 120 15.83 -30.80 17.01
C ALA B 120 15.26 -32.15 16.61
N HIS B 121 14.69 -32.90 17.56
CA HIS B 121 14.23 -34.25 17.27
C HIS B 121 12.87 -34.26 16.59
N GLY B 122 12.05 -33.24 16.81
CA GLY B 122 10.73 -33.20 16.24
C GLY B 122 9.72 -34.08 16.92
N ALA B 123 10.08 -34.72 18.03
CA ALA B 123 9.15 -35.55 18.78
C ALA B 123 9.62 -35.61 20.23
N ALA B 124 8.66 -35.59 21.15
CA ALA B 124 8.96 -35.67 22.58
C ALA B 124 8.45 -37.00 23.13
N VAL B 125 9.22 -37.57 24.04
CA VAL B 125 8.91 -38.89 24.62
C VAL B 125 8.01 -38.70 25.83
N VAL B 126 6.87 -39.39 25.83
CA VAL B 126 5.99 -39.40 26.99
C VAL B 126 6.48 -40.47 27.96
N VAL B 127 6.68 -40.10 29.22
CA VAL B 127 7.24 -41.00 30.22
C VAL B 127 6.28 -41.11 31.40
N PHE B 128 6.34 -42.26 32.07
CA PHE B 128 5.62 -42.48 33.32
C PHE B 128 6.56 -43.25 34.25
N GLU B 129 7.04 -42.57 35.29
CA GLU B 129 8.03 -43.14 36.22
C GLU B 129 9.27 -43.61 35.46
N GLY B 130 9.72 -42.80 34.51
CA GLY B 130 10.97 -43.03 33.82
C GLY B 130 10.93 -44.00 32.66
N ARG B 131 9.74 -44.40 32.20
CA ARG B 131 9.62 -45.37 31.13
C ARG B 131 8.80 -44.79 29.98
N PRO B 132 9.25 -44.93 28.73
CA PRO B 132 8.52 -44.34 27.61
C PRO B 132 7.19 -45.04 27.37
N ILE B 133 6.15 -44.25 27.12
CA ILE B 133 4.81 -44.79 26.89
C ILE B 133 4.16 -44.14 25.68
N GLY B 134 4.83 -43.16 25.08
CA GLY B 134 4.26 -42.51 23.91
C GLY B 134 5.16 -41.43 23.36
N LEU B 135 4.84 -41.00 22.15
CA LEU B 135 5.52 -39.91 21.46
C LEU B 135 4.55 -38.78 21.18
N VAL B 136 5.07 -37.56 21.11
CA VAL B 136 4.29 -36.37 20.81
C VAL B 136 5.04 -35.56 19.76
N THR B 137 4.42 -35.37 18.60
CA THR B 137 4.96 -34.53 17.54
C THR B 137 4.14 -33.25 17.42
N GLU B 138 4.63 -32.34 16.59
CA GLU B 138 3.91 -31.08 16.39
C GLU B 138 2.63 -31.29 15.60
N ALA B 139 2.60 -32.30 14.74
CA ALA B 139 1.37 -32.61 14.01
C ALA B 139 0.29 -33.15 14.94
N ASN B 140 0.67 -33.81 16.03
CA ASN B 140 -0.29 -34.31 16.99
C ASN B 140 -0.88 -33.18 17.84
N CYS B 141 -0.25 -32.01 17.86
CA CYS B 141 -0.74 -30.86 18.62
C CYS B 141 -1.48 -29.86 17.76
N ALA B 142 -1.45 -30.01 16.43
CA ALA B 142 -2.07 -29.04 15.54
C ALA B 142 -3.59 -29.09 15.66
N GLY B 143 -4.20 -27.94 15.91
CA GLY B 143 -5.64 -27.86 16.00
C GLY B 143 -6.25 -28.55 17.19
N VAL B 144 -5.46 -28.83 18.22
CA VAL B 144 -5.93 -29.51 19.42
C VAL B 144 -6.23 -28.47 20.49
N ASP B 145 -7.19 -28.80 21.36
CA ASP B 145 -7.51 -27.94 22.50
C ASP B 145 -6.24 -27.58 23.25
N ARG B 146 -6.07 -26.28 23.52
CA ARG B 146 -4.83 -25.79 24.09
C ARG B 146 -4.59 -26.31 25.51
N PHE B 147 -5.64 -26.77 26.20
CA PHE B 147 -5.49 -27.34 27.53
C PHE B 147 -5.90 -28.80 27.58
N ALA B 148 -5.96 -29.47 26.42
CA ALA B 148 -6.01 -30.92 26.41
C ALA B 148 -4.71 -31.48 26.97
N ARG B 149 -4.77 -32.74 27.41
CA ARG B 149 -3.62 -33.35 28.06
C ARG B 149 -2.82 -34.15 27.05
N VAL B 150 -1.58 -34.48 27.43
CA VAL B 150 -0.69 -35.22 26.54
C VAL B 150 -1.27 -36.57 26.19
N ARG B 151 -1.94 -37.22 27.14
CA ARG B 151 -2.53 -38.54 26.92
C ARG B 151 -3.60 -38.53 25.84
N ASP B 152 -4.06 -37.37 25.39
CA ASP B 152 -5.15 -37.29 24.43
C ASP B 152 -4.68 -37.28 22.98
N ILE B 153 -3.41 -36.97 22.73
CA ILE B 153 -2.94 -36.84 21.35
C ILE B 153 -1.60 -37.56 21.17
N ALA B 154 -1.18 -38.32 22.17
CA ALA B 154 0.11 -39.00 22.12
C ALA B 154 0.03 -40.26 21.26
N LEU B 155 1.05 -40.45 20.43
CA LEU B 155 1.16 -41.68 19.65
C LEU B 155 1.53 -42.84 20.57
N SER B 156 0.79 -43.94 20.45
CA SER B 156 0.96 -45.07 21.37
C SER B 156 2.03 -46.06 20.93
N ASP B 157 2.38 -46.09 19.65
CA ASP B 157 3.37 -47.02 19.13
C ASP B 157 4.58 -46.25 18.62
N PHE B 158 5.77 -46.77 18.90
CA PHE B 158 7.01 -46.14 18.46
C PHE B 158 8.10 -47.20 18.40
N VAL B 159 9.22 -46.83 17.80
CA VAL B 159 10.35 -47.74 17.64
C VAL B 159 11.17 -47.74 18.93
N THR B 160 11.50 -48.93 19.42
CA THR B 160 12.28 -49.09 20.64
C THR B 160 13.48 -49.97 20.35
N ALA B 161 14.66 -49.53 20.79
CA ALA B 161 15.89 -50.28 20.63
C ALA B 161 16.70 -50.17 21.92
N PRO B 162 17.46 -51.20 22.28
CA PRO B 162 18.27 -51.12 23.49
C PRO B 162 19.41 -50.12 23.32
N VAL B 163 19.77 -49.47 24.43
CA VAL B 163 20.91 -48.55 24.39
C VAL B 163 22.18 -49.34 24.13
N GLY B 164 23.06 -48.78 23.32
CA GLY B 164 24.23 -49.49 22.86
C GLY B 164 24.07 -50.19 21.52
N THR B 165 22.88 -50.14 20.93
CA THR B 165 22.67 -50.72 19.61
C THR B 165 23.50 -49.97 18.57
N ASP B 166 23.98 -50.71 17.58
CA ASP B 166 24.74 -50.12 16.49
C ASP B 166 23.92 -49.02 15.82
N PRO B 167 24.48 -47.82 15.64
CA PRO B 167 23.74 -46.78 14.91
C PRO B 167 23.36 -47.18 13.49
N ARG B 168 24.14 -48.10 12.88
CA ARG B 168 23.77 -48.61 11.56
C ARG B 168 22.44 -49.35 11.61
N GLU B 169 22.20 -50.11 12.69
CA GLU B 169 20.94 -50.84 12.79
C GLU B 169 19.79 -49.91 13.14
N VAL B 170 20.05 -48.90 13.97
CA VAL B 170 19.02 -47.92 14.30
C VAL B 170 18.62 -47.14 13.05
N PHE B 171 19.59 -46.85 12.18
CA PHE B 171 19.29 -46.15 10.93
C PHE B 171 18.41 -47.00 10.03
N ASP B 172 18.58 -48.32 10.05
CA ASP B 172 17.77 -49.20 9.22
C ASP B 172 16.40 -49.45 9.82
N LEU B 173 16.28 -49.47 11.15
CA LEU B 173 14.98 -49.66 11.77
C LEU B 173 14.05 -48.49 11.47
N LEU B 174 14.59 -47.28 11.39
CA LEU B 174 13.81 -46.09 11.10
C LEU B 174 13.69 -45.82 9.60
N GLU B 175 13.97 -46.82 8.76
CA GLU B 175 13.90 -46.61 7.32
C GLU B 175 12.49 -46.26 6.88
N HIS B 176 11.51 -47.10 7.23
CA HIS B 176 10.12 -46.86 6.89
C HIS B 176 9.25 -46.61 8.12
N ALA B 177 9.86 -46.20 9.23
CA ALA B 177 9.08 -45.89 10.41
C ALA B 177 8.31 -44.58 10.20
N PRO B 178 7.09 -44.46 10.75
CA PRO B 178 6.32 -43.24 10.52
C PRO B 178 6.93 -42.01 11.17
N ILE B 179 7.68 -42.16 12.26
CA ILE B 179 8.32 -41.06 12.97
C ILE B 179 9.81 -41.32 12.99
N ASP B 180 10.60 -40.32 12.60
CA ASP B 180 12.05 -40.46 12.52
C ASP B 180 12.68 -40.36 13.90
N VAL B 181 12.21 -41.15 14.85
CA VAL B 181 12.74 -41.17 16.20
C VAL B 181 12.80 -42.61 16.69
N ALA B 182 13.92 -42.99 17.29
CA ALA B 182 14.07 -44.30 17.92
C ALA B 182 14.30 -44.09 19.41
N VAL B 183 13.38 -44.58 20.22
CA VAL B 183 13.44 -44.42 21.67
C VAL B 183 14.34 -45.51 22.24
N MET B 184 15.54 -45.12 22.68
CA MET B 184 16.51 -46.06 23.22
C MET B 184 16.25 -46.26 24.70
N THR B 185 16.19 -47.53 25.13
CA THR B 185 15.80 -47.87 26.49
C THR B 185 16.91 -48.65 27.19
N ALA B 186 16.93 -48.53 28.51
CA ALA B 186 17.82 -49.31 29.36
C ALA B 186 17.28 -50.74 29.49
N PRO B 187 18.12 -51.68 29.95
CA PRO B 187 17.64 -53.07 30.09
C PRO B 187 16.39 -53.21 30.95
N ASP B 188 16.19 -52.34 31.94
CA ASP B 188 15.01 -52.41 32.79
C ASP B 188 13.79 -51.72 32.17
N GLY B 189 13.90 -51.23 30.93
CA GLY B 189 12.80 -50.57 30.27
C GLY B 189 12.76 -49.07 30.43
N THR B 190 13.59 -48.50 31.30
CA THR B 190 13.57 -47.06 31.51
C THR B 190 14.12 -46.33 30.29
N LEU B 191 13.75 -45.05 30.17
CA LEU B 191 14.17 -44.25 29.03
C LEU B 191 15.67 -43.94 29.13
N ALA B 192 16.39 -44.22 28.04
CA ALA B 192 17.80 -43.85 27.94
C ALA B 192 18.05 -42.68 27.00
N GLY B 193 17.09 -42.34 26.15
CA GLY B 193 17.23 -41.24 25.22
C GLY B 193 16.65 -41.61 23.87
N VAL B 194 16.95 -40.79 22.87
CA VAL B 194 16.46 -40.99 21.52
C VAL B 194 17.63 -40.96 20.54
N LEU B 195 17.35 -41.35 19.30
CA LEU B 195 18.35 -41.36 18.23
C LEU B 195 17.61 -41.36 16.91
N THR B 196 17.83 -40.34 16.10
CA THR B 196 17.18 -40.21 14.81
C THR B 196 18.10 -40.73 13.70
N ARG B 197 17.57 -40.77 12.48
CA ARG B 197 18.35 -41.21 11.34
C ARG B 197 19.54 -40.28 11.10
N THR B 198 19.35 -38.97 11.24
CA THR B 198 20.45 -38.03 11.09
C THR B 198 21.40 -38.11 12.28
N GLY B 199 20.86 -38.32 13.48
CA GLY B 199 21.72 -38.44 14.65
C GLY B 199 22.61 -39.66 14.61
N ALA B 200 22.09 -40.78 14.08
CA ALA B 200 22.92 -41.97 13.94
C ALA B 200 24.01 -41.79 12.90
N ILE B 201 23.77 -40.94 11.89
CA ILE B 201 24.78 -40.68 10.87
C ILE B 201 25.90 -39.82 11.44
N ARG B 202 25.55 -38.78 12.21
CA ARG B 202 26.56 -37.91 12.78
C ARG B 202 27.45 -38.63 13.78
N ALA B 203 26.99 -39.75 14.34
CA ALA B 203 27.85 -40.55 15.19
C ALA B 203 29.01 -41.15 14.40
N GLY B 204 28.80 -41.44 13.12
CA GLY B 204 29.83 -41.94 12.24
C GLY B 204 30.64 -40.87 11.54
N ILE B 205 30.31 -39.60 11.74
CA ILE B 205 31.03 -38.49 11.14
C ILE B 205 31.77 -37.66 12.19
N TYR B 206 31.13 -37.40 13.32
CA TYR B 206 31.71 -36.57 14.38
C TYR B 206 32.23 -37.45 15.51
N THR B 207 33.37 -37.04 16.07
CA THR B 207 33.94 -37.72 17.23
C THR B 207 33.66 -36.88 18.47
N PRO B 208 33.03 -37.44 19.51
CA PRO B 208 32.71 -36.64 20.69
C PRO B 208 33.96 -36.17 21.41
N ALA B 209 33.91 -34.92 21.89
CA ALA B 209 34.98 -34.36 22.71
C ALA B 209 34.81 -34.85 24.13
N VAL B 210 35.67 -35.77 24.56
CA VAL B 210 35.53 -36.42 25.85
C VAL B 210 36.76 -36.14 26.71
N ASP B 211 36.57 -36.28 28.02
CA ASP B 211 37.65 -36.08 28.98
C ASP B 211 38.40 -37.40 29.20
N ALA B 212 39.23 -37.46 30.24
CA ALA B 212 39.99 -38.67 30.52
C ALA B 212 39.09 -39.83 30.94
N LYS B 213 37.91 -39.55 31.48
CA LYS B 213 36.97 -40.58 31.92
C LYS B 213 35.92 -40.92 30.88
N GLY B 214 36.05 -40.39 29.66
CA GLY B 214 35.10 -40.68 28.61
C GLY B 214 33.82 -39.88 28.66
N ARG B 215 33.78 -38.80 29.43
CA ARG B 215 32.61 -37.96 29.56
C ARG B 215 32.77 -36.71 28.68
N LEU B 216 31.63 -36.20 28.20
CA LEU B 216 31.65 -35.03 27.32
C LEU B 216 32.35 -33.85 27.97
N ARG B 217 33.08 -33.09 27.17
CA ARG B 217 33.84 -31.96 27.66
C ARG B 217 32.95 -30.72 27.81
N ILE B 218 33.39 -29.82 28.67
CA ILE B 218 32.68 -28.57 28.91
C ILE B 218 33.67 -27.60 29.58
N ALA B 219 33.60 -26.34 29.17
CA ALA B 219 34.48 -25.29 29.69
C ALA B 219 33.66 -24.24 30.41
N ALA B 220 34.36 -23.38 31.16
CA ALA B 220 33.72 -22.31 31.92
C ALA B 220 34.62 -21.08 31.91
N ALA B 221 33.99 -19.92 31.89
CA ALA B 221 34.69 -18.64 31.86
C ALA B 221 34.64 -17.96 33.22
N VAL B 222 35.49 -16.96 33.39
CA VAL B 222 35.55 -16.20 34.63
C VAL B 222 36.08 -14.81 34.31
N GLY B 223 35.55 -13.81 35.03
CA GLY B 223 36.01 -12.44 34.88
C GLY B 223 37.22 -12.14 35.74
N ILE B 224 37.84 -10.99 35.46
CA ILE B 224 39.04 -10.58 36.17
C ILE B 224 38.69 -9.72 37.38
N ASN B 225 37.40 -9.64 37.69
CA ASN B 225 36.94 -8.93 38.87
C ASN B 225 36.88 -9.88 40.07
N GLY B 226 37.08 -9.31 41.26
CA GLY B 226 37.02 -10.10 42.47
C GLY B 226 38.18 -11.07 42.60
N ASP B 227 37.94 -12.14 43.36
CA ASP B 227 38.94 -13.18 43.60
C ASP B 227 38.94 -14.12 42.40
N VAL B 228 39.86 -13.89 41.46
CA VAL B 228 39.89 -14.69 40.24
C VAL B 228 40.35 -16.11 40.55
N GLY B 229 41.33 -16.26 41.46
CA GLY B 229 41.82 -17.58 41.78
C GLY B 229 40.79 -18.46 42.46
N ALA B 230 40.00 -17.87 43.37
CA ALA B 230 38.98 -18.65 44.06
C ALA B 230 37.89 -19.12 43.11
N LYS B 231 37.43 -18.24 42.22
CA LYS B 231 36.43 -18.63 41.24
C LYS B 231 36.98 -19.63 40.25
N ALA B 232 38.25 -19.47 39.86
CA ALA B 232 38.86 -20.40 38.91
C ALA B 232 39.01 -21.79 39.50
N GLN B 233 39.44 -21.88 40.76
CA GLN B 233 39.59 -23.19 41.40
C GLN B 233 38.23 -23.83 41.66
N ALA B 234 37.21 -23.01 41.93
CA ALA B 234 35.87 -23.57 42.12
C ALA B 234 35.33 -24.16 40.82
N LEU B 235 35.59 -23.50 39.70
CA LEU B 235 35.16 -24.03 38.41
C LEU B 235 35.92 -25.30 38.06
N ALA B 236 37.20 -25.37 38.42
CA ALA B 236 37.97 -26.58 38.18
C ALA B 236 37.46 -27.74 39.03
N GLU B 237 37.21 -27.48 40.32
CA GLU B 237 36.65 -28.51 41.19
C GLU B 237 35.27 -28.93 40.73
N ALA B 238 34.49 -28.00 40.17
CA ALA B 238 33.15 -28.32 39.69
C ALA B 238 33.18 -29.30 38.52
N GLY B 239 34.31 -29.46 37.85
CA GLY B 239 34.44 -30.44 36.80
C GLY B 239 34.73 -29.88 35.42
N ALA B 240 35.05 -28.59 35.37
CA ALA B 240 35.36 -27.96 34.09
C ALA B 240 36.66 -28.50 33.51
N ASP B 241 36.69 -28.68 32.20
CA ASP B 241 37.87 -29.20 31.51
C ASP B 241 38.75 -28.10 30.93
N LEU B 242 38.29 -26.86 30.93
CA LEU B 242 39.04 -25.75 30.37
C LEU B 242 38.52 -24.46 30.98
N LEU B 243 39.44 -23.55 31.31
CA LEU B 243 39.10 -22.28 31.93
C LEU B 243 39.41 -21.13 30.98
N VAL B 244 38.51 -20.15 30.93
CA VAL B 244 38.64 -18.99 30.07
C VAL B 244 38.61 -17.75 30.96
N ILE B 245 39.75 -17.06 31.05
CA ILE B 245 39.81 -15.77 31.73
C ILE B 245 39.47 -14.70 30.70
N ASP B 246 38.30 -14.11 30.82
CA ASP B 246 37.71 -13.29 29.77
C ASP B 246 37.52 -11.85 30.25
N THR B 247 37.95 -10.90 29.44
CA THR B 247 37.68 -9.49 29.67
C THR B 247 37.74 -8.76 28.34
N ALA B 248 37.15 -7.56 28.32
CA ALA B 248 37.06 -6.81 27.07
C ALA B 248 38.44 -6.40 26.56
N HIS B 249 39.27 -5.85 27.44
CA HIS B 249 40.62 -5.43 27.10
C HIS B 249 41.58 -6.34 27.84
N GLY B 250 42.05 -7.40 27.17
CA GLY B 250 42.92 -8.37 27.81
C GLY B 250 44.33 -7.90 28.03
N HIS B 251 44.74 -6.82 27.37
CA HIS B 251 46.11 -6.32 27.48
C HIS B 251 46.20 -5.21 28.54
N GLN B 252 45.85 -5.57 29.77
CA GLN B 252 45.93 -4.65 30.88
C GLN B 252 46.56 -5.36 32.08
N ALA B 253 46.90 -4.57 33.10
CA ALA B 253 47.64 -5.10 34.24
C ALA B 253 46.79 -6.06 35.08
N LYS B 254 45.49 -5.76 35.22
CA LYS B 254 44.64 -6.63 36.03
C LYS B 254 44.46 -8.01 35.39
N MET B 255 44.51 -8.09 34.06
CA MET B 255 44.44 -9.40 33.42
C MET B 255 45.71 -10.21 33.67
N LEU B 256 46.88 -9.56 33.56
CA LEU B 256 48.14 -10.25 33.83
C LEU B 256 48.18 -10.79 35.25
N ASP B 257 47.68 -10.01 36.22
CA ASP B 257 47.65 -10.48 37.60
C ASP B 257 46.65 -11.62 37.78
N ALA B 258 45.56 -11.61 37.01
CA ALA B 258 44.57 -12.68 37.13
C ALA B 258 45.11 -13.99 36.54
N ILE B 259 45.87 -13.91 35.45
CA ILE B 259 46.44 -15.12 34.85
C ILE B 259 47.47 -15.74 35.78
N LYS B 260 48.33 -14.91 36.40
CA LYS B 260 49.32 -15.43 37.33
C LYS B 260 48.67 -16.05 38.55
N ALA B 261 47.52 -15.51 38.98
CA ALA B 261 46.85 -16.06 40.15
C ALA B 261 46.27 -17.43 39.87
N VAL B 262 45.72 -17.63 38.67
CA VAL B 262 45.14 -18.93 38.33
C VAL B 262 46.24 -19.93 37.98
N ALA B 263 47.30 -19.48 37.31
CA ALA B 263 48.38 -20.38 36.94
C ALA B 263 49.13 -20.90 38.16
N SER B 264 49.25 -20.09 39.21
CA SER B 264 49.94 -20.53 40.42
C SER B 264 49.17 -21.60 41.18
N LEU B 265 47.85 -21.69 40.96
CA LEU B 265 47.07 -22.73 41.61
C LEU B 265 47.35 -24.11 41.04
N ASP B 266 47.93 -24.19 39.84
CA ASP B 266 48.34 -25.45 39.23
C ASP B 266 47.16 -26.42 39.14
N LEU B 267 46.05 -25.93 38.59
CA LEU B 267 44.83 -26.71 38.47
C LEU B 267 44.89 -27.78 37.39
N GLY B 268 45.98 -27.83 36.60
CA GLY B 268 46.10 -28.84 35.58
C GLY B 268 45.10 -28.74 34.45
N LEU B 269 44.69 -27.52 34.11
CA LEU B 269 43.73 -27.28 33.04
C LEU B 269 44.29 -26.26 32.06
N PRO B 270 43.93 -26.36 30.78
CA PRO B 270 44.35 -25.33 29.82
C PRO B 270 43.78 -23.98 30.18
N LEU B 271 44.61 -22.95 30.05
CA LEU B 271 44.24 -21.58 30.41
C LEU B 271 44.09 -20.75 29.13
N VAL B 272 42.89 -20.20 28.94
CA VAL B 272 42.60 -19.29 27.83
C VAL B 272 42.45 -17.89 28.39
N ALA B 273 43.06 -16.92 27.73
CA ALA B 273 43.02 -15.53 28.18
C ALA B 273 42.79 -14.61 27.00
N GLY B 274 41.96 -13.60 27.20
CA GLY B 274 41.65 -12.65 26.15
C GLY B 274 40.81 -11.51 26.68
N ASN B 275 40.51 -10.56 25.79
CA ASN B 275 40.93 -10.64 24.39
C ASN B 275 41.98 -9.58 24.04
N VAL B 276 42.83 -9.92 23.06
CA VAL B 276 43.84 -9.00 22.53
C VAL B 276 43.83 -9.13 21.01
N VAL B 277 44.46 -8.16 20.35
CA VAL B 277 44.54 -8.14 18.89
C VAL B 277 45.93 -7.74 18.43
N SER B 278 46.88 -7.67 19.37
CA SER B 278 48.25 -7.30 19.07
C SER B 278 49.19 -8.42 19.47
N ALA B 279 50.36 -8.45 18.81
CA ALA B 279 51.36 -9.45 19.14
C ALA B 279 51.89 -9.27 20.56
N GLU B 280 52.14 -8.02 20.96
CA GLU B 280 52.64 -7.76 22.31
C GLU B 280 51.65 -8.24 23.36
N GLY B 281 50.35 -8.06 23.12
CA GLY B 281 49.36 -8.57 24.05
C GLY B 281 49.33 -10.08 24.13
N THR B 282 49.62 -10.76 23.01
CA THR B 282 49.64 -12.22 23.03
C THR B 282 50.78 -12.75 23.90
N ARG B 283 51.96 -12.12 23.81
CA ARG B 283 53.11 -12.59 24.56
C ARG B 283 53.01 -12.25 26.04
N ASP B 284 52.48 -11.07 26.37
CA ASP B 284 52.29 -10.74 27.78
C ASP B 284 51.29 -11.68 28.44
N LEU B 285 50.28 -12.14 27.69
CA LEU B 285 49.31 -13.07 28.25
C LEU B 285 49.89 -14.46 28.40
N ILE B 286 50.67 -14.92 27.40
CA ILE B 286 51.29 -16.24 27.49
C ILE B 286 52.32 -16.27 28.61
N GLU B 287 53.19 -15.26 28.67
CA GLU B 287 54.19 -15.20 29.72
C GLU B 287 53.57 -15.06 31.11
N ALA B 288 52.31 -14.59 31.18
CA ALA B 288 51.62 -14.53 32.45
C ALA B 288 51.12 -15.89 32.91
N GLY B 289 51.08 -16.88 32.01
CA GLY B 289 50.69 -18.22 32.38
C GLY B 289 49.58 -18.81 31.52
N ALA B 290 49.16 -18.08 30.49
CA ALA B 290 48.09 -18.53 29.61
C ALA B 290 48.63 -19.45 28.53
N SER B 291 47.90 -20.54 28.29
CA SER B 291 48.25 -21.50 27.25
C SER B 291 47.68 -21.12 25.89
N ILE B 292 46.47 -20.57 25.88
CA ILE B 292 45.79 -20.15 24.65
C ILE B 292 45.38 -18.69 24.82
N VAL B 293 45.46 -17.93 23.73
CA VAL B 293 45.12 -16.52 23.73
C VAL B 293 43.89 -16.31 22.84
N LYS B 294 42.86 -15.69 23.40
CA LYS B 294 41.63 -15.40 22.67
C LYS B 294 41.75 -14.06 21.98
N VAL B 295 41.55 -14.04 20.66
CA VAL B 295 41.79 -12.87 19.83
C VAL B 295 40.46 -12.32 19.34
N GLY B 296 40.28 -11.01 19.47
CA GLY B 296 39.06 -10.36 19.00
C GLY B 296 38.66 -9.16 19.84
N VAL B 297 38.94 -7.96 19.34
CA VAL B 297 38.54 -6.71 19.99
C VAL B 297 37.89 -5.83 18.95
N GLY B 298 36.56 -5.68 19.04
CA GLY B 298 35.81 -4.89 18.09
C GLY B 298 36.12 -5.22 16.65
N PRO B 299 35.78 -6.45 16.21
CA PRO B 299 36.13 -6.83 14.83
C PRO B 299 35.29 -6.11 13.79
N GLY B 300 34.07 -5.70 14.12
CA GLY B 300 33.21 -5.04 13.17
C GLY B 300 33.43 -3.53 13.16
N ALA B 301 33.49 -2.97 11.95
CA ALA B 301 33.75 -1.53 11.80
C ALA B 301 32.58 -0.68 12.28
N MET B 302 31.37 -1.23 12.32
CA MET B 302 30.18 -0.47 12.70
C MET B 302 29.50 -1.07 13.93
N CYS B 303 30.27 -1.72 14.81
CA CYS B 303 29.70 -2.30 16.00
C CYS B 303 29.82 -1.34 17.18
N THR B 304 29.37 -1.79 18.36
CA THR B 304 29.30 -0.91 19.52
C THR B 304 30.69 -0.43 19.95
N THR B 305 31.62 -1.36 20.13
CA THR B 305 32.96 -0.98 20.58
C THR B 305 33.63 -0.03 19.60
N ARG B 306 33.47 -0.28 18.30
CA ARG B 306 34.15 0.56 17.31
C ARG B 306 33.50 1.94 17.22
N MET B 307 32.16 1.99 17.28
CA MET B 307 31.47 3.27 17.13
C MET B 307 31.49 4.10 18.40
N MET B 308 31.70 3.49 19.56
CA MET B 308 31.80 4.25 20.81
C MET B 308 33.21 4.77 21.05
N THR B 309 34.23 3.97 20.73
CA THR B 309 35.60 4.28 21.10
C THR B 309 36.57 4.40 19.93
N GLY B 310 36.22 3.86 18.76
CA GLY B 310 37.17 3.77 17.67
C GLY B 310 38.23 2.71 17.85
N VAL B 311 38.16 1.92 18.92
CA VAL B 311 39.17 0.90 19.22
C VAL B 311 38.75 -0.42 18.58
N GLY B 312 39.71 -1.12 18.01
CA GLY B 312 39.45 -2.39 17.39
C GLY B 312 40.53 -2.72 16.38
N ARG B 313 40.28 -3.81 15.64
CA ARG B 313 41.19 -4.23 14.58
C ARG B 313 40.49 -5.26 13.70
N PRO B 314 40.66 -5.18 12.38
CA PRO B 314 40.13 -6.23 11.50
C PRO B 314 40.59 -7.61 11.95
N GLN B 315 39.64 -8.55 11.99
CA GLN B 315 39.88 -9.81 12.70
C GLN B 315 40.91 -10.67 12.00
N PHE B 316 40.90 -10.69 10.66
CA PHE B 316 41.83 -11.57 9.96
C PHE B 316 43.28 -11.16 10.18
N SER B 317 43.56 -9.86 10.13
CA SER B 317 44.93 -9.40 10.40
C SER B 317 45.29 -9.63 11.86
N ALA B 318 44.33 -9.46 12.77
CA ALA B 318 44.59 -9.69 14.19
C ALA B 318 44.97 -11.14 14.45
N VAL B 319 44.25 -12.08 13.83
CA VAL B 319 44.55 -13.50 14.04
C VAL B 319 45.90 -13.86 13.43
N VAL B 320 46.21 -13.30 12.26
CA VAL B 320 47.49 -13.60 11.61
C VAL B 320 48.65 -13.18 12.50
N GLU B 321 48.62 -11.94 13.00
CA GLU B 321 49.71 -11.45 13.82
C GLU B 321 49.79 -12.19 15.16
N CYS B 322 48.65 -12.40 15.80
CA CYS B 322 48.66 -13.01 17.13
C CYS B 322 48.99 -14.49 17.08
N ALA B 323 48.59 -15.19 16.01
CA ALA B 323 48.92 -16.61 15.89
C ALA B 323 50.41 -16.80 15.66
N ALA B 324 51.04 -15.91 14.89
CA ALA B 324 52.48 -15.99 14.71
C ALA B 324 53.23 -15.70 16.01
N ALA B 325 52.69 -14.81 16.85
CA ALA B 325 53.32 -14.56 18.14
C ALA B 325 53.08 -15.71 19.11
N ALA B 326 51.91 -16.35 19.02
CA ALA B 326 51.61 -17.47 19.92
C ALA B 326 52.44 -18.70 19.57
N ARG B 327 52.76 -18.90 18.29
CA ARG B 327 53.69 -19.96 17.89
C ARG B 327 55.00 -19.84 18.65
N GLN B 328 55.66 -18.69 18.53
CA GLN B 328 57.04 -18.54 18.99
C GLN B 328 57.19 -18.71 20.50
N LEU B 329 56.08 -18.70 21.25
CA LEU B 329 56.09 -19.01 22.67
C LEU B 329 55.45 -20.34 22.97
N GLY B 330 55.10 -21.12 21.94
CA GLY B 330 54.49 -22.42 22.13
C GLY B 330 53.01 -22.40 22.45
N GLY B 331 52.33 -21.28 22.23
CA GLY B 331 50.92 -21.14 22.55
C GLY B 331 50.04 -21.28 21.32
N HIS B 332 48.75 -21.02 21.54
CA HIS B 332 47.75 -21.13 20.49
C HIS B 332 46.84 -19.91 20.54
N VAL B 333 45.95 -19.82 19.55
CA VAL B 333 45.11 -18.64 19.37
C VAL B 333 43.69 -19.09 19.03
N TRP B 334 42.70 -18.51 19.72
CA TRP B 334 41.30 -18.70 19.41
C TRP B 334 40.77 -17.45 18.69
N ALA B 335 40.15 -17.66 17.53
CA ALA B 335 39.53 -16.56 16.80
C ALA B 335 38.13 -16.33 17.33
N ASP B 336 37.92 -15.19 17.98
CA ASP B 336 36.68 -14.88 18.68
C ASP B 336 36.03 -13.65 18.07
N GLY B 337 34.85 -13.83 17.50
CA GLY B 337 34.03 -12.72 17.05
C GLY B 337 33.94 -12.62 15.54
N GLY B 338 32.74 -12.29 15.05
CA GLY B 338 32.54 -11.97 13.66
C GLY B 338 32.22 -13.13 12.74
N VAL B 339 32.10 -14.34 13.26
CA VAL B 339 31.86 -15.52 12.43
C VAL B 339 30.41 -15.55 12.02
N ARG B 340 30.16 -15.58 10.71
CA ARG B 340 28.79 -15.57 10.20
C ARG B 340 28.57 -16.70 9.21
N HIS B 341 29.62 -17.09 8.50
CA HIS B 341 29.58 -18.10 7.47
C HIS B 341 30.74 -19.07 7.66
N PRO B 342 30.66 -20.26 7.06
CA PRO B 342 31.80 -21.20 7.14
C PRO B 342 33.09 -20.62 6.59
N ARG B 343 33.02 -19.66 5.66
CA ARG B 343 34.21 -19.00 5.16
C ARG B 343 35.01 -18.36 6.29
N ASP B 344 34.32 -17.79 7.27
CA ASP B 344 35.01 -17.13 8.37
C ASP B 344 35.79 -18.14 9.22
N VAL B 345 35.26 -19.35 9.37
CA VAL B 345 35.97 -20.37 10.14
C VAL B 345 37.20 -20.85 9.37
N ALA B 346 37.06 -21.07 8.06
CA ALA B 346 38.18 -21.54 7.27
C ALA B 346 39.29 -20.50 7.21
N LEU B 347 38.94 -19.22 7.02
CA LEU B 347 39.94 -18.17 6.97
C LEU B 347 40.62 -17.98 8.32
N ALA B 348 39.87 -18.15 9.41
CA ALA B 348 40.47 -18.01 10.73
C ALA B 348 41.50 -19.10 10.99
N LEU B 349 41.22 -20.33 10.54
CA LEU B 349 42.17 -21.42 10.73
C LEU B 349 43.40 -21.25 9.84
N ALA B 350 43.19 -20.85 8.59
CA ALA B 350 44.32 -20.60 7.69
C ALA B 350 45.19 -19.47 8.21
N ALA B 351 44.61 -18.53 8.96
CA ALA B 351 45.39 -17.44 9.52
C ALA B 351 46.30 -17.90 10.65
N GLY B 352 46.03 -19.06 11.24
CA GLY B 352 46.87 -19.60 12.30
C GLY B 352 46.16 -19.92 13.60
N ALA B 353 44.86 -19.68 13.72
CA ALA B 353 44.14 -20.02 14.92
C ALA B 353 43.94 -21.53 15.04
N SER B 354 43.98 -22.03 16.28
CA SER B 354 43.72 -23.43 16.58
C SER B 354 42.23 -23.74 16.72
N ASN B 355 41.43 -22.80 17.23
CA ASN B 355 39.99 -22.97 17.32
C ASN B 355 39.31 -21.67 16.91
N VAL B 356 38.01 -21.76 16.66
CA VAL B 356 37.20 -20.63 16.26
C VAL B 356 36.02 -20.52 17.21
N MET B 357 35.88 -19.37 17.87
CA MET B 357 34.78 -19.13 18.79
C MET B 357 33.61 -18.48 18.06
N ILE B 358 32.42 -19.05 18.23
CA ILE B 358 31.22 -18.61 17.56
C ILE B 358 30.16 -18.32 18.62
N GLY B 359 29.47 -17.18 18.48
CA GLY B 359 28.51 -16.77 19.49
C GLY B 359 27.10 -16.58 18.98
N SER B 360 26.79 -15.37 18.50
CA SER B 360 25.42 -15.02 18.17
C SER B 360 24.85 -15.87 17.05
N TRP B 361 25.71 -16.42 16.18
CA TRP B 361 25.24 -17.27 15.11
C TRP B 361 24.50 -18.48 15.66
N PHE B 362 25.03 -19.11 16.70
CA PHE B 362 24.40 -20.29 17.28
C PHE B 362 23.20 -19.95 18.16
N ALA B 363 22.86 -18.67 18.31
CA ALA B 363 21.67 -18.32 19.08
C ALA B 363 20.40 -18.67 18.34
N GLY B 364 20.41 -18.58 17.02
CA GLY B 364 19.25 -18.94 16.22
C GLY B 364 19.15 -20.43 15.98
N THR B 365 19.13 -21.21 17.06
CA THR B 365 19.02 -22.66 16.99
C THR B 365 18.02 -23.13 18.03
N TYR B 366 17.58 -24.38 17.89
CA TYR B 366 16.67 -24.95 18.87
C TYR B 366 17.37 -25.14 20.22
N GLU B 367 18.67 -25.41 20.22
CA GLU B 367 19.38 -25.80 21.43
C GLU B 367 19.84 -24.61 22.27
N SER B 368 19.73 -23.38 21.76
CA SER B 368 20.15 -22.22 22.53
C SER B 368 19.19 -21.98 23.69
N PRO B 369 19.67 -21.35 24.77
CA PRO B 369 18.81 -21.17 25.96
C PRO B 369 17.65 -20.20 25.74
N GLY B 370 17.61 -19.47 24.63
CA GLY B 370 16.53 -18.54 24.40
C GLY B 370 15.24 -19.22 24.00
N ASP B 371 14.12 -18.53 24.27
CA ASP B 371 12.81 -19.02 23.86
C ASP B 371 12.59 -18.77 22.38
N LEU B 372 11.97 -19.74 21.71
CA LEU B 372 11.71 -19.61 20.28
C LEU B 372 10.60 -18.60 20.05
N LEU B 373 10.89 -17.56 19.26
CA LEU B 373 9.97 -16.48 19.01
C LEU B 373 9.60 -16.45 17.53
N PHE B 374 8.48 -15.78 17.24
CA PHE B 374 7.99 -15.62 15.88
C PHE B 374 7.65 -14.16 15.63
N ASP B 375 8.01 -13.67 14.45
CA ASP B 375 7.78 -12.28 14.08
C ASP B 375 6.38 -12.12 13.50
N ARG B 376 6.11 -10.96 12.90
CA ARG B 376 4.80 -10.73 12.28
C ARG B 376 4.60 -11.62 11.06
N ASP B 377 5.68 -12.01 10.39
CA ASP B 377 5.62 -12.90 9.24
C ASP B 377 5.58 -14.37 9.64
N ASP B 378 5.41 -14.66 10.94
CA ASP B 378 5.34 -16.03 11.45
C ASP B 378 6.62 -16.81 11.16
N ARG B 379 7.75 -16.12 11.12
CA ARG B 379 9.06 -16.73 10.89
C ARG B 379 9.79 -16.94 12.21
N PRO B 380 10.45 -18.07 12.40
CA PRO B 380 11.08 -18.36 13.69
C PRO B 380 12.39 -17.60 13.88
N TYR B 381 12.63 -17.16 15.11
CA TYR B 381 13.86 -16.46 15.45
C TYR B 381 14.08 -16.55 16.96
N LYS B 382 15.29 -16.20 17.38
CA LYS B 382 15.63 -16.11 18.79
C LYS B 382 16.53 -14.90 19.00
N GLU B 383 16.44 -14.31 20.19
CA GLU B 383 17.19 -13.10 20.49
C GLU B 383 18.61 -13.43 20.93
N SER B 384 19.55 -12.60 20.49
CA SER B 384 20.93 -12.66 20.94
C SER B 384 21.31 -11.34 21.58
N TYR B 385 22.20 -11.40 22.57
CA TYR B 385 22.62 -10.20 23.29
C TYR B 385 24.01 -10.42 23.86
N GLY B 386 24.71 -9.31 24.09
CA GLY B 386 26.06 -9.37 24.60
C GLY B 386 26.12 -9.45 26.11
N MET B 387 27.28 -9.90 26.61
CA MET B 387 27.48 -10.00 28.05
C MET B 387 27.72 -8.64 28.69
N ALA B 388 28.04 -7.62 27.89
CA ALA B 388 28.16 -6.24 28.34
C ALA B 388 29.11 -6.10 29.51
N SER B 389 28.57 -5.72 30.68
CA SER B 389 29.40 -5.43 31.85
C SER B 389 30.08 -6.68 32.40
N LYS B 390 29.62 -7.88 32.03
CA LYS B 390 30.25 -9.11 32.51
C LYS B 390 31.59 -9.39 31.85
N ARG B 391 32.05 -8.52 30.95
CA ARG B 391 33.38 -8.63 30.35
C ARG B 391 34.23 -7.39 30.62
N ALA B 392 33.79 -6.50 31.51
CA ALA B 392 34.49 -5.27 31.80
C ALA B 392 34.94 -5.25 33.26
N VAL B 393 35.91 -4.38 33.53
CA VAL B 393 36.44 -4.20 34.88
C VAL B 393 35.53 -3.25 35.65
N ALA B 394 35.23 -3.60 36.89
CA ALA B 394 34.34 -2.79 37.73
C ALA B 394 35.01 -1.47 38.13
N SER B 401 27.42 3.83 47.25
CA SER B 401 26.09 3.23 47.36
C SER B 401 25.32 3.35 46.04
N SER B 402 24.09 3.85 46.13
CA SER B 402 23.27 4.04 44.93
C SER B 402 23.86 5.10 44.01
N PHE B 403 24.61 6.06 44.57
CA PHE B 403 25.38 6.99 43.73
C PHE B 403 26.30 6.20 42.80
N ASP B 404 27.16 5.36 43.37
CA ASP B 404 28.06 4.54 42.56
C ASP B 404 27.29 3.69 41.57
N ARG B 405 26.14 3.14 41.97
CA ARG B 405 25.34 2.34 41.07
C ARG B 405 24.75 3.19 39.95
N ALA B 406 24.37 4.43 40.26
CA ALA B 406 23.85 5.33 39.23
C ALA B 406 24.98 5.91 38.38
N ARG B 407 26.13 6.21 39.00
CA ARG B 407 27.28 6.69 38.22
C ARG B 407 27.76 5.63 37.24
N LYS B 408 27.69 4.36 37.62
CA LYS B 408 28.10 3.28 36.72
C LYS B 408 27.12 3.14 35.56
N GLY B 409 25.84 2.92 35.87
CA GLY B 409 24.83 2.75 34.84
C GLY B 409 24.70 3.93 33.89
N LEU B 410 25.09 5.12 34.34
CA LEU B 410 25.05 6.28 33.47
C LEU B 410 26.06 6.18 32.34
N PHE B 411 27.18 5.49 32.58
CA PHE B 411 28.23 5.34 31.59
C PHE B 411 28.40 3.92 31.07
N GLU B 412 27.77 2.93 31.69
CA GLU B 412 28.07 1.55 31.34
C GLU B 412 27.53 1.20 29.96
N GLU B 413 28.08 0.13 29.40
CA GLU B 413 27.72 -0.29 28.05
C GLU B 413 26.31 -0.86 28.02
N GLY B 414 25.49 -0.34 27.10
CA GLY B 414 24.15 -0.87 26.94
C GLY B 414 24.15 -2.23 26.28
N ILE B 415 23.15 -3.03 26.62
CA ILE B 415 23.03 -4.39 26.11
C ILE B 415 22.26 -4.33 24.78
N SER B 416 22.97 -4.57 23.69
CA SER B 416 22.33 -4.60 22.38
C SER B 416 21.61 -5.93 22.18
N THR B 417 20.56 -5.90 21.38
CA THR B 417 19.73 -7.06 21.11
C THR B 417 19.47 -7.17 19.61
N SER B 418 19.69 -8.35 19.05
CA SER B 418 19.47 -8.61 17.64
C SER B 418 18.69 -9.91 17.46
N ARG B 419 17.93 -9.98 16.37
CA ARG B 419 17.12 -11.15 16.06
C ARG B 419 17.92 -12.12 15.21
N MET B 420 18.00 -13.37 15.66
CA MET B 420 18.73 -14.43 14.96
C MET B 420 17.69 -15.39 14.38
N SER B 421 17.48 -15.29 13.07
CA SER B 421 16.47 -16.10 12.41
C SER B 421 16.93 -17.56 12.29
N LEU B 422 16.03 -18.48 12.60
CA LEU B 422 16.30 -19.90 12.41
C LEU B 422 16.03 -20.30 10.98
N ASP B 423 16.83 -21.24 10.48
CA ASP B 423 16.57 -21.84 9.19
C ASP B 423 15.29 -22.67 9.30
N PRO B 424 14.24 -22.35 8.54
CA PRO B 424 12.98 -23.12 8.65
C PRO B 424 13.16 -24.60 8.37
N ALA B 425 14.22 -25.00 7.65
CA ALA B 425 14.49 -26.40 7.40
C ALA B 425 15.70 -26.94 8.17
N ARG B 426 16.58 -26.07 8.65
CA ARG B 426 17.80 -26.47 9.35
C ARG B 426 17.94 -25.66 10.64
N GLY B 427 16.98 -25.82 11.56
CA GLY B 427 16.96 -25.03 12.78
C GLY B 427 17.84 -25.53 13.90
N GLY B 428 18.47 -26.69 13.74
CA GLY B 428 19.32 -27.23 14.79
C GLY B 428 20.76 -26.76 14.68
N VAL B 429 21.43 -26.70 15.83
CA VAL B 429 22.82 -26.28 15.85
C VAL B 429 23.72 -27.31 15.16
N GLU B 430 23.30 -28.58 15.16
CA GLU B 430 24.07 -29.59 14.44
C GLU B 430 23.99 -29.36 12.94
N ASP B 431 22.89 -28.79 12.45
CA ASP B 431 22.82 -28.41 11.04
C ASP B 431 23.83 -27.31 10.72
N LEU B 432 24.05 -26.39 11.65
CA LEU B 432 25.08 -25.38 11.47
C LEU B 432 26.48 -25.98 11.58
N LEU B 433 26.63 -27.01 12.43
CA LEU B 433 27.92 -27.70 12.51
C LEU B 433 28.20 -28.48 11.23
N ASP B 434 27.16 -29.06 10.62
CA ASP B 434 27.34 -29.68 9.31
C ASP B 434 27.73 -28.66 8.26
N HIS B 435 27.09 -27.49 8.28
CA HIS B 435 27.40 -26.45 7.30
C HIS B 435 28.82 -25.93 7.47
N ILE B 436 29.25 -25.75 8.73
CA ILE B 436 30.59 -25.20 8.98
C ILE B 436 31.66 -26.22 8.61
N THR B 437 31.53 -27.45 9.12
CA THR B 437 32.56 -28.46 8.87
C THR B 437 32.60 -28.90 7.41
N SER B 438 31.47 -28.78 6.70
CA SER B 438 31.49 -29.09 5.27
C SER B 438 32.38 -28.12 4.51
N GLY B 439 32.34 -26.83 4.89
CA GLY B 439 33.15 -25.83 4.22
C GLY B 439 34.61 -25.88 4.59
N VAL B 440 34.89 -26.12 5.88
CA VAL B 440 36.28 -26.18 6.33
C VAL B 440 36.98 -27.39 5.73
N ARG B 441 36.28 -28.53 5.64
CA ARG B 441 36.87 -29.70 5.01
C ARG B 441 37.15 -29.46 3.54
N SER B 442 36.22 -28.80 2.84
CA SER B 442 36.44 -28.49 1.43
C SER B 442 37.60 -27.52 1.23
N THR B 443 37.79 -26.60 2.19
CA THR B 443 38.94 -25.70 2.11
C THR B 443 40.25 -26.49 2.20
N CYS B 444 40.29 -27.48 3.08
CA CYS B 444 41.50 -28.29 3.21
C CYS B 444 41.78 -29.07 1.93
N THR B 445 40.73 -29.52 1.24
CA THR B 445 40.93 -30.23 -0.02
C THR B 445 41.40 -29.29 -1.12
N TYR B 446 40.89 -28.05 -1.13
CA TYR B 446 41.37 -27.07 -2.09
C TYR B 446 42.83 -26.71 -1.84
N VAL B 447 43.21 -26.57 -0.56
CA VAL B 447 44.60 -26.24 -0.23
C VAL B 447 45.49 -27.45 -0.40
N GLY B 448 44.95 -28.65 -0.22
CA GLY B 448 45.72 -29.86 -0.20
C GLY B 448 46.17 -30.31 1.16
N ALA B 449 45.44 -29.96 2.22
CA ALA B 449 45.82 -30.30 3.58
C ALA B 449 44.95 -31.45 4.10
N ALA B 450 45.60 -32.37 4.80
CA ALA B 450 44.89 -33.50 5.42
C ALA B 450 44.43 -33.20 6.84
N ASN B 451 44.91 -32.11 7.44
CA ASN B 451 44.53 -31.77 8.81
C ASN B 451 44.74 -30.27 9.00
N LEU B 452 44.32 -29.77 10.16
CA LEU B 452 44.38 -28.34 10.42
C LEU B 452 45.80 -27.78 10.42
N PRO B 453 46.81 -28.41 11.05
CA PRO B 453 48.18 -27.85 10.95
C PRO B 453 48.69 -27.74 9.53
N GLU B 454 48.32 -28.68 8.65
CA GLU B 454 48.74 -28.56 7.25
C GLU B 454 47.99 -27.45 6.53
N LEU B 455 46.79 -27.10 7.01
CA LEU B 455 46.06 -25.99 6.40
C LEU B 455 46.81 -24.67 6.59
N HIS B 456 47.26 -24.40 7.82
CA HIS B 456 47.98 -23.17 8.08
C HIS B 456 49.35 -23.16 7.40
N GLU B 457 49.94 -24.34 7.20
CA GLU B 457 51.27 -24.45 6.64
C GLU B 457 51.29 -24.42 5.11
N LYS B 458 50.21 -24.84 4.45
CA LYS B 458 50.19 -24.93 3.00
C LYS B 458 49.33 -23.86 2.32
N VAL B 459 48.57 -23.06 3.08
CA VAL B 459 47.62 -22.15 2.47
C VAL B 459 48.35 -20.98 1.81
N VAL B 460 47.77 -20.50 0.72
CA VAL B 460 48.22 -19.29 0.02
C VAL B 460 47.04 -18.34 -0.06
N LEU B 461 47.20 -17.15 0.48
CA LEU B 461 46.13 -16.18 0.60
C LEU B 461 46.32 -15.04 -0.39
N GLY B 462 45.21 -14.39 -0.75
CA GLY B 462 45.24 -13.24 -1.62
C GLY B 462 44.26 -12.18 -1.13
N VAL B 463 44.51 -10.95 -1.59
CA VAL B 463 43.70 -9.81 -1.23
C VAL B 463 42.84 -9.41 -2.44
N GLN B 464 41.60 -9.01 -2.17
CA GLN B 464 40.69 -8.58 -3.20
C GLN B 464 40.13 -7.20 -2.85
N SER B 465 39.61 -6.51 -3.86
CA SER B 465 39.00 -5.21 -3.66
C SER B 465 37.53 -5.40 -3.28
N ALA B 466 36.76 -4.30 -3.30
CA ALA B 466 35.35 -4.39 -2.95
C ALA B 466 34.57 -5.19 -3.98
N ALA B 467 34.90 -5.02 -5.25
CA ALA B 467 34.22 -5.75 -6.32
C ALA B 467 34.58 -7.24 -6.31
N VAL C 2 50.17 -9.10 -20.92
CA VAL C 2 49.32 -7.94 -20.65
C VAL C 2 50.16 -6.76 -20.19
N ARG C 3 49.82 -5.57 -20.67
CA ARG C 3 50.56 -4.35 -20.37
C ARG C 3 49.63 -3.37 -19.68
N PHE C 4 49.99 -2.96 -18.46
CA PHE C 4 49.21 -2.02 -17.69
C PHE C 4 49.82 -0.63 -17.77
N LEU C 5 48.98 0.37 -17.47
CA LEU C 5 49.47 1.75 -17.37
C LEU C 5 50.50 1.84 -16.25
N ASP C 6 51.42 2.79 -16.40
CA ASP C 6 52.47 2.97 -15.41
C ASP C 6 51.87 3.33 -14.05
N GLY C 7 52.35 2.64 -13.01
CA GLY C 7 51.87 2.85 -11.66
C GLY C 7 50.72 1.96 -11.25
N HIS C 8 50.05 1.32 -12.20
CA HIS C 8 48.88 0.48 -11.90
C HIS C 8 49.34 -0.92 -11.49
N THR C 9 49.92 -0.98 -10.29
CA THR C 9 50.37 -2.22 -9.68
C THR C 9 49.65 -2.37 -8.34
N PRO C 10 48.38 -2.79 -8.37
CA PRO C 10 47.61 -2.86 -7.12
C PRO C 10 48.07 -4.00 -6.23
N ALA C 11 47.84 -3.83 -4.93
CA ALA C 11 48.16 -4.85 -3.94
C ALA C 11 47.03 -5.86 -3.77
N TYR C 12 46.34 -6.20 -4.85
CA TYR C 12 45.22 -7.13 -4.81
C TYR C 12 44.98 -7.66 -6.21
N ASP C 13 44.21 -8.74 -6.29
CA ASP C 13 43.84 -9.31 -7.58
C ASP C 13 42.59 -8.61 -8.11
N LEU C 14 42.40 -8.70 -9.43
CA LEU C 14 41.44 -7.89 -10.15
C LEU C 14 40.32 -8.75 -10.70
N THR C 15 39.08 -8.31 -10.49
CA THR C 15 37.92 -8.91 -11.14
C THR C 15 37.68 -8.21 -12.48
N TYR C 16 36.59 -8.57 -13.16
CA TYR C 16 36.24 -7.87 -14.40
C TYR C 16 35.81 -6.43 -14.14
N ASN C 17 35.39 -6.10 -12.93
CA ASN C 17 34.98 -4.74 -12.60
C ASN C 17 36.16 -3.82 -12.30
N ASP C 18 37.32 -4.39 -11.95
CA ASP C 18 38.46 -3.59 -11.50
C ASP C 18 39.29 -3.02 -12.64
N VAL C 19 39.07 -3.46 -13.88
CA VAL C 19 39.96 -3.11 -14.97
C VAL C 19 39.19 -2.38 -16.07
N PHE C 20 39.95 -1.68 -16.91
CA PHE C 20 39.39 -1.01 -18.08
C PHE C 20 40.44 -1.03 -19.19
N VAL C 21 39.97 -0.96 -20.43
CA VAL C 21 40.83 -0.99 -21.61
C VAL C 21 41.06 0.42 -22.10
N VAL C 22 42.33 0.77 -22.32
CA VAL C 22 42.69 2.10 -22.81
C VAL C 22 42.76 2.07 -24.34
N PRO C 23 42.11 2.99 -25.04
CA PRO C 23 42.17 2.99 -26.49
C PRO C 23 43.58 3.25 -27.00
N GLY C 24 43.89 2.65 -28.16
CA GLY C 24 45.16 2.85 -28.81
C GLY C 24 44.96 3.31 -30.25
N ARG C 25 46.07 3.67 -30.88
CA ARG C 25 46.02 4.06 -32.29
C ARG C 25 45.56 2.89 -33.14
N SER C 26 44.55 3.12 -33.96
CA SER C 26 43.86 2.06 -34.67
C SER C 26 43.80 2.35 -36.16
N ASP C 27 44.01 1.30 -36.96
CA ASP C 27 43.78 1.35 -38.40
C ASP C 27 42.54 0.57 -38.82
N VAL C 28 42.00 -0.26 -37.93
CA VAL C 28 40.78 -1.01 -38.21
C VAL C 28 39.62 -0.02 -38.28
N ALA C 29 39.01 0.11 -39.45
CA ALA C 29 37.94 1.09 -39.65
C ALA C 29 36.62 0.59 -39.09
N SER C 30 36.14 -0.54 -39.59
CA SER C 30 34.83 -1.08 -39.23
C SER C 30 34.97 -2.34 -38.38
N ARG C 31 33.90 -2.66 -37.67
CA ARG C 31 33.89 -3.83 -36.82
C ARG C 31 33.90 -5.13 -37.62
N PHE C 32 33.36 -5.11 -38.84
CA PHE C 32 33.29 -6.31 -39.66
C PHE C 32 34.63 -6.67 -40.29
N ASP C 33 35.64 -5.82 -40.17
CA ASP C 33 36.99 -6.16 -40.62
C ASP C 33 37.75 -7.00 -39.60
N VAL C 34 37.20 -7.18 -38.40
CA VAL C 34 37.85 -7.92 -37.34
C VAL C 34 37.53 -9.41 -37.49
N ASP C 35 38.53 -10.25 -37.26
CA ASP C 35 38.38 -11.70 -37.33
C ASP C 35 38.31 -12.25 -35.90
N LEU C 36 37.12 -12.69 -35.51
CA LEU C 36 36.89 -13.23 -34.17
C LEU C 36 37.14 -14.73 -34.08
N SER C 37 37.73 -15.34 -35.10
CA SER C 37 37.98 -16.78 -35.06
C SER C 37 39.07 -17.11 -34.05
N THR C 38 38.90 -18.23 -33.36
CA THR C 38 39.82 -18.65 -32.31
C THR C 38 40.94 -19.51 -32.89
N VAL C 39 42.01 -19.65 -32.12
CA VAL C 39 43.21 -20.33 -32.57
C VAL C 39 43.64 -21.39 -31.57
N ASP C 40 42.68 -21.93 -30.81
CA ASP C 40 42.97 -22.95 -29.81
C ASP C 40 42.57 -24.35 -30.25
N GLY C 41 42.32 -24.54 -31.55
CA GLY C 41 41.93 -25.85 -32.04
C GLY C 41 40.50 -26.24 -31.76
N SER C 42 39.68 -25.33 -31.24
CA SER C 42 38.28 -25.65 -30.97
C SER C 42 37.41 -25.54 -32.21
N GLY C 43 37.83 -24.77 -33.21
CA GLY C 43 37.05 -24.61 -34.42
C GLY C 43 35.99 -23.53 -34.37
N THR C 44 35.92 -22.77 -33.28
CA THR C 44 34.91 -21.72 -33.15
C THR C 44 35.36 -20.48 -33.91
N THR C 45 34.44 -19.88 -34.67
CA THR C 45 34.72 -18.63 -35.37
C THR C 45 34.39 -17.40 -34.53
N ILE C 46 33.75 -17.59 -33.38
CA ILE C 46 33.56 -16.54 -32.39
C ILE C 46 34.02 -17.06 -31.04
N PRO C 47 34.58 -16.23 -30.16
CA PRO C 47 35.13 -16.70 -28.89
C PRO C 47 34.07 -16.93 -27.81
N VAL C 48 33.07 -17.74 -28.13
CA VAL C 48 31.96 -18.04 -27.23
C VAL C 48 31.81 -19.54 -27.13
N VAL C 49 31.85 -20.06 -25.90
CA VAL C 49 31.63 -21.47 -25.62
C VAL C 49 30.52 -21.58 -24.58
N VAL C 50 29.56 -22.45 -24.83
CA VAL C 50 28.45 -22.64 -23.89
C VAL C 50 28.87 -23.65 -22.83
N ALA C 51 28.62 -23.33 -21.56
CA ALA C 51 29.07 -24.15 -20.45
C ALA C 51 28.34 -25.49 -20.43
N ASN C 52 29.01 -26.49 -19.85
CA ASN C 52 28.45 -27.84 -19.74
C ASN C 52 27.56 -27.92 -18.49
N MET C 53 26.40 -27.28 -18.60
CA MET C 53 25.41 -27.27 -17.53
C MET C 53 24.07 -27.69 -18.13
N THR C 54 23.37 -28.59 -17.43
CA THR C 54 22.12 -29.13 -17.97
C THR C 54 21.06 -28.06 -18.15
N ALA C 55 21.20 -26.91 -17.48
CA ALA C 55 20.25 -25.83 -17.64
C ALA C 55 20.55 -24.96 -18.87
N VAL C 56 21.67 -25.18 -19.54
CA VAL C 56 22.08 -24.34 -20.66
C VAL C 56 22.38 -25.18 -21.88
N ALA C 57 23.19 -26.24 -21.70
CA ALA C 57 23.72 -27.02 -22.82
C ALA C 57 22.68 -28.03 -23.27
N GLY C 58 21.68 -27.55 -24.01
CA GLY C 58 20.66 -28.38 -24.59
C GLY C 58 20.92 -28.68 -26.05
N ARG C 59 20.04 -29.51 -26.62
CA ARG C 59 20.19 -29.88 -28.03
C ARG C 59 19.85 -28.70 -28.95
N ARG C 60 18.77 -27.98 -28.64
CA ARG C 60 18.45 -26.79 -29.42
C ARG C 60 19.51 -25.71 -29.26
N MET C 61 20.16 -25.64 -28.08
CA MET C 61 21.25 -24.69 -27.89
C MET C 61 22.47 -25.10 -28.72
N ALA C 62 22.73 -26.41 -28.82
CA ALA C 62 23.91 -26.88 -29.55
C ALA C 62 23.81 -26.57 -31.03
N GLU C 63 22.62 -26.72 -31.62
CA GLU C 63 22.45 -26.40 -33.03
C GLU C 63 22.52 -24.89 -33.26
N THR C 64 21.88 -24.11 -32.40
CA THR C 64 21.76 -22.67 -32.64
C THR C 64 23.10 -21.97 -32.47
N VAL C 65 23.87 -22.35 -31.45
CA VAL C 65 25.13 -21.67 -31.18
C VAL C 65 26.20 -22.09 -32.18
N ALA C 66 26.23 -23.37 -32.57
CA ALA C 66 27.25 -23.85 -33.49
C ALA C 66 27.06 -23.26 -34.88
N ARG C 67 25.83 -22.94 -35.27
CA ARG C 67 25.60 -22.35 -36.59
C ARG C 67 26.14 -20.93 -36.66
N ARG C 68 26.20 -20.23 -35.54
CA ARG C 68 26.69 -18.86 -35.50
C ARG C 68 28.16 -18.75 -35.15
N GLY C 69 28.87 -19.87 -34.99
CA GLY C 69 30.30 -19.86 -34.77
C GLY C 69 30.75 -20.36 -33.42
N GLY C 70 29.87 -20.52 -32.44
CA GLY C 70 30.24 -21.03 -31.14
C GLY C 70 30.23 -22.55 -31.09
N ILE C 71 30.35 -23.07 -29.88
CA ILE C 71 30.27 -24.50 -29.63
C ILE C 71 29.66 -24.72 -28.25
N VAL C 72 28.95 -25.83 -28.10
CA VAL C 72 28.26 -26.15 -26.86
C VAL C 72 28.84 -27.45 -26.32
N VAL C 73 29.31 -27.42 -25.07
CA VAL C 73 29.82 -28.60 -24.39
C VAL C 73 28.67 -29.29 -23.69
N LEU C 74 28.38 -30.53 -24.10
CA LEU C 74 27.29 -31.27 -23.48
C LEU C 74 27.64 -31.58 -22.03
N PRO C 75 26.67 -31.50 -21.11
CA PRO C 75 26.98 -31.71 -19.69
C PRO C 75 27.42 -33.16 -19.43
N GLN C 76 28.36 -33.30 -18.50
CA GLN C 76 28.87 -34.62 -18.17
C GLN C 76 27.78 -35.46 -17.49
N ASP C 77 28.03 -36.77 -17.43
CA ASP C 77 27.11 -37.77 -16.90
C ASP C 77 25.82 -37.87 -17.71
N LEU C 78 25.73 -37.21 -18.86
CA LEU C 78 24.61 -37.42 -19.75
C LEU C 78 24.72 -38.82 -20.35
N PRO C 79 23.63 -39.60 -20.38
CA PRO C 79 23.72 -40.95 -20.93
C PRO C 79 24.22 -40.95 -22.37
N ILE C 80 25.07 -41.92 -22.68
CA ILE C 80 25.72 -41.96 -23.99
C ILE C 80 24.69 -42.13 -25.11
N THR C 81 23.54 -42.72 -24.80
CA THR C 81 22.48 -42.82 -25.80
C THR C 81 21.91 -41.45 -26.13
N ALA C 82 21.71 -40.62 -25.10
CA ALA C 82 21.24 -39.26 -25.34
C ALA C 82 22.31 -38.41 -26.01
N VAL C 83 23.58 -38.68 -25.73
CA VAL C 83 24.66 -37.96 -26.38
C VAL C 83 24.67 -38.24 -27.88
N SER C 84 24.53 -39.52 -28.25
CA SER C 84 24.54 -39.89 -29.65
C SER C 84 23.35 -39.29 -30.40
N GLU C 85 22.17 -39.30 -29.77
CA GLU C 85 21.00 -38.70 -30.39
C GLU C 85 21.16 -37.19 -30.54
N THR C 86 21.85 -36.55 -29.60
CA THR C 86 22.08 -35.10 -29.71
C THR C 86 23.12 -34.79 -30.77
N VAL C 87 24.20 -35.57 -30.82
CA VAL C 87 25.23 -35.34 -31.83
C VAL C 87 24.67 -35.61 -33.22
N ASP C 88 23.94 -36.72 -33.40
CA ASP C 88 23.37 -37.03 -34.70
C ASP C 88 22.41 -35.93 -35.17
N PHE C 89 21.68 -35.30 -34.23
CA PHE C 89 20.80 -34.21 -34.61
C PHE C 89 21.59 -32.99 -35.05
N VAL C 90 22.61 -32.61 -34.28
CA VAL C 90 23.39 -31.43 -34.60
C VAL C 90 24.18 -31.63 -35.89
N LYS C 91 24.80 -32.80 -36.05
CA LYS C 91 25.60 -33.07 -37.24
C LYS C 91 24.77 -33.14 -38.51
N SER C 92 23.44 -33.23 -38.40
CA SER C 92 22.56 -33.32 -39.56
C SER C 92 21.81 -32.02 -39.83
N ARG C 93 22.21 -30.92 -39.23
CA ARG C 93 21.55 -29.64 -39.42
C ARG C 93 22.15 -28.90 -40.61
N ASP C 94 21.34 -28.08 -41.25
CA ASP C 94 21.83 -27.23 -42.32
C ASP C 94 22.63 -26.06 -41.73
N LEU C 95 23.67 -25.65 -42.46
CA LEU C 95 24.55 -24.59 -41.98
C LEU C 95 23.93 -23.20 -42.09
N VAL C 96 22.79 -23.06 -42.75
CA VAL C 96 22.14 -21.76 -42.90
C VAL C 96 20.69 -21.86 -42.46
N VAL C 97 20.00 -22.91 -42.88
CA VAL C 97 18.58 -23.09 -42.59
C VAL C 97 18.43 -23.67 -41.20
N ASP C 98 17.53 -23.10 -40.41
CA ASP C 98 17.32 -23.48 -39.02
C ASP C 98 16.16 -24.45 -38.88
N THR C 99 16.19 -25.22 -37.79
CA THR C 99 15.14 -26.20 -37.52
C THR C 99 13.93 -25.52 -36.87
N PRO C 100 12.77 -25.51 -37.51
CA PRO C 100 11.60 -24.85 -36.93
C PRO C 100 10.88 -25.77 -35.96
N VAL C 101 9.81 -25.24 -35.36
CA VAL C 101 8.91 -26.03 -34.52
C VAL C 101 7.81 -26.58 -35.41
N THR C 102 7.67 -27.90 -35.43
CA THR C 102 6.68 -28.57 -36.27
C THR C 102 5.42 -28.87 -35.46
N LEU C 103 4.26 -28.72 -36.11
CA LEU C 103 2.98 -28.96 -35.48
C LEU C 103 2.12 -29.82 -36.40
N SER C 104 1.32 -30.67 -35.78
CA SER C 104 0.32 -31.47 -36.47
C SER C 104 -1.04 -30.78 -36.41
N PRO C 105 -1.88 -30.94 -37.43
CA PRO C 105 -3.23 -30.35 -37.38
C PRO C 105 -4.06 -30.83 -36.20
N GLU C 106 -3.77 -32.02 -35.66
CA GLU C 106 -4.49 -32.56 -34.51
C GLU C 106 -3.93 -32.08 -33.18
N ASP C 107 -2.82 -31.35 -33.17
CA ASP C 107 -2.29 -30.81 -31.93
C ASP C 107 -3.20 -29.73 -31.38
N SER C 108 -3.12 -29.52 -30.08
CA SER C 108 -3.95 -28.53 -29.42
C SER C 108 -3.31 -27.13 -29.51
N VAL C 109 -4.16 -26.11 -29.43
CA VAL C 109 -3.68 -24.74 -29.38
C VAL C 109 -2.82 -24.52 -28.14
N SER C 110 -3.13 -25.24 -27.05
CA SER C 110 -2.33 -25.14 -25.84
C SER C 110 -0.89 -25.55 -26.10
N ASP C 111 -0.68 -26.73 -26.68
CA ASP C 111 0.68 -27.16 -27.01
C ASP C 111 1.30 -26.32 -28.10
N ALA C 112 0.49 -25.83 -29.04
CA ALA C 112 1.02 -25.01 -30.12
C ALA C 112 1.57 -23.69 -29.59
N ASN C 113 0.93 -23.11 -28.59
CA ASN C 113 1.39 -21.84 -28.05
C ASN C 113 2.64 -22.02 -27.19
N ALA C 114 2.77 -23.14 -26.49
CA ALA C 114 3.92 -23.37 -25.62
C ALA C 114 5.14 -23.80 -26.42
N LEU C 115 4.95 -24.62 -27.46
CA LEU C 115 6.07 -25.06 -28.30
C LEU C 115 6.70 -23.92 -29.08
N LEU C 116 5.96 -22.82 -29.28
CA LEU C 116 6.49 -21.70 -30.05
C LEU C 116 7.73 -21.10 -29.39
N HIS C 117 7.77 -21.09 -28.06
CA HIS C 117 8.84 -20.44 -27.33
C HIS C 117 10.11 -21.28 -27.23
N LYS C 118 10.13 -22.46 -27.85
CA LYS C 118 11.36 -23.25 -27.91
C LYS C 118 12.30 -22.78 -29.02
N ARG C 119 11.84 -21.88 -29.88
CA ARG C 119 12.67 -21.27 -30.92
C ARG C 119 12.38 -19.78 -30.95
N ALA C 120 13.31 -19.03 -31.55
CA ALA C 120 13.19 -17.58 -31.68
C ALA C 120 12.54 -17.16 -32.99
N HIS C 121 11.85 -18.07 -33.67
CA HIS C 121 11.30 -17.76 -34.99
C HIS C 121 9.97 -17.02 -34.91
N GLY C 122 9.20 -17.24 -33.84
CA GLY C 122 7.90 -16.60 -33.72
C GLY C 122 6.80 -17.23 -34.54
N ALA C 123 7.09 -18.31 -35.28
CA ALA C 123 6.10 -19.02 -36.06
C ALA C 123 6.48 -20.48 -36.15
N ALA C 124 5.49 -21.35 -36.08
CA ALA C 124 5.69 -22.79 -36.18
C ALA C 124 5.09 -23.32 -37.46
N VAL C 125 5.76 -24.29 -38.08
CA VAL C 125 5.34 -24.84 -39.35
C VAL C 125 4.41 -26.02 -39.11
N VAL C 126 3.22 -25.97 -39.69
CA VAL C 126 2.30 -27.10 -39.63
C VAL C 126 2.65 -28.08 -40.75
N VAL C 127 2.85 -29.34 -40.39
CA VAL C 127 3.33 -30.34 -41.33
C VAL C 127 2.33 -31.49 -41.41
N PHE C 128 2.35 -32.17 -42.56
CA PHE C 128 1.58 -33.39 -42.77
C PHE C 128 2.44 -34.31 -43.63
N GLU C 129 2.89 -35.43 -43.04
CA GLU C 129 3.78 -36.37 -43.72
C GLU C 129 5.05 -35.67 -44.21
N GLY C 130 5.57 -34.76 -43.39
CA GLY C 130 6.83 -34.09 -43.67
C GLY C 130 6.76 -32.89 -44.59
N ARG C 131 5.57 -32.47 -45.01
CA ARG C 131 5.46 -31.35 -45.92
C ARG C 131 4.70 -30.19 -45.28
N PRO C 132 5.17 -28.96 -45.47
CA PRO C 132 4.51 -27.82 -44.82
C PRO C 132 3.15 -27.54 -45.43
N ILE C 133 2.17 -27.27 -44.56
CA ILE C 133 0.80 -27.01 -45.01
C ILE C 133 0.29 -25.71 -44.39
N GLY C 134 0.99 -25.18 -43.39
CA GLY C 134 0.53 -23.95 -42.76
C GLY C 134 1.52 -23.45 -41.73
N LEU C 135 1.24 -22.24 -41.25
CA LEU C 135 2.02 -21.58 -40.20
C LEU C 135 1.13 -21.26 -39.02
N VAL C 136 1.75 -21.21 -37.84
CA VAL C 136 1.05 -20.87 -36.59
C VAL C 136 1.91 -19.86 -35.84
N THR C 137 1.34 -18.70 -35.56
CA THR C 137 1.99 -17.66 -34.76
C THR C 137 1.26 -17.50 -33.43
N GLU C 138 1.87 -16.72 -32.53
CA GLU C 138 1.25 -16.51 -31.23
C GLU C 138 -0.01 -15.67 -31.36
N ALA C 139 -0.08 -14.80 -32.37
CA ALA C 139 -1.29 -14.02 -32.59
C ALA C 139 -2.46 -14.90 -33.01
N ASN C 140 -2.18 -16.04 -33.64
CA ASN C 140 -3.23 -16.99 -34.01
C ASN C 140 -3.77 -17.76 -32.82
N CYS C 141 -3.01 -17.84 -31.73
CA CYS C 141 -3.43 -18.57 -30.54
C CYS C 141 -4.07 -17.66 -29.49
N ALA C 142 -4.00 -16.35 -29.66
CA ALA C 142 -4.50 -15.42 -28.65
C ALA C 142 -6.02 -15.45 -28.60
N GLY C 143 -6.57 -15.75 -27.42
CA GLY C 143 -8.00 -15.73 -27.22
C GLY C 143 -8.76 -16.89 -27.81
N VAL C 144 -8.07 -17.92 -28.29
CA VAL C 144 -8.70 -19.09 -28.90
C VAL C 144 -8.85 -20.18 -27.85
N ASP C 145 -9.84 -21.06 -28.04
CA ASP C 145 -9.99 -22.26 -27.21
C ASP C 145 -8.65 -22.98 -27.11
N ARG C 146 -8.21 -23.23 -25.87
CA ARG C 146 -6.92 -23.87 -25.65
C ARG C 146 -6.91 -25.32 -26.10
N PHE C 147 -8.08 -25.92 -26.39
CA PHE C 147 -8.14 -27.26 -26.94
C PHE C 147 -8.74 -27.28 -28.34
N ALA C 148 -8.76 -26.14 -29.03
CA ALA C 148 -9.02 -26.15 -30.46
C ALA C 148 -7.82 -26.74 -31.20
N ARG C 149 -8.07 -27.23 -32.40
CA ARG C 149 -7.01 -27.86 -33.16
C ARG C 149 -6.17 -26.82 -33.89
N VAL C 150 -4.98 -27.25 -34.31
CA VAL C 150 -4.07 -26.37 -35.05
C VAL C 150 -4.68 -25.95 -36.38
N ARG C 151 -5.45 -26.85 -37.00
CA ARG C 151 -6.11 -26.53 -38.27
C ARG C 151 -7.12 -25.39 -38.15
N ASP C 152 -7.51 -25.02 -36.93
CA ASP C 152 -8.51 -23.98 -36.72
C ASP C 152 -7.92 -22.57 -36.69
N ILE C 153 -6.59 -22.43 -36.62
CA ILE C 153 -6.00 -21.10 -36.45
C ILE C 153 -4.81 -20.92 -37.38
N ALA C 154 -4.43 -21.98 -38.09
CA ALA C 154 -3.22 -21.95 -38.89
C ALA C 154 -3.43 -21.13 -40.16
N LEU C 155 -2.44 -20.31 -40.50
CA LEU C 155 -2.46 -19.58 -41.76
C LEU C 155 -2.16 -20.54 -42.91
N SER C 156 -2.97 -20.48 -43.97
CA SER C 156 -2.85 -21.44 -45.05
C SER C 156 -1.82 -21.04 -46.09
N ASP C 157 -1.48 -19.75 -46.18
CA ASP C 157 -0.51 -19.27 -47.17
C ASP C 157 0.74 -18.76 -46.47
N PHE C 158 1.90 -19.07 -47.05
CA PHE C 158 3.17 -18.66 -46.48
C PHE C 158 4.22 -18.66 -47.60
N VAL C 159 5.38 -18.08 -47.29
CA VAL C 159 6.45 -17.95 -48.26
C VAL C 159 7.26 -19.24 -48.28
N THR C 160 7.45 -19.80 -49.48
CA THR C 160 8.25 -21.00 -49.67
C THR C 160 9.42 -20.69 -50.60
N ALA C 161 10.54 -21.38 -50.37
CA ALA C 161 11.73 -21.22 -51.16
C ALA C 161 12.55 -22.50 -51.08
N PRO C 162 13.23 -22.91 -52.15
CA PRO C 162 14.00 -24.14 -52.09
C PRO C 162 15.29 -23.97 -51.32
N VAL C 163 15.71 -25.06 -50.66
CA VAL C 163 16.97 -25.05 -49.93
C VAL C 163 18.11 -24.87 -50.90
N GLY C 164 19.04 -23.98 -50.56
CA GLY C 164 20.11 -23.57 -51.44
C GLY C 164 19.95 -22.19 -52.00
N THR C 165 18.76 -21.59 -51.87
CA THR C 165 18.54 -20.23 -52.33
C THR C 165 19.45 -19.27 -51.56
N ASP C 166 19.99 -18.28 -52.27
CA ASP C 166 20.82 -17.26 -51.66
C ASP C 166 20.07 -16.58 -50.52
N PRO C 167 20.61 -16.55 -49.30
CA PRO C 167 19.94 -15.82 -48.21
C PRO C 167 19.63 -14.38 -48.56
N ARG C 168 20.40 -13.77 -49.47
CA ARG C 168 20.06 -12.44 -49.96
C ARG C 168 18.70 -12.44 -50.64
N GLU C 169 18.41 -13.46 -51.45
CA GLU C 169 17.12 -13.54 -52.12
C GLU C 169 16.01 -13.85 -51.12
N VAL C 170 16.29 -14.71 -50.14
CA VAL C 170 15.29 -15.00 -49.10
C VAL C 170 15.02 -13.76 -48.27
N PHE C 171 16.03 -12.90 -48.09
CA PHE C 171 15.83 -11.66 -47.34
C PHE C 171 14.87 -10.72 -48.07
N ASP C 172 14.95 -10.69 -49.41
CA ASP C 172 14.05 -9.84 -50.18
C ASP C 172 12.65 -10.43 -50.31
N LEU C 173 12.55 -11.77 -50.31
CA LEU C 173 11.24 -12.41 -50.36
C LEU C 173 10.40 -12.05 -49.14
N LEU C 174 11.02 -11.96 -47.98
CA LEU C 174 10.32 -11.70 -46.74
C LEU C 174 10.17 -10.21 -46.44
N GLU C 175 10.49 -9.34 -47.41
CA GLU C 175 10.42 -7.91 -47.18
C GLU C 175 8.99 -7.46 -46.90
N HIS C 176 8.04 -7.86 -47.75
CA HIS C 176 6.65 -7.46 -47.61
C HIS C 176 5.74 -8.62 -47.21
N ALA C 177 6.31 -9.70 -46.69
CA ALA C 177 5.49 -10.81 -46.24
C ALA C 177 4.89 -10.49 -44.87
N PRO C 178 3.63 -10.88 -44.62
CA PRO C 178 3.03 -10.60 -43.32
C PRO C 178 3.71 -11.34 -42.17
N ILE C 179 4.29 -12.51 -42.44
CA ILE C 179 5.01 -13.28 -41.43
C ILE C 179 6.47 -13.35 -41.86
N ASP C 180 7.38 -12.97 -40.96
CA ASP C 180 8.80 -12.91 -41.25
C ASP C 180 9.45 -14.30 -41.10
N VAL C 181 8.88 -15.26 -41.84
CA VAL C 181 9.36 -16.63 -41.84
C VAL C 181 9.24 -17.18 -43.25
N ALA C 182 10.34 -17.73 -43.76
CA ALA C 182 10.37 -18.37 -45.07
C ALA C 182 10.58 -19.87 -44.89
N VAL C 183 9.58 -20.65 -45.27
CA VAL C 183 9.63 -22.10 -45.09
C VAL C 183 10.44 -22.70 -46.24
N MET C 184 11.61 -23.26 -45.92
CA MET C 184 12.50 -23.82 -46.90
C MET C 184 12.16 -25.29 -47.15
N THR C 185 11.99 -25.66 -48.41
CA THR C 185 11.52 -26.99 -48.78
C THR C 185 12.55 -27.71 -49.63
N ALA C 186 12.55 -29.04 -49.52
CA ALA C 186 13.36 -29.90 -50.35
C ALA C 186 12.76 -29.97 -51.75
N PRO C 187 13.51 -30.47 -52.74
CA PRO C 187 12.95 -30.55 -54.10
C PRO C 187 11.67 -31.37 -54.20
N ASP C 188 11.46 -32.33 -53.30
CA ASP C 188 10.25 -33.13 -53.30
C ASP C 188 9.11 -32.49 -52.51
N GLY C 189 9.31 -31.28 -51.98
CA GLY C 189 8.28 -30.57 -51.26
C GLY C 189 8.30 -30.75 -49.76
N THR C 190 9.11 -31.65 -49.24
CA THR C 190 9.15 -31.88 -47.80
C THR C 190 9.78 -30.69 -47.08
N LEU C 191 9.46 -30.57 -45.80
CA LEU C 191 10.00 -29.48 -44.98
C LEU C 191 11.47 -29.73 -44.69
N ALA C 192 12.31 -28.72 -44.97
CA ALA C 192 13.72 -28.77 -44.64
C ALA C 192 14.14 -27.75 -43.60
N GLY C 193 13.26 -26.82 -43.25
CA GLY C 193 13.53 -25.84 -42.22
C GLY C 193 12.98 -24.49 -42.62
N VAL C 194 13.34 -23.47 -41.83
CA VAL C 194 12.89 -22.10 -42.06
C VAL C 194 14.09 -21.17 -42.04
N LEU C 195 13.85 -19.92 -42.43
CA LEU C 195 14.88 -18.89 -42.45
C LEU C 195 14.18 -17.54 -42.39
N THR C 196 14.50 -16.74 -41.39
CA THR C 196 13.91 -15.42 -41.21
C THR C 196 14.81 -14.35 -41.82
N ARG C 197 14.29 -13.12 -41.85
CA ARG C 197 15.10 -11.99 -42.32
C ARG C 197 16.34 -11.81 -41.44
N THR C 198 16.17 -11.90 -40.12
CA THR C 198 17.33 -11.81 -39.23
C THR C 198 18.23 -13.02 -39.39
N GLY C 199 17.66 -14.20 -39.62
CA GLY C 199 18.46 -15.38 -39.85
C GLY C 199 19.28 -15.32 -41.12
N ALA C 200 18.77 -14.62 -42.14
CA ALA C 200 19.53 -14.46 -43.38
C ALA C 200 20.68 -13.47 -43.22
N ILE C 201 20.49 -12.45 -42.37
CA ILE C 201 21.57 -11.50 -42.13
C ILE C 201 22.72 -12.18 -41.38
N ARG C 202 22.39 -12.95 -40.35
CA ARG C 202 23.42 -13.62 -39.55
C ARG C 202 24.19 -14.65 -40.35
N ALA C 203 23.61 -15.17 -41.43
CA ALA C 203 24.34 -16.10 -42.29
C ALA C 203 25.53 -15.41 -42.96
N GLY C 204 25.40 -14.12 -43.28
CA GLY C 204 26.47 -13.35 -43.87
C GLY C 204 27.41 -12.69 -42.90
N ILE C 205 27.16 -12.84 -41.60
CA ILE C 205 28.02 -12.26 -40.56
C ILE C 205 28.75 -13.34 -39.78
N TYR C 206 28.08 -14.43 -39.46
CA TYR C 206 28.65 -15.51 -38.66
C TYR C 206 29.04 -16.69 -39.54
N THR C 207 30.23 -17.23 -39.29
CA THR C 207 30.68 -18.44 -39.97
C THR C 207 30.42 -19.64 -39.08
N PRO C 208 29.67 -20.63 -39.52
CA PRO C 208 29.38 -21.78 -38.66
C PRO C 208 30.64 -22.56 -38.30
N ALA C 209 30.65 -23.08 -37.08
CA ALA C 209 31.75 -23.93 -36.62
C ALA C 209 31.51 -25.35 -37.12
N VAL C 210 32.34 -25.79 -38.06
CA VAL C 210 32.13 -27.08 -38.72
C VAL C 210 33.36 -27.95 -38.52
N ASP C 211 33.14 -29.27 -38.61
CA ASP C 211 34.21 -30.25 -38.53
C ASP C 211 34.80 -30.46 -39.92
N ALA C 212 35.59 -31.52 -40.09
CA ALA C 212 36.19 -31.81 -41.38
C ALA C 212 35.16 -32.21 -42.42
N LYS C 213 34.01 -32.73 -42.01
CA LYS C 213 32.95 -33.14 -42.92
C LYS C 213 31.91 -32.04 -43.15
N GLY C 214 32.17 -30.82 -42.68
CA GLY C 214 31.24 -29.73 -42.90
C GLY C 214 29.98 -29.81 -42.07
N ARG C 215 30.03 -30.45 -40.91
CA ARG C 215 28.89 -30.56 -40.00
C ARG C 215 29.15 -29.73 -38.76
N LEU C 216 28.06 -29.23 -38.16
CA LEU C 216 28.17 -28.35 -37.01
C LEU C 216 28.92 -29.03 -35.87
N ARG C 217 29.80 -28.27 -35.22
CA ARG C 217 30.63 -28.80 -34.15
C ARG C 217 29.84 -28.91 -32.85
N ILE C 218 30.32 -29.79 -31.97
CA ILE C 218 29.72 -30.00 -30.66
C ILE C 218 30.75 -30.69 -29.78
N ALA C 219 30.80 -30.27 -28.51
CA ALA C 219 31.73 -30.81 -27.54
C ALA C 219 30.97 -31.55 -26.44
N ALA C 220 31.73 -32.30 -25.64
CA ALA C 220 31.15 -33.07 -24.55
C ALA C 220 32.10 -33.05 -23.35
N ALA C 221 31.52 -33.08 -22.16
CA ALA C 221 32.27 -33.01 -20.92
C ALA C 221 32.22 -34.35 -20.19
N VAL C 222 33.23 -34.58 -19.35
CA VAL C 222 33.35 -35.81 -18.60
C VAL C 222 33.97 -35.50 -17.25
N GLY C 223 33.41 -36.09 -16.19
CA GLY C 223 33.98 -35.94 -14.86
C GLY C 223 35.14 -36.90 -14.62
N ILE C 224 35.84 -36.68 -13.52
CA ILE C 224 37.02 -37.46 -13.19
C ILE C 224 36.64 -38.62 -12.27
N ASN C 225 35.34 -38.89 -12.15
CA ASN C 225 34.86 -40.04 -11.39
C ASN C 225 34.67 -41.24 -12.31
N GLY C 226 34.92 -42.43 -11.77
CA GLY C 226 34.78 -43.63 -12.56
C GLY C 226 35.90 -43.78 -13.58
N ASP C 227 35.59 -44.54 -14.62
CA ASP C 227 36.54 -44.78 -15.72
C ASP C 227 36.47 -43.59 -16.67
N VAL C 228 37.41 -42.67 -16.52
CA VAL C 228 37.42 -41.47 -17.37
C VAL C 228 37.80 -41.83 -18.80
N GLY C 229 38.75 -42.74 -18.97
CA GLY C 229 39.17 -43.12 -20.31
C GLY C 229 38.08 -43.82 -21.10
N ALA C 230 37.28 -44.65 -20.44
CA ALA C 230 36.20 -45.36 -21.13
C ALA C 230 35.08 -44.39 -21.53
N LYS C 231 34.71 -43.48 -20.62
CA LYS C 231 33.68 -42.49 -20.95
C LYS C 231 34.17 -41.53 -22.03
N ALA C 232 35.44 -41.16 -21.99
CA ALA C 232 35.98 -40.24 -22.99
C ALA C 232 35.99 -40.86 -24.38
N GLN C 233 36.38 -42.14 -24.47
CA GLN C 233 36.39 -42.80 -25.76
C GLN C 233 34.98 -43.01 -26.30
N ALA C 234 34.00 -43.22 -25.42
CA ALA C 234 32.62 -43.35 -25.87
C ALA C 234 32.09 -42.03 -26.40
N LEU C 235 32.50 -40.91 -25.79
CA LEU C 235 32.08 -39.60 -26.29
C LEU C 235 32.73 -39.29 -27.63
N ALA C 236 33.98 -39.70 -27.82
CA ALA C 236 34.67 -39.45 -29.08
C ALA C 236 34.01 -40.23 -30.22
N GLU C 237 33.71 -41.51 -29.98
CA GLU C 237 33.06 -42.32 -30.99
C GLU C 237 31.61 -41.88 -31.25
N ALA C 238 31.00 -41.19 -30.28
CA ALA C 238 29.65 -40.67 -30.49
C ALA C 238 29.62 -39.51 -31.47
N GLY C 239 30.77 -38.89 -31.74
CA GLY C 239 30.84 -37.82 -32.71
C GLY C 239 31.31 -36.49 -32.13
N ALA C 240 31.77 -36.50 -30.88
CA ALA C 240 32.21 -35.26 -30.25
C ALA C 240 33.49 -34.76 -30.90
N ASP C 241 33.55 -33.44 -31.12
CA ASP C 241 34.70 -32.79 -31.71
C ASP C 241 35.70 -32.28 -30.68
N LEU C 242 35.30 -32.23 -29.40
CA LEU C 242 36.16 -31.71 -28.36
C LEU C 242 35.70 -32.30 -27.03
N LEU C 243 36.66 -32.59 -26.16
CA LEU C 243 36.39 -33.21 -24.86
C LEU C 243 36.83 -32.29 -23.75
N VAL C 244 35.97 -32.16 -22.73
CA VAL C 244 36.25 -31.33 -21.56
C VAL C 244 36.29 -32.22 -20.33
N ILE C 245 37.45 -32.30 -19.69
CA ILE C 245 37.62 -33.02 -18.44
C ILE C 245 37.41 -31.99 -17.32
N ASP C 246 36.22 -31.99 -16.73
CA ASP C 246 35.76 -30.93 -15.85
C ASP C 246 35.65 -31.42 -14.42
N THR C 247 36.15 -30.61 -13.49
CA THR C 247 35.99 -30.88 -12.07
C THR C 247 36.10 -29.57 -11.31
N ALA C 248 35.65 -29.58 -10.05
CA ALA C 248 35.65 -28.36 -9.25
C ALA C 248 37.07 -27.90 -8.95
N HIS C 249 37.90 -28.78 -8.42
CA HIS C 249 39.30 -28.47 -8.11
C HIS C 249 40.18 -29.24 -9.11
N GLY C 250 40.62 -28.53 -10.15
CA GLY C 250 41.40 -29.18 -11.19
C GLY C 250 42.81 -29.51 -10.78
N HIS C 251 43.39 -28.73 -9.85
CA HIS C 251 44.76 -28.96 -9.41
C HIS C 251 44.79 -30.10 -8.38
N GLN C 252 44.36 -31.28 -8.83
CA GLN C 252 44.21 -32.44 -7.99
C GLN C 252 44.91 -33.64 -8.64
N ALA C 253 45.41 -34.54 -7.80
CA ALA C 253 46.09 -35.72 -8.32
C ALA C 253 45.15 -36.60 -9.15
N LYS C 254 43.89 -36.69 -8.74
CA LYS C 254 42.94 -37.52 -9.48
C LYS C 254 42.62 -36.93 -10.85
N MET C 255 42.77 -35.61 -10.99
CA MET C 255 42.60 -34.98 -12.30
C MET C 255 43.79 -35.24 -13.21
N LEU C 256 45.01 -35.12 -12.65
CA LEU C 256 46.21 -35.37 -13.46
C LEU C 256 46.22 -36.79 -14.02
N ASP C 257 45.75 -37.76 -13.24
CA ASP C 257 45.65 -39.12 -13.74
C ASP C 257 44.56 -39.25 -14.79
N ALA C 258 43.46 -38.50 -14.65
CA ALA C 258 42.38 -38.56 -15.63
C ALA C 258 42.81 -37.96 -16.97
N ILE C 259 43.69 -36.96 -16.94
CA ILE C 259 44.19 -36.38 -18.19
C ILE C 259 45.13 -37.36 -18.88
N LYS C 260 46.06 -37.95 -18.12
CA LYS C 260 46.99 -38.92 -18.69
C LYS C 260 46.27 -40.13 -19.24
N ALA C 261 45.13 -40.51 -18.66
CA ALA C 261 44.38 -41.66 -19.14
C ALA C 261 43.75 -41.37 -20.50
N VAL C 262 43.11 -40.21 -20.63
CA VAL C 262 42.44 -39.87 -21.89
C VAL C 262 43.46 -39.51 -22.96
N ALA C 263 44.55 -38.83 -22.58
CA ALA C 263 45.56 -38.44 -23.56
C ALA C 263 46.30 -39.65 -24.12
N SER C 264 46.51 -40.68 -23.30
CA SER C 264 47.22 -41.87 -23.76
C SER C 264 46.43 -42.65 -24.81
N LEU C 265 45.10 -42.50 -24.83
CA LEU C 265 44.29 -43.22 -25.79
C LEU C 265 44.43 -42.68 -27.21
N ASP C 266 44.99 -41.48 -27.38
CA ASP C 266 45.27 -40.89 -28.68
C ASP C 266 44.00 -40.84 -29.53
N LEU C 267 42.98 -40.19 -28.98
CA LEU C 267 41.68 -40.08 -29.65
C LEU C 267 41.67 -38.99 -30.73
N GLY C 268 42.74 -38.22 -30.87
CA GLY C 268 42.80 -37.20 -31.90
C GLY C 268 41.86 -36.03 -31.69
N LEU C 269 41.56 -35.69 -30.45
CA LEU C 269 40.68 -34.60 -30.12
C LEU C 269 41.35 -33.65 -29.13
N PRO C 270 41.05 -32.36 -29.21
CA PRO C 270 41.60 -31.43 -28.22
C PRO C 270 41.02 -31.68 -26.84
N LEU C 271 41.89 -31.69 -25.84
CA LEU C 271 41.52 -32.00 -24.46
C LEU C 271 41.52 -30.72 -23.63
N VAL C 272 40.36 -30.38 -23.07
CA VAL C 272 40.20 -29.25 -22.17
C VAL C 272 40.11 -29.80 -20.75
N ALA C 273 40.87 -29.21 -19.83
CA ALA C 273 40.89 -29.64 -18.44
C ALA C 273 40.77 -28.44 -17.51
N GLY C 274 40.02 -28.62 -16.43
CA GLY C 274 39.82 -27.55 -15.48
C GLY C 274 39.07 -28.05 -14.26
N ASN C 275 38.92 -27.17 -13.28
CA ASN C 275 39.38 -25.80 -13.39
C ASN C 275 40.51 -25.47 -12.41
N VAL C 276 41.38 -24.55 -12.80
CA VAL C 276 42.44 -24.04 -11.96
C VAL C 276 42.47 -22.52 -12.10
N VAL C 277 43.17 -21.87 -11.17
CA VAL C 277 43.30 -20.42 -11.18
C VAL C 277 44.72 -19.99 -10.83
N SER C 278 45.66 -20.92 -10.97
CA SER C 278 47.07 -20.64 -10.67
C SER C 278 47.94 -21.05 -11.85
N ALA C 279 49.13 -20.46 -11.91
CA ALA C 279 50.08 -20.81 -12.97
C ALA C 279 50.60 -22.22 -12.80
N GLU C 280 50.85 -22.64 -11.56
CA GLU C 280 51.32 -24.00 -11.32
C GLU C 280 50.27 -25.02 -11.74
N GLY C 281 49.00 -24.77 -11.42
CA GLY C 281 47.94 -25.68 -11.83
C GLY C 281 47.74 -25.73 -13.33
N THR C 282 48.08 -24.64 -14.02
CA THR C 282 47.95 -24.62 -15.48
C THR C 282 49.03 -25.48 -16.13
N ARG C 283 50.27 -25.37 -15.65
CA ARG C 283 51.36 -26.16 -16.23
C ARG C 283 51.22 -27.63 -15.91
N ASP C 284 50.76 -27.96 -14.70
CA ASP C 284 50.59 -29.36 -14.32
C ASP C 284 49.50 -30.03 -15.15
N LEU C 285 48.47 -29.28 -15.55
CA LEU C 285 47.41 -29.85 -16.36
C LEU C 285 47.85 -30.01 -17.81
N ILE C 286 48.62 -29.05 -18.34
CA ILE C 286 49.10 -29.15 -19.72
C ILE C 286 50.09 -30.30 -19.85
N GLU C 287 51.05 -30.39 -18.93
CA GLU C 287 52.02 -31.48 -18.97
C GLU C 287 51.36 -32.83 -18.75
N ALA C 288 50.18 -32.87 -18.14
CA ALA C 288 49.46 -34.13 -17.99
C ALA C 288 48.86 -34.60 -19.30
N GLY C 289 48.75 -33.73 -20.29
CA GLY C 289 48.24 -34.13 -21.58
C GLY C 289 47.09 -33.28 -22.10
N ALA C 290 46.81 -32.18 -21.41
CA ALA C 290 45.72 -31.29 -21.79
C ALA C 290 46.20 -30.21 -22.74
N SER C 291 45.40 -29.93 -23.77
CA SER C 291 45.72 -28.88 -24.73
C SER C 291 45.17 -27.52 -24.33
N ILE C 292 44.05 -27.49 -23.62
CA ILE C 292 43.41 -26.26 -23.17
C ILE C 292 43.11 -26.37 -21.68
N VAL C 293 43.35 -25.29 -20.95
CA VAL C 293 43.11 -25.25 -19.51
C VAL C 293 41.92 -24.33 -19.25
N LYS C 294 40.90 -24.87 -18.59
CA LYS C 294 39.71 -24.10 -18.23
C LYS C 294 39.95 -23.42 -16.89
N VAL C 295 39.77 -22.10 -16.85
CA VAL C 295 40.11 -21.28 -15.68
C VAL C 295 38.82 -20.76 -15.06
N GLY C 296 38.70 -20.91 -13.74
CA GLY C 296 37.55 -20.44 -13.02
C GLY C 296 37.23 -21.24 -11.77
N VAL C 297 37.63 -20.73 -10.61
CA VAL C 297 37.34 -21.35 -9.33
C VAL C 297 36.81 -20.26 -8.40
N GLY C 298 35.52 -20.30 -8.12
CA GLY C 298 34.87 -19.32 -7.27
C GLY C 298 35.19 -17.89 -7.64
N PRO C 299 34.72 -17.44 -8.81
CA PRO C 299 35.06 -16.08 -9.25
C PRO C 299 34.34 -14.99 -8.48
N GLY C 300 33.17 -15.28 -7.93
CA GLY C 300 32.41 -14.28 -7.19
C GLY C 300 32.73 -14.31 -5.71
N ALA C 301 32.99 -13.13 -5.15
CA ALA C 301 33.31 -13.01 -3.73
C ALA C 301 32.12 -13.30 -2.82
N MET C 302 30.90 -13.37 -3.36
CA MET C 302 29.72 -13.63 -2.55
C MET C 302 28.95 -14.86 -3.03
N CYS C 303 29.62 -15.80 -3.71
CA CYS C 303 28.96 -16.98 -4.24
C CYS C 303 29.15 -18.17 -3.31
N THR C 304 28.57 -19.31 -3.70
CA THR C 304 28.52 -20.47 -2.80
C THR C 304 29.91 -20.97 -2.43
N THR C 305 30.78 -21.16 -3.43
CA THR C 305 32.12 -21.66 -3.15
C THR C 305 32.90 -20.71 -2.25
N ARG C 306 32.81 -19.41 -2.50
CA ARG C 306 33.56 -18.44 -1.71
C ARG C 306 32.99 -18.34 -0.29
N MET C 307 31.66 -18.37 -0.15
CA MET C 307 31.06 -18.25 1.17
C MET C 307 31.16 -19.54 1.99
N MET C 308 31.28 -20.69 1.34
CA MET C 308 31.41 -21.95 2.07
C MET C 308 32.86 -22.20 2.49
N THR C 309 33.82 -21.95 1.59
CA THR C 309 35.20 -22.34 1.80
C THR C 309 36.18 -21.19 1.81
N GLY C 310 35.82 -20.02 1.29
CA GLY C 310 36.79 -18.95 1.13
C GLY C 310 37.79 -19.16 0.02
N VAL C 311 37.67 -20.23 -0.74
CA VAL C 311 38.60 -20.55 -1.81
C VAL C 311 38.09 -19.93 -3.10
N GLY C 312 39.02 -19.41 -3.89
CA GLY C 312 38.67 -18.77 -5.14
C GLY C 312 39.73 -17.76 -5.53
N ARG C 313 39.46 -17.06 -6.63
CA ARG C 313 40.37 -16.03 -7.09
C ARG C 313 39.63 -15.13 -8.07
N PRO C 314 39.84 -13.80 -8.02
CA PRO C 314 39.26 -12.93 -9.04
C PRO C 314 39.62 -13.40 -10.44
N GLN C 315 38.62 -13.40 -11.32
CA GLN C 315 38.76 -14.11 -12.58
C GLN C 315 39.75 -13.45 -13.52
N PHE C 316 39.77 -12.11 -13.58
CA PHE C 316 40.65 -11.44 -14.53
C PHE C 316 42.12 -11.70 -14.18
N SER C 317 42.49 -11.56 -12.91
CA SER C 317 43.85 -11.87 -12.50
C SER C 317 44.14 -13.36 -12.64
N ALA C 318 43.13 -14.21 -12.50
CA ALA C 318 43.32 -15.64 -12.71
C ALA C 318 43.61 -15.96 -14.17
N VAL C 319 42.86 -15.35 -15.08
CA VAL C 319 43.08 -15.60 -16.50
C VAL C 319 44.43 -15.04 -16.94
N VAL C 320 44.81 -13.86 -16.43
CA VAL C 320 46.09 -13.25 -16.80
C VAL C 320 47.24 -14.18 -16.46
N GLU C 321 47.25 -14.71 -15.24
CA GLU C 321 48.35 -15.58 -14.81
C GLU C 321 48.31 -16.92 -15.52
N CYS C 322 47.12 -17.49 -15.70
CA CYS C 322 47.00 -18.81 -16.30
C CYS C 322 47.25 -18.77 -17.80
N ALA C 323 46.81 -17.71 -18.48
CA ALA C 323 47.04 -17.63 -19.93
C ALA C 323 48.52 -17.44 -20.23
N ALA C 324 49.22 -16.66 -19.40
CA ALA C 324 50.66 -16.48 -19.60
C ALA C 324 51.41 -17.77 -19.35
N ALA C 325 51.00 -18.56 -18.36
CA ALA C 325 51.64 -19.85 -18.10
C ALA C 325 51.37 -20.84 -19.23
N ALA C 326 50.14 -20.83 -19.76
CA ALA C 326 49.81 -21.74 -20.85
C ALA C 326 50.47 -21.32 -22.16
N ARG C 327 50.74 -20.03 -22.32
CA ARG C 327 51.40 -19.57 -23.54
C ARG C 327 52.85 -20.04 -23.61
N GLN C 328 53.52 -20.12 -22.47
CA GLN C 328 54.90 -20.59 -22.44
C GLN C 328 55.02 -22.07 -22.81
N LEU C 329 53.94 -22.84 -22.66
CA LEU C 329 53.93 -24.25 -23.03
C LEU C 329 53.18 -24.50 -24.33
N GLY C 330 52.81 -23.44 -25.06
CA GLY C 330 52.04 -23.59 -26.27
C GLY C 330 50.59 -23.97 -26.09
N GLY C 331 50.05 -23.84 -24.87
CA GLY C 331 48.67 -24.17 -24.60
C GLY C 331 47.76 -22.95 -24.67
N HIS C 332 46.49 -23.17 -24.30
CA HIS C 332 45.48 -22.13 -24.36
C HIS C 332 44.66 -22.16 -23.07
N VAL C 333 43.86 -21.12 -22.86
CA VAL C 333 43.12 -20.93 -21.63
C VAL C 333 41.69 -20.51 -21.97
N TRP C 334 40.72 -21.18 -21.34
CA TRP C 334 39.32 -20.79 -21.43
C TRP C 334 38.92 -20.07 -20.15
N ALA C 335 38.32 -18.89 -20.30
CA ALA C 335 37.81 -18.12 -19.17
C ALA C 335 36.39 -18.60 -18.87
N ASP C 336 36.20 -19.25 -17.73
CA ASP C 336 34.96 -19.91 -17.38
C ASP C 336 34.38 -19.29 -16.12
N GLY C 337 33.18 -18.75 -16.23
CA GLY C 337 32.45 -18.31 -15.05
C GLY C 337 32.40 -16.79 -14.94
N GLY C 338 31.27 -16.29 -14.46
CA GLY C 338 31.12 -14.90 -14.11
C GLY C 338 30.81 -13.97 -15.25
N VAL C 339 30.57 -14.48 -16.45
CA VAL C 339 30.32 -13.62 -17.61
C VAL C 339 28.88 -13.12 -17.56
N ARG C 340 28.72 -11.80 -17.41
CA ARG C 340 27.41 -11.17 -17.35
C ARG C 340 27.16 -10.19 -18.48
N HIS C 341 28.19 -9.58 -19.04
CA HIS C 341 28.07 -8.55 -20.06
C HIS C 341 29.13 -8.79 -21.12
N PRO C 342 28.96 -8.19 -22.31
CA PRO C 342 29.97 -8.39 -23.37
C PRO C 342 31.36 -7.88 -23.00
N ARG C 343 31.47 -6.92 -22.07
CA ARG C 343 32.80 -6.48 -21.66
C ARG C 343 33.53 -7.55 -20.87
N ASP C 344 32.80 -8.46 -20.22
CA ASP C 344 33.45 -9.59 -19.56
C ASP C 344 34.11 -10.50 -20.58
N VAL C 345 33.49 -10.66 -21.75
CA VAL C 345 34.10 -11.46 -22.80
C VAL C 345 35.32 -10.75 -23.37
N ALA C 346 35.22 -9.45 -23.61
CA ALA C 346 36.33 -8.70 -24.18
C ALA C 346 37.52 -8.64 -23.22
N LEU C 347 37.25 -8.42 -21.94
CA LEU C 347 38.34 -8.37 -20.96
C LEU C 347 38.99 -9.74 -20.78
N ALA C 348 38.21 -10.82 -20.90
CA ALA C 348 38.80 -12.15 -20.80
C ALA C 348 39.75 -12.43 -21.96
N LEU C 349 39.36 -12.01 -23.17
CA LEU C 349 40.24 -12.19 -24.33
C LEU C 349 41.49 -11.32 -24.22
N ALA C 350 41.33 -10.09 -23.73
CA ALA C 350 42.48 -9.21 -23.55
C ALA C 350 43.44 -9.76 -22.50
N ALA C 351 42.93 -10.51 -21.53
CA ALA C 351 43.80 -11.10 -20.51
C ALA C 351 44.66 -12.23 -21.06
N GLY C 352 44.25 -12.83 -22.19
CA GLY C 352 45.03 -13.89 -22.79
C GLY C 352 44.26 -15.17 -23.07
N ALA C 353 42.97 -15.20 -22.76
CA ALA C 353 42.16 -16.39 -23.00
C ALA C 353 41.84 -16.53 -24.48
N SER C 354 41.78 -17.78 -24.95
CA SER C 354 41.42 -18.05 -26.34
C SER C 354 39.91 -18.13 -26.55
N ASN C 355 39.17 -18.58 -25.55
CA ASN C 355 37.72 -18.67 -25.63
C ASN C 355 37.13 -18.22 -24.29
N VAL C 356 35.83 -17.96 -24.29
CA VAL C 356 35.10 -17.52 -23.11
C VAL C 356 33.91 -18.45 -22.93
N MET C 357 33.83 -19.09 -21.77
CA MET C 357 32.76 -20.02 -21.47
C MET C 357 31.66 -19.31 -20.71
N ILE C 358 30.43 -19.39 -21.23
CA ILE C 358 29.29 -18.68 -20.68
C ILE C 358 28.24 -19.72 -20.27
N GLY C 359 27.67 -19.54 -19.08
CA GLY C 359 26.71 -20.50 -18.57
C GLY C 359 25.35 -19.92 -18.26
N SER C 360 25.19 -19.36 -17.06
CA SER C 360 23.87 -18.94 -16.58
C SER C 360 23.26 -17.85 -17.46
N TRP C 361 24.09 -17.02 -18.09
CA TRP C 361 23.56 -15.93 -18.90
C TRP C 361 22.72 -16.46 -20.05
N PHE C 362 23.17 -17.53 -20.72
CA PHE C 362 22.44 -18.10 -21.84
C PHE C 362 21.23 -18.91 -21.41
N ALA C 363 20.99 -19.09 -20.10
CA ALA C 363 19.81 -19.83 -19.66
C ALA C 363 18.53 -19.03 -19.91
N GLY C 364 18.62 -17.71 -19.89
CA GLY C 364 17.46 -16.86 -20.15
C GLY C 364 17.23 -16.64 -21.63
N THR C 365 17.11 -17.72 -22.39
CA THR C 365 16.86 -17.64 -23.82
C THR C 365 15.81 -18.67 -24.20
N TYR C 366 15.27 -18.53 -25.42
CA TYR C 366 14.29 -19.49 -25.90
C TYR C 366 14.92 -20.85 -26.13
N GLU C 367 16.18 -20.88 -26.58
CA GLU C 367 16.82 -22.12 -27.00
C GLU C 367 17.37 -22.94 -25.84
N SER C 368 17.35 -22.42 -24.62
CA SER C 368 17.84 -23.19 -23.48
C SER C 368 16.88 -24.33 -23.15
N PRO C 369 17.38 -25.43 -22.59
CA PRO C 369 16.51 -26.60 -22.33
C PRO C 369 15.46 -26.37 -21.26
N GLY C 370 15.50 -25.25 -20.53
CA GLY C 370 14.50 -25.00 -19.52
C GLY C 370 13.19 -24.53 -20.09
N ASP C 371 12.12 -24.75 -19.33
CA ASP C 371 10.79 -24.29 -19.72
C ASP C 371 10.65 -22.81 -19.45
N LEU C 372 9.96 -22.11 -20.35
CA LEU C 372 9.74 -20.68 -20.18
C LEU C 372 8.70 -20.45 -19.09
N LEU C 373 9.07 -19.66 -18.08
CA LEU C 373 8.21 -19.38 -16.94
C LEU C 373 7.92 -17.89 -16.86
N PHE C 374 6.84 -17.55 -16.16
CA PHE C 374 6.42 -16.17 -15.98
C PHE C 374 6.19 -15.90 -14.50
N ASP C 375 6.59 -14.71 -14.05
CA ASP C 375 6.44 -14.33 -12.66
C ASP C 375 5.07 -13.68 -12.45
N ARG C 376 4.88 -13.01 -11.31
CA ARG C 376 3.62 -12.35 -11.03
C ARG C 376 3.37 -11.18 -11.98
N ASP C 377 4.44 -10.57 -12.49
CA ASP C 377 4.34 -9.47 -13.44
C ASP C 377 4.29 -9.93 -14.89
N ASP C 378 4.09 -11.23 -15.12
CA ASP C 378 4.04 -11.82 -16.46
C ASP C 378 5.32 -11.52 -17.25
N ARG C 379 6.46 -11.48 -16.56
CA ARG C 379 7.73 -11.29 -17.25
C ARG C 379 8.37 -12.63 -17.56
N PRO C 380 8.87 -12.84 -18.77
CA PRO C 380 9.43 -14.15 -19.13
C PRO C 380 10.79 -14.37 -18.48
N TYR C 381 10.98 -15.58 -17.96
CA TYR C 381 12.25 -15.95 -17.34
C TYR C 381 12.39 -17.46 -17.39
N LYS C 382 13.62 -17.93 -17.22
CA LYS C 382 13.91 -19.34 -17.10
C LYS C 382 14.91 -19.54 -15.96
N GLU C 383 14.83 -20.71 -15.33
CA GLU C 383 15.66 -21.02 -14.18
C GLU C 383 17.01 -21.57 -14.60
N SER C 384 18.05 -21.16 -13.89
CA SER C 384 19.40 -21.67 -14.06
C SER C 384 19.87 -22.29 -12.76
N TYR C 385 20.63 -23.38 -12.87
CA TYR C 385 21.11 -24.09 -11.69
C TYR C 385 22.45 -24.73 -12.01
N GLY C 386 23.23 -24.99 -10.96
CA GLY C 386 24.55 -25.53 -11.12
C GLY C 386 24.58 -27.05 -11.18
N MET C 387 25.71 -27.57 -11.64
CA MET C 387 25.89 -29.02 -11.72
C MET C 387 26.10 -29.65 -10.35
N ALA C 388 26.52 -28.87 -9.36
CA ALA C 388 26.69 -29.34 -8.00
C ALA C 388 27.62 -30.55 -7.92
N SER C 389 27.06 -31.70 -7.56
CA SER C 389 27.88 -32.90 -7.36
C SER C 389 28.49 -33.43 -8.65
N LYS C 390 27.94 -33.06 -9.80
CA LYS C 390 28.46 -33.55 -11.08
C LYS C 390 29.81 -32.95 -11.45
N ARG C 391 30.36 -32.05 -10.63
CA ARG C 391 31.70 -31.53 -10.83
C ARG C 391 32.64 -31.86 -9.68
N ALA C 392 32.19 -32.60 -8.68
CA ALA C 392 32.99 -32.95 -7.53
C ALA C 392 33.36 -34.42 -7.56
N VAL C 393 34.35 -34.77 -6.75
CA VAL C 393 34.79 -36.16 -6.62
C VAL C 393 33.90 -36.88 -5.62
N ALA C 394 33.68 -38.17 -5.86
CA ALA C 394 32.82 -38.98 -5.00
C ALA C 394 33.50 -39.30 -3.67
N SER C 401 26.95 -48.32 1.17
CA SER C 401 25.78 -48.57 2.03
C SER C 401 24.81 -47.39 1.99
N SER C 402 23.58 -47.63 2.43
CA SER C 402 22.64 -46.53 2.59
C SER C 402 23.09 -45.53 3.65
N PHE C 403 23.95 -45.97 4.57
CA PHE C 403 24.58 -45.05 5.51
C PHE C 403 25.45 -44.03 4.78
N ASP C 404 26.16 -44.48 3.74
CA ASP C 404 27.02 -43.58 2.98
C ASP C 404 26.21 -42.64 2.08
N ARG C 405 25.04 -43.09 1.61
CA ARG C 405 24.24 -42.27 0.71
C ARG C 405 23.81 -40.97 1.39
N ALA C 406 23.38 -41.04 2.64
CA ALA C 406 22.98 -39.86 3.40
C ALA C 406 24.15 -39.22 4.14
N ARG C 407 25.23 -39.96 4.37
CA ARG C 407 26.47 -39.33 4.84
C ARG C 407 27.00 -38.35 3.79
N LYS C 408 26.71 -38.62 2.52
CA LYS C 408 27.09 -37.71 1.44
C LYS C 408 26.17 -36.50 1.38
N GLY C 409 24.85 -36.74 1.37
CA GLY C 409 23.90 -35.67 1.31
C GLY C 409 23.93 -34.73 2.50
N LEU C 410 24.49 -35.19 3.63
CA LEU C 410 24.59 -34.32 4.79
C LEU C 410 25.57 -33.18 4.53
N PHE C 411 26.68 -33.47 3.85
CA PHE C 411 27.70 -32.48 3.53
C PHE C 411 27.66 -32.04 2.06
N GLU C 412 26.73 -32.56 1.27
CA GLU C 412 26.71 -32.29 -0.15
C GLU C 412 26.41 -30.81 -0.42
N GLU C 413 26.91 -30.33 -1.55
CA GLU C 413 26.66 -28.95 -1.95
C GLU C 413 25.22 -28.81 -2.43
N GLY C 414 24.50 -27.85 -1.86
CA GLY C 414 23.13 -27.61 -2.27
C GLY C 414 23.07 -27.06 -3.70
N ILE C 415 21.97 -27.37 -4.38
CA ILE C 415 21.76 -26.91 -5.75
C ILE C 415 21.05 -25.56 -5.69
N SER C 416 21.76 -24.50 -6.08
CA SER C 416 21.19 -23.17 -6.11
C SER C 416 20.40 -22.96 -7.38
N THR C 417 19.33 -22.16 -7.28
CA THR C 417 18.46 -21.87 -8.40
C THR C 417 18.30 -20.36 -8.54
N SER C 418 18.44 -19.85 -9.76
CA SER C 418 18.32 -18.43 -10.03
C SER C 418 17.40 -18.21 -11.22
N ARG C 419 16.74 -17.06 -11.21
CA ARG C 419 15.83 -16.68 -12.29
C ARG C 419 16.60 -15.84 -13.31
N MET C 420 16.57 -16.26 -14.57
CA MET C 420 17.25 -15.56 -15.66
C MET C 420 16.18 -14.94 -16.56
N SER C 421 16.05 -13.62 -16.49
CA SER C 421 15.00 -12.92 -17.23
C SER C 421 15.35 -12.86 -18.71
N LEU C 422 14.34 -13.07 -19.55
CA LEU C 422 14.48 -12.93 -20.99
C LEU C 422 14.17 -11.49 -21.40
N ASP C 423 14.89 -11.01 -22.40
CA ASP C 423 14.57 -9.72 -22.98
C ASP C 423 13.28 -9.85 -23.79
N PRO C 424 12.23 -9.09 -23.46
CA PRO C 424 10.95 -9.26 -24.16
C PRO C 424 11.02 -8.96 -25.65
N ALA C 425 12.08 -8.29 -26.12
CA ALA C 425 12.22 -7.97 -27.53
C ALA C 425 13.24 -8.84 -28.25
N ARG C 426 14.15 -9.50 -27.52
CA ARG C 426 15.23 -10.29 -28.10
C ARG C 426 15.53 -11.44 -27.14
N GLY C 427 14.62 -12.40 -27.07
CA GLY C 427 14.75 -13.53 -26.19
C GLY C 427 15.57 -14.70 -26.72
N GLY C 428 16.12 -14.58 -27.92
CA GLY C 428 16.92 -15.65 -28.49
C GLY C 428 18.38 -15.56 -28.10
N VAL C 429 19.06 -16.70 -28.16
CA VAL C 429 20.48 -16.73 -27.80
C VAL C 429 21.32 -16.06 -28.88
N GLU C 430 20.83 -16.05 -30.12
CA GLU C 430 21.55 -15.35 -31.19
C GLU C 430 21.55 -13.85 -30.95
N ASP C 431 20.51 -13.33 -30.30
CA ASP C 431 20.50 -11.91 -29.95
C ASP C 431 21.58 -11.58 -28.93
N LEU C 432 21.80 -12.46 -27.96
CA LEU C 432 22.93 -12.29 -27.05
C LEU C 432 24.25 -12.43 -27.79
N LEU C 433 24.32 -13.34 -28.76
CA LEU C 433 25.54 -13.46 -29.57
C LEU C 433 25.77 -12.21 -30.39
N ASP C 434 24.71 -11.58 -30.88
CA ASP C 434 24.85 -10.29 -31.55
C ASP C 434 25.36 -9.23 -30.58
N HIS C 435 24.86 -9.25 -29.35
CA HIS C 435 25.28 -8.27 -28.36
C HIS C 435 26.73 -8.49 -27.93
N ILE C 436 27.12 -9.75 -27.75
CA ILE C 436 28.48 -10.05 -27.29
C ILE C 436 29.49 -9.74 -28.37
N THR C 437 29.26 -10.26 -29.58
CA THR C 437 30.23 -10.06 -30.66
C THR C 437 30.31 -8.60 -31.10
N SER C 438 29.22 -7.83 -30.93
CA SER C 438 29.27 -6.41 -31.22
C SER C 438 30.26 -5.69 -30.30
N GLY C 439 30.26 -6.04 -29.02
CA GLY C 439 31.16 -5.39 -28.08
C GLY C 439 32.60 -5.82 -28.26
N VAL C 440 32.83 -7.12 -28.51
CA VAL C 440 34.19 -7.61 -28.70
C VAL C 440 34.80 -7.00 -29.95
N ARG C 441 34.00 -6.85 -31.02
CA ARG C 441 34.52 -6.24 -32.24
C ARG C 441 34.85 -4.76 -32.03
N SER C 442 34.03 -4.05 -31.25
CA SER C 442 34.33 -2.65 -30.97
C SER C 442 35.56 -2.51 -30.09
N THR C 443 35.77 -3.45 -29.15
CA THR C 443 36.97 -3.43 -28.33
C THR C 443 38.22 -3.55 -29.18
N CYS C 444 38.19 -4.45 -30.17
CA CYS C 444 39.33 -4.60 -31.07
C CYS C 444 39.56 -3.33 -31.89
N THR C 445 38.48 -2.62 -32.22
CA THR C 445 38.62 -1.35 -32.95
C THR C 445 39.24 -0.28 -32.05
N TYR C 446 38.81 -0.21 -30.78
CA TYR C 446 39.40 0.75 -29.85
C TYR C 446 40.87 0.45 -29.62
N VAL C 447 41.23 -0.84 -29.51
CA VAL C 447 42.62 -1.21 -29.29
C VAL C 447 43.43 -1.06 -30.57
N GLY C 448 42.82 -1.31 -31.72
CA GLY C 448 43.53 -1.35 -32.98
C GLY C 448 43.89 -2.73 -33.46
N ALA C 449 43.13 -3.75 -33.05
CA ALA C 449 43.43 -5.13 -33.39
C ALA C 449 42.51 -5.63 -34.49
N ALA C 450 43.07 -6.36 -35.45
CA ALA C 450 42.30 -6.94 -36.54
C ALA C 450 41.85 -8.36 -36.23
N ASN C 451 42.35 -8.97 -35.16
CA ASN C 451 41.97 -10.33 -34.79
C ASN C 451 42.21 -10.51 -33.31
N LEU C 452 41.80 -11.66 -32.79
CA LEU C 452 41.94 -11.94 -31.36
C LEU C 452 43.40 -12.00 -30.89
N PRO C 453 44.34 -12.61 -31.62
CA PRO C 453 45.74 -12.56 -31.16
C PRO C 453 46.29 -11.15 -31.04
N GLU C 454 45.86 -10.23 -31.91
CA GLU C 454 46.32 -8.85 -31.80
C GLU C 454 45.67 -8.13 -30.62
N LEU C 455 44.46 -8.54 -30.23
CA LEU C 455 43.82 -7.93 -29.08
C LEU C 455 44.65 -8.13 -27.82
N HIS C 456 45.06 -9.37 -27.56
CA HIS C 456 45.95 -9.65 -26.43
C HIS C 456 47.32 -9.01 -26.61
N GLU C 457 47.71 -8.71 -27.85
CA GLU C 457 49.05 -8.17 -28.09
C GLU C 457 49.12 -6.67 -27.85
N LYS C 458 48.10 -5.93 -28.28
CA LYS C 458 48.17 -4.47 -28.34
C LYS C 458 47.35 -3.77 -27.27
N VAL C 459 46.67 -4.52 -26.40
CA VAL C 459 45.79 -3.91 -25.41
C VAL C 459 46.62 -3.33 -24.27
N VAL C 460 46.15 -2.21 -23.73
CA VAL C 460 46.74 -1.58 -22.55
C VAL C 460 45.66 -1.48 -21.49
N LEU C 461 45.86 -2.16 -20.38
CA LEU C 461 44.88 -2.23 -19.30
C LEU C 461 45.15 -1.18 -18.23
N GLY C 462 44.09 -0.85 -17.49
CA GLY C 462 44.20 0.06 -16.38
C GLY C 462 43.28 -0.38 -15.25
N VAL C 463 43.60 0.08 -14.05
CA VAL C 463 42.86 -0.26 -12.84
C VAL C 463 42.06 0.95 -12.41
N GLN C 464 40.83 0.71 -11.94
CA GLN C 464 39.95 1.76 -11.45
C GLN C 464 39.49 1.43 -10.04
N SER C 465 39.14 2.47 -9.30
CA SER C 465 38.65 2.30 -7.93
C SER C 465 37.16 1.99 -7.95
N ALA C 466 36.52 2.05 -6.79
CA ALA C 466 35.08 1.74 -6.71
C ALA C 466 34.25 2.80 -7.41
N ALA C 467 34.70 4.06 -7.40
CA ALA C 467 33.96 5.14 -8.05
C ALA C 467 34.11 5.06 -9.57
N VAL D 2 50.31 19.50 -12.42
CA VAL D 2 49.46 19.24 -11.25
C VAL D 2 50.29 18.73 -10.08
N ARG D 3 49.99 19.21 -8.89
CA ARG D 3 50.68 18.83 -7.67
C ARG D 3 49.74 18.03 -6.79
N PHE D 4 50.16 16.81 -6.42
CA PHE D 4 49.43 15.98 -5.49
C PHE D 4 50.11 16.00 -4.12
N LEU D 5 49.32 15.73 -3.09
CA LEU D 5 49.86 15.62 -1.75
C LEU D 5 50.90 14.50 -1.67
N ASP D 6 51.82 14.62 -0.72
CA ASP D 6 52.87 13.62 -0.57
C ASP D 6 52.27 12.26 -0.25
N GLY D 7 52.69 11.25 -1.02
CA GLY D 7 52.21 9.90 -0.85
C GLY D 7 50.98 9.55 -1.65
N HIS D 8 50.29 10.54 -2.22
CA HIS D 8 49.06 10.30 -2.98
C HIS D 8 49.41 9.89 -4.41
N THR D 9 49.97 8.69 -4.52
CA THR D 9 50.32 8.06 -5.79
C THR D 9 49.55 6.75 -5.88
N PRO D 10 48.26 6.80 -6.22
CA PRO D 10 47.46 5.58 -6.22
C PRO D 10 47.80 4.67 -7.39
N ALA D 11 47.59 3.37 -7.19
CA ALA D 11 47.80 2.37 -8.23
C ALA D 11 46.59 2.22 -9.14
N TYR D 12 45.93 3.32 -9.46
CA TYR D 12 44.74 3.29 -10.30
C TYR D 12 44.47 4.70 -10.81
N ASP D 13 43.63 4.79 -11.83
CA ASP D 13 43.24 6.07 -12.38
C ASP D 13 42.05 6.65 -11.61
N LEU D 14 41.90 7.97 -11.70
CA LEU D 14 41.03 8.73 -10.81
C LEU D 14 39.85 9.30 -11.58
N THR D 15 38.66 9.19 -10.98
CA THR D 15 37.47 9.87 -11.48
C THR D 15 37.31 11.20 -10.74
N TYR D 16 36.21 11.90 -11.03
CA TYR D 16 35.92 13.13 -10.31
C TYR D 16 35.57 12.89 -8.84
N ASN D 17 35.14 11.67 -8.50
CA ASN D 17 34.83 11.32 -7.12
C ASN D 17 36.05 10.92 -6.31
N ASP D 18 37.17 10.62 -6.97
CA ASP D 18 38.37 10.11 -6.32
C ASP D 18 39.27 11.20 -5.76
N VAL D 19 39.08 12.46 -6.15
CA VAL D 19 40.02 13.52 -5.84
C VAL D 19 39.33 14.65 -5.11
N PHE D 20 40.14 15.44 -4.39
CA PHE D 20 39.70 16.66 -3.74
C PHE D 20 40.77 17.72 -3.89
N VAL D 21 40.37 18.98 -3.75
CA VAL D 21 41.27 20.12 -3.88
C VAL D 21 41.61 20.64 -2.49
N VAL D 22 42.90 20.79 -2.21
CA VAL D 22 43.37 21.33 -0.94
C VAL D 22 43.49 22.84 -1.04
N PRO D 23 42.88 23.60 -0.14
CA PRO D 23 43.00 25.06 -0.21
C PRO D 23 44.41 25.52 0.10
N GLY D 24 44.77 26.68 -0.47
CA GLY D 24 46.07 27.26 -0.25
C GLY D 24 45.95 28.72 0.14
N ARG D 25 47.11 29.33 0.42
CA ARG D 25 47.14 30.74 0.79
C ARG D 25 46.65 31.59 -0.37
N SER D 26 45.64 32.42 -0.08
CA SER D 26 44.92 33.15 -1.12
C SER D 26 44.95 34.65 -0.85
N ASP D 27 45.12 35.42 -1.92
CA ASP D 27 44.96 36.87 -1.89
C ASP D 27 43.70 37.31 -2.61
N VAL D 28 42.97 36.38 -3.24
CA VAL D 28 41.75 36.70 -3.96
C VAL D 28 40.66 37.05 -2.93
N ALA D 29 40.24 38.31 -2.92
CA ALA D 29 39.27 38.76 -1.93
C ALA D 29 37.88 38.21 -2.24
N SER D 30 37.32 38.56 -3.39
CA SER D 30 35.96 38.20 -3.75
C SER D 30 35.95 37.23 -4.93
N ARG D 31 34.83 36.51 -5.04
CA ARG D 31 34.67 35.60 -6.17
C ARG D 31 34.54 36.34 -7.50
N PHE D 32 34.05 37.58 -7.46
CA PHE D 32 33.92 38.38 -8.67
C PHE D 32 35.24 38.95 -9.15
N ASP D 33 36.32 38.79 -8.38
CA ASP D 33 37.65 39.18 -8.84
C ASP D 33 38.29 38.12 -9.73
N VAL D 34 37.68 36.95 -9.85
CA VAL D 34 38.22 35.86 -10.66
C VAL D 34 37.83 36.07 -12.12
N ASP D 35 38.79 35.89 -13.02
CA ASP D 35 38.56 35.97 -14.46
C ASP D 35 38.37 34.55 -15.00
N LEU D 36 37.13 34.21 -15.33
CA LEU D 36 36.80 32.88 -15.83
C LEU D 36 36.97 32.75 -17.34
N SER D 37 37.59 33.73 -17.99
CA SER D 37 37.75 33.66 -19.44
C SER D 37 38.80 32.62 -19.81
N THR D 38 38.55 31.93 -20.93
CA THR D 38 39.44 30.87 -21.40
C THR D 38 40.50 31.43 -22.34
N VAL D 39 41.52 30.60 -22.61
CA VAL D 39 42.68 31.05 -23.37
C VAL D 39 42.95 30.12 -24.55
N ASP D 40 41.97 29.27 -24.87
CA ASP D 40 42.14 28.29 -25.94
C ASP D 40 41.67 28.77 -27.30
N GLY D 41 41.43 30.07 -27.45
CA GLY D 41 40.94 30.60 -28.71
C GLY D 41 39.49 30.30 -29.02
N SER D 42 38.71 29.83 -28.03
CA SER D 42 37.30 29.56 -28.25
C SER D 42 36.44 30.81 -28.10
N GLY D 43 36.94 31.84 -27.42
CA GLY D 43 36.19 33.06 -27.22
C GLY D 43 35.22 33.04 -26.06
N THR D 44 35.20 31.95 -25.27
CA THR D 44 34.28 31.86 -24.14
C THR D 44 34.84 32.62 -22.95
N THR D 45 33.99 33.41 -22.30
CA THR D 45 34.37 34.10 -21.08
C THR D 45 34.08 33.28 -19.82
N ILE D 46 33.41 32.14 -19.96
CA ILE D 46 33.28 31.16 -18.88
C ILE D 46 33.64 29.79 -19.45
N PRO D 47 34.25 28.90 -18.65
CA PRO D 47 34.72 27.61 -19.16
C PRO D 47 33.61 26.57 -19.32
N VAL D 48 32.55 26.94 -20.03
CA VAL D 48 31.39 26.06 -20.24
C VAL D 48 31.13 25.97 -21.74
N VAL D 49 31.10 24.75 -22.26
CA VAL D 49 30.80 24.49 -23.66
C VAL D 49 29.67 23.47 -23.71
N VAL D 50 28.61 23.79 -24.47
CA VAL D 50 27.48 22.88 -24.59
C VAL D 50 27.80 21.82 -25.63
N ALA D 51 27.55 20.56 -25.26
CA ALA D 51 27.94 19.44 -26.11
C ALA D 51 27.18 19.44 -27.43
N ASN D 52 27.81 18.85 -28.46
CA ASN D 52 27.20 18.76 -29.78
C ASN D 52 26.26 17.56 -29.83
N MET D 53 25.14 17.70 -29.12
CA MET D 53 24.11 16.68 -29.04
C MET D 53 22.77 17.26 -29.47
N THR D 54 22.01 16.47 -30.24
CA THR D 54 20.71 16.92 -30.72
C THR D 54 19.80 17.30 -29.56
N ALA D 55 19.86 16.55 -28.45
CA ALA D 55 18.98 16.81 -27.32
C ALA D 55 19.34 18.07 -26.54
N VAL D 56 20.47 18.70 -26.83
CA VAL D 56 20.93 19.84 -26.02
C VAL D 56 21.23 21.04 -26.90
N ALA D 57 22.03 20.85 -27.95
CA ALA D 57 22.54 21.95 -28.77
C ALA D 57 21.46 22.41 -29.75
N GLY D 58 20.58 23.29 -29.28
CA GLY D 58 19.53 23.86 -30.08
C GLY D 58 19.73 25.35 -30.36
N ARG D 59 18.74 25.91 -31.04
CA ARG D 59 18.78 27.34 -31.36
C ARG D 59 18.66 28.19 -30.11
N ARG D 60 17.63 27.94 -29.30
CA ARG D 60 17.44 28.72 -28.07
C ARG D 60 18.57 28.51 -27.09
N MET D 61 19.16 27.31 -27.06
CA MET D 61 20.32 27.07 -26.22
C MET D 61 21.53 27.87 -26.72
N ALA D 62 21.71 27.95 -28.03
CA ALA D 62 22.86 28.65 -28.58
C ALA D 62 22.82 30.14 -28.24
N GLU D 63 21.65 30.77 -28.34
CA GLU D 63 21.53 32.18 -28.00
C GLU D 63 21.69 32.40 -26.50
N THR D 64 21.06 31.55 -25.68
CA THR D 64 21.05 31.77 -24.24
C THR D 64 22.43 31.57 -23.63
N VAL D 65 23.15 30.53 -24.06
CA VAL D 65 24.45 30.23 -23.46
C VAL D 65 25.51 31.21 -23.95
N ALA D 66 25.49 31.56 -25.24
CA ALA D 66 26.52 32.45 -25.77
C ALA D 66 26.45 33.83 -25.14
N ARG D 67 25.24 34.30 -24.79
CA ARG D 67 25.11 35.62 -24.18
C ARG D 67 25.75 35.67 -22.80
N ARG D 68 25.81 34.53 -22.11
CA ARG D 68 26.38 34.47 -20.77
C ARG D 68 27.84 34.05 -20.77
N GLY D 69 28.46 33.92 -21.94
CA GLY D 69 29.88 33.66 -22.05
C GLY D 69 30.25 32.28 -22.52
N GLY D 70 29.30 31.36 -22.65
CA GLY D 70 29.57 30.03 -23.14
C GLY D 70 29.51 29.96 -24.66
N ILE D 71 29.60 28.73 -25.16
CA ILE D 71 29.47 28.48 -26.59
C ILE D 71 28.77 27.15 -26.77
N VAL D 72 27.98 27.05 -27.84
CA VAL D 72 27.22 25.85 -28.15
C VAL D 72 27.72 25.29 -29.47
N VAL D 73 28.09 24.02 -29.47
CA VAL D 73 28.54 23.32 -30.67
C VAL D 73 27.32 22.66 -31.31
N LEU D 74 26.94 23.12 -32.49
CA LEU D 74 25.82 22.52 -33.18
C LEU D 74 26.13 21.06 -33.50
N PRO D 75 25.15 20.15 -33.39
CA PRO D 75 25.42 18.74 -33.63
C PRO D 75 25.78 18.47 -35.09
N GLN D 76 26.63 17.45 -35.28
CA GLN D 76 27.04 17.09 -36.63
C GLN D 76 25.88 16.51 -37.42
N ASP D 77 26.07 16.47 -38.74
CA ASP D 77 25.08 16.01 -39.71
C ASP D 77 23.80 16.84 -39.69
N LEU D 78 23.81 17.99 -39.03
CA LEU D 78 22.70 18.91 -39.15
C LEU D 78 22.68 19.50 -40.56
N PRO D 79 21.53 19.57 -41.22
CA PRO D 79 21.50 20.10 -42.58
C PRO D 79 22.06 21.53 -42.64
N ILE D 80 22.80 21.80 -43.70
CA ILE D 80 23.50 23.08 -43.82
C ILE D 80 22.50 24.24 -43.89
N THR D 81 21.27 23.97 -44.33
CA THR D 81 20.24 25.01 -44.31
C THR D 81 19.85 25.35 -42.88
N ALA D 82 19.67 24.33 -42.04
CA ALA D 82 19.35 24.58 -40.63
C ALA D 82 20.51 25.25 -39.91
N VAL D 83 21.75 24.93 -40.30
CA VAL D 83 22.91 25.57 -39.68
C VAL D 83 22.91 27.07 -39.98
N SER D 84 22.68 27.42 -41.24
CA SER D 84 22.67 28.83 -41.62
C SER D 84 21.53 29.58 -40.93
N GLU D 85 20.35 28.97 -40.87
CA GLU D 85 19.23 29.62 -40.20
C GLU D 85 19.49 29.80 -38.70
N THR D 86 20.18 28.84 -38.08
CA THR D 86 20.48 28.97 -36.66
C THR D 86 21.58 29.99 -36.41
N VAL D 87 22.63 29.97 -37.23
CA VAL D 87 23.73 30.93 -37.07
C VAL D 87 23.22 32.36 -37.29
N ASP D 88 22.47 32.58 -38.38
CA ASP D 88 21.95 33.91 -38.65
C ASP D 88 21.03 34.39 -37.53
N PHE D 89 20.32 33.47 -36.86
CA PHE D 89 19.50 33.86 -35.72
C PHE D 89 20.38 34.27 -34.54
N VAL D 90 21.37 33.45 -34.21
CA VAL D 90 22.24 33.74 -33.06
C VAL D 90 23.04 35.01 -33.31
N LYS D 91 23.56 35.18 -34.54
CA LYS D 91 24.35 36.36 -34.86
C LYS D 91 23.54 37.64 -34.89
N SER D 92 22.20 37.54 -34.86
CA SER D 92 21.34 38.72 -34.90
C SER D 92 20.68 39.01 -33.56
N ARG D 93 21.18 38.42 -32.48
CA ARG D 93 20.61 38.64 -31.16
C ARG D 93 21.31 39.78 -30.45
N ASP D 94 20.57 40.45 -29.55
CA ASP D 94 21.17 41.49 -28.73
C ASP D 94 22.04 40.86 -27.65
N LEU D 95 23.11 41.57 -27.29
CA LEU D 95 24.05 41.05 -26.29
C LEU D 95 23.55 41.21 -24.86
N VAL D 96 22.42 41.88 -24.66
CA VAL D 96 21.85 42.07 -23.33
C VAL D 96 20.38 41.67 -23.34
N VAL D 97 19.66 42.13 -24.35
CA VAL D 97 18.23 41.87 -24.45
C VAL D 97 18.00 40.46 -25.01
N ASP D 98 17.06 39.74 -24.42
CA ASP D 98 16.80 38.35 -24.76
C ASP D 98 15.58 38.23 -25.66
N THR D 99 15.56 37.17 -26.45
CA THR D 99 14.43 36.92 -27.36
C THR D 99 13.29 36.24 -26.61
N PRO D 100 12.13 36.88 -26.49
CA PRO D 100 11.03 36.27 -25.75
C PRO D 100 10.17 35.36 -26.61
N VAL D 101 9.13 34.79 -26.00
CA VAL D 101 8.12 34.03 -26.73
C VAL D 101 7.05 35.02 -27.20
N THR D 102 6.81 35.05 -28.50
CA THR D 102 5.84 35.96 -29.09
C THR D 102 4.54 35.22 -29.38
N LEU D 103 3.42 35.92 -29.18
CA LEU D 103 2.10 35.35 -29.41
C LEU D 103 1.27 36.30 -30.25
N SER D 104 0.41 35.72 -31.09
CA SER D 104 -0.60 36.45 -31.85
C SER D 104 -1.91 36.48 -31.08
N PRO D 105 -2.69 37.56 -31.19
CA PRO D 105 -3.95 37.64 -30.44
C PRO D 105 -4.91 36.50 -30.73
N GLU D 106 -4.77 35.84 -31.89
CA GLU D 106 -5.62 34.72 -32.26
C GLU D 106 -5.19 33.40 -31.62
N ASP D 107 -3.93 33.31 -31.19
CA ASP D 107 -3.40 32.05 -30.68
C ASP D 107 -4.21 31.54 -29.49
N SER D 108 -4.29 30.23 -29.37
CA SER D 108 -5.00 29.61 -28.27
C SER D 108 -4.14 29.61 -27.02
N VAL D 109 -4.80 29.64 -25.86
CA VAL D 109 -4.06 29.53 -24.60
C VAL D 109 -3.43 28.15 -24.47
N SER D 110 -3.90 27.16 -25.24
CA SER D 110 -3.25 25.86 -25.25
C SER D 110 -1.82 25.97 -25.76
N ASP D 111 -1.63 26.57 -26.93
CA ASP D 111 -0.27 26.81 -27.41
C ASP D 111 0.44 27.88 -26.59
N ALA D 112 -0.30 28.88 -26.10
CA ALA D 112 0.33 29.93 -25.31
C ALA D 112 0.90 29.38 -24.00
N ASN D 113 0.20 28.43 -23.38
CA ASN D 113 0.69 27.86 -22.13
C ASN D 113 1.90 26.97 -22.35
N ALA D 114 1.96 26.26 -23.48
CA ALA D 114 3.07 25.37 -23.75
C ALA D 114 4.28 26.12 -24.29
N LEU D 115 4.06 27.14 -25.12
CA LEU D 115 5.16 27.94 -25.63
C LEU D 115 5.87 28.72 -24.54
N LEU D 116 5.20 28.98 -23.42
CA LEU D 116 5.80 29.73 -22.32
C LEU D 116 7.05 29.04 -21.78
N HIS D 117 7.08 27.71 -21.82
CA HIS D 117 8.16 26.95 -21.22
C HIS D 117 9.38 26.80 -22.11
N LYS D 118 9.37 27.41 -23.30
CA LYS D 118 10.56 27.40 -24.14
C LYS D 118 11.56 28.49 -23.75
N ARG D 119 11.21 29.34 -22.80
CA ARG D 119 12.11 30.33 -22.24
C ARG D 119 11.90 30.38 -20.74
N ALA D 120 12.83 31.04 -20.04
CA ALA D 120 12.78 31.16 -18.59
C ALA D 120 12.22 32.50 -18.14
N HIS D 121 11.56 33.25 -19.04
CA HIS D 121 11.07 34.58 -18.70
C HIS D 121 9.81 34.56 -17.86
N GLY D 122 9.03 33.49 -17.93
CA GLY D 122 7.77 33.42 -17.22
C GLY D 122 6.65 34.23 -17.82
N ALA D 123 6.88 34.91 -18.93
CA ALA D 123 5.85 35.73 -19.57
C ALA D 123 6.11 35.75 -21.06
N ALA D 124 5.04 35.74 -21.84
CA ALA D 124 5.11 35.81 -23.29
C ALA D 124 4.55 37.14 -23.77
N VAL D 125 5.12 37.67 -24.85
CA VAL D 125 4.76 38.97 -25.39
C VAL D 125 3.76 38.79 -26.52
N VAL D 126 2.63 39.47 -26.42
CA VAL D 126 1.64 39.49 -27.50
C VAL D 126 2.00 40.62 -28.45
N VAL D 127 2.11 40.30 -29.74
CA VAL D 127 2.54 41.27 -30.74
C VAL D 127 1.53 41.31 -31.88
N PHE D 128 1.43 42.48 -32.49
CA PHE D 128 0.59 42.68 -33.68
C PHE D 128 1.39 43.51 -34.67
N GLU D 129 1.75 42.89 -35.81
CA GLU D 129 2.59 43.53 -36.82
C GLU D 129 3.92 44.00 -36.23
N GLY D 130 4.47 43.20 -35.32
CA GLY D 130 5.79 43.44 -34.77
C GLY D 130 5.85 44.32 -33.55
N ARG D 131 4.71 44.79 -33.04
CA ARG D 131 4.73 45.68 -31.89
C ARG D 131 4.03 45.04 -30.70
N PRO D 132 4.60 45.15 -29.51
CA PRO D 132 4.00 44.49 -28.34
C PRO D 132 2.69 45.17 -27.94
N ILE D 133 1.67 44.35 -27.68
CA ILE D 133 0.37 44.85 -27.25
C ILE D 133 -0.10 44.23 -25.94
N GLY D 134 0.65 43.28 -25.39
CA GLY D 134 0.22 42.65 -24.15
C GLY D 134 1.21 41.57 -23.73
N LEU D 135 0.99 41.09 -22.51
CA LEU D 135 1.77 40.01 -21.93
C LEU D 135 0.86 38.86 -21.54
N VAL D 136 1.41 37.65 -21.58
CA VAL D 136 0.70 36.43 -21.19
C VAL D 136 1.59 35.64 -20.23
N THR D 137 1.10 35.42 -19.02
CA THR D 137 1.79 34.62 -18.03
C THR D 137 1.03 33.34 -17.77
N GLU D 138 1.63 32.45 -16.97
CA GLU D 138 0.97 31.19 -16.64
C GLU D 138 -0.25 31.41 -15.77
N ALA D 139 -0.21 32.44 -14.90
CA ALA D 139 -1.37 32.73 -14.06
C ALA D 139 -2.57 33.15 -14.89
N ASN D 140 -2.33 33.76 -16.06
CA ASN D 140 -3.43 34.16 -16.93
C ASN D 140 -4.03 32.98 -17.69
N CYS D 141 -3.32 31.87 -17.78
CA CYS D 141 -3.81 30.68 -18.47
C CYS D 141 -4.40 29.65 -17.52
N ALA D 142 -4.24 29.82 -16.21
CA ALA D 142 -4.73 28.84 -15.25
C ALA D 142 -6.25 28.85 -15.19
N GLY D 143 -6.85 27.68 -15.40
CA GLY D 143 -8.30 27.56 -15.33
C GLY D 143 -9.06 28.21 -16.46
N VAL D 144 -8.41 28.48 -17.59
CA VAL D 144 -9.04 29.13 -18.72
C VAL D 144 -9.35 28.08 -19.78
N ASP D 145 -10.43 28.30 -20.53
CA ASP D 145 -10.79 27.45 -21.65
C ASP D 145 -9.60 27.23 -22.57
N ARG D 146 -9.25 25.95 -22.78
CA ARG D 146 -8.04 25.60 -23.53
C ARG D 146 -8.05 26.15 -24.95
N PHE D 147 -9.22 26.45 -25.51
CA PHE D 147 -9.31 26.99 -26.86
C PHE D 147 -9.81 28.43 -26.87
N ALA D 148 -9.77 29.11 -25.72
CA ALA D 148 -9.94 30.55 -25.72
C ALA D 148 -8.69 31.21 -26.29
N ARG D 149 -8.90 32.38 -26.90
CA ARG D 149 -7.79 33.09 -27.52
C ARG D 149 -7.04 33.92 -26.49
N VAL D 150 -5.77 34.19 -26.76
CA VAL D 150 -4.93 34.90 -25.78
C VAL D 150 -5.41 36.32 -25.55
N ARG D 151 -6.14 36.91 -26.50
CA ARG D 151 -6.67 38.25 -26.29
C ARG D 151 -7.66 38.31 -25.14
N ASP D 152 -8.16 37.17 -24.69
CA ASP D 152 -9.13 37.10 -23.61
C ASP D 152 -8.49 37.05 -22.24
N ILE D 153 -7.17 36.86 -22.14
CA ILE D 153 -6.52 36.73 -20.84
C ILE D 153 -5.19 37.49 -20.82
N ALA D 154 -4.91 38.24 -21.87
CA ALA D 154 -3.65 38.96 -21.97
C ALA D 154 -3.67 40.23 -21.13
N LEU D 155 -2.57 40.48 -20.41
CA LEU D 155 -2.42 41.72 -19.65
C LEU D 155 -2.22 42.89 -20.60
N SER D 156 -3.03 43.94 -20.41
CA SER D 156 -3.02 45.04 -21.37
C SER D 156 -1.93 46.07 -21.06
N ASP D 157 -1.49 46.17 -19.82
CA ASP D 157 -0.45 47.10 -19.42
C ASP D 157 0.81 46.35 -19.04
N PHE D 158 1.96 46.89 -19.45
CA PHE D 158 3.24 46.26 -19.17
C PHE D 158 4.32 47.33 -19.24
N VAL D 159 5.49 46.99 -18.71
CA VAL D 159 6.61 47.93 -18.65
C VAL D 159 7.37 47.89 -19.97
N THR D 160 7.65 49.07 -20.52
CA THR D 160 8.41 49.20 -21.75
C THR D 160 9.62 50.11 -21.51
N ALA D 161 10.70 49.82 -22.23
CA ALA D 161 11.92 50.60 -22.14
C ALA D 161 12.62 50.54 -23.49
N PRO D 162 13.28 51.62 -23.92
CA PRO D 162 13.95 51.60 -25.21
C PRO D 162 15.21 50.74 -25.16
N VAL D 163 15.57 50.20 -26.32
CA VAL D 163 16.79 49.40 -26.43
C VAL D 163 18.00 50.29 -26.17
N GLY D 164 18.97 49.76 -25.42
CA GLY D 164 20.12 50.51 -25.01
C GLY D 164 20.02 51.10 -23.62
N THR D 165 18.85 50.99 -22.98
CA THR D 165 18.70 51.47 -21.60
C THR D 165 19.64 50.71 -20.68
N ASP D 166 20.17 51.43 -19.69
CA ASP D 166 21.07 50.84 -18.70
C ASP D 166 20.39 49.66 -18.03
N PRO D 167 21.00 48.46 -18.06
CA PRO D 167 20.43 47.34 -17.30
C PRO D 167 20.25 47.65 -15.81
N ARG D 168 21.10 48.54 -15.27
CA ARG D 168 20.91 48.97 -13.89
C ARG D 168 19.60 49.72 -13.71
N GLU D 169 19.24 50.56 -14.69
CA GLU D 169 17.98 51.28 -14.61
C GLU D 169 16.80 50.37 -14.84
N VAL D 170 16.90 49.49 -15.85
CA VAL D 170 15.82 48.54 -16.14
C VAL D 170 15.54 47.67 -14.93
N PHE D 171 16.60 47.31 -14.19
CA PHE D 171 16.43 46.56 -12.95
C PHE D 171 15.59 47.33 -11.95
N ASP D 172 15.74 48.65 -11.90
CA ASP D 172 14.99 49.48 -10.97
C ASP D 172 13.55 49.69 -11.42
N LEU D 173 13.30 49.71 -12.73
CA LEU D 173 11.94 49.90 -13.23
C LEU D 173 11.03 48.75 -12.80
N LEU D 174 11.56 47.54 -12.78
CA LEU D 174 10.79 46.34 -12.46
C LEU D 174 10.77 46.03 -10.97
N GLU D 175 11.18 46.98 -10.12
CA GLU D 175 11.23 46.72 -8.69
C GLU D 175 9.84 46.46 -8.12
N HIS D 176 8.88 47.32 -8.45
CA HIS D 176 7.51 47.19 -7.99
C HIS D 176 6.54 46.88 -9.11
N ALA D 177 7.03 46.35 -10.23
CA ALA D 177 6.16 45.98 -11.33
C ALA D 177 5.44 44.66 -11.02
N PRO D 178 4.20 44.52 -11.47
CA PRO D 178 3.47 43.26 -11.22
C PRO D 178 4.12 42.04 -11.86
N ILE D 179 4.72 42.22 -13.04
CA ILE D 179 5.39 41.13 -13.75
C ILE D 179 6.86 41.48 -13.89
N ASP D 180 7.74 40.54 -13.54
CA ASP D 180 9.17 40.77 -13.59
C ASP D 180 9.70 40.68 -15.02
N VAL D 181 9.09 41.43 -15.94
CA VAL D 181 9.48 41.42 -17.34
C VAL D 181 9.37 42.85 -17.88
N ALA D 182 10.42 43.32 -18.53
CA ALA D 182 10.43 44.63 -19.17
C ALA D 182 10.57 44.44 -20.68
N VAL D 183 9.64 45.02 -21.43
CA VAL D 183 9.59 44.82 -22.88
C VAL D 183 10.44 45.89 -23.55
N MET D 184 11.47 45.45 -24.29
CA MET D 184 12.36 46.35 -25.00
C MET D 184 11.81 46.64 -26.39
N THR D 185 11.74 47.93 -26.74
CA THR D 185 11.14 48.35 -28.00
C THR D 185 12.13 49.21 -28.79
N ALA D 186 12.15 48.99 -30.11
CA ALA D 186 12.95 49.78 -31.01
C ALA D 186 12.40 51.22 -31.07
N PRO D 187 13.16 52.16 -31.62
CA PRO D 187 12.66 53.55 -31.71
C PRO D 187 11.30 53.68 -32.40
N ASP D 188 11.01 52.85 -33.40
CA ASP D 188 9.73 52.90 -34.07
C ASP D 188 8.64 52.10 -33.35
N GLY D 189 8.95 51.51 -32.20
CA GLY D 189 7.97 50.82 -31.39
C GLY D 189 7.93 49.31 -31.56
N THR D 190 8.67 48.76 -32.52
CA THR D 190 8.65 47.32 -32.71
C THR D 190 9.32 46.61 -31.55
N LEU D 191 8.92 45.35 -31.36
CA LEU D 191 9.48 44.54 -30.28
C LEU D 191 10.94 44.21 -30.57
N ALA D 192 11.81 44.46 -29.60
CA ALA D 192 13.20 44.06 -29.70
C ALA D 192 13.57 42.93 -28.74
N GLY D 193 12.75 42.66 -27.74
CA GLY D 193 13.02 41.59 -26.80
C GLY D 193 12.56 41.98 -25.41
N VAL D 194 12.96 41.17 -24.43
CA VAL D 194 12.61 41.38 -23.04
C VAL D 194 13.88 41.38 -22.20
N LEU D 195 13.73 41.83 -20.95
CA LEU D 195 14.84 41.85 -20.00
C LEU D 195 14.23 41.81 -18.61
N THR D 196 14.49 40.73 -17.89
CA THR D 196 13.99 40.57 -16.53
C THR D 196 14.98 41.15 -15.52
N ARG D 197 14.56 41.19 -14.26
CA ARG D 197 15.45 41.67 -13.20
C ARG D 197 16.67 40.77 -13.06
N THR D 198 16.48 39.45 -13.11
CA THR D 198 17.62 38.54 -13.06
C THR D 198 18.47 38.66 -14.32
N GLY D 199 17.82 38.85 -15.47
CA GLY D 199 18.56 39.03 -16.71
C GLY D 199 19.40 40.30 -16.73
N ALA D 200 18.95 41.34 -16.02
CA ALA D 200 19.75 42.56 -15.93
C ALA D 200 20.93 42.38 -14.99
N ILE D 201 20.78 41.54 -13.97
CA ILE D 201 21.91 41.24 -13.07
C ILE D 201 23.03 40.54 -13.83
N ARG D 202 22.67 39.52 -14.61
CA ARG D 202 23.67 38.75 -15.33
C ARG D 202 24.39 39.56 -16.40
N ALA D 203 23.80 40.69 -16.82
CA ALA D 203 24.50 41.56 -17.77
C ALA D 203 25.78 42.13 -17.18
N GLY D 204 25.78 42.40 -15.87
CA GLY D 204 26.95 42.88 -15.17
C GLY D 204 27.84 41.80 -14.58
N ILE D 205 27.50 40.53 -14.78
CA ILE D 205 28.28 39.42 -14.25
C ILE D 205 28.92 38.61 -15.37
N TYR D 206 28.18 38.40 -16.47
CA TYR D 206 28.64 37.57 -17.58
C TYR D 206 29.00 38.43 -18.78
N THR D 207 30.16 38.15 -19.37
CA THR D 207 30.59 38.83 -20.59
C THR D 207 30.21 37.99 -21.79
N PRO D 208 29.43 38.51 -22.73
CA PRO D 208 29.00 37.69 -23.88
C PRO D 208 30.17 37.27 -24.73
N ALA D 209 30.14 36.02 -25.18
CA ALA D 209 31.15 35.49 -26.10
C ALA D 209 30.81 36.00 -27.50
N VAL D 210 31.64 36.89 -28.03
CA VAL D 210 31.36 37.55 -29.30
C VAL D 210 32.50 37.29 -30.28
N ASP D 211 32.19 37.44 -31.56
CA ASP D 211 33.17 37.30 -32.63
C ASP D 211 33.82 38.66 -32.88
N ALA D 212 34.51 38.81 -34.01
CA ALA D 212 35.16 40.07 -34.32
C ALA D 212 34.17 41.18 -34.66
N LYS D 213 32.95 40.83 -35.06
CA LYS D 213 31.93 41.81 -35.41
C LYS D 213 30.91 42.03 -34.30
N GLY D 214 31.24 41.63 -33.06
CA GLY D 214 30.36 41.89 -31.94
C GLY D 214 29.10 41.05 -31.90
N ARG D 215 29.06 39.93 -32.63
CA ARG D 215 27.92 39.04 -32.65
C ARG D 215 28.20 37.80 -31.80
N LEU D 216 27.13 37.22 -31.24
CA LEU D 216 27.28 36.07 -30.38
C LEU D 216 27.96 34.91 -31.11
N ARG D 217 28.82 34.18 -30.39
CA ARG D 217 29.56 33.09 -30.98
C ARG D 217 28.71 31.82 -31.05
N ILE D 218 29.10 30.93 -31.96
CA ILE D 218 28.47 29.63 -32.11
C ILE D 218 29.43 28.72 -32.86
N ALA D 219 29.50 27.47 -32.45
CA ALA D 219 30.37 26.47 -33.06
C ALA D 219 29.52 25.41 -33.75
N ALA D 220 30.20 24.59 -34.55
CA ALA D 220 29.54 23.51 -35.27
C ALA D 220 30.44 22.28 -35.27
N ALA D 221 29.82 21.11 -35.31
CA ALA D 221 30.53 19.84 -35.31
C ALA D 221 30.39 19.15 -36.67
N VAL D 222 31.33 18.26 -36.94
CA VAL D 222 31.36 17.52 -38.20
C VAL D 222 31.90 16.13 -37.93
N GLY D 223 31.29 15.13 -38.56
CA GLY D 223 31.81 13.79 -38.46
C GLY D 223 32.96 13.55 -39.42
N ILE D 224 33.61 12.40 -39.22
CA ILE D 224 34.73 11.98 -40.06
C ILE D 224 34.27 11.13 -41.24
N ASN D 225 32.96 11.00 -41.46
CA ASN D 225 32.46 10.27 -42.63
C ASN D 225 32.19 11.22 -43.79
N GLY D 226 32.31 10.69 -45.00
CA GLY D 226 32.13 11.50 -46.20
C GLY D 226 33.28 12.48 -46.40
N ASP D 227 32.97 13.56 -47.13
CA ASP D 227 33.95 14.61 -47.42
C ASP D 227 34.01 15.56 -46.22
N VAL D 228 34.99 15.32 -45.33
CA VAL D 228 35.08 16.11 -44.11
C VAL D 228 35.49 17.55 -44.43
N GLY D 229 36.41 17.73 -45.38
CA GLY D 229 36.85 19.06 -45.72
C GLY D 229 35.75 19.91 -46.35
N ALA D 230 34.90 19.30 -47.18
CA ALA D 230 33.82 20.04 -47.80
C ALA D 230 32.77 20.46 -46.78
N LYS D 231 32.40 19.56 -45.87
CA LYS D 231 31.45 19.92 -44.82
C LYS D 231 32.04 20.94 -43.87
N ALA D 232 33.35 20.89 -43.63
CA ALA D 232 33.98 21.85 -42.73
C ALA D 232 33.90 23.26 -43.30
N GLN D 233 34.24 23.43 -44.57
CA GLN D 233 34.18 24.75 -45.18
C GLN D 233 32.75 25.24 -45.33
N ALA D 234 31.80 24.34 -45.56
CA ALA D 234 30.39 24.73 -45.62
C ALA D 234 29.93 25.28 -44.27
N LEU D 235 30.40 24.68 -43.17
CA LEU D 235 30.08 25.21 -41.86
C LEU D 235 30.79 26.53 -41.59
N ALA D 236 32.02 26.68 -42.09
CA ALA D 236 32.75 27.93 -41.93
C ALA D 236 32.08 29.05 -42.72
N GLU D 237 31.64 28.76 -43.94
CA GLU D 237 30.94 29.76 -44.74
C GLU D 237 29.59 30.13 -44.12
N ALA D 238 29.00 29.22 -43.35
CA ALA D 238 27.72 29.50 -42.72
C ALA D 238 27.84 30.51 -41.58
N GLY D 239 29.03 30.68 -41.03
CA GLY D 239 29.24 31.66 -39.98
C GLY D 239 29.76 31.08 -38.68
N ALA D 240 30.12 29.80 -38.69
CA ALA D 240 30.63 29.16 -37.49
C ALA D 240 31.96 29.77 -37.08
N ASP D 241 32.15 29.91 -35.77
CA ASP D 241 33.37 30.47 -35.22
C ASP D 241 34.35 29.43 -34.73
N LEU D 242 33.93 28.17 -34.63
CA LEU D 242 34.78 27.09 -34.13
C LEU D 242 34.26 25.78 -34.71
N LEU D 243 35.19 24.90 -35.06
CA LEU D 243 34.84 23.61 -35.67
C LEU D 243 35.28 22.48 -34.78
N VAL D 244 34.42 21.47 -34.65
CA VAL D 244 34.68 20.29 -33.84
C VAL D 244 34.58 19.07 -34.73
N ILE D 245 35.72 18.41 -34.98
CA ILE D 245 35.74 17.14 -35.68
C ILE D 245 35.59 16.04 -34.63
N ASP D 246 34.40 15.45 -34.57
CA ASP D 246 34.01 14.57 -33.48
C ASP D 246 33.81 13.14 -33.95
N THR D 247 34.32 12.20 -33.18
CA THR D 247 34.10 10.78 -33.43
C THR D 247 34.30 10.03 -32.12
N ALA D 248 33.81 8.79 -32.08
CA ALA D 248 33.87 7.99 -30.85
C ALA D 248 35.31 7.65 -30.49
N HIS D 249 36.07 7.12 -31.45
CA HIS D 249 37.47 6.76 -31.26
C HIS D 249 38.32 7.75 -32.04
N GLY D 250 38.75 8.82 -31.37
CA GLY D 250 39.52 9.85 -32.02
C GLY D 250 40.91 9.43 -32.44
N HIS D 251 41.45 8.37 -31.85
CA HIS D 251 42.79 7.91 -32.17
C HIS D 251 42.77 6.90 -33.32
N GLN D 252 42.11 7.28 -34.41
CA GLN D 252 42.01 6.47 -35.61
C GLN D 252 42.78 7.12 -36.76
N ALA D 253 43.02 6.32 -37.80
CA ALA D 253 43.66 6.83 -38.99
C ALA D 253 42.72 7.74 -39.78
N LYS D 254 41.43 7.44 -39.78
CA LYS D 254 40.46 8.28 -40.49
C LYS D 254 40.31 9.64 -39.83
N MET D 255 40.49 9.72 -38.52
CA MET D 255 40.44 11.02 -37.85
C MET D 255 41.68 11.85 -38.17
N LEU D 256 42.86 11.23 -38.17
CA LEU D 256 44.08 11.95 -38.51
C LEU D 256 44.00 12.51 -39.93
N ASP D 257 43.38 11.78 -40.85
CA ASP D 257 43.22 12.28 -42.21
C ASP D 257 42.18 13.40 -42.27
N ALA D 258 41.12 13.29 -41.45
CA ALA D 258 40.10 14.33 -41.43
C ALA D 258 40.62 15.64 -40.88
N ILE D 259 41.54 15.58 -39.90
CA ILE D 259 42.14 16.80 -39.37
C ILE D 259 43.05 17.43 -40.40
N LYS D 260 43.83 16.62 -41.11
CA LYS D 260 44.74 17.16 -42.13
C LYS D 260 43.96 17.77 -43.29
N ALA D 261 42.82 17.19 -43.64
CA ALA D 261 42.02 17.73 -44.74
C ALA D 261 41.43 19.09 -44.40
N VAL D 262 40.93 19.25 -43.17
CA VAL D 262 40.32 20.51 -42.77
C VAL D 262 41.39 21.56 -42.51
N ALA D 263 42.51 21.18 -41.89
CA ALA D 263 43.55 22.13 -41.57
C ALA D 263 44.23 22.68 -42.82
N SER D 264 44.31 21.88 -43.88
CA SER D 264 44.97 22.33 -45.11
C SER D 264 44.16 23.38 -45.84
N LEU D 265 42.86 23.52 -45.53
CA LEU D 265 42.02 24.48 -46.21
C LEU D 265 42.15 25.91 -45.66
N ASP D 266 42.89 26.08 -44.56
CA ASP D 266 43.14 27.40 -43.97
C ASP D 266 41.84 28.17 -43.74
N LEU D 267 40.92 27.54 -43.00
CA LEU D 267 39.63 28.16 -42.73
C LEU D 267 39.73 29.29 -41.71
N GLY D 268 40.86 29.44 -41.04
CA GLY D 268 41.01 30.51 -40.06
C GLY D 268 40.16 30.37 -38.82
N LEU D 269 39.84 29.14 -38.43
CA LEU D 269 39.02 28.88 -37.26
C LEU D 269 39.72 27.89 -36.35
N PRO D 270 39.42 27.90 -35.05
CA PRO D 270 39.98 26.88 -34.15
C PRO D 270 39.45 25.50 -34.48
N LEU D 271 40.35 24.52 -34.47
CA LEU D 271 40.03 23.13 -34.78
C LEU D 271 40.03 22.32 -33.49
N VAL D 272 38.90 21.69 -33.19
CA VAL D 272 38.75 20.80 -32.04
C VAL D 272 38.60 19.38 -32.56
N ALA D 273 39.36 18.44 -32.01
CA ALA D 273 39.34 17.05 -32.44
C ALA D 273 39.28 16.13 -31.24
N GLY D 274 38.47 15.08 -31.34
CA GLY D 274 38.34 14.11 -30.27
C GLY D 274 37.49 12.93 -30.72
N ASN D 275 37.33 11.98 -29.82
CA ASN D 275 37.86 12.06 -28.46
C ASN D 275 38.96 11.04 -28.21
N VAL D 276 39.91 11.41 -27.34
CA VAL D 276 40.99 10.53 -26.90
C VAL D 276 41.12 10.66 -25.40
N VAL D 277 41.86 9.71 -24.80
CA VAL D 277 42.09 9.72 -23.36
C VAL D 277 43.54 9.34 -23.06
N SER D 278 44.42 9.52 -24.05
CA SER D 278 45.82 9.16 -23.90
C SER D 278 46.69 10.32 -24.36
N ALA D 279 47.91 10.39 -23.81
CA ALA D 279 48.86 11.41 -24.22
C ALA D 279 49.29 11.20 -25.67
N GLU D 280 49.48 9.93 -26.07
CA GLU D 280 49.86 9.64 -27.45
C GLU D 280 48.77 10.10 -28.42
N GLY D 281 47.51 9.83 -28.09
CA GLY D 281 46.42 10.27 -28.95
C GLY D 281 46.30 11.78 -29.01
N THR D 282 46.66 12.47 -27.93
CA THR D 282 46.58 13.92 -27.93
C THR D 282 47.64 14.54 -28.82
N ARG D 283 48.86 14.00 -28.79
CA ARG D 283 49.92 14.53 -29.64
C ARG D 283 49.63 14.28 -31.11
N ASP D 284 49.10 13.10 -31.44
CA ASP D 284 48.82 12.77 -32.83
C ASP D 284 47.72 13.66 -33.41
N LEU D 285 46.71 13.98 -32.60
CA LEU D 285 45.64 14.85 -33.08
C LEU D 285 46.13 16.28 -33.28
N ILE D 286 46.98 16.76 -32.38
CA ILE D 286 47.54 18.10 -32.53
C ILE D 286 48.49 18.15 -33.73
N GLU D 287 49.36 17.14 -33.85
CA GLU D 287 50.27 17.08 -34.99
C GLU D 287 49.49 17.01 -36.31
N ALA D 288 48.31 16.39 -36.30
CA ALA D 288 47.50 16.34 -37.50
C ALA D 288 46.91 17.70 -37.88
N GLY D 289 46.91 18.66 -36.96
CA GLY D 289 46.47 20.00 -37.29
C GLY D 289 45.44 20.58 -36.32
N ALA D 290 45.10 19.84 -35.27
CA ALA D 290 44.12 20.30 -34.29
C ALA D 290 44.79 21.15 -33.23
N SER D 291 44.13 22.25 -32.85
CA SER D 291 44.63 23.12 -31.80
C SER D 291 44.07 22.77 -30.43
N ILE D 292 42.87 22.19 -30.39
CA ILE D 292 42.23 21.77 -29.14
C ILE D 292 41.85 20.31 -29.27
N VAL D 293 42.09 19.54 -28.21
CA VAL D 293 41.77 18.12 -28.19
C VAL D 293 40.64 17.89 -27.19
N LYS D 294 39.58 17.23 -27.64
CA LYS D 294 38.44 16.92 -26.79
C LYS D 294 38.67 15.56 -26.14
N VAL D 295 38.62 15.52 -24.81
CA VAL D 295 38.98 14.34 -24.04
C VAL D 295 37.72 13.73 -23.44
N GLY D 296 37.57 12.42 -23.57
CA GLY D 296 36.45 11.71 -23.00
C GLY D 296 36.02 10.48 -23.79
N VAL D 297 36.43 9.30 -23.31
CA VAL D 297 36.04 8.04 -23.93
C VAL D 297 35.55 7.12 -22.82
N GLY D 298 34.23 6.91 -22.77
CA GLY D 298 33.62 6.08 -21.76
C GLY D 298 34.04 6.44 -20.35
N PRO D 299 33.67 7.64 -19.89
CA PRO D 299 34.12 8.07 -18.55
C PRO D 299 33.41 7.35 -17.43
N GLY D 300 32.20 6.85 -17.65
CA GLY D 300 31.42 6.19 -16.61
C GLY D 300 31.77 4.72 -16.52
N ALA D 301 32.00 4.25 -15.29
CA ALA D 301 32.38 2.86 -15.12
C ALA D 301 31.25 1.89 -15.41
N MET D 302 30.01 2.39 -15.50
CA MET D 302 28.83 1.56 -15.69
C MET D 302 27.95 2.12 -16.79
N CYS D 303 28.57 2.71 -17.82
CA CYS D 303 27.85 3.28 -18.94
C CYS D 303 27.88 2.31 -20.12
N THR D 304 27.37 2.76 -21.27
CA THR D 304 27.18 1.87 -22.42
C THR D 304 28.52 1.40 -22.98
N THR D 305 29.42 2.34 -23.28
CA THR D 305 30.71 1.98 -23.88
C THR D 305 31.50 1.07 -22.96
N ARG D 306 31.46 1.32 -21.65
CA ARG D 306 32.22 0.51 -20.71
C ARG D 306 31.60 -0.87 -20.54
N MET D 307 30.28 -0.96 -20.52
CA MET D 307 29.62 -2.25 -20.37
C MET D 307 29.65 -3.07 -21.66
N MET D 308 29.69 -2.41 -22.82
CA MET D 308 29.72 -3.12 -24.09
C MET D 308 31.12 -3.60 -24.44
N THR D 309 32.13 -2.75 -24.23
CA THR D 309 33.47 -3.01 -24.71
C THR D 309 34.53 -3.08 -23.62
N GLY D 310 34.23 -2.63 -22.40
CA GLY D 310 35.27 -2.52 -21.40
C GLY D 310 36.30 -1.45 -21.67
N VAL D 311 36.09 -0.62 -22.70
CA VAL D 311 37.03 0.40 -23.11
C VAL D 311 36.63 1.73 -22.49
N GLY D 312 37.62 2.45 -21.99
CA GLY D 312 37.38 3.74 -21.38
C GLY D 312 38.55 4.13 -20.50
N ARG D 313 38.35 5.24 -19.78
CA ARG D 313 39.34 5.69 -18.82
C ARG D 313 38.70 6.68 -17.87
N PRO D 314 38.99 6.63 -16.58
CA PRO D 314 38.49 7.66 -15.66
C PRO D 314 38.86 9.06 -16.14
N GLN D 315 37.88 9.96 -16.10
CA GLN D 315 38.00 11.23 -16.81
C GLN D 315 39.06 12.14 -16.19
N PHE D 316 39.17 12.15 -14.86
CA PHE D 316 40.12 13.05 -14.23
C PHE D 316 41.56 12.69 -14.61
N SER D 317 41.91 11.40 -14.52
CA SER D 317 43.24 10.98 -14.94
C SER D 317 43.43 11.16 -16.44
N ALA D 318 42.36 11.04 -17.23
CA ALA D 318 42.47 11.25 -18.67
C ALA D 318 42.75 12.72 -18.99
N VAL D 319 42.08 13.64 -18.30
CA VAL D 319 42.28 15.06 -18.57
C VAL D 319 43.67 15.50 -18.11
N VAL D 320 44.12 14.99 -16.96
CA VAL D 320 45.43 15.37 -16.44
C VAL D 320 46.53 15.01 -17.44
N GLU D 321 46.49 13.77 -17.94
CA GLU D 321 47.53 13.31 -18.86
C GLU D 321 47.44 14.02 -20.20
N CYS D 322 46.22 14.16 -20.74
CA CYS D 322 46.08 14.76 -22.06
C CYS D 322 46.34 16.26 -22.04
N ALA D 323 45.99 16.94 -20.94
CA ALA D 323 46.27 18.37 -20.85
C ALA D 323 47.77 18.63 -20.78
N ALA D 324 48.52 17.77 -20.10
CA ALA D 324 49.96 17.92 -20.03
C ALA D 324 50.60 17.68 -21.38
N ALA D 325 50.10 16.71 -22.14
CA ALA D 325 50.63 16.45 -23.47
C ALA D 325 50.33 17.60 -24.42
N ALA D 326 49.11 18.12 -24.38
CA ALA D 326 48.75 19.24 -25.25
C ALA D 326 49.52 20.50 -24.86
N ARG D 327 49.73 20.72 -23.57
CA ARG D 327 50.51 21.86 -23.12
C ARG D 327 51.98 21.74 -23.54
N GLN D 328 52.49 20.51 -23.59
CA GLN D 328 53.85 20.29 -24.08
C GLN D 328 53.99 20.73 -25.53
N LEU D 329 52.90 20.69 -26.30
CA LEU D 329 52.90 21.12 -27.70
C LEU D 329 52.20 22.46 -27.90
N GLY D 330 51.85 23.15 -26.81
CA GLY D 330 51.18 24.43 -26.91
C GLY D 330 49.70 24.36 -27.20
N GLY D 331 49.09 23.18 -27.14
CA GLY D 331 47.67 23.02 -27.41
C GLY D 331 46.84 23.13 -26.14
N HIS D 332 45.55 22.82 -26.30
CA HIS D 332 44.58 22.88 -25.21
C HIS D 332 43.73 21.62 -25.21
N VAL D 333 42.98 21.44 -24.13
CA VAL D 333 42.22 20.22 -23.90
C VAL D 333 40.83 20.57 -23.38
N TRP D 334 39.80 19.95 -23.95
CA TRP D 334 38.44 20.08 -23.48
C TRP D 334 38.05 18.82 -22.71
N ALA D 335 37.39 19.01 -21.57
CA ALA D 335 36.89 17.90 -20.76
C ALA D 335 35.45 17.61 -21.17
N ASP D 336 35.22 16.45 -21.78
CA ASP D 336 33.92 16.11 -22.37
C ASP D 336 33.36 14.88 -21.66
N GLY D 337 32.17 15.03 -21.08
CA GLY D 337 31.43 13.90 -20.54
C GLY D 337 31.47 13.75 -19.04
N GLY D 338 30.34 13.34 -18.45
CA GLY D 338 30.28 13.01 -17.04
C GLY D 338 30.06 14.18 -16.10
N VAL D 339 29.89 15.39 -16.61
CA VAL D 339 29.71 16.55 -15.75
C VAL D 339 28.30 16.51 -15.15
N ARG D 340 28.23 16.44 -13.82
CA ARG D 340 26.96 16.42 -13.10
C ARG D 340 26.83 17.53 -12.06
N HIS D 341 27.92 18.06 -11.56
CA HIS D 341 27.93 19.07 -10.51
C HIS D 341 29.01 20.09 -10.84
N PRO D 342 28.94 21.29 -10.24
CA PRO D 342 30.03 22.26 -10.43
C PRO D 342 31.40 21.71 -10.00
N ARG D 343 31.42 20.74 -9.09
CA ARG D 343 32.69 20.10 -8.72
C ARG D 343 33.38 19.50 -9.93
N ASP D 344 32.60 18.92 -10.85
CA ASP D 344 33.19 18.31 -12.03
C ASP D 344 33.83 19.36 -12.94
N VAL D 345 33.23 20.53 -13.03
CA VAL D 345 33.79 21.60 -13.85
C VAL D 345 35.09 22.12 -13.23
N ALA D 346 35.09 22.33 -11.91
CA ALA D 346 36.29 22.84 -11.25
C ALA D 346 37.43 21.84 -11.33
N LEU D 347 37.15 20.56 -11.03
CA LEU D 347 38.20 19.55 -11.08
C LEU D 347 38.76 19.37 -12.48
N ALA D 348 37.92 19.52 -13.51
CA ALA D 348 38.41 19.42 -14.88
C ALA D 348 39.37 20.55 -15.20
N LEU D 349 39.04 21.78 -14.77
CA LEU D 349 39.93 22.91 -15.00
C LEU D 349 41.22 22.77 -14.20
N ALA D 350 41.12 22.32 -12.95
CA ALA D 350 42.30 22.08 -12.14
C ALA D 350 43.17 20.98 -12.71
N ALA D 351 42.59 20.06 -13.48
CA ALA D 351 43.34 19.00 -14.13
C ALA D 351 44.16 19.50 -15.31
N GLY D 352 43.86 20.68 -15.83
CA GLY D 352 44.59 21.25 -16.95
C GLY D 352 43.76 21.57 -18.18
N ALA D 353 42.46 21.30 -18.18
CA ALA D 353 41.63 21.58 -19.35
C ALA D 353 41.34 23.08 -19.45
N SER D 354 41.18 23.54 -20.69
CA SER D 354 40.84 24.94 -20.93
C SER D 354 39.34 25.20 -20.92
N ASN D 355 38.54 24.21 -21.32
CA ASN D 355 37.09 24.32 -21.30
C ASN D 355 36.51 22.99 -20.85
N VAL D 356 35.24 23.04 -20.45
CA VAL D 356 34.50 21.86 -20.00
C VAL D 356 33.25 21.73 -20.84
N MET D 357 33.08 20.58 -21.47
CA MET D 357 31.92 20.31 -22.32
C MET D 357 30.85 19.57 -21.52
N ILE D 358 29.64 20.12 -21.53
CA ILE D 358 28.53 19.61 -20.74
C ILE D 358 27.38 19.27 -21.69
N GLY D 359 26.76 18.11 -21.48
CA GLY D 359 25.72 17.64 -22.37
C GLY D 359 24.38 17.40 -21.71
N SER D 360 24.16 16.17 -21.23
CA SER D 360 22.84 15.77 -20.75
C SER D 360 22.38 16.59 -19.54
N TRP D 361 23.30 17.17 -18.78
CA TRP D 361 22.91 18.00 -17.64
C TRP D 361 22.08 19.19 -18.10
N PHE D 362 22.46 19.81 -19.21
CA PHE D 362 21.72 20.95 -19.74
C PHE D 362 20.46 20.56 -20.50
N ALA D 363 20.17 19.26 -20.63
CA ALA D 363 18.93 18.85 -21.29
C ALA D 363 17.71 19.17 -20.44
N GLY D 364 17.83 19.08 -19.12
CA GLY D 364 16.74 19.41 -18.23
C GLY D 364 16.61 20.89 -17.98
N THR D 365 16.48 21.68 -19.05
CA THR D 365 16.31 23.12 -18.96
C THR D 365 15.22 23.55 -19.93
N TYR D 366 14.71 24.77 -19.72
CA TYR D 366 13.69 25.31 -20.62
C TYR D 366 14.24 25.53 -22.02
N GLU D 367 15.53 25.86 -22.14
CA GLU D 367 16.10 26.25 -23.42
C GLU D 367 16.52 25.08 -24.29
N SER D 368 16.50 23.85 -23.77
CA SER D 368 16.88 22.71 -24.58
C SER D 368 15.78 22.41 -25.61
N PRO D 369 16.16 21.86 -26.77
CA PRO D 369 15.19 21.66 -27.85
C PRO D 369 14.09 20.66 -27.54
N GLY D 370 14.23 19.87 -26.49
CA GLY D 370 13.21 18.89 -26.16
C GLY D 370 11.96 19.53 -25.59
N ASP D 371 10.85 18.81 -25.71
CA ASP D 371 9.58 19.27 -25.17
C ASP D 371 9.50 19.02 -23.68
N LEU D 372 8.89 19.95 -22.95
CA LEU D 372 8.76 19.81 -21.50
C LEU D 372 7.73 18.74 -21.18
N LEU D 373 8.16 17.71 -20.46
CA LEU D 373 7.29 16.59 -20.09
C LEU D 373 7.09 16.55 -18.59
N PHE D 374 6.06 15.82 -18.17
CA PHE D 374 5.72 15.66 -16.76
C PHE D 374 5.49 14.18 -16.45
N ASP D 375 5.94 13.76 -15.28
CA ASP D 375 5.78 12.37 -14.86
C ASP D 375 4.44 12.22 -14.14
N ARG D 376 4.28 11.11 -13.42
CA ARG D 376 3.04 10.86 -12.69
C ARG D 376 2.87 11.82 -11.51
N ASP D 377 3.97 12.35 -10.97
CA ASP D 377 3.94 13.30 -9.87
C ASP D 377 3.90 14.74 -10.33
N ASP D 378 3.59 14.98 -11.61
CA ASP D 378 3.56 16.33 -12.20
C ASP D 378 4.90 17.05 -12.01
N ARG D 379 6.00 16.29 -12.03
CA ARG D 379 7.33 16.88 -11.92
C ARG D 379 7.90 17.13 -13.32
N PRO D 380 8.43 18.31 -13.58
CA PRO D 380 8.92 18.60 -14.94
C PRO D 380 10.22 17.88 -15.24
N TYR D 381 10.35 17.44 -16.49
CA TYR D 381 11.57 16.80 -16.94
C TYR D 381 11.63 16.87 -18.46
N LYS D 382 12.82 16.61 -19.00
CA LYS D 382 13.01 16.49 -20.43
C LYS D 382 13.93 15.31 -20.70
N GLU D 383 13.77 14.71 -21.88
CA GLU D 383 14.52 13.53 -22.24
C GLU D 383 15.85 13.89 -22.88
N SER D 384 16.89 13.17 -22.48
CA SER D 384 18.21 13.28 -23.09
C SER D 384 18.57 11.96 -23.75
N TYR D 385 19.31 12.04 -24.86
CA TYR D 385 19.68 10.86 -25.62
C TYR D 385 20.99 11.13 -26.34
N GLY D 386 21.76 10.07 -26.56
CA GLY D 386 23.04 10.21 -27.20
C GLY D 386 22.95 10.28 -28.70
N MET D 387 24.04 10.74 -29.33
CA MET D 387 24.09 10.83 -30.77
C MET D 387 24.28 9.47 -31.43
N ALA D 388 24.74 8.48 -30.68
CA ALA D 388 24.85 7.10 -31.15
C ALA D 388 25.68 6.98 -32.42
N SER D 389 25.03 6.62 -33.53
CA SER D 389 25.75 6.35 -34.77
C SER D 389 26.37 7.60 -35.37
N LYS D 390 25.86 8.79 -35.03
CA LYS D 390 26.41 10.02 -35.59
C LYS D 390 27.80 10.36 -35.08
N ARG D 391 28.36 9.56 -34.17
CA ARG D 391 29.74 9.72 -33.73
C ARG D 391 30.62 8.54 -34.12
N ALA D 392 30.09 7.59 -34.89
CA ALA D 392 30.79 6.37 -35.25
C ALA D 392 31.20 6.41 -36.71
N VAL D 393 32.10 5.50 -37.06
CA VAL D 393 32.56 5.33 -38.44
C VAL D 393 31.62 4.38 -39.16
N ALA D 394 31.24 4.73 -40.38
CA ALA D 394 30.35 3.90 -41.18
C ALA D 394 31.03 2.60 -41.59
N SER D 401 23.29 -2.00 -50.33
CA SER D 401 22.00 -2.67 -50.43
C SER D 401 21.23 -2.58 -49.12
N SER D 402 20.01 -3.11 -49.12
CA SER D 402 19.22 -3.20 -47.88
C SER D 402 19.67 -4.33 -46.99
N PHE D 403 20.38 -5.33 -47.55
CA PHE D 403 20.98 -6.38 -46.74
C PHE D 403 22.00 -5.78 -45.78
N ASP D 404 22.86 -4.89 -46.28
CA ASP D 404 23.83 -4.21 -45.43
C ASP D 404 23.14 -3.27 -44.45
N ARG D 405 21.95 -2.77 -44.79
CA ARG D 405 21.22 -1.91 -43.87
C ARG D 405 20.80 -2.66 -42.61
N ALA D 406 20.50 -3.96 -42.75
CA ALA D 406 20.18 -4.77 -41.58
C ALA D 406 21.44 -5.29 -40.89
N ARG D 407 22.55 -5.40 -41.63
CA ARG D 407 23.82 -5.79 -41.01
C ARG D 407 24.29 -4.73 -40.03
N LYS D 408 24.16 -3.45 -40.41
CA LYS D 408 24.58 -2.37 -39.53
C LYS D 408 23.64 -2.24 -38.33
N GLY D 409 22.32 -2.26 -38.58
CA GLY D 409 21.37 -2.09 -37.50
C GLY D 409 21.40 -3.22 -36.50
N LEU D 410 21.87 -4.40 -36.92
CA LEU D 410 21.93 -5.55 -36.01
C LEU D 410 23.03 -5.36 -34.97
N PHE D 411 24.09 -4.62 -35.31
CA PHE D 411 25.21 -4.42 -34.40
C PHE D 411 25.35 -2.98 -33.93
N GLU D 412 24.53 -2.06 -34.43
CA GLU D 412 24.74 -0.65 -34.14
C GLU D 412 24.39 -0.34 -32.69
N GLU D 413 24.94 0.77 -32.21
CA GLU D 413 24.74 1.18 -30.82
C GLU D 413 23.31 1.69 -30.63
N GLY D 414 22.63 1.15 -29.62
CA GLY D 414 21.28 1.59 -29.33
C GLY D 414 21.24 3.01 -28.79
N ILE D 415 20.08 3.64 -28.97
CA ILE D 415 19.87 5.02 -28.53
C ILE D 415 19.25 4.97 -27.13
N SER D 416 20.07 5.29 -26.12
CA SER D 416 19.59 5.31 -24.75
C SER D 416 18.87 6.63 -24.46
N THR D 417 17.90 6.56 -23.56
CA THR D 417 17.08 7.73 -23.21
C THR D 417 17.04 7.86 -21.69
N SER D 418 17.27 9.08 -21.20
CA SER D 418 17.27 9.36 -19.78
C SER D 418 16.34 10.54 -19.48
N ARG D 419 15.71 10.50 -18.32
CA ARG D 419 14.83 11.57 -17.87
C ARG D 419 15.65 12.57 -17.07
N MET D 420 15.68 13.83 -17.53
CA MET D 420 16.43 14.90 -16.87
C MET D 420 15.44 15.81 -16.18
N SER D 421 15.37 15.72 -14.85
CA SER D 421 14.43 16.52 -14.08
C SER D 421 14.86 17.98 -14.05
N LEU D 422 13.92 18.89 -14.28
CA LEU D 422 14.17 20.31 -14.13
C LEU D 422 14.06 20.72 -12.67
N ASP D 423 14.87 21.69 -12.28
CA ASP D 423 14.71 22.30 -10.97
C ASP D 423 13.39 23.06 -10.94
N PRO D 424 12.45 22.70 -10.07
CA PRO D 424 11.13 23.36 -10.11
C PRO D 424 11.18 24.85 -9.80
N ALA D 425 12.24 25.33 -9.16
CA ALA D 425 12.39 26.75 -8.87
C ALA D 425 13.35 27.45 -9.81
N ARG D 426 14.26 26.72 -10.45
CA ARG D 426 15.30 27.28 -11.32
C ARG D 426 15.50 26.36 -12.52
N GLY D 427 14.51 26.33 -13.41
CA GLY D 427 14.53 25.46 -14.57
C GLY D 427 15.28 25.97 -15.77
N GLY D 428 15.86 27.16 -15.71
CA GLY D 428 16.57 27.72 -16.84
C GLY D 428 18.03 27.31 -16.86
N VAL D 429 18.61 27.31 -18.07
CA VAL D 429 20.01 26.93 -18.20
C VAL D 429 20.92 27.98 -17.59
N GLU D 430 20.49 29.25 -17.59
CA GLU D 430 21.28 30.29 -16.94
C GLU D 430 21.37 30.06 -15.44
N ASP D 431 20.34 29.46 -14.84
CA ASP D 431 20.40 29.10 -13.43
C ASP D 431 21.50 28.08 -13.19
N LEU D 432 21.69 27.14 -14.11
CA LEU D 432 22.79 26.19 -13.99
C LEU D 432 24.13 26.88 -14.21
N LEU D 433 24.17 27.86 -15.12
CA LEU D 433 25.41 28.62 -15.31
C LEU D 433 25.76 29.41 -14.06
N ASP D 434 24.75 29.96 -13.38
CA ASP D 434 24.99 30.60 -12.09
C ASP D 434 25.51 29.59 -11.07
N HIS D 435 24.94 28.38 -11.08
CA HIS D 435 25.35 27.35 -10.13
C HIS D 435 26.77 26.86 -10.44
N ILE D 436 27.10 26.70 -11.72
CA ILE D 436 28.42 26.19 -12.10
C ILE D 436 29.49 27.24 -11.82
N THR D 437 29.29 28.46 -12.32
CA THR D 437 30.31 29.49 -12.17
C THR D 437 30.50 29.91 -10.72
N SER D 438 29.45 29.80 -9.90
CA SER D 438 29.59 30.10 -8.48
C SER D 438 30.58 29.14 -7.82
N GLY D 439 30.60 27.88 -8.25
CA GLY D 439 31.50 26.90 -7.69
C GLY D 439 32.92 27.05 -8.17
N VAL D 440 33.08 27.33 -9.46
CA VAL D 440 34.42 27.50 -10.02
C VAL D 440 35.09 28.74 -9.43
N ARG D 441 34.32 29.81 -9.22
CA ARG D 441 34.89 31.02 -8.62
C ARG D 441 35.31 30.77 -7.18
N SER D 442 34.52 30.00 -6.44
CA SER D 442 34.90 29.65 -5.07
C SER D 442 36.15 28.78 -5.05
N THR D 443 36.25 27.83 -5.98
CA THR D 443 37.44 26.99 -6.06
C THR D 443 38.69 27.82 -6.31
N CYS D 444 38.58 28.86 -7.15
CA CYS D 444 39.73 29.72 -7.42
C CYS D 444 40.12 30.50 -6.17
N THR D 445 39.14 30.91 -5.36
CA THR D 445 39.46 31.63 -4.12
C THR D 445 40.08 30.69 -3.09
N TYR D 446 39.58 29.45 -2.99
CA TYR D 446 40.19 28.49 -2.08
C TYR D 446 41.62 28.18 -2.49
N VAL D 447 41.88 28.09 -3.80
CA VAL D 447 43.23 27.80 -4.28
C VAL D 447 44.11 29.04 -4.22
N GLY D 448 43.52 30.22 -4.41
CA GLY D 448 44.29 31.44 -4.48
C GLY D 448 44.57 31.92 -5.89
N ALA D 449 43.73 31.56 -6.85
CA ALA D 449 43.94 31.91 -8.24
C ALA D 449 43.00 33.05 -8.65
N ALA D 450 43.53 33.99 -9.43
CA ALA D 450 42.74 35.07 -9.98
C ALA D 450 42.18 34.75 -11.36
N ASN D 451 42.63 33.66 -11.98
CA ASN D 451 42.15 33.26 -13.30
C ASN D 451 42.37 31.76 -13.45
N LEU D 452 41.87 31.22 -14.56
CA LEU D 452 41.93 29.79 -14.82
C LEU D 452 43.36 29.26 -14.99
N PRO D 453 44.25 29.97 -15.71
CA PRO D 453 45.64 29.49 -15.76
C PRO D 453 46.30 29.40 -14.39
N GLU D 454 46.02 30.35 -13.50
CA GLU D 454 46.57 30.27 -12.15
C GLU D 454 45.94 29.13 -11.36
N LEU D 455 44.71 28.74 -11.67
CA LEU D 455 44.09 27.61 -11.00
C LEU D 455 44.87 26.33 -11.26
N HIS D 456 45.22 26.08 -12.53
CA HIS D 456 45.98 24.87 -12.85
C HIS D 456 47.39 24.92 -12.28
N GLU D 457 47.93 26.12 -12.06
CA GLU D 457 49.30 26.24 -11.56
C GLU D 457 49.35 26.01 -10.04
N LYS D 458 48.43 26.62 -9.30
CA LYS D 458 48.51 26.67 -7.85
C LYS D 458 47.72 25.58 -7.15
N VAL D 459 46.95 24.76 -7.87
CA VAL D 459 46.08 23.80 -7.22
C VAL D 459 46.91 22.64 -6.66
N VAL D 460 46.50 22.15 -5.49
CA VAL D 460 47.09 20.97 -4.87
C VAL D 460 46.00 19.94 -4.68
N LEU D 461 46.17 18.79 -5.32
CA LEU D 461 45.15 17.74 -5.33
C LEU D 461 45.46 16.67 -4.31
N GLY D 462 44.41 15.99 -3.85
CA GLY D 462 44.55 14.83 -3.00
C GLY D 462 43.57 13.76 -3.43
N VAL D 463 43.86 12.53 -3.00
CA VAL D 463 43.03 11.38 -3.30
C VAL D 463 42.34 10.93 -2.01
N GLN D 464 41.10 10.48 -2.13
CA GLN D 464 40.34 9.97 -1.00
C GLN D 464 39.83 8.57 -1.32
N SER D 465 39.44 7.85 -0.28
CA SER D 465 38.93 6.49 -0.43
C SER D 465 37.41 6.54 -0.63
N ALA D 466 36.75 5.39 -0.48
CA ALA D 466 35.31 5.33 -0.65
C ALA D 466 34.58 6.10 0.44
N ALA D 467 35.14 6.15 1.64
CA ALA D 467 34.52 6.87 2.75
C ALA D 467 34.67 8.38 2.57
N VAL E 2 -52.70 5.49 -17.43
CA VAL E 2 -51.70 4.57 -16.92
C VAL E 2 -52.37 3.48 -16.09
N ARG E 3 -52.01 2.23 -16.36
CA ARG E 3 -52.58 1.08 -15.67
C ARG E 3 -51.52 0.43 -14.80
N PHE E 4 -51.86 0.17 -13.54
CA PHE E 4 -51.02 -0.56 -12.61
C PHE E 4 -51.60 -1.94 -12.35
N LEU E 5 -50.74 -2.85 -11.90
CA LEU E 5 -51.21 -4.19 -11.55
C LEU E 5 -52.15 -4.12 -10.35
N ASP E 6 -52.95 -5.18 -10.19
CA ASP E 6 -53.92 -5.22 -9.10
C ASP E 6 -53.21 -5.23 -7.76
N GLY E 7 -53.63 -4.33 -6.87
CA GLY E 7 -53.06 -4.22 -5.55
C GLY E 7 -51.88 -3.27 -5.44
N HIS E 8 -51.25 -2.92 -6.56
CA HIS E 8 -50.06 -2.05 -6.56
C HIS E 8 -50.50 -0.60 -6.36
N THR E 9 -50.97 -0.31 -5.14
CA THR E 9 -51.39 1.03 -4.74
C THR E 9 -50.57 1.42 -3.52
N PRO E 10 -49.31 1.82 -3.71
CA PRO E 10 -48.44 2.09 -2.57
C PRO E 10 -48.77 3.41 -1.90
N ALA E 11 -48.48 3.48 -0.61
CA ALA E 11 -48.68 4.70 0.17
C ALA E 11 -47.51 5.68 0.04
N TYR E 12 -46.95 5.80 -1.15
CA TYR E 12 -45.82 6.68 -1.40
C TYR E 12 -45.73 6.94 -2.90
N ASP E 13 -44.94 7.95 -3.25
CA ASP E 13 -44.68 8.24 -4.65
C ASP E 13 -43.51 7.42 -5.16
N LEU E 14 -43.44 7.27 -6.48
CA LEU E 14 -42.55 6.32 -7.13
C LEU E 14 -41.49 7.04 -7.94
N THR E 15 -40.25 6.58 -7.83
CA THR E 15 -39.17 7.02 -8.69
C THR E 15 -39.03 6.06 -9.86
N TYR E 16 -38.01 6.28 -10.70
CA TYR E 16 -37.75 5.38 -11.81
C TYR E 16 -37.29 4.01 -11.33
N ASN E 17 -36.74 3.92 -10.11
CA ASN E 17 -36.32 2.63 -9.57
C ASN E 17 -37.46 1.86 -8.93
N ASP E 18 -38.57 2.52 -8.62
CA ASP E 18 -39.67 1.87 -7.91
C ASP E 18 -40.61 1.11 -8.83
N VAL E 19 -40.58 1.36 -10.14
CA VAL E 19 -41.57 0.82 -11.05
C VAL E 19 -40.89 -0.09 -12.08
N PHE E 20 -41.70 -0.96 -12.67
CA PHE E 20 -41.27 -1.81 -13.77
C PHE E 20 -42.43 -1.96 -14.75
N VAL E 21 -42.09 -2.35 -15.99
CA VAL E 21 -43.06 -2.48 -17.06
C VAL E 21 -43.35 -3.96 -17.29
N VAL E 22 -44.63 -4.31 -17.30
CA VAL E 22 -45.06 -5.68 -17.55
C VAL E 22 -45.26 -5.86 -19.05
N PRO E 23 -44.64 -6.84 -19.68
CA PRO E 23 -44.82 -7.05 -21.12
C PRO E 23 -46.20 -7.61 -21.43
N GLY E 24 -46.74 -7.18 -22.57
CA GLY E 24 -48.05 -7.63 -23.00
C GLY E 24 -48.04 -8.25 -24.38
N ARG E 25 -49.23 -8.53 -24.91
CA ARG E 25 -49.34 -9.09 -26.25
C ARG E 25 -48.79 -8.10 -27.27
N SER E 26 -47.99 -8.62 -28.21
CA SER E 26 -47.28 -7.77 -29.15
C SER E 26 -47.31 -8.37 -30.53
N ASP E 27 -47.50 -7.51 -31.54
CA ASP E 27 -47.33 -7.89 -32.94
C ASP E 27 -46.17 -7.16 -33.60
N VAL E 28 -45.53 -6.21 -32.90
CA VAL E 28 -44.38 -5.51 -33.44
C VAL E 28 -43.20 -6.48 -33.48
N ALA E 29 -42.70 -6.75 -34.69
CA ALA E 29 -41.64 -7.74 -34.87
C ALA E 29 -40.29 -7.19 -34.43
N SER E 30 -39.81 -6.16 -35.10
CA SER E 30 -38.49 -5.61 -34.86
C SER E 30 -38.57 -4.23 -34.23
N ARG E 31 -37.43 -3.77 -33.71
CA ARG E 31 -37.36 -2.43 -33.13
C ARG E 31 -37.51 -1.36 -34.21
N PHE E 32 -37.13 -1.67 -35.45
CA PHE E 32 -37.19 -0.68 -36.52
C PHE E 32 -38.61 -0.37 -36.95
N ASP E 33 -39.58 -1.22 -36.60
CA ASP E 33 -40.98 -0.93 -36.91
C ASP E 33 -41.59 0.10 -35.97
N VAL E 34 -40.86 0.51 -34.93
CA VAL E 34 -41.37 1.47 -33.95
C VAL E 34 -41.11 2.88 -34.46
N ASP E 35 -42.13 3.74 -34.32
CA ASP E 35 -42.03 5.15 -34.73
C ASP E 35 -41.82 5.98 -33.47
N LEU E 36 -40.58 6.42 -33.26
CA LEU E 36 -40.23 7.24 -32.11
C LEU E 36 -40.57 8.71 -32.27
N SER E 37 -41.42 9.05 -33.24
CA SER E 37 -41.78 10.44 -33.47
C SER E 37 -42.62 10.98 -32.32
N THR E 38 -42.43 12.27 -32.03
CA THR E 38 -43.14 12.93 -30.95
C THR E 38 -44.33 13.72 -31.50
N VAL E 39 -45.32 13.94 -30.63
CA VAL E 39 -46.57 14.57 -31.02
C VAL E 39 -46.84 15.85 -30.22
N ASP E 40 -45.81 16.44 -29.62
CA ASP E 40 -45.96 17.66 -28.84
C ASP E 40 -45.66 18.91 -29.65
N GLY E 41 -45.42 18.78 -30.96
CA GLY E 41 -45.13 19.93 -31.79
C GLY E 41 -43.70 20.38 -31.76
N SER E 42 -42.79 19.60 -31.17
CA SER E 42 -41.38 19.98 -31.12
C SER E 42 -40.65 19.66 -32.42
N GLY E 43 -41.14 18.71 -33.20
CA GLY E 43 -40.50 18.30 -34.42
C GLY E 43 -39.39 17.29 -34.27
N THR E 44 -39.23 16.71 -33.09
CA THR E 44 -38.17 15.74 -32.85
C THR E 44 -38.65 14.34 -33.21
N THR E 45 -37.85 13.62 -34.01
CA THR E 45 -38.18 12.26 -34.39
C THR E 45 -37.75 11.24 -33.33
N ILE E 46 -37.03 11.67 -32.30
CA ILE E 46 -36.74 10.83 -31.14
C ILE E 46 -37.12 11.61 -29.89
N PRO E 47 -37.58 10.95 -28.83
CA PRO E 47 -37.99 11.64 -27.60
C PRO E 47 -36.82 12.02 -26.69
N VAL E 48 -35.81 12.68 -27.25
CA VAL E 48 -34.62 13.09 -26.54
C VAL E 48 -34.44 14.59 -26.72
N VAL E 49 -34.36 15.32 -25.61
CA VAL E 49 -34.13 16.76 -25.61
C VAL E 49 -32.94 17.06 -24.71
N VAL E 50 -31.99 17.84 -25.22
CA VAL E 50 -30.82 18.21 -24.46
C VAL E 50 -31.16 19.39 -23.55
N ALA E 51 -30.78 19.28 -22.29
CA ALA E 51 -31.12 20.31 -21.30
C ALA E 51 -30.42 21.62 -21.63
N ASN E 52 -31.01 22.71 -21.12
CA ASN E 52 -30.47 24.06 -21.33
C ASN E 52 -29.47 24.39 -20.21
N MET E 53 -28.37 23.64 -20.21
CA MET E 53 -27.27 23.83 -19.29
C MET E 53 -26.01 24.14 -20.09
N THR E 54 -25.25 25.14 -19.63
CA THR E 54 -24.06 25.58 -20.35
C THR E 54 -23.00 24.48 -20.45
N ALA E 55 -23.13 23.40 -19.68
CA ALA E 55 -22.15 22.32 -19.70
C ALA E 55 -22.49 21.22 -20.70
N VAL E 56 -23.59 21.37 -21.45
CA VAL E 56 -24.01 20.31 -22.38
C VAL E 56 -24.60 20.92 -23.64
N ALA E 57 -25.31 22.05 -23.50
CA ALA E 57 -26.01 22.67 -24.62
C ALA E 57 -25.05 23.57 -25.38
N GLY E 58 -24.22 22.94 -26.21
CA GLY E 58 -23.24 23.64 -27.01
C GLY E 58 -23.56 23.61 -28.50
N ARG E 59 -22.69 24.28 -29.26
CA ARG E 59 -22.87 24.35 -30.71
C ARG E 59 -22.72 22.97 -31.35
N ARG E 60 -21.63 22.27 -31.03
CA ARG E 60 -21.41 20.94 -31.61
C ARG E 60 -22.47 19.96 -31.16
N MET E 61 -22.98 20.11 -29.94
CA MET E 61 -24.05 19.24 -29.47
C MET E 61 -25.34 19.52 -30.22
N ALA E 62 -25.61 20.80 -30.52
CA ALA E 62 -26.84 21.16 -31.22
C ALA E 62 -26.90 20.53 -32.61
N GLU E 63 -25.79 20.55 -33.34
CA GLU E 63 -25.76 19.97 -34.68
C GLU E 63 -25.85 18.45 -34.62
N THR E 64 -25.10 17.83 -33.70
CA THR E 64 -25.01 16.37 -33.66
C THR E 64 -26.34 15.75 -33.24
N VAL E 65 -27.04 16.37 -32.29
CA VAL E 65 -28.30 15.81 -31.82
C VAL E 65 -29.42 16.06 -32.81
N ALA E 66 -29.44 17.24 -33.44
CA ALA E 66 -30.52 17.57 -34.37
C ALA E 66 -30.51 16.67 -35.59
N ARG E 67 -29.31 16.28 -36.06
CA ARG E 67 -29.23 15.39 -37.22
C ARG E 67 -29.81 14.01 -36.90
N ARG E 68 -29.72 13.59 -35.64
CA ARG E 68 -30.21 12.28 -35.24
C ARG E 68 -31.64 12.31 -34.72
N GLY E 69 -32.31 13.45 -34.82
CA GLY E 69 -33.73 13.54 -34.51
C GLY E 69 -34.07 14.27 -33.23
N GLY E 70 -33.08 14.71 -32.44
CA GLY E 70 -33.34 15.41 -31.21
C GLY E 70 -33.27 16.92 -31.39
N ILE E 71 -33.40 17.62 -30.27
CA ILE E 71 -33.31 19.08 -30.24
C ILE E 71 -32.54 19.49 -28.99
N VAL E 72 -31.82 20.60 -29.10
CA VAL E 72 -30.99 21.13 -28.02
C VAL E 72 -31.51 22.51 -27.67
N VAL E 73 -31.84 22.71 -26.40
CA VAL E 73 -32.29 24.00 -25.90
C VAL E 73 -31.07 24.77 -25.42
N LEU E 74 -30.81 25.91 -26.05
CA LEU E 74 -29.67 26.73 -25.65
C LEU E 74 -29.91 27.32 -24.26
N PRO E 75 -28.88 27.39 -23.42
CA PRO E 75 -29.08 27.90 -22.05
C PRO E 75 -29.46 29.36 -22.04
N GLN E 76 -30.28 29.74 -21.06
CA GLN E 76 -30.73 31.12 -20.97
C GLN E 76 -29.56 32.04 -20.60
N ASP E 77 -29.82 33.33 -20.74
CA ASP E 77 -28.84 34.41 -20.47
C ASP E 77 -27.64 34.36 -21.40
N LEU E 78 -27.68 33.53 -22.44
CA LEU E 78 -26.64 33.57 -23.46
C LEU E 78 -26.83 34.82 -24.31
N PRO E 79 -25.77 35.60 -24.56
CA PRO E 79 -25.94 36.82 -25.36
C PRO E 79 -26.59 36.54 -26.71
N ILE E 80 -27.53 37.40 -27.08
CA ILE E 80 -28.31 37.19 -28.30
C ILE E 80 -27.41 37.16 -29.53
N THR E 81 -26.30 37.89 -29.49
CA THR E 81 -25.34 37.81 -30.59
C THR E 81 -24.71 36.42 -30.68
N ALA E 82 -24.37 35.83 -29.53
CA ALA E 82 -23.81 34.49 -29.54
C ALA E 82 -24.84 33.45 -29.93
N VAL E 83 -26.13 33.72 -29.69
CA VAL E 83 -27.18 32.79 -30.08
C VAL E 83 -27.31 32.74 -31.59
N SER E 84 -27.40 33.92 -32.23
CA SER E 84 -27.61 33.98 -33.67
C SER E 84 -26.49 33.27 -34.43
N GLU E 85 -25.25 33.39 -33.95
CA GLU E 85 -24.14 32.71 -34.61
C GLU E 85 -24.21 31.21 -34.42
N THR E 86 -24.82 30.74 -33.32
CA THR E 86 -24.99 29.32 -33.11
C THR E 86 -26.17 28.78 -33.92
N VAL E 87 -27.27 29.55 -33.97
CA VAL E 87 -28.44 29.12 -34.72
C VAL E 87 -28.13 29.05 -36.21
N ASP E 88 -27.47 30.09 -36.74
CA ASP E 88 -27.11 30.10 -38.14
C ASP E 88 -26.17 28.95 -38.50
N PHE E 89 -25.32 28.53 -37.56
CA PHE E 89 -24.45 27.39 -37.80
C PHE E 89 -25.25 26.10 -37.92
N VAL E 90 -26.21 25.89 -37.02
CA VAL E 90 -27.02 24.69 -37.06
C VAL E 90 -27.94 24.69 -38.28
N LYS E 91 -28.50 25.85 -38.61
CA LYS E 91 -29.38 25.95 -39.77
C LYS E 91 -28.64 25.74 -41.09
N SER E 92 -27.33 25.94 -41.11
CA SER E 92 -26.54 25.82 -42.33
C SER E 92 -25.77 24.50 -42.39
N ARG E 93 -26.21 23.48 -41.66
CA ARG E 93 -25.54 22.20 -41.64
C ARG E 93 -26.24 21.19 -42.55
N ASP E 94 -25.45 20.29 -43.11
CA ASP E 94 -26.01 19.22 -43.94
C ASP E 94 -26.75 18.22 -43.06
N LEU E 95 -27.85 17.70 -43.58
CA LEU E 95 -28.70 16.79 -42.81
C LEU E 95 -28.14 15.37 -42.72
N VAL E 96 -27.02 15.10 -43.38
CA VAL E 96 -26.39 13.78 -43.32
C VAL E 96 -24.90 13.96 -43.06
N VAL E 97 -24.25 14.78 -43.88
CA VAL E 97 -22.81 14.98 -43.77
C VAL E 97 -22.50 15.80 -42.53
N ASP E 98 -21.53 15.34 -41.74
CA ASP E 98 -21.18 15.95 -40.47
C ASP E 98 -20.00 16.89 -40.63
N THR E 99 -19.88 17.83 -39.68
CA THR E 99 -18.80 18.81 -39.70
C THR E 99 -17.56 18.24 -39.05
N PRO E 100 -16.46 18.08 -39.77
CA PRO E 100 -15.23 17.54 -39.17
C PRO E 100 -14.42 18.64 -38.50
N VAL E 101 -13.25 18.25 -38.02
CA VAL E 101 -12.27 19.19 -37.48
C VAL E 101 -11.40 19.68 -38.63
N THR E 102 -11.37 20.99 -38.84
CA THR E 102 -10.60 21.58 -39.92
C THR E 102 -9.25 22.08 -39.42
N LEU E 103 -8.20 21.80 -40.18
CA LEU E 103 -6.84 22.17 -39.81
C LEU E 103 -6.18 22.92 -40.95
N SER E 104 -5.56 24.05 -40.63
CA SER E 104 -4.71 24.73 -41.59
C SER E 104 -3.34 24.07 -41.62
N PRO E 105 -2.68 24.05 -42.79
CA PRO E 105 -1.34 23.42 -42.86
C PRO E 105 -0.32 24.05 -41.92
N GLU E 106 -0.64 25.21 -41.37
CA GLU E 106 0.30 25.93 -40.48
C GLU E 106 0.00 25.60 -39.02
N ASP E 107 -1.12 24.93 -38.75
CA ASP E 107 -1.48 24.62 -37.38
C ASP E 107 -0.43 23.73 -36.73
N SER E 108 -0.33 23.83 -35.42
CA SER E 108 0.65 23.04 -34.68
C SER E 108 0.09 21.66 -34.36
N VAL E 109 0.99 20.71 -34.13
CA VAL E 109 0.59 19.37 -33.71
C VAL E 109 -0.08 19.44 -32.34
N SER E 110 0.28 20.42 -31.52
CA SER E 110 -0.35 20.58 -30.21
C SER E 110 -1.84 20.88 -30.35
N ASP E 111 -2.17 21.88 -31.16
CA ASP E 111 -3.58 22.24 -31.35
C ASP E 111 -4.34 21.15 -32.09
N ALA E 112 -3.69 20.52 -33.08
CA ALA E 112 -4.36 19.47 -33.85
C ALA E 112 -4.70 18.28 -32.97
N ASN E 113 -3.81 17.92 -32.03
CA ASN E 113 -4.05 16.79 -31.16
C ASN E 113 -5.21 17.05 -30.20
N ALA E 114 -5.37 18.30 -29.75
CA ALA E 114 -6.47 18.63 -28.84
C ALA E 114 -7.77 18.86 -29.58
N LEU E 115 -7.72 19.39 -30.80
CA LEU E 115 -8.95 19.63 -31.56
C LEU E 115 -9.61 18.34 -32.05
N LEU E 116 -8.86 17.22 -32.07
CA LEU E 116 -9.42 15.98 -32.57
C LEU E 116 -10.56 15.47 -31.70
N HIS E 117 -10.52 15.75 -30.40
CA HIS E 117 -11.47 15.18 -29.45
C HIS E 117 -12.73 16.03 -29.32
N LYS E 118 -12.89 17.08 -30.12
CA LYS E 118 -14.12 17.86 -30.10
C LYS E 118 -15.22 17.24 -30.95
N ARG E 119 -14.90 16.27 -31.80
CA ARG E 119 -15.88 15.48 -32.53
C ARG E 119 -15.59 14.01 -32.29
N ALA E 120 -16.50 13.15 -32.78
CA ALA E 120 -16.37 11.72 -32.60
C ALA E 120 -15.83 11.01 -33.85
N HIS E 121 -15.21 11.77 -34.76
CA HIS E 121 -14.78 11.19 -36.03
C HIS E 121 -13.43 10.51 -35.93
N GLY E 122 -12.58 10.94 -34.99
CA GLY E 122 -11.26 10.36 -34.85
C GLY E 122 -10.25 10.82 -35.88
N ALA E 123 -10.58 11.82 -36.69
CA ALA E 123 -9.67 12.35 -37.69
C ALA E 123 -10.08 13.77 -38.04
N ALA E 124 -9.11 14.56 -38.49
CA ALA E 124 -9.34 15.94 -38.87
C ALA E 124 -8.92 16.16 -40.32
N VAL E 125 -9.64 17.03 -41.01
CA VAL E 125 -9.42 17.31 -42.41
C VAL E 125 -8.52 18.54 -42.55
N VAL E 126 -7.49 18.42 -43.37
CA VAL E 126 -6.59 19.52 -43.68
C VAL E 126 -7.10 20.22 -44.94
N VAL E 127 -7.25 21.54 -44.86
CA VAL E 127 -7.79 22.31 -45.97
C VAL E 127 -6.86 23.47 -46.28
N PHE E 128 -6.77 23.81 -47.57
CA PHE E 128 -6.08 25.01 -48.03
C PHE E 128 -7.05 25.79 -48.90
N GLU E 129 -7.45 26.97 -48.43
CA GLU E 129 -8.44 27.81 -49.10
C GLU E 129 -9.77 27.09 -49.26
N GLY E 130 -10.09 26.19 -48.32
CA GLY E 130 -11.37 25.54 -48.29
C GLY E 130 -11.44 24.17 -48.94
N ARG E 131 -10.35 23.69 -49.53
CA ARG E 131 -10.35 22.42 -50.25
C ARG E 131 -9.55 21.38 -49.48
N PRO E 132 -10.09 20.18 -49.28
CA PRO E 132 -9.40 19.18 -48.45
C PRO E 132 -8.20 18.59 -49.18
N ILE E 133 -7.09 18.46 -48.45
CA ILE E 133 -5.88 17.89 -49.01
C ILE E 133 -5.35 16.71 -48.22
N GLY E 134 -5.77 16.51 -46.97
CA GLY E 134 -5.26 15.40 -46.19
C GLY E 134 -5.98 15.26 -44.87
N LEU E 135 -5.67 14.17 -44.18
CA LEU E 135 -6.26 13.82 -42.91
C LEU E 135 -5.20 13.78 -41.81
N VAL E 136 -5.64 14.05 -40.59
CA VAL E 136 -4.79 13.98 -39.39
C VAL E 136 -5.53 13.16 -38.35
N THR E 137 -4.90 12.09 -37.89
CA THR E 137 -5.47 11.19 -36.90
C THR E 137 -4.66 11.27 -35.61
N GLU E 138 -5.07 10.46 -34.63
CA GLU E 138 -4.33 10.39 -33.37
C GLU E 138 -2.97 9.74 -33.57
N ALA E 139 -2.90 8.73 -34.43
CA ALA E 139 -1.62 8.06 -34.68
C ALA E 139 -0.66 8.96 -35.45
N ASN E 140 -1.17 9.91 -36.22
CA ASN E 140 -0.30 10.82 -36.95
C ASN E 140 0.47 11.74 -36.01
N CYS E 141 -0.10 12.06 -34.85
CA CYS E 141 0.50 12.98 -33.91
C CYS E 141 1.28 12.28 -32.79
N ALA E 142 1.23 10.95 -32.73
CA ALA E 142 1.90 10.23 -31.66
C ALA E 142 3.42 10.30 -31.84
N GLY E 143 4.12 10.65 -30.77
CA GLY E 143 5.56 10.72 -30.80
C GLY E 143 6.14 11.82 -31.67
N VAL E 144 5.32 12.74 -32.15
CA VAL E 144 5.76 13.83 -33.01
C VAL E 144 6.02 15.05 -32.16
N ASP E 145 6.96 15.89 -32.61
CA ASP E 145 7.25 17.16 -31.96
C ASP E 145 5.97 17.96 -31.76
N ARG E 146 5.75 18.40 -30.52
CA ARG E 146 4.49 19.06 -30.17
C ARG E 146 4.30 20.38 -30.89
N PHE E 147 5.37 20.98 -31.42
CA PHE E 147 5.27 22.25 -32.12
C PHE E 147 5.70 22.14 -33.58
N ALA E 148 5.61 20.96 -34.16
CA ALA E 148 5.74 20.84 -35.60
C ALA E 148 4.46 21.29 -36.29
N ARG E 149 4.52 21.39 -37.61
CA ARG E 149 3.35 21.82 -38.36
C ARG E 149 2.53 20.63 -38.82
N VAL E 150 1.28 20.92 -39.19
CA VAL E 150 0.39 19.86 -39.68
C VAL E 150 0.95 19.24 -40.95
N ARG E 151 1.76 20.03 -41.68
CA ARG E 151 2.37 19.58 -42.96
C ARG E 151 3.42 18.49 -42.74
N ASP E 152 3.68 18.12 -41.49
CA ASP E 152 4.68 17.11 -41.19
C ASP E 152 4.09 15.76 -40.82
N ILE E 153 2.77 15.63 -40.76
CA ILE E 153 2.14 14.42 -40.24
C ILE E 153 0.91 14.04 -41.05
N ALA E 154 0.50 14.90 -41.97
CA ALA E 154 -0.77 14.71 -42.67
C ALA E 154 -0.68 13.56 -43.67
N LEU E 155 -1.71 12.71 -43.67
CA LEU E 155 -1.84 11.65 -44.67
C LEU E 155 -2.43 12.25 -45.93
N SER E 156 -1.72 12.11 -47.05
CA SER E 156 -2.10 12.84 -48.25
C SER E 156 -3.30 12.23 -48.95
N ASP E 157 -3.54 10.94 -48.77
CA ASP E 157 -4.63 10.24 -49.45
C ASP E 157 -5.77 9.94 -48.49
N PHE E 158 -6.99 10.00 -49.02
CA PHE E 158 -8.19 9.74 -48.25
C PHE E 158 -9.33 9.42 -49.21
N VAL E 159 -10.45 8.99 -48.66
CA VAL E 159 -11.63 8.62 -49.44
C VAL E 159 -12.46 9.86 -49.70
N THR E 160 -12.81 10.10 -50.96
CA THR E 160 -13.56 11.26 -51.38
C THR E 160 -14.82 10.83 -52.12
N ALA E 161 -15.94 11.48 -51.81
CA ALA E 161 -17.20 11.25 -52.49
C ALA E 161 -17.94 12.58 -52.53
N PRO E 162 -18.64 12.88 -53.63
CA PRO E 162 -19.37 14.16 -53.70
C PRO E 162 -20.51 14.20 -52.70
N VAL E 163 -20.85 15.43 -52.29
CA VAL E 163 -21.97 15.61 -51.37
C VAL E 163 -23.26 15.20 -52.06
N GLY E 164 -24.11 14.48 -51.33
CA GLY E 164 -25.32 13.91 -51.91
C GLY E 164 -25.17 12.47 -52.36
N THR E 165 -23.97 11.89 -52.24
CA THR E 165 -23.78 10.50 -52.60
C THR E 165 -24.62 9.59 -51.72
N ASP E 166 -25.07 8.48 -52.29
CA ASP E 166 -25.81 7.46 -51.55
C ASP E 166 -25.01 7.02 -50.34
N PRO E 167 -25.52 7.21 -49.12
CA PRO E 167 -24.74 6.87 -47.92
C PRO E 167 -24.34 5.40 -47.84
N ARG E 168 -25.06 4.50 -48.51
CA ARG E 168 -24.67 3.09 -48.47
C ARG E 168 -23.41 2.84 -49.30
N GLU E 169 -23.25 3.57 -50.42
CA GLU E 169 -22.03 3.42 -51.21
C GLU E 169 -20.82 3.96 -50.46
N VAL E 170 -20.99 5.09 -49.75
CA VAL E 170 -19.93 5.60 -48.91
C VAL E 170 -19.56 4.58 -47.83
N PHE E 171 -20.56 3.85 -47.34
CA PHE E 171 -20.29 2.76 -46.40
C PHE E 171 -19.50 1.65 -47.07
N ASP E 172 -19.81 1.36 -48.33
CA ASP E 172 -19.11 0.29 -49.05
C ASP E 172 -17.69 0.71 -49.43
N LEU E 173 -17.49 1.99 -49.75
CA LEU E 173 -16.17 2.45 -50.14
C LEU E 173 -15.20 2.43 -48.97
N LEU E 174 -15.70 2.65 -47.75
CA LEU E 174 -14.88 2.63 -46.54
C LEU E 174 -14.72 1.22 -45.97
N GLU E 175 -15.01 0.18 -46.76
CA GLU E 175 -14.94 -1.19 -46.26
C GLU E 175 -13.53 -1.52 -45.79
N HIS E 176 -12.55 -1.39 -46.69
CA HIS E 176 -11.16 -1.69 -46.37
C HIS E 176 -10.28 -0.44 -46.38
N ALA E 177 -10.87 0.74 -46.17
CA ALA E 177 -10.10 1.96 -46.10
C ALA E 177 -9.27 1.99 -44.82
N PRO E 178 -8.09 2.62 -44.86
CA PRO E 178 -7.26 2.64 -43.64
C PRO E 178 -7.86 3.46 -42.52
N ILE E 179 -8.51 4.58 -42.85
CA ILE E 179 -9.15 5.44 -41.86
C ILE E 179 -10.65 5.44 -42.13
N ASP E 180 -11.43 5.12 -41.10
CA ASP E 180 -12.88 5.10 -41.23
C ASP E 180 -13.43 6.52 -41.34
N VAL E 181 -13.01 7.24 -42.38
CA VAL E 181 -13.39 8.63 -42.57
C VAL E 181 -13.51 8.89 -44.06
N ALA E 182 -14.66 9.44 -44.48
CA ALA E 182 -14.90 9.80 -45.88
C ALA E 182 -15.11 11.30 -45.95
N VAL E 183 -14.29 11.98 -46.75
CA VAL E 183 -14.34 13.42 -46.89
C VAL E 183 -15.26 13.77 -48.05
N MET E 184 -16.35 14.47 -47.76
CA MET E 184 -17.31 14.87 -48.78
C MET E 184 -16.93 16.23 -49.36
N THR E 185 -17.00 16.34 -50.68
CA THR E 185 -16.55 17.52 -51.39
C THR E 185 -17.71 18.18 -52.13
N ALA E 186 -17.69 19.51 -52.17
CA ALA E 186 -18.67 20.29 -52.91
C ALA E 186 -18.39 20.18 -54.41
N PRO E 187 -19.33 20.60 -55.26
CA PRO E 187 -19.06 20.57 -56.70
C PRO E 187 -17.79 21.29 -57.11
N ASP E 188 -17.49 22.44 -56.51
CA ASP E 188 -16.26 23.16 -56.83
C ASP E 188 -15.04 22.60 -56.13
N GLY E 189 -15.19 21.52 -55.36
CA GLY E 189 -14.07 20.86 -54.73
C GLY E 189 -13.84 21.22 -53.28
N THR E 190 -14.57 22.19 -52.75
CA THR E 190 -14.37 22.61 -51.37
C THR E 190 -14.84 21.52 -50.40
N LEU E 191 -14.47 21.69 -49.13
CA LEU E 191 -14.85 20.74 -48.10
C LEU E 191 -16.32 20.92 -47.74
N ALA E 192 -17.14 19.92 -48.06
CA ALA E 192 -18.55 19.95 -47.70
C ALA E 192 -18.82 19.37 -46.31
N GLY E 193 -17.88 18.61 -45.77
CA GLY E 193 -18.03 18.00 -44.46
C GLY E 193 -17.43 16.61 -44.46
N VAL E 194 -17.83 15.81 -43.47
CA VAL E 194 -17.29 14.47 -43.30
C VAL E 194 -18.43 13.50 -43.06
N LEU E 195 -18.15 12.21 -43.29
CA LEU E 195 -19.13 11.15 -43.09
C LEU E 195 -18.38 9.86 -42.82
N THR E 196 -18.71 9.21 -41.72
CA THR E 196 -18.05 7.99 -41.30
C THR E 196 -18.91 6.78 -41.66
N ARG E 197 -18.34 5.58 -41.50
CA ARG E 197 -19.10 4.37 -41.73
C ARG E 197 -20.34 4.37 -40.84
N THR E 198 -20.14 4.18 -39.53
CA THR E 198 -21.25 4.17 -38.58
C THR E 198 -22.20 5.34 -38.81
N GLY E 199 -21.68 6.50 -39.22
CA GLY E 199 -22.55 7.63 -39.54
C GLY E 199 -23.45 7.37 -40.74
N ALA E 200 -22.99 6.55 -41.70
CA ALA E 200 -23.83 6.22 -42.85
C ALA E 200 -25.01 5.36 -42.46
N ILE E 201 -24.88 4.57 -41.39
CA ILE E 201 -25.97 3.73 -40.92
C ILE E 201 -27.00 4.55 -40.15
N ARG E 202 -26.54 5.49 -39.33
CA ARG E 202 -27.44 6.38 -38.60
C ARG E 202 -28.24 7.29 -39.52
N ALA E 203 -27.74 7.55 -40.73
CA ALA E 203 -28.52 8.33 -41.68
C ALA E 203 -29.76 7.59 -42.13
N GLY E 204 -29.69 6.26 -42.20
CA GLY E 204 -30.83 5.42 -42.55
C GLY E 204 -31.64 4.92 -41.40
N ILE E 205 -31.33 5.34 -40.17
CA ILE E 205 -32.08 4.96 -38.98
C ILE E 205 -32.71 6.16 -38.31
N TYR E 206 -31.99 7.27 -38.20
CA TYR E 206 -32.50 8.49 -37.59
C TYR E 206 -32.97 9.46 -38.66
N THR E 207 -34.14 10.07 -38.44
CA THR E 207 -34.65 11.10 -39.31
C THR E 207 -34.32 12.46 -38.72
N PRO E 208 -33.63 13.34 -39.45
CA PRO E 208 -33.25 14.63 -38.87
C PRO E 208 -34.48 15.48 -38.56
N ALA E 209 -34.44 16.14 -37.41
CA ALA E 209 -35.48 17.08 -37.01
C ALA E 209 -35.29 18.38 -37.79
N VAL E 210 -36.21 18.64 -38.73
CA VAL E 210 -36.08 19.78 -39.64
C VAL E 210 -37.25 20.72 -39.42
N ASP E 211 -37.03 22.00 -39.76
CA ASP E 211 -38.06 23.02 -39.65
C ASP E 211 -38.85 23.09 -40.95
N ALA E 212 -39.58 24.19 -41.18
CA ALA E 212 -40.38 24.29 -42.40
C ALA E 212 -39.50 24.44 -43.63
N LYS E 213 -38.27 24.93 -43.45
CA LYS E 213 -37.34 25.15 -44.56
C LYS E 213 -36.32 24.03 -44.71
N GLY E 214 -36.51 22.91 -44.03
CA GLY E 214 -35.60 21.79 -44.15
C GLY E 214 -34.29 21.95 -43.41
N ARG E 215 -34.20 22.89 -42.49
CA ARG E 215 -32.99 23.12 -41.71
C ARG E 215 -33.11 22.49 -40.34
N LEU E 216 -31.96 22.13 -39.75
CA LEU E 216 -31.95 21.47 -38.46
C LEU E 216 -32.61 22.33 -37.39
N ARG E 217 -33.45 21.71 -36.57
CA ARG E 217 -34.18 22.43 -35.53
C ARG E 217 -33.26 22.72 -34.33
N ILE E 218 -33.63 23.75 -33.58
CA ILE E 218 -32.86 24.18 -32.42
C ILE E 218 -33.77 25.04 -31.55
N ALA E 219 -33.68 24.83 -30.24
CA ALA E 219 -34.50 25.57 -29.28
C ALA E 219 -33.61 26.46 -28.41
N ALA E 220 -34.26 27.34 -27.65
CA ALA E 220 -33.56 28.26 -26.77
C ALA E 220 -34.41 28.50 -25.52
N ALA E 221 -33.73 28.76 -24.41
CA ALA E 221 -34.37 29.00 -23.14
C ALA E 221 -34.29 30.48 -22.77
N VAL E 222 -35.09 30.87 -21.79
CA VAL E 222 -35.12 32.25 -21.31
C VAL E 222 -35.60 32.28 -19.87
N GLY E 223 -34.90 33.04 -19.02
CA GLY E 223 -35.31 33.18 -17.64
C GLY E 223 -36.48 34.12 -17.49
N ILE E 224 -37.09 34.08 -16.30
CA ILE E 224 -38.27 34.89 -16.02
C ILE E 224 -37.86 36.21 -15.40
N ASN E 225 -36.57 36.48 -15.38
CA ASN E 225 -36.05 37.73 -14.85
C ASN E 225 -35.97 38.78 -15.95
N GLY E 226 -36.26 40.03 -15.59
CA GLY E 226 -36.18 41.11 -16.55
C GLY E 226 -37.31 41.06 -17.57
N ASP E 227 -36.99 41.50 -18.78
CA ASP E 227 -37.96 41.53 -19.88
C ASP E 227 -38.04 40.14 -20.50
N VAL E 228 -39.03 39.37 -20.08
CA VAL E 228 -39.23 38.06 -20.68
C VAL E 228 -39.74 38.19 -22.11
N GLY E 229 -40.49 39.25 -22.40
CA GLY E 229 -41.06 39.43 -23.72
C GLY E 229 -40.03 39.71 -24.80
N ALA E 230 -39.25 40.77 -24.61
CA ALA E 230 -38.28 41.15 -25.64
C ALA E 230 -37.19 40.09 -25.81
N LYS E 231 -36.82 39.40 -24.73
CA LYS E 231 -35.86 38.30 -24.86
C LYS E 231 -36.46 37.15 -25.66
N ALA E 232 -37.66 36.71 -25.29
CA ALA E 232 -38.32 35.66 -26.08
C ALA E 232 -38.61 36.12 -27.49
N GLN E 233 -38.82 37.42 -27.69
CA GLN E 233 -39.04 37.94 -29.04
C GLN E 233 -37.75 37.98 -29.83
N ALA E 234 -36.63 38.29 -29.17
CA ALA E 234 -35.34 38.30 -29.85
C ALA E 234 -34.88 36.88 -30.18
N LEU E 235 -35.10 35.94 -29.25
CA LEU E 235 -34.73 34.55 -29.51
C LEU E 235 -35.53 33.97 -30.66
N ALA E 236 -36.83 34.30 -30.73
CA ALA E 236 -37.66 33.82 -31.83
C ALA E 236 -37.20 34.41 -33.15
N GLU E 237 -36.86 35.70 -33.16
CA GLU E 237 -36.42 36.34 -34.40
C GLU E 237 -34.98 35.98 -34.75
N ALA E 238 -34.23 35.43 -33.81
CA ALA E 238 -32.89 34.92 -34.06
C ALA E 238 -32.88 33.60 -34.81
N GLY E 239 -34.01 32.90 -34.89
CA GLY E 239 -34.07 31.66 -35.64
C GLY E 239 -34.46 30.44 -34.82
N ALA E 240 -34.91 30.67 -33.59
CA ALA E 240 -35.29 29.56 -32.72
C ALA E 240 -36.59 28.93 -33.17
N ASP E 241 -36.65 27.61 -33.11
CA ASP E 241 -37.85 26.85 -33.46
C ASP E 241 -38.73 26.56 -32.26
N LEU E 242 -38.23 26.75 -31.05
CA LEU E 242 -38.97 26.42 -29.84
C LEU E 242 -38.37 27.22 -28.69
N LEU E 243 -39.24 27.73 -27.82
CA LEU E 243 -38.82 28.53 -26.68
C LEU E 243 -39.14 27.82 -25.38
N VAL E 244 -38.29 28.04 -24.38
CA VAL E 244 -38.42 27.43 -23.06
C VAL E 244 -38.35 28.54 -22.02
N ILE E 245 -39.45 28.78 -21.32
CA ILE E 245 -39.47 29.70 -20.19
C ILE E 245 -39.15 28.85 -18.95
N ASP E 246 -37.93 28.98 -18.45
CA ASP E 246 -37.40 28.09 -17.43
C ASP E 246 -37.17 28.83 -16.13
N THR E 247 -37.50 28.17 -15.02
CA THR E 247 -37.24 28.69 -13.69
C THR E 247 -37.26 27.52 -12.71
N ALA E 248 -36.67 27.74 -11.54
CA ALA E 248 -36.58 26.69 -10.54
C ALA E 248 -37.95 26.27 -10.04
N HIS E 249 -38.75 27.25 -9.61
CA HIS E 249 -40.11 27.00 -9.12
C HIS E 249 -41.08 27.61 -10.14
N GLY E 250 -41.68 26.75 -10.96
CA GLY E 250 -42.57 27.23 -12.02
C GLY E 250 -43.95 27.59 -11.56
N HIS E 251 -44.37 27.12 -10.38
CA HIS E 251 -45.72 27.38 -9.88
C HIS E 251 -45.74 28.62 -8.99
N GLN E 252 -45.34 29.75 -9.58
CA GLN E 252 -45.36 31.03 -8.89
C GLN E 252 -45.95 32.09 -9.81
N ALA E 253 -46.25 33.25 -9.21
CA ALA E 253 -46.95 34.30 -9.95
C ALA E 253 -46.07 34.94 -11.01
N LYS E 254 -44.79 35.15 -10.70
CA LYS E 254 -43.89 35.77 -11.67
C LYS E 254 -43.70 34.90 -12.90
N MET E 255 -43.82 33.58 -12.74
CA MET E 255 -43.72 32.69 -13.88
C MET E 255 -44.94 32.80 -14.80
N LEU E 256 -46.14 32.85 -14.20
CA LEU E 256 -47.35 32.98 -15.01
C LEU E 256 -47.35 34.28 -15.80
N ASP E 257 -46.89 35.37 -15.18
CA ASP E 257 -46.81 36.64 -15.91
C ASP E 257 -45.81 36.56 -17.05
N ALA E 258 -44.77 35.72 -16.91
CA ALA E 258 -43.82 35.55 -18.00
C ALA E 258 -44.44 34.76 -19.15
N ILE E 259 -45.32 33.81 -18.85
CA ILE E 259 -46.00 33.07 -19.90
C ILE E 259 -47.01 33.98 -20.61
N LYS E 260 -47.75 34.78 -19.85
CA LYS E 260 -48.73 35.69 -20.46
C LYS E 260 -48.06 36.73 -21.35
N ALA E 261 -46.83 37.13 -21.03
CA ALA E 261 -46.14 38.12 -21.84
C ALA E 261 -45.67 37.52 -23.17
N VAL E 262 -45.12 36.30 -23.13
CA VAL E 262 -44.64 35.67 -24.34
C VAL E 262 -45.80 35.22 -25.21
N ALA E 263 -46.90 34.76 -24.59
CA ALA E 263 -48.06 34.33 -25.36
C ALA E 263 -48.74 35.49 -26.06
N SER E 264 -48.70 36.68 -25.47
CA SER E 264 -49.32 37.85 -26.10
C SER E 264 -48.56 38.31 -27.32
N LEU E 265 -47.31 37.87 -27.50
CA LEU E 265 -46.54 38.22 -28.68
C LEU E 265 -46.96 37.44 -29.92
N ASP E 266 -47.58 36.28 -29.74
CA ASP E 266 -48.06 35.45 -30.85
C ASP E 266 -46.92 35.15 -31.82
N LEU E 267 -45.81 34.64 -31.28
CA LEU E 267 -44.63 34.33 -32.07
C LEU E 267 -44.78 33.07 -32.91
N GLY E 268 -45.84 32.30 -32.71
CA GLY E 268 -46.05 31.10 -33.50
C GLY E 268 -45.08 29.99 -33.23
N LEU E 269 -44.56 29.90 -32.01
CA LEU E 269 -43.61 28.87 -31.63
C LEU E 269 -44.11 28.09 -30.42
N PRO E 270 -43.81 26.80 -30.33
CA PRO E 270 -44.19 26.03 -29.15
C PRO E 270 -43.52 26.57 -27.89
N LEU E 271 -44.31 26.76 -26.84
CA LEU E 271 -43.83 27.34 -25.59
C LEU E 271 -43.78 26.25 -24.52
N VAL E 272 -42.58 26.02 -23.99
CA VAL E 272 -42.37 25.07 -22.89
C VAL E 272 -42.19 25.87 -21.60
N ALA E 273 -42.85 25.41 -20.54
CA ALA E 273 -42.82 26.10 -19.25
C ALA E 273 -42.54 25.11 -18.13
N GLY E 274 -41.75 25.56 -17.15
CA GLY E 274 -41.43 24.72 -16.01
C GLY E 274 -40.64 25.50 -14.99
N ASN E 275 -40.36 24.84 -13.86
CA ASN E 275 -40.76 23.45 -13.65
C ASN E 275 -41.76 23.32 -12.50
N VAL E 276 -42.66 22.34 -12.63
CA VAL E 276 -43.65 22.01 -11.61
C VAL E 276 -43.69 20.49 -11.47
N VAL E 277 -44.30 20.02 -10.38
CA VAL E 277 -44.42 18.58 -10.13
C VAL E 277 -45.84 18.25 -9.69
N SER E 278 -46.73 19.23 -9.74
CA SER E 278 -48.10 19.06 -9.29
C SER E 278 -49.06 19.28 -10.44
N ALA E 279 -50.23 18.66 -10.35
CA ALA E 279 -51.27 18.85 -11.36
C ALA E 279 -51.76 20.29 -11.38
N GLU E 280 -51.94 20.89 -10.19
CA GLU E 280 -52.38 22.28 -10.12
C GLU E 280 -51.38 23.20 -10.81
N GLY E 281 -50.08 22.96 -10.61
CA GLY E 281 -49.08 23.74 -11.31
C GLY E 281 -49.07 23.50 -12.81
N THR E 282 -49.52 22.31 -13.24
CA THR E 282 -49.63 22.02 -14.66
C THR E 282 -50.83 22.72 -15.28
N ARG E 283 -51.97 22.74 -14.57
CA ARG E 283 -53.14 23.45 -15.07
C ARG E 283 -52.86 24.94 -15.23
N ASP E 284 -52.23 25.55 -14.21
CA ASP E 284 -52.03 26.99 -14.23
C ASP E 284 -51.04 27.41 -15.30
N LEU E 285 -50.07 26.56 -15.63
CA LEU E 285 -49.08 26.94 -16.64
C LEU E 285 -49.68 26.91 -18.04
N ILE E 286 -50.45 25.87 -18.37
CA ILE E 286 -51.05 25.79 -19.70
C ILE E 286 -52.10 26.87 -19.87
N GLU E 287 -52.93 27.11 -18.85
CA GLU E 287 -53.91 28.17 -18.91
C GLU E 287 -53.26 29.55 -19.00
N ALA E 288 -52.01 29.69 -18.56
CA ALA E 288 -51.30 30.96 -18.72
C ALA E 288 -50.87 31.19 -20.15
N GLY E 289 -50.80 30.13 -20.97
CA GLY E 289 -50.41 30.28 -22.36
C GLY E 289 -49.30 29.34 -22.80
N ALA E 290 -48.96 28.37 -21.95
CA ALA E 290 -47.89 27.43 -22.24
C ALA E 290 -48.43 26.23 -23.03
N SER E 291 -47.63 25.76 -23.98
CA SER E 291 -48.00 24.59 -24.77
C SER E 291 -47.49 23.29 -24.15
N ILE E 292 -46.26 23.30 -23.63
CA ILE E 292 -45.65 22.13 -23.01
C ILE E 292 -45.26 22.50 -21.59
N VAL E 293 -45.37 21.52 -20.69
CA VAL E 293 -45.00 21.70 -19.28
C VAL E 293 -43.77 20.86 -19.00
N LYS E 294 -42.73 21.50 -18.49
CA LYS E 294 -41.51 20.81 -18.09
C LYS E 294 -41.58 20.48 -16.60
N VAL E 295 -41.40 19.20 -16.28
CA VAL E 295 -41.64 18.69 -14.93
C VAL E 295 -40.32 18.18 -14.35
N GLY E 296 -40.00 18.66 -13.15
CA GLY E 296 -38.80 18.25 -12.47
C GLY E 296 -38.35 19.23 -11.41
N VAL E 297 -38.63 18.92 -10.15
CA VAL E 297 -38.19 19.72 -9.01
C VAL E 297 -37.56 18.77 -8.00
N GLY E 298 -36.23 18.78 -7.92
CA GLY E 298 -35.49 17.94 -7.01
C GLY E 298 -35.87 16.47 -7.12
N PRO E 299 -35.55 15.85 -8.26
CA PRO E 299 -35.95 14.44 -8.45
C PRO E 299 -35.18 13.48 -7.56
N GLY E 300 -33.92 13.76 -7.26
CA GLY E 300 -33.10 12.86 -6.46
C GLY E 300 -33.25 13.13 -4.98
N ALA E 301 -33.38 12.06 -4.20
CA ALA E 301 -33.60 12.18 -2.77
C ALA E 301 -32.39 12.75 -2.03
N MET E 302 -31.20 12.70 -2.64
CA MET E 302 -29.99 13.21 -2.01
C MET E 302 -29.29 14.24 -2.89
N CYS E 303 -30.06 15.06 -3.61
CA CYS E 303 -29.50 16.11 -4.43
C CYS E 303 -29.51 17.43 -3.66
N THR E 304 -29.12 18.50 -4.36
CA THR E 304 -28.91 19.78 -3.69
C THR E 304 -30.22 20.38 -3.21
N THR E 305 -31.26 20.34 -4.05
CA THR E 305 -32.52 20.97 -3.67
C THR E 305 -33.18 20.23 -2.51
N ARG E 306 -33.16 18.89 -2.54
CA ARG E 306 -33.83 18.12 -1.50
C ARG E 306 -33.16 18.27 -0.14
N MET E 307 -31.83 18.16 -0.11
CA MET E 307 -31.13 18.21 1.17
C MET E 307 -31.05 19.62 1.75
N MET E 308 -31.23 20.65 0.93
CA MET E 308 -31.24 22.02 1.44
C MET E 308 -32.62 22.46 1.88
N THR E 309 -33.67 22.09 1.14
CA THR E 309 -35.01 22.59 1.38
C THR E 309 -36.04 21.53 1.73
N GLY E 310 -35.77 20.26 1.46
CA GLY E 310 -36.78 19.24 1.62
C GLY E 310 -37.84 19.23 0.54
N VAL E 311 -37.76 20.13 -0.44
CA VAL E 311 -38.76 20.24 -1.49
C VAL E 311 -38.36 19.33 -2.64
N GLY E 312 -39.33 18.62 -3.18
CA GLY E 312 -39.09 17.72 -4.29
C GLY E 312 -40.25 16.76 -4.45
N ARG E 313 -40.09 15.86 -5.42
CA ARG E 313 -41.09 14.82 -5.66
C ARG E 313 -40.47 13.75 -6.53
N PRO E 314 -40.69 12.47 -6.26
CA PRO E 314 -40.23 11.41 -7.16
C PRO E 314 -40.71 11.67 -8.58
N GLN E 315 -39.80 11.50 -9.54
CA GLN E 315 -40.05 11.98 -10.89
C GLN E 315 -41.14 11.18 -11.60
N PHE E 316 -41.19 9.87 -11.39
CA PHE E 316 -42.18 9.06 -12.09
C PHE E 316 -43.60 9.45 -11.70
N SER E 317 -43.87 9.54 -10.40
CA SER E 317 -45.20 9.94 -9.95
C SER E 317 -45.49 11.39 -10.34
N ALA E 318 -44.47 12.24 -10.45
CA ALA E 318 -44.69 13.61 -10.88
C ALA E 318 -45.05 13.67 -12.36
N VAL E 319 -44.42 12.85 -13.19
CA VAL E 319 -44.72 12.85 -14.62
C VAL E 319 -46.10 12.24 -14.87
N VAL E 320 -46.44 11.17 -14.14
CA VAL E 320 -47.75 10.54 -14.32
C VAL E 320 -48.87 11.54 -14.03
N GLU E 321 -48.76 12.25 -12.91
CA GLU E 321 -49.81 13.19 -12.54
C GLU E 321 -49.86 14.39 -13.49
N CYS E 322 -48.69 14.92 -13.86
CA CYS E 322 -48.66 16.11 -14.70
C CYS E 322 -49.04 15.79 -16.15
N ALA E 323 -48.67 14.60 -16.64
CA ALA E 323 -49.04 14.24 -18.00
C ALA E 323 -50.54 14.06 -18.15
N ALA E 324 -51.17 13.39 -17.19
CA ALA E 324 -52.62 13.22 -17.23
C ALA E 324 -53.33 14.55 -17.11
N ALA E 325 -52.78 15.47 -16.32
CA ALA E 325 -53.39 16.79 -16.19
C ALA E 325 -53.24 17.60 -17.47
N ALA E 326 -52.05 17.55 -18.09
CA ALA E 326 -51.82 18.25 -19.35
C ALA E 326 -52.54 17.59 -20.52
N ARG E 327 -52.82 16.28 -20.43
CA ARG E 327 -53.49 15.60 -21.53
C ARG E 327 -54.93 16.09 -21.69
N GLN E 328 -55.61 16.34 -20.58
CA GLN E 328 -56.99 16.82 -20.65
C GLN E 328 -57.07 18.27 -21.11
N LEU E 329 -55.99 19.04 -20.96
CA LEU E 329 -55.95 20.41 -21.45
C LEU E 329 -55.38 20.52 -22.85
N GLY E 330 -55.16 19.39 -23.53
CA GLY E 330 -54.64 19.39 -24.88
C GLY E 330 -53.15 19.63 -25.00
N GLY E 331 -52.42 19.72 -23.87
CA GLY E 331 -50.99 19.92 -23.89
C GLY E 331 -50.21 18.62 -23.68
N HIS E 332 -48.89 18.78 -23.61
CA HIS E 332 -47.98 17.68 -23.37
C HIS E 332 -47.06 18.03 -22.22
N VAL E 333 -46.18 17.09 -21.87
CA VAL E 333 -45.32 17.23 -20.71
C VAL E 333 -43.92 16.74 -21.05
N TRP E 334 -42.92 17.35 -20.40
CA TRP E 334 -41.52 17.00 -20.58
C TRP E 334 -40.95 16.49 -19.26
N ALA E 335 -40.31 15.33 -19.30
CA ALA E 335 -39.67 14.75 -18.13
C ALA E 335 -38.25 15.28 -18.03
N ASP E 336 -37.96 16.07 -17.00
CA ASP E 336 -36.71 16.78 -16.87
C ASP E 336 -36.00 16.35 -15.59
N GLY E 337 -34.80 15.80 -15.75
CA GLY E 337 -33.95 15.52 -14.61
C GLY E 337 -33.96 14.05 -14.22
N GLY E 338 -32.81 13.58 -13.75
CA GLY E 338 -32.69 12.23 -13.23
C GLY E 338 -32.45 11.15 -14.25
N VAL E 339 -32.25 11.50 -15.51
CA VAL E 339 -32.08 10.51 -16.58
C VAL E 339 -30.65 9.99 -16.53
N ARG E 340 -30.49 8.70 -16.22
CA ARG E 340 -29.19 8.06 -16.12
C ARG E 340 -29.03 6.84 -17.01
N HIS E 341 -30.12 6.17 -17.38
CA HIS E 341 -30.09 4.97 -18.19
C HIS E 341 -31.26 5.02 -19.16
N PRO E 342 -31.20 4.25 -20.26
CA PRO E 342 -32.36 4.20 -21.16
C PRO E 342 -33.64 3.75 -20.50
N ARG E 343 -33.56 3.05 -19.37
CA ARG E 343 -34.77 2.70 -18.62
C ARG E 343 -35.53 3.95 -18.19
N ASP E 344 -34.80 5.00 -17.78
CA ASP E 344 -35.45 6.23 -17.34
C ASP E 344 -36.20 6.90 -18.48
N VAL E 345 -35.69 6.78 -19.71
CA VAL E 345 -36.39 7.38 -20.85
C VAL E 345 -37.67 6.61 -21.15
N ALA E 346 -37.62 5.28 -21.11
CA ALA E 346 -38.81 4.48 -21.39
C ALA E 346 -39.86 4.67 -20.31
N LEU E 347 -39.46 4.68 -19.04
CA LEU E 347 -40.42 4.87 -17.97
C LEU E 347 -41.04 6.27 -17.99
N ALA E 348 -40.27 7.27 -18.42
CA ALA E 348 -40.81 8.62 -18.53
C ALA E 348 -41.86 8.70 -19.64
N LEU E 349 -41.59 8.06 -20.77
CA LEU E 349 -42.57 8.04 -21.85
C LEU E 349 -43.79 7.20 -21.49
N ALA E 350 -43.57 6.04 -20.87
CA ALA E 350 -44.69 5.21 -20.44
C ALA E 350 -45.54 5.92 -19.41
N ALA E 351 -44.95 6.85 -18.65
CA ALA E 351 -45.70 7.64 -17.69
C ALA E 351 -46.63 8.64 -18.37
N GLY E 352 -46.32 9.05 -19.59
CA GLY E 352 -47.18 9.97 -20.32
C GLY E 352 -46.46 11.17 -20.89
N ALA E 353 -45.12 11.15 -20.84
CA ALA E 353 -44.34 12.28 -21.33
C ALA E 353 -44.15 12.18 -22.84
N SER E 354 -44.12 13.35 -23.48
CA SER E 354 -43.88 13.44 -24.91
C SER E 354 -42.41 13.53 -25.26
N ASN E 355 -41.58 14.06 -24.35
CA ASN E 355 -40.15 14.15 -24.56
C ASN E 355 -39.43 13.98 -23.23
N VAL E 356 -38.20 13.50 -23.30
CA VAL E 356 -37.35 13.30 -22.12
C VAL E 356 -36.16 14.24 -22.23
N MET E 357 -35.95 15.05 -21.20
CA MET E 357 -34.88 16.04 -21.17
C MET E 357 -33.69 15.47 -20.39
N ILE E 358 -32.54 15.41 -21.04
CA ILE E 358 -31.34 14.82 -20.46
C ILE E 358 -30.26 15.89 -20.39
N GLY E 359 -29.55 15.93 -19.27
CA GLY E 359 -28.56 16.98 -19.05
C GLY E 359 -27.15 16.50 -18.79
N SER E 360 -26.85 16.18 -17.52
CA SER E 360 -25.49 15.83 -17.14
C SER E 360 -25.00 14.56 -17.80
N TRP E 361 -25.90 13.67 -18.21
CA TRP E 361 -25.48 12.43 -18.86
C TRP E 361 -24.75 12.71 -20.17
N PHE E 362 -25.26 13.67 -20.95
CA PHE E 362 -24.62 14.00 -22.22
C PHE E 362 -23.39 14.87 -22.08
N ALA E 363 -23.06 15.32 -20.86
CA ALA E 363 -21.86 16.12 -20.67
C ALA E 363 -20.60 15.28 -20.85
N GLY E 364 -20.66 13.99 -20.57
CA GLY E 364 -19.52 13.11 -20.76
C GLY E 364 -19.42 12.59 -22.17
N THR E 365 -19.37 13.51 -23.14
CA THR E 365 -19.27 13.16 -24.55
C THR E 365 -18.31 14.12 -25.24
N TYR E 366 -17.87 13.72 -26.44
CA TYR E 366 -17.00 14.60 -27.22
C TYR E 366 -17.71 15.89 -27.63
N GLU E 367 -19.01 15.81 -27.89
CA GLU E 367 -19.75 16.94 -28.45
C GLU E 367 -20.14 17.98 -27.41
N SER E 368 -20.00 17.69 -26.12
CA SER E 368 -20.31 18.67 -25.10
C SER E 368 -19.31 19.82 -25.13
N PRO E 369 -19.73 21.03 -24.76
CA PRO E 369 -18.82 22.19 -24.86
C PRO E 369 -17.63 22.13 -23.92
N GLY E 370 -17.66 21.28 -22.90
CA GLY E 370 -16.55 21.19 -21.97
C GLY E 370 -15.32 20.56 -22.59
N ASP E 371 -14.17 20.88 -22.01
CA ASP E 371 -12.91 20.34 -22.48
C ASP E 371 -12.73 18.91 -21.98
N LEU E 372 -12.13 18.06 -22.81
CA LEU E 372 -11.86 16.69 -22.42
C LEU E 372 -10.71 16.65 -21.42
N LEU E 373 -10.95 16.06 -20.27
CA LEU E 373 -9.95 15.97 -19.20
C LEU E 373 -9.65 14.51 -18.90
N PHE E 374 -8.49 14.30 -18.28
CA PHE E 374 -8.04 12.96 -17.88
C PHE E 374 -7.67 12.98 -16.42
N ASP E 375 -8.06 11.93 -15.70
CA ASP E 375 -7.79 11.83 -14.27
C ASP E 375 -6.42 11.20 -14.05
N ARG E 376 -6.12 10.81 -12.80
CA ARG E 376 -4.85 10.20 -12.49
C ARG E 376 -4.67 8.84 -13.16
N ASP E 377 -5.77 8.17 -13.52
CA ASP E 377 -5.73 6.89 -14.21
C ASP E 377 -5.73 7.03 -15.73
N ASP E 378 -5.51 8.25 -16.24
CA ASP E 378 -5.52 8.53 -17.68
C ASP E 378 -6.86 8.17 -18.32
N ARG E 379 -7.93 8.24 -17.54
CA ARG E 379 -9.24 7.89 -18.08
C ARG E 379 -10.01 9.15 -18.47
N PRO E 380 -10.66 9.14 -19.63
CA PRO E 380 -11.29 10.37 -20.13
C PRO E 380 -12.55 10.72 -19.35
N TYR E 381 -12.74 12.01 -19.12
CA TYR E 381 -13.94 12.50 -18.44
C TYR E 381 -14.12 13.97 -18.78
N LYS E 382 -15.35 14.44 -18.57
CA LYS E 382 -15.67 15.86 -18.65
C LYS E 382 -16.56 16.21 -17.47
N GLU E 383 -16.43 17.46 -17.00
CA GLU E 383 -17.14 17.90 -15.81
C GLU E 383 -18.46 18.54 -16.18
N SER E 384 -19.48 18.29 -15.36
CA SER E 384 -20.79 18.91 -15.49
C SER E 384 -21.05 19.79 -14.28
N TYR E 385 -21.93 20.78 -14.47
CA TYR E 385 -22.25 21.70 -13.39
C TYR E 385 -23.63 22.29 -13.65
N GLY E 386 -24.28 22.72 -12.55
CA GLY E 386 -25.62 23.25 -12.66
C GLY E 386 -25.66 24.73 -12.98
N MET E 387 -26.82 25.15 -13.51
CA MET E 387 -27.01 26.56 -13.87
C MET E 387 -27.11 27.46 -12.64
N ALA E 388 -27.52 26.92 -11.50
CA ALA E 388 -27.56 27.64 -10.23
C ALA E 388 -28.39 28.92 -10.31
N SER E 389 -27.71 30.07 -10.34
CA SER E 389 -28.41 31.36 -10.29
C SER E 389 -29.23 31.61 -11.55
N LYS E 390 -28.83 31.04 -12.67
CA LYS E 390 -29.52 31.25 -13.94
C LYS E 390 -30.87 30.54 -14.02
N ARG E 391 -31.35 29.93 -12.93
CA ARG E 391 -32.66 29.30 -12.90
C ARG E 391 -33.55 29.83 -11.78
N ALA E 392 -33.09 30.81 -11.02
CA ALA E 392 -33.84 31.36 -9.89
C ALA E 392 -34.27 32.78 -10.19
N VAL E 393 -35.05 33.36 -9.26
CA VAL E 393 -35.53 34.73 -9.36
C VAL E 393 -34.51 35.65 -8.70
N ALA E 394 -34.10 36.69 -9.42
CA ALA E 394 -33.15 37.66 -8.89
C ALA E 394 -33.77 38.51 -7.78
N SER E 401 -25.52 47.61 -6.71
CA SER E 401 -24.22 47.84 -6.11
C SER E 401 -23.50 46.52 -5.83
N SER E 402 -22.19 46.60 -5.58
CA SER E 402 -21.43 45.40 -5.24
C SER E 402 -21.83 44.85 -3.89
N PHE E 403 -22.31 45.70 -2.99
CA PHE E 403 -22.82 45.23 -1.70
C PHE E 403 -24.04 44.32 -1.89
N ASP E 404 -24.93 44.69 -2.82
CA ASP E 404 -26.10 43.87 -3.09
C ASP E 404 -25.71 42.54 -3.71
N ARG E 405 -24.63 42.50 -4.49
CA ARG E 405 -24.20 41.25 -5.11
C ARG E 405 -23.72 40.26 -4.06
N ALA E 406 -23.04 40.74 -3.01
CA ALA E 406 -22.59 39.88 -1.94
C ALA E 406 -23.71 39.55 -0.94
N ARG E 407 -24.72 40.41 -0.83
CA ARG E 407 -25.89 40.06 -0.03
C ARG E 407 -26.64 38.89 -0.65
N LYS E 408 -26.73 38.85 -1.97
CA LYS E 408 -27.37 37.72 -2.63
C LYS E 408 -26.49 36.48 -2.64
N GLY E 409 -25.16 36.68 -2.71
CA GLY E 409 -24.24 35.56 -2.68
C GLY E 409 -24.19 34.83 -1.35
N LEU E 410 -24.60 35.50 -0.26
CA LEU E 410 -24.61 34.84 1.04
C LEU E 410 -25.61 33.68 1.07
N PHE E 411 -26.72 33.81 0.35
CA PHE E 411 -27.74 32.78 0.26
C PHE E 411 -27.79 32.12 -1.11
N GLU E 412 -26.87 32.47 -2.01
CA GLU E 412 -26.95 31.99 -3.39
C GLU E 412 -26.59 30.52 -3.48
N GLU E 413 -27.25 29.82 -4.39
CA GLU E 413 -27.00 28.39 -4.59
C GLU E 413 -25.61 28.19 -5.21
N GLY E 414 -24.79 27.38 -4.57
CA GLY E 414 -23.46 27.12 -5.08
C GLY E 414 -23.49 26.26 -6.33
N ILE E 415 -22.50 26.46 -7.19
CA ILE E 415 -22.39 25.73 -8.44
C ILE E 415 -21.68 24.41 -8.14
N SER E 416 -22.46 23.32 -8.08
CA SER E 416 -21.90 22.00 -7.86
C SER E 416 -21.24 21.48 -9.13
N THR E 417 -20.18 20.70 -8.96
CA THR E 417 -19.41 20.15 -10.07
C THR E 417 -19.24 18.65 -9.88
N SER E 418 -19.57 17.89 -10.91
CA SER E 418 -19.45 16.44 -10.88
C SER E 418 -18.64 15.96 -12.08
N ARG E 419 -18.07 14.77 -11.95
CA ARG E 419 -17.23 14.18 -12.98
C ARG E 419 -18.06 13.21 -13.80
N MET E 420 -18.11 13.45 -15.12
CA MET E 420 -18.84 12.60 -16.05
C MET E 420 -17.82 11.85 -16.90
N SER E 421 -17.73 10.54 -16.70
CA SER E 421 -16.74 9.74 -17.41
C SER E 421 -17.22 9.40 -18.82
N LEU E 422 -16.30 9.48 -19.78
CA LEU E 422 -16.59 9.05 -21.14
C LEU E 422 -16.38 7.55 -21.27
N ASP E 423 -17.23 6.93 -22.08
CA ASP E 423 -16.99 5.55 -22.46
C ASP E 423 -15.78 5.52 -23.40
N PRO E 424 -14.69 4.84 -23.03
CA PRO E 424 -13.50 4.84 -23.90
C PRO E 424 -13.76 4.29 -25.30
N ALA E 425 -14.81 3.49 -25.48
CA ALA E 425 -15.18 3.00 -26.79
C ALA E 425 -16.38 3.72 -27.38
N ARG E 426 -17.14 4.46 -26.58
CA ARG E 426 -18.34 5.15 -27.04
C ARG E 426 -18.42 6.54 -26.39
N GLY E 427 -17.42 7.37 -26.68
CA GLY E 427 -17.40 8.71 -26.16
C GLY E 427 -18.27 9.72 -26.88
N GLY E 428 -18.96 9.30 -27.95
CA GLY E 428 -19.80 10.21 -28.70
C GLY E 428 -21.23 10.24 -28.19
N VAL E 429 -21.88 11.38 -28.38
CA VAL E 429 -23.27 11.52 -27.94
C VAL E 429 -24.20 10.67 -28.80
N GLU E 430 -23.83 10.43 -30.07
CA GLU E 430 -24.63 9.56 -30.92
C GLU E 430 -24.64 8.13 -30.39
N ASP E 431 -23.55 7.71 -29.73
CA ASP E 431 -23.52 6.40 -29.10
C ASP E 431 -24.53 6.31 -27.96
N LEU E 432 -24.69 7.39 -27.21
CA LEU E 432 -25.72 7.42 -26.17
C LEU E 432 -27.11 7.44 -26.79
N LEU E 433 -27.27 8.17 -27.90
CA LEU E 433 -28.55 8.15 -28.61
C LEU E 433 -28.86 6.75 -29.14
N ASP E 434 -27.83 6.04 -29.62
CA ASP E 434 -28.02 4.66 -30.01
C ASP E 434 -28.35 3.78 -28.79
N HIS E 435 -27.76 4.10 -27.64
CA HIS E 435 -28.02 3.32 -26.44
C HIS E 435 -29.42 3.59 -25.90
N ILE E 436 -29.88 4.83 -25.98
CA ILE E 436 -31.18 5.20 -25.44
C ILE E 436 -32.30 4.68 -26.34
N THR E 437 -32.21 4.98 -27.64
CA THR E 437 -33.28 4.59 -28.56
C THR E 437 -33.37 3.08 -28.73
N SER E 438 -32.26 2.36 -28.57
CA SER E 438 -32.31 0.90 -28.65
C SER E 438 -33.16 0.33 -27.54
N GLY E 439 -33.09 0.91 -26.35
CA GLY E 439 -33.87 0.44 -25.22
C GLY E 439 -35.32 0.86 -25.28
N VAL E 440 -35.57 2.09 -25.75
CA VAL E 440 -36.94 2.57 -25.87
C VAL E 440 -37.69 1.78 -26.94
N ARG E 441 -37.01 1.46 -28.05
CA ARG E 441 -37.65 0.66 -29.09
C ARG E 441 -37.95 -0.75 -28.59
N SER E 442 -37.06 -1.29 -27.74
CA SER E 442 -37.33 -2.60 -27.16
C SER E 442 -38.50 -2.56 -26.18
N THR E 443 -38.66 -1.45 -25.46
CA THR E 443 -39.78 -1.31 -24.56
C THR E 443 -41.10 -1.32 -25.30
N CYS E 444 -41.13 -0.73 -26.51
CA CYS E 444 -42.34 -0.74 -27.31
C CYS E 444 -42.67 -2.13 -27.81
N THR E 445 -41.65 -2.93 -28.13
CA THR E 445 -41.89 -4.30 -28.57
C THR E 445 -42.41 -5.16 -27.41
N TYR E 446 -41.87 -4.96 -26.21
CA TYR E 446 -42.38 -5.70 -25.05
C TYR E 446 -43.81 -5.33 -24.73
N VAL E 447 -44.13 -4.03 -24.78
CA VAL E 447 -45.49 -3.58 -24.51
C VAL E 447 -46.43 -3.94 -25.67
N GLY E 448 -45.93 -3.85 -26.90
CA GLY E 448 -46.73 -4.08 -28.07
C GLY E 448 -47.18 -2.83 -28.79
N ALA E 449 -46.43 -1.74 -28.67
CA ALA E 449 -46.80 -0.46 -29.26
C ALA E 449 -45.99 -0.19 -30.52
N ALA E 450 -46.62 0.47 -31.48
CA ALA E 450 -45.94 0.86 -32.71
C ALA E 450 -45.36 2.27 -32.65
N ASN E 451 -45.78 3.08 -31.68
CA ASN E 451 -45.24 4.42 -31.51
C ASN E 451 -45.38 4.81 -30.04
N LEU E 452 -44.99 6.06 -29.74
CA LEU E 452 -45.03 6.58 -28.38
C LEU E 452 -46.46 6.78 -27.87
N PRO E 453 -47.38 7.33 -28.66
CA PRO E 453 -48.77 7.44 -28.15
C PRO E 453 -49.38 6.11 -27.77
N GLU E 454 -49.11 5.05 -28.53
CA GLU E 454 -49.58 3.72 -28.12
C GLU E 454 -48.88 3.24 -26.86
N LEU E 455 -47.60 3.60 -26.70
CA LEU E 455 -46.86 3.18 -25.51
C LEU E 455 -47.50 3.71 -24.23
N HIS E 456 -48.02 4.93 -24.27
CA HIS E 456 -48.59 5.54 -23.06
C HIS E 456 -49.84 4.79 -22.60
N GLU E 457 -50.64 4.28 -23.53
CA GLU E 457 -51.87 3.58 -23.16
C GLU E 457 -51.65 2.09 -22.94
N LYS E 458 -50.91 1.43 -23.84
CA LYS E 458 -50.77 -0.02 -23.79
C LYS E 458 -49.88 -0.49 -22.66
N VAL E 459 -49.20 0.40 -21.94
CA VAL E 459 -48.24 -0.02 -20.93
C VAL E 459 -48.97 -0.35 -19.64
N VAL E 460 -48.48 -1.39 -18.94
CA VAL E 460 -48.99 -1.79 -17.64
C VAL E 460 -47.81 -1.78 -16.67
N LEU E 461 -47.91 -0.94 -15.65
CA LEU E 461 -46.82 -0.73 -14.71
C LEU E 461 -47.00 -1.58 -13.45
N GLY E 462 -45.88 -1.82 -12.77
CA GLY E 462 -45.90 -2.53 -11.51
C GLY E 462 -44.88 -1.94 -10.56
N VAL E 463 -45.08 -2.22 -9.28
CA VAL E 463 -44.23 -1.71 -8.21
C VAL E 463 -43.38 -2.84 -7.66
N GLN E 464 -42.13 -2.53 -7.33
CA GLN E 464 -41.19 -3.49 -6.75
C GLN E 464 -40.59 -2.90 -5.49
N SER E 465 -40.08 -3.78 -4.62
CA SER E 465 -39.41 -3.35 -3.40
C SER E 465 -37.96 -3.02 -3.69
N ALA E 466 -37.14 -2.92 -2.64
CA ALA E 466 -35.73 -2.59 -2.82
C ALA E 466 -34.95 -3.75 -3.45
N ALA E 467 -35.34 -4.99 -3.16
CA ALA E 467 -34.66 -6.14 -3.71
C ALA E 467 -35.07 -6.38 -5.17
N VAL F 2 -51.05 -20.65 -3.79
CA VAL F 2 -50.13 -20.26 -2.73
C VAL F 2 -50.88 -19.58 -1.59
N ARG F 3 -50.52 -19.93 -0.36
CA ARG F 3 -51.15 -19.38 0.83
C ARG F 3 -50.15 -18.49 1.55
N PHE F 4 -50.52 -17.23 1.78
CA PHE F 4 -49.72 -16.29 2.53
C PHE F 4 -50.32 -16.05 3.90
N LEU F 5 -49.50 -15.55 4.81
CA LEU F 5 -49.97 -15.22 6.15
C LEU F 5 -51.00 -14.10 6.08
N ASP F 6 -51.88 -14.06 7.08
CA ASP F 6 -52.93 -13.06 7.11
C ASP F 6 -52.35 -11.66 7.21
N GLY F 7 -52.80 -10.77 6.32
CA GLY F 7 -52.31 -9.41 6.28
C GLY F 7 -51.17 -9.17 5.33
N HIS F 8 -50.50 -10.21 4.85
CA HIS F 8 -49.35 -10.07 3.96
C HIS F 8 -49.83 -9.89 2.52
N THR F 9 -50.43 -8.72 2.28
CA THR F 9 -50.89 -8.31 0.95
C THR F 9 -50.14 -7.04 0.58
N PRO F 10 -48.90 -7.16 0.09
CA PRO F 10 -48.10 -5.98 -0.22
C PRO F 10 -48.54 -5.32 -1.51
N ALA F 11 -48.31 -4.01 -1.59
CA ALA F 11 -48.62 -3.23 -2.78
C ALA F 11 -47.52 -3.28 -3.83
N TYR F 12 -46.88 -4.43 -3.98
CA TYR F 12 -45.79 -4.58 -4.93
C TYR F 12 -45.59 -6.07 -5.22
N ASP F 13 -44.85 -6.36 -6.28
CA ASP F 13 -44.51 -7.74 -6.59
C ASP F 13 -43.29 -8.18 -5.78
N LEU F 14 -43.11 -9.50 -5.70
CA LEU F 14 -42.15 -10.10 -4.79
C LEU F 14 -41.07 -10.83 -5.57
N THR F 15 -39.81 -10.60 -5.18
CA THR F 15 -38.68 -11.37 -5.69
C THR F 15 -38.45 -12.56 -4.76
N TYR F 16 -37.37 -13.31 -5.01
CA TYR F 16 -37.01 -14.40 -4.09
C TYR F 16 -36.53 -13.88 -2.74
N ASN F 17 -36.12 -12.63 -2.66
CA ASN F 17 -35.66 -12.05 -1.39
C ASN F 17 -36.79 -11.52 -0.54
N ASP F 18 -37.98 -11.32 -1.11
CA ASP F 18 -39.09 -10.69 -0.40
C ASP F 18 -39.93 -11.68 0.40
N VAL F 19 -39.77 -12.98 0.20
CA VAL F 19 -40.67 -13.96 0.78
C VAL F 19 -39.89 -14.99 1.58
N PHE F 20 -40.62 -15.69 2.46
CA PHE F 20 -40.05 -16.76 3.28
C PHE F 20 -41.12 -17.83 3.48
N VAL F 21 -40.67 -19.03 3.81
CA VAL F 21 -41.54 -20.17 4.04
C VAL F 21 -41.81 -20.31 5.53
N VAL F 22 -43.08 -20.39 5.89
CA VAL F 22 -43.49 -20.57 7.29
C VAL F 22 -43.57 -22.06 7.55
N PRO F 23 -42.86 -22.59 8.56
CA PRO F 23 -42.90 -24.03 8.83
C PRO F 23 -44.29 -24.46 9.27
N GLY F 24 -44.63 -25.71 8.92
CA GLY F 24 -45.90 -26.30 9.31
C GLY F 24 -45.69 -27.64 9.98
N ARG F 25 -46.79 -28.22 10.44
CA ARG F 25 -46.75 -29.53 11.06
C ARG F 25 -46.32 -30.57 10.04
N SER F 26 -45.37 -31.42 10.42
CA SER F 26 -44.76 -32.35 9.48
C SER F 26 -44.59 -33.72 10.13
N ASP F 27 -44.75 -34.76 9.32
CA ASP F 27 -44.42 -36.12 9.72
C ASP F 27 -43.29 -36.70 8.89
N VAL F 28 -42.81 -35.98 7.88
CA VAL F 28 -41.71 -36.44 7.05
C VAL F 28 -40.43 -36.42 7.88
N ALA F 29 -39.81 -37.59 8.06
CA ALA F 29 -38.65 -37.72 8.94
C ALA F 29 -37.40 -37.10 8.34
N SER F 30 -36.83 -37.75 7.32
CA SER F 30 -35.55 -37.35 6.75
C SER F 30 -35.76 -36.76 5.35
N ARG F 31 -34.65 -36.28 4.79
CA ARG F 31 -34.69 -35.73 3.44
C ARG F 31 -34.89 -36.81 2.39
N PHE F 32 -34.40 -38.03 2.66
CA PHE F 32 -34.48 -39.12 1.69
C PHE F 32 -35.90 -39.60 1.48
N ASP F 33 -36.82 -39.30 2.40
CA ASP F 33 -38.22 -39.66 2.22
C ASP F 33 -38.91 -38.78 1.17
N VAL F 34 -38.31 -37.64 0.82
CA VAL F 34 -38.91 -36.72 -0.13
C VAL F 34 -38.67 -37.22 -1.54
N ASP F 35 -39.71 -37.17 -2.38
CA ASP F 35 -39.64 -37.58 -3.77
C ASP F 35 -39.54 -36.31 -4.62
N LEU F 36 -38.32 -35.99 -5.05
CA LEU F 36 -38.08 -34.81 -5.87
C LEU F 36 -38.45 -35.03 -7.34
N SER F 37 -39.09 -36.15 -7.67
CA SER F 37 -39.47 -36.40 -9.05
C SER F 37 -40.50 -35.36 -9.51
N THR F 38 -40.42 -35.02 -10.80
CA THR F 38 -41.24 -33.96 -11.37
C THR F 38 -42.34 -34.55 -12.25
N VAL F 39 -43.37 -33.75 -12.47
CA VAL F 39 -44.59 -34.22 -13.13
C VAL F 39 -44.88 -33.39 -14.38
N ASP F 40 -43.83 -32.90 -15.04
CA ASP F 40 -43.98 -32.07 -16.22
C ASP F 40 -43.73 -32.84 -17.52
N GLY F 41 -43.57 -34.15 -17.44
CA GLY F 41 -43.30 -34.95 -18.63
C GLY F 41 -41.87 -34.88 -19.12
N SER F 42 -40.98 -34.20 -18.39
CA SER F 42 -39.58 -34.14 -18.78
C SER F 42 -38.79 -35.36 -18.34
N GLY F 43 -39.29 -36.12 -17.36
CA GLY F 43 -38.60 -37.28 -16.87
C GLY F 43 -37.50 -36.99 -15.87
N THR F 44 -37.47 -35.79 -15.30
CA THR F 44 -36.43 -35.40 -14.36
C THR F 44 -36.80 -35.83 -12.94
N THR F 45 -35.90 -36.57 -12.30
CA THR F 45 -36.11 -36.97 -10.91
C THR F 45 -35.74 -35.88 -9.92
N ILE F 46 -35.19 -34.77 -10.39
CA ILE F 46 -34.94 -33.58 -9.57
C ILE F 46 -35.39 -32.36 -10.37
N PRO F 47 -35.93 -31.33 -9.73
CA PRO F 47 -36.43 -30.15 -10.45
C PRO F 47 -35.31 -29.19 -10.85
N VAL F 48 -34.35 -29.69 -11.61
CA VAL F 48 -33.20 -28.91 -12.05
C VAL F 48 -33.10 -29.03 -13.56
N VAL F 49 -33.18 -27.89 -14.26
CA VAL F 49 -33.01 -27.83 -15.71
C VAL F 49 -31.85 -26.90 -16.01
N VAL F 50 -30.93 -27.37 -16.85
CA VAL F 50 -29.81 -26.53 -17.28
C VAL F 50 -30.26 -25.65 -18.43
N ALA F 51 -29.97 -24.37 -18.34
CA ALA F 51 -30.43 -23.42 -19.34
C ALA F 51 -29.75 -23.64 -20.68
N ASN F 52 -30.42 -23.19 -21.74
CA ASN F 52 -29.91 -23.33 -23.10
C ASN F 52 -28.99 -22.15 -23.40
N MET F 53 -27.79 -22.22 -22.84
CA MET F 53 -26.78 -21.18 -23.01
C MET F 53 -25.43 -21.83 -23.33
N THR F 54 -24.75 -21.30 -24.35
CA THR F 54 -23.51 -21.91 -24.81
C THR F 54 -22.43 -21.92 -23.73
N ALA F 55 -22.53 -21.05 -22.73
CA ALA F 55 -21.55 -21.00 -21.66
C ALA F 55 -21.77 -22.06 -20.58
N VAL F 56 -22.81 -22.88 -20.71
CA VAL F 56 -23.14 -23.87 -19.68
C VAL F 56 -23.58 -25.18 -20.31
N ALA F 57 -24.48 -25.10 -21.29
CA ALA F 57 -25.06 -26.29 -21.91
C ALA F 57 -24.05 -26.92 -22.85
N GLY F 58 -23.18 -27.76 -22.28
CA GLY F 58 -22.15 -28.45 -23.02
C GLY F 58 -22.36 -29.96 -23.01
N ARG F 59 -21.40 -30.65 -23.66
CA ARG F 59 -21.46 -32.10 -23.73
C ARG F 59 -21.21 -32.74 -22.36
N ARG F 60 -20.07 -32.42 -21.75
CA ARG F 60 -19.76 -32.97 -20.43
C ARG F 60 -20.79 -32.55 -19.39
N MET F 61 -21.40 -31.38 -19.55
CA MET F 61 -22.48 -30.98 -18.66
C MET F 61 -23.73 -31.84 -18.88
N ALA F 62 -24.04 -32.15 -20.14
CA ALA F 62 -25.24 -32.91 -20.45
C ALA F 62 -25.19 -34.31 -19.86
N GLU F 63 -24.00 -34.92 -19.85
CA GLU F 63 -23.86 -36.28 -19.35
C GLU F 63 -23.89 -36.33 -17.83
N THR F 64 -23.29 -35.34 -17.17
CA THR F 64 -23.08 -35.43 -15.72
C THR F 64 -24.37 -35.26 -14.94
N VAL F 65 -25.16 -34.24 -15.26
CA VAL F 65 -26.36 -33.95 -14.47
C VAL F 65 -27.51 -34.87 -14.88
N ALA F 66 -27.56 -35.30 -16.14
CA ALA F 66 -28.61 -36.22 -16.55
C ALA F 66 -28.54 -37.54 -15.79
N ARG F 67 -27.34 -37.98 -15.43
CA ARG F 67 -27.20 -39.16 -14.58
C ARG F 67 -27.77 -38.92 -13.19
N ARG F 68 -27.68 -37.68 -12.70
CA ARG F 68 -28.18 -37.35 -11.37
C ARG F 68 -29.63 -36.88 -11.39
N GLY F 69 -30.31 -36.97 -12.53
CA GLY F 69 -31.73 -36.70 -12.61
C GLY F 69 -32.12 -35.43 -13.33
N GLY F 70 -31.16 -34.58 -13.71
CA GLY F 70 -31.45 -33.35 -14.40
C GLY F 70 -31.52 -33.53 -15.91
N ILE F 71 -31.65 -32.41 -16.61
CA ILE F 71 -31.64 -32.42 -18.06
C ILE F 71 -31.04 -31.10 -18.54
N VAL F 72 -30.27 -31.18 -19.63
CA VAL F 72 -29.60 -30.03 -20.22
C VAL F 72 -30.26 -29.73 -21.56
N VAL F 73 -30.64 -28.48 -21.74
CA VAL F 73 -31.18 -28.02 -23.01
C VAL F 73 -30.03 -27.47 -23.84
N LEU F 74 -29.75 -28.12 -24.97
CA LEU F 74 -28.69 -27.65 -25.85
C LEU F 74 -29.04 -26.28 -26.39
N PRO F 75 -28.07 -25.37 -26.52
CA PRO F 75 -28.38 -24.02 -26.99
C PRO F 75 -28.88 -24.02 -28.42
N GLN F 76 -29.80 -23.10 -28.70
CA GLN F 76 -30.37 -23.00 -30.03
C GLN F 76 -29.32 -22.55 -31.05
N ASP F 77 -29.64 -22.72 -32.33
CA ASP F 77 -28.77 -22.40 -33.46
C ASP F 77 -27.50 -23.24 -33.48
N LEU F 78 -27.42 -24.26 -32.64
CA LEU F 78 -26.30 -25.20 -32.72
C LEU F 78 -26.47 -26.05 -33.97
N PRO F 79 -25.41 -26.23 -34.78
CA PRO F 79 -25.56 -27.02 -36.02
C PRO F 79 -26.03 -28.44 -35.72
N ILE F 80 -26.86 -28.96 -36.62
CA ILE F 80 -27.48 -30.27 -36.40
C ILE F 80 -26.43 -31.36 -36.33
N THR F 81 -25.30 -31.17 -37.01
CA THR F 81 -24.22 -32.15 -36.94
C THR F 81 -23.58 -32.16 -35.56
N ALA F 82 -23.34 -30.97 -34.99
CA ALA F 82 -22.81 -30.89 -33.64
C ALA F 82 -23.81 -31.41 -32.62
N VAL F 83 -25.10 -31.21 -32.85
CA VAL F 83 -26.12 -31.80 -32.00
C VAL F 83 -26.09 -33.32 -32.12
N SER F 84 -26.15 -33.83 -33.35
CA SER F 84 -26.15 -35.27 -33.58
C SER F 84 -24.98 -35.96 -32.88
N GLU F 85 -23.81 -35.32 -32.90
CA GLU F 85 -22.66 -35.89 -32.21
C GLU F 85 -22.81 -35.82 -30.71
N THR F 86 -23.60 -34.87 -30.20
CA THR F 86 -23.76 -34.73 -28.77
C THR F 86 -24.84 -35.67 -28.23
N VAL F 87 -25.97 -35.78 -28.93
CA VAL F 87 -27.04 -36.65 -28.45
C VAL F 87 -26.59 -38.11 -28.48
N ASP F 88 -25.99 -38.54 -29.59
CA ASP F 88 -25.48 -39.91 -29.68
C ASP F 88 -24.44 -40.19 -28.61
N PHE F 89 -23.73 -39.16 -28.16
CA PHE F 89 -22.80 -39.33 -27.04
C PHE F 89 -23.54 -39.55 -25.74
N VAL F 90 -24.42 -38.61 -25.37
CA VAL F 90 -25.11 -38.69 -24.09
C VAL F 90 -25.95 -39.95 -23.98
N LYS F 91 -26.61 -40.34 -25.07
CA LYS F 91 -27.45 -41.54 -25.08
C LYS F 91 -26.64 -42.83 -24.97
N SER F 92 -25.32 -42.76 -25.06
CA SER F 92 -24.47 -43.95 -25.04
C SER F 92 -23.64 -44.07 -23.79
N ARG F 93 -23.92 -43.28 -22.75
CA ARG F 93 -23.15 -43.35 -21.52
C ARG F 93 -23.84 -44.29 -20.53
N ASP F 94 -23.07 -44.76 -19.56
CA ASP F 94 -23.60 -45.61 -18.50
C ASP F 94 -24.36 -44.77 -17.49
N LEU F 95 -25.39 -45.37 -16.88
CA LEU F 95 -26.21 -44.69 -15.89
C LEU F 95 -25.56 -44.60 -14.52
N VAL F 96 -24.37 -45.17 -14.34
CA VAL F 96 -23.66 -45.10 -13.07
C VAL F 96 -22.20 -44.76 -13.35
N VAL F 97 -21.55 -45.54 -14.21
CA VAL F 97 -20.14 -45.32 -14.52
C VAL F 97 -20.00 -44.07 -15.38
N ASP F 98 -19.08 -43.20 -14.97
CA ASP F 98 -18.87 -41.92 -15.64
C ASP F 98 -17.78 -42.02 -16.69
N THR F 99 -17.67 -40.97 -17.51
CA THR F 99 -16.68 -40.91 -18.58
C THR F 99 -15.41 -40.24 -18.06
N PRO F 100 -14.27 -40.91 -18.07
CA PRO F 100 -13.05 -40.34 -17.50
C PRO F 100 -12.36 -39.40 -18.48
N VAL F 101 -11.20 -38.92 -18.06
CA VAL F 101 -10.30 -38.15 -18.91
C VAL F 101 -9.28 -39.12 -19.49
N THR F 102 -9.36 -39.35 -20.80
CA THR F 102 -8.50 -40.35 -21.44
C THR F 102 -7.21 -39.71 -21.92
N LEU F 103 -6.10 -40.41 -21.68
CA LEU F 103 -4.77 -39.96 -22.09
C LEU F 103 -4.06 -41.07 -22.85
N SER F 104 -3.28 -40.68 -23.85
CA SER F 104 -2.39 -41.57 -24.56
C SER F 104 -0.99 -41.52 -23.95
N PRO F 105 -0.25 -42.62 -23.99
CA PRO F 105 1.13 -42.60 -23.45
C PRO F 105 2.04 -41.59 -24.15
N GLU F 106 1.67 -41.12 -25.34
CA GLU F 106 2.46 -40.11 -26.05
C GLU F 106 1.97 -38.69 -25.82
N ASP F 107 0.88 -38.50 -25.10
CA ASP F 107 0.43 -37.16 -24.78
C ASP F 107 1.44 -36.45 -23.88
N SER F 108 1.39 -35.12 -23.90
CA SER F 108 2.32 -34.32 -23.12
C SER F 108 1.77 -34.06 -21.73
N VAL F 109 2.68 -33.77 -20.80
CA VAL F 109 2.28 -33.38 -19.46
C VAL F 109 1.47 -32.09 -19.50
N SER F 110 1.78 -31.21 -20.45
CA SER F 110 1.02 -29.96 -20.57
C SER F 110 -0.45 -30.23 -20.86
N ASP F 111 -0.74 -31.06 -21.86
CA ASP F 111 -2.12 -31.39 -22.17
C ASP F 111 -2.75 -32.23 -21.07
N ALA F 112 -1.97 -33.13 -20.47
CA ALA F 112 -2.49 -33.96 -19.39
C ALA F 112 -2.87 -33.12 -18.18
N ASN F 113 -2.07 -32.11 -17.85
CA ASN F 113 -2.37 -31.26 -16.70
C ASN F 113 -3.61 -30.40 -16.96
N ALA F 114 -3.83 -29.99 -18.21
CA ALA F 114 -4.99 -29.17 -18.52
C ALA F 114 -6.27 -30.01 -18.70
N LEU F 115 -6.13 -31.24 -19.19
CA LEU F 115 -7.29 -32.10 -19.40
C LEU F 115 -7.91 -32.58 -18.09
N LEU F 116 -7.16 -32.57 -16.99
CA LEU F 116 -7.67 -33.09 -15.73
C LEU F 116 -8.88 -32.31 -15.23
N HIS F 117 -8.91 -31.01 -15.47
CA HIS F 117 -9.97 -30.15 -14.95
C HIS F 117 -11.22 -30.18 -15.81
N LYS F 118 -11.27 -31.02 -16.84
CA LYS F 118 -12.50 -31.19 -17.60
C LYS F 118 -13.54 -32.00 -16.83
N ARG F 119 -13.13 -32.73 -15.81
CA ARG F 119 -14.02 -33.54 -15.00
C ARG F 119 -13.69 -33.31 -13.53
N ALA F 120 -14.54 -33.85 -12.65
CA ALA F 120 -14.36 -33.74 -11.21
C ALA F 120 -13.72 -34.97 -10.60
N HIS F 121 -13.08 -35.81 -11.42
CA HIS F 121 -12.51 -37.05 -10.93
C HIS F 121 -11.18 -36.84 -10.22
N GLY F 122 -10.42 -35.83 -10.62
CA GLY F 122 -9.10 -35.62 -10.06
C GLY F 122 -8.03 -36.55 -10.57
N ALA F 123 -8.35 -37.39 -11.55
CA ALA F 123 -7.40 -38.33 -12.11
C ALA F 123 -7.82 -38.69 -13.53
N ALA F 124 -6.83 -38.92 -14.38
CA ALA F 124 -7.05 -39.29 -15.77
C ALA F 124 -6.59 -40.72 -16.02
N VAL F 125 -7.26 -41.39 -16.95
CA VAL F 125 -6.99 -42.79 -17.28
C VAL F 125 -6.10 -42.84 -18.51
N VAL F 126 -4.98 -43.56 -18.41
CA VAL F 126 -4.10 -43.79 -19.54
C VAL F 126 -4.57 -45.04 -20.27
N VAL F 127 -4.77 -44.91 -21.58
CA VAL F 127 -5.30 -46.01 -22.39
C VAL F 127 -4.32 -46.35 -23.50
N PHE F 128 -4.27 -47.64 -23.83
CA PHE F 128 -3.52 -48.13 -24.99
C PHE F 128 -4.41 -49.13 -25.71
N GLU F 129 -4.81 -48.79 -26.94
CA GLU F 129 -5.74 -49.60 -27.72
C GLU F 129 -7.08 -49.76 -27.01
N GLY F 130 -7.43 -48.81 -26.15
CA GLY F 130 -8.68 -48.84 -25.42
C GLY F 130 -8.64 -49.55 -24.09
N ARG F 131 -7.46 -49.95 -23.61
CA ARG F 131 -7.33 -50.67 -22.35
C ARG F 131 -6.67 -49.79 -21.31
N PRO F 132 -7.22 -49.71 -20.10
CA PRO F 132 -6.61 -48.87 -19.06
C PRO F 132 -5.32 -49.49 -18.56
N ILE F 133 -4.24 -48.70 -18.58
CA ILE F 133 -2.93 -49.16 -18.15
C ILE F 133 -2.34 -48.32 -17.04
N GLY F 134 -2.85 -47.11 -16.78
CA GLY F 134 -2.30 -46.28 -15.73
C GLY F 134 -3.19 -45.09 -15.45
N LEU F 135 -2.82 -44.36 -14.40
CA LEU F 135 -3.55 -43.18 -13.97
C LEU F 135 -2.62 -41.97 -13.93
N VAL F 136 -3.22 -40.79 -14.07
CA VAL F 136 -2.51 -39.52 -14.06
C VAL F 136 -3.28 -38.56 -13.16
N THR F 137 -2.65 -38.11 -12.08
CA THR F 137 -3.22 -37.11 -11.21
C THR F 137 -2.43 -35.81 -11.33
N GLU F 138 -2.96 -34.75 -10.72
CA GLU F 138 -2.25 -33.47 -10.73
C GLU F 138 -0.97 -33.53 -9.92
N ALA F 139 -0.92 -34.39 -8.90
CA ALA F 139 0.31 -34.58 -8.14
C ALA F 139 1.38 -35.26 -8.99
N ASN F 140 0.98 -36.05 -9.98
CA ASN F 140 1.95 -36.69 -10.86
C ASN F 140 2.54 -35.72 -11.86
N CYS F 141 1.86 -34.59 -12.13
CA CYS F 141 2.35 -33.60 -13.08
C CYS F 141 3.01 -32.40 -12.42
N ALA F 142 2.94 -32.29 -11.09
CA ALA F 142 3.54 -31.16 -10.40
C ALA F 142 5.05 -31.23 -10.45
N GLY F 143 5.69 -30.15 -10.89
CA GLY F 143 7.13 -30.10 -10.96
C GLY F 143 7.75 -30.89 -12.10
N VAL F 144 6.95 -31.47 -12.96
CA VAL F 144 7.43 -32.29 -14.07
C VAL F 144 7.56 -31.39 -15.31
N ASP F 145 8.50 -31.75 -16.18
CA ASP F 145 8.66 -31.06 -17.46
C ASP F 145 7.33 -30.98 -18.20
N ARG F 146 7.01 -29.78 -18.69
CA ARG F 146 5.72 -29.55 -19.32
C ARG F 146 5.55 -30.38 -20.59
N PHE F 147 6.65 -30.78 -21.24
CA PHE F 147 6.57 -31.54 -22.48
C PHE F 147 7.12 -32.96 -22.32
N ALA F 148 7.13 -33.49 -21.10
CA ALA F 148 7.42 -34.90 -20.92
C ALA F 148 6.21 -35.72 -21.33
N ARG F 149 6.42 -37.03 -21.49
CA ARG F 149 5.36 -37.92 -21.94
C ARG F 149 4.58 -38.48 -20.75
N VAL F 150 3.35 -38.90 -21.04
CA VAL F 150 2.51 -39.53 -20.02
C VAL F 150 3.10 -40.84 -19.55
N ARG F 151 3.97 -41.46 -20.35
CA ARG F 151 4.64 -42.68 -19.90
C ARG F 151 5.61 -42.43 -18.77
N ASP F 152 6.00 -41.18 -18.53
CA ASP F 152 7.03 -40.85 -17.56
C ASP F 152 6.49 -40.55 -16.17
N ILE F 153 5.18 -40.50 -15.98
CA ILE F 153 4.59 -40.01 -14.74
C ILE F 153 3.51 -40.95 -14.23
N ALA F 154 3.10 -41.88 -15.09
CA ALA F 154 1.87 -42.61 -14.83
C ALA F 154 2.00 -43.64 -13.71
N LEU F 155 1.04 -43.62 -12.78
CA LEU F 155 0.95 -44.65 -11.75
C LEU F 155 0.41 -45.93 -12.38
N SER F 156 1.19 -47.01 -12.30
CA SER F 156 0.85 -48.24 -13.01
C SER F 156 -0.23 -49.05 -12.31
N ASP F 157 -0.44 -48.84 -11.01
CA ASP F 157 -1.41 -49.63 -10.25
C ASP F 157 -2.66 -48.78 -9.97
N PHE F 158 -3.81 -49.44 -9.99
CA PHE F 158 -5.09 -48.78 -9.76
C PHE F 158 -6.13 -49.83 -9.39
N VAL F 159 -7.30 -49.36 -8.96
CA VAL F 159 -8.39 -50.23 -8.55
C VAL F 159 -9.23 -50.57 -9.77
N THR F 160 -9.42 -51.86 -10.01
CA THR F 160 -10.17 -52.36 -11.16
C THR F 160 -11.41 -53.09 -10.69
N ALA F 161 -12.54 -52.82 -11.35
CA ALA F 161 -13.79 -53.50 -11.09
C ALA F 161 -14.56 -53.58 -12.40
N PRO F 162 -15.19 -54.72 -12.69
CA PRO F 162 -15.94 -54.83 -13.95
C PRO F 162 -17.18 -53.95 -13.93
N VAL F 163 -17.60 -53.53 -15.13
CA VAL F 163 -18.80 -52.72 -15.24
C VAL F 163 -20.00 -53.53 -14.81
N GLY F 164 -20.87 -52.92 -14.01
CA GLY F 164 -21.99 -53.61 -13.39
C GLY F 164 -21.75 -54.03 -11.96
N THR F 165 -20.54 -53.83 -11.44
CA THR F 165 -20.26 -54.12 -10.04
C THR F 165 -21.16 -53.27 -9.15
N ASP F 166 -21.51 -53.83 -7.99
CA ASP F 166 -22.36 -53.17 -7.02
C ASP F 166 -21.81 -51.78 -6.69
N PRO F 167 -22.58 -50.71 -6.90
CA PRO F 167 -22.10 -49.37 -6.51
C PRO F 167 -21.72 -49.28 -5.05
N ARG F 168 -22.31 -50.12 -4.20
CA ARG F 168 -21.90 -50.17 -2.80
C ARG F 168 -20.57 -50.89 -2.65
N GLU F 169 -20.26 -51.84 -3.53
CA GLU F 169 -19.03 -52.61 -3.42
C GLU F 169 -17.82 -51.83 -3.91
N VAL F 170 -17.96 -51.13 -5.03
CA VAL F 170 -16.85 -50.33 -5.56
C VAL F 170 -16.45 -49.24 -4.56
N PHE F 171 -17.39 -48.82 -3.72
CA PHE F 171 -17.04 -47.99 -2.56
C PHE F 171 -16.03 -48.71 -1.68
N ASP F 172 -16.34 -49.96 -1.30
CA ASP F 172 -15.53 -50.66 -0.30
C ASP F 172 -14.07 -50.78 -0.72
N LEU F 173 -13.83 -51.01 -2.01
CA LEU F 173 -12.46 -51.16 -2.49
C LEU F 173 -11.67 -49.86 -2.37
N LEU F 174 -12.34 -48.71 -2.53
CA LEU F 174 -11.69 -47.41 -2.44
C LEU F 174 -11.59 -46.90 -1.00
N GLU F 175 -11.66 -47.78 0.00
CA GLU F 175 -11.61 -47.34 1.38
C GLU F 175 -10.26 -46.71 1.71
N HIS F 176 -9.18 -47.45 1.53
CA HIS F 176 -7.83 -46.95 1.78
C HIS F 176 -7.01 -46.84 0.50
N ALA F 177 -7.68 -46.72 -0.65
CA ALA F 177 -6.96 -46.54 -1.90
C ALA F 177 -6.26 -45.18 -1.89
N PRO F 178 -5.06 -45.08 -2.49
CA PRO F 178 -4.36 -43.79 -2.49
C PRO F 178 -5.07 -42.71 -3.30
N ILE F 179 -5.64 -43.08 -4.43
CA ILE F 179 -6.37 -42.17 -5.31
C ILE F 179 -7.84 -42.57 -5.29
N ASP F 180 -8.71 -41.61 -5.00
CA ASP F 180 -10.14 -41.89 -4.86
C ASP F 180 -10.81 -42.02 -6.22
N VAL F 181 -10.30 -42.91 -7.07
CA VAL F 181 -10.92 -43.22 -8.34
C VAL F 181 -10.86 -44.72 -8.57
N ALA F 182 -11.89 -45.25 -9.23
CA ALA F 182 -11.96 -46.67 -9.57
C ALA F 182 -12.31 -46.78 -11.04
N VAL F 183 -11.38 -47.34 -11.82
CA VAL F 183 -11.55 -47.44 -13.27
C VAL F 183 -12.34 -48.71 -13.58
N MET F 184 -13.53 -48.54 -14.13
CA MET F 184 -14.38 -49.67 -14.49
C MET F 184 -14.00 -50.18 -15.87
N THR F 185 -14.02 -51.51 -16.01
CA THR F 185 -13.58 -52.17 -17.24
C THR F 185 -14.71 -53.00 -17.84
N ALA F 186 -14.71 -53.08 -19.16
CA ALA F 186 -15.65 -53.92 -19.88
C ALA F 186 -15.27 -55.38 -19.72
N PRO F 187 -16.17 -56.32 -20.05
CA PRO F 187 -15.81 -57.73 -19.94
C PRO F 187 -14.58 -58.12 -20.74
N ASP F 188 -14.38 -57.53 -21.92
CA ASP F 188 -13.20 -57.83 -22.72
C ASP F 188 -11.98 -57.01 -22.31
N GLY F 189 -12.07 -56.24 -21.24
CA GLY F 189 -10.93 -55.51 -20.71
C GLY F 189 -10.81 -54.07 -21.16
N THR F 190 -11.68 -53.60 -22.05
CA THR F 190 -11.59 -52.22 -22.52
C THR F 190 -12.01 -51.25 -21.42
N LEU F 191 -11.74 -49.97 -21.65
CA LEU F 191 -12.09 -48.93 -20.70
C LEU F 191 -13.60 -48.71 -20.72
N ALA F 192 -14.26 -49.06 -19.62
CA ALA F 192 -15.69 -48.81 -19.49
C ALA F 192 -15.98 -47.42 -18.92
N GLY F 193 -15.15 -46.92 -18.03
CA GLY F 193 -15.31 -45.59 -17.51
C GLY F 193 -14.68 -45.47 -16.13
N VAL F 194 -15.28 -44.61 -15.32
CA VAL F 194 -14.73 -44.25 -14.01
C VAL F 194 -15.87 -44.13 -13.01
N LEU F 195 -15.62 -44.52 -11.77
CA LEU F 195 -16.54 -44.24 -10.68
C LEU F 195 -15.73 -44.01 -9.40
N THR F 196 -16.01 -42.89 -8.73
CA THR F 196 -15.37 -42.54 -7.48
C THR F 196 -16.26 -42.93 -6.30
N ARG F 197 -15.75 -42.71 -5.09
CA ARG F 197 -16.52 -42.99 -3.88
C ARG F 197 -17.79 -42.15 -3.85
N THR F 198 -17.64 -40.84 -3.98
CA THR F 198 -18.81 -39.96 -3.96
C THR F 198 -19.77 -40.29 -5.10
N GLY F 199 -19.24 -40.69 -6.26
CA GLY F 199 -20.08 -41.14 -7.34
C GLY F 199 -20.88 -42.38 -7.01
N ALA F 200 -20.45 -43.16 -6.02
CA ALA F 200 -21.19 -44.35 -5.63
C ALA F 200 -22.41 -43.99 -4.80
N ILE F 201 -22.28 -42.99 -3.93
CA ILE F 201 -23.41 -42.54 -3.12
C ILE F 201 -24.45 -41.86 -4.00
N ARG F 202 -24.01 -40.95 -4.88
CA ARG F 202 -24.95 -40.26 -5.76
C ARG F 202 -25.65 -41.23 -6.72
N ALA F 203 -25.05 -42.39 -6.99
CA ALA F 203 -25.73 -43.43 -7.75
C ALA F 203 -26.88 -44.03 -6.96
N GLY F 204 -26.78 -44.04 -5.62
CA GLY F 204 -27.84 -44.56 -4.79
C GLY F 204 -28.79 -43.52 -4.24
N ILE F 205 -28.55 -42.25 -4.52
CA ILE F 205 -29.42 -41.16 -4.09
C ILE F 205 -30.17 -40.56 -5.28
N TYR F 206 -29.45 -40.30 -6.38
CA TYR F 206 -30.05 -39.68 -7.56
C TYR F 206 -30.48 -40.76 -8.54
N THR F 207 -31.71 -40.66 -9.03
CA THR F 207 -32.21 -41.59 -10.04
C THR F 207 -31.96 -41.01 -11.43
N PRO F 208 -31.31 -41.76 -12.32
CA PRO F 208 -31.01 -41.23 -13.65
C PRO F 208 -32.28 -40.95 -14.44
N ALA F 209 -32.28 -39.79 -15.11
CA ALA F 209 -33.39 -39.40 -15.97
C ALA F 209 -33.21 -40.04 -17.34
N VAL F 210 -34.01 -41.06 -17.63
CA VAL F 210 -33.86 -41.84 -18.85
C VAL F 210 -35.18 -41.87 -19.60
N ASP F 211 -35.09 -42.17 -20.90
CA ASP F 211 -36.25 -42.23 -21.79
C ASP F 211 -36.80 -43.65 -21.79
N ALA F 212 -37.56 -44.02 -22.83
CA ALA F 212 -38.13 -45.36 -22.86
C ALA F 212 -37.08 -46.41 -23.13
N LYS F 213 -35.97 -46.03 -23.77
CA LYS F 213 -34.89 -46.95 -24.10
C LYS F 213 -33.83 -47.01 -23.01
N GLY F 214 -34.06 -46.39 -21.86
CA GLY F 214 -33.09 -46.41 -20.78
C GLY F 214 -31.86 -45.57 -21.04
N ARG F 215 -31.93 -44.62 -21.97
CA ARG F 215 -30.81 -43.75 -22.30
C ARG F 215 -31.01 -42.39 -21.65
N LEU F 216 -29.89 -41.74 -21.33
CA LEU F 216 -29.93 -40.47 -20.59
C LEU F 216 -30.72 -39.41 -21.36
N ARG F 217 -31.56 -38.68 -20.63
CA ARG F 217 -32.37 -37.63 -21.23
C ARG F 217 -31.50 -36.45 -21.67
N ILE F 218 -31.97 -35.74 -22.68
CA ILE F 218 -31.31 -34.53 -23.16
C ILE F 218 -32.32 -33.73 -23.98
N ALA F 219 -32.27 -32.42 -23.84
CA ALA F 219 -33.19 -31.52 -24.51
C ALA F 219 -32.44 -30.63 -25.48
N ALA F 220 -33.20 -29.87 -26.27
CA ALA F 220 -32.62 -28.96 -27.25
C ALA F 220 -33.53 -27.74 -27.39
N ALA F 221 -32.93 -26.62 -27.79
CA ALA F 221 -33.63 -25.36 -27.95
C ALA F 221 -33.65 -24.95 -29.42
N VAL F 222 -34.73 -24.27 -29.80
CA VAL F 222 -34.87 -23.72 -31.15
C VAL F 222 -35.25 -22.25 -31.03
N GLY F 223 -34.83 -21.47 -32.03
CA GLY F 223 -35.20 -20.08 -32.10
C GLY F 223 -36.41 -19.86 -32.99
N ILE F 224 -37.12 -18.76 -32.74
CA ILE F 224 -38.32 -18.45 -33.52
C ILE F 224 -37.99 -17.83 -34.87
N ASN F 225 -36.70 -17.69 -35.20
CA ASN F 225 -36.29 -17.14 -36.48
C ASN F 225 -36.19 -18.24 -37.54
N GLY F 226 -36.47 -17.88 -38.78
CA GLY F 226 -36.41 -18.85 -39.86
C GLY F 226 -37.57 -19.82 -39.81
N ASP F 227 -37.32 -21.04 -40.31
CA ASP F 227 -38.33 -22.10 -40.33
C ASP F 227 -38.18 -22.91 -39.06
N VAL F 228 -39.05 -22.65 -38.08
CA VAL F 228 -38.99 -23.39 -36.82
C VAL F 228 -39.40 -24.84 -37.02
N GLY F 229 -40.33 -25.10 -37.94
CA GLY F 229 -40.79 -26.46 -38.16
C GLY F 229 -39.67 -27.40 -38.60
N ALA F 230 -38.89 -26.97 -39.59
CA ALA F 230 -37.80 -27.80 -40.09
C ALA F 230 -36.72 -27.99 -39.04
N LYS F 231 -36.38 -26.93 -38.31
CA LYS F 231 -35.39 -27.05 -37.25
C LYS F 231 -35.86 -27.98 -36.14
N ALA F 232 -37.01 -27.67 -35.54
CA ALA F 232 -37.52 -28.47 -34.42
C ALA F 232 -37.71 -29.93 -34.81
N GLN F 233 -38.09 -30.20 -36.06
CA GLN F 233 -38.24 -31.58 -36.49
C GLN F 233 -36.89 -32.26 -36.65
N ALA F 234 -35.86 -31.50 -37.02
CA ALA F 234 -34.52 -32.06 -37.16
C ALA F 234 -33.86 -32.35 -35.82
N LEU F 235 -34.22 -31.61 -34.77
CA LEU F 235 -33.62 -31.85 -33.46
C LEU F 235 -34.09 -33.19 -32.88
N ALA F 236 -35.37 -33.51 -33.04
CA ALA F 236 -35.87 -34.80 -32.54
C ALA F 236 -35.38 -35.96 -33.41
N GLU F 237 -35.12 -35.72 -34.69
CA GLU F 237 -34.51 -36.76 -35.52
C GLU F 237 -33.10 -37.08 -35.05
N ALA F 238 -32.43 -36.14 -34.40
CA ALA F 238 -31.13 -36.40 -33.81
C ALA F 238 -31.22 -37.19 -32.51
N GLY F 239 -32.40 -37.26 -31.90
CA GLY F 239 -32.58 -38.04 -30.69
C GLY F 239 -32.98 -37.21 -29.48
N ALA F 240 -33.54 -36.04 -29.71
CA ALA F 240 -33.94 -35.16 -28.62
C ALA F 240 -35.19 -35.68 -27.94
N ASP F 241 -35.21 -35.59 -26.60
CA ASP F 241 -36.35 -35.99 -25.80
C ASP F 241 -37.25 -34.82 -25.41
N LEU F 242 -36.78 -33.58 -25.58
CA LEU F 242 -37.54 -32.39 -25.20
C LEU F 242 -37.09 -31.23 -26.07
N LEU F 243 -38.06 -30.43 -26.52
CA LEU F 243 -37.78 -29.23 -27.30
C LEU F 243 -38.38 -28.02 -26.61
N VAL F 244 -37.67 -26.90 -26.68
CA VAL F 244 -38.17 -25.63 -26.14
C VAL F 244 -38.05 -24.57 -27.23
N ILE F 245 -39.14 -23.84 -27.46
CA ILE F 245 -39.15 -22.73 -28.39
C ILE F 245 -38.84 -21.47 -27.59
N ASP F 246 -37.59 -21.02 -27.66
CA ASP F 246 -37.07 -19.99 -26.77
C ASP F 246 -36.95 -18.66 -27.50
N THR F 247 -37.35 -17.59 -26.81
CA THR F 247 -37.17 -16.23 -27.30
C THR F 247 -37.24 -15.29 -26.11
N ALA F 248 -36.76 -14.06 -26.32
CA ALA F 248 -36.70 -13.09 -25.22
C ALA F 248 -38.10 -12.69 -24.78
N HIS F 249 -38.96 -12.33 -25.72
CA HIS F 249 -40.34 -11.95 -25.44
C HIS F 249 -41.25 -13.01 -26.07
N GLY F 250 -41.73 -13.95 -25.25
CA GLY F 250 -42.57 -15.03 -25.76
C GLY F 250 -43.99 -14.62 -26.05
N HIS F 251 -44.45 -13.49 -25.52
CA HIS F 251 -45.83 -13.06 -25.70
C HIS F 251 -45.95 -12.15 -26.92
N GLN F 252 -45.54 -12.68 -28.07
CA GLN F 252 -45.61 -11.97 -29.33
C GLN F 252 -46.22 -12.86 -30.40
N ALA F 253 -46.62 -12.22 -31.51
CA ALA F 253 -47.33 -12.94 -32.57
C ALA F 253 -46.43 -13.93 -33.29
N LYS F 254 -45.18 -13.54 -33.58
CA LYS F 254 -44.26 -14.44 -34.25
C LYS F 254 -44.04 -15.72 -33.45
N MET F 255 -44.11 -15.64 -32.13
CA MET F 255 -43.98 -16.80 -31.27
C MET F 255 -45.17 -17.73 -31.45
N LEU F 256 -46.38 -17.22 -31.15
CA LEU F 256 -47.62 -17.98 -31.25
C LEU F 256 -47.70 -18.78 -32.55
N ASP F 257 -47.25 -18.19 -33.66
CA ASP F 257 -47.29 -18.89 -34.93
C ASP F 257 -46.28 -20.04 -34.99
N ALA F 258 -45.21 -19.96 -34.19
CA ALA F 258 -44.21 -21.02 -34.20
C ALA F 258 -44.75 -22.31 -33.56
N ILE F 259 -45.30 -22.20 -32.34
CA ILE F 259 -45.81 -23.39 -31.65
C ILE F 259 -46.93 -24.03 -32.44
N LYS F 260 -47.87 -23.20 -32.93
CA LYS F 260 -48.94 -23.73 -33.78
C LYS F 260 -48.39 -24.44 -35.00
N ALA F 261 -47.17 -24.11 -35.43
CA ALA F 261 -46.53 -24.84 -36.51
C ALA F 261 -45.91 -26.14 -36.01
N VAL F 262 -45.14 -26.07 -34.91
CA VAL F 262 -44.46 -27.26 -34.42
C VAL F 262 -45.44 -28.24 -33.78
N ALA F 263 -46.50 -27.73 -33.15
CA ALA F 263 -47.49 -28.62 -32.55
C ALA F 263 -48.25 -29.41 -33.62
N SER F 264 -48.48 -28.81 -34.78
CA SER F 264 -49.14 -29.53 -35.87
C SER F 264 -48.24 -30.59 -36.49
N LEU F 265 -46.92 -30.53 -36.24
CA LEU F 265 -46.03 -31.53 -36.81
C LEU F 265 -46.19 -32.88 -36.15
N ASP F 266 -46.65 -32.90 -34.90
CA ASP F 266 -46.96 -34.14 -34.17
C ASP F 266 -45.74 -35.05 -34.05
N LEU F 267 -44.77 -34.58 -33.26
CA LEU F 267 -43.59 -35.39 -32.95
C LEU F 267 -43.73 -36.13 -31.63
N GLY F 268 -44.79 -35.89 -30.86
CA GLY F 268 -44.98 -36.59 -29.60
C GLY F 268 -43.97 -36.26 -28.53
N LEU F 269 -43.50 -35.02 -28.48
CA LEU F 269 -42.54 -34.57 -27.49
C LEU F 269 -43.05 -33.34 -26.77
N PRO F 270 -42.68 -33.15 -25.51
CA PRO F 270 -43.16 -31.97 -24.76
C PRO F 270 -42.54 -30.70 -25.32
N LEU F 271 -43.40 -29.70 -25.54
CA LEU F 271 -42.99 -28.40 -26.07
C LEU F 271 -42.98 -27.38 -24.94
N VAL F 272 -41.84 -26.72 -24.74
CA VAL F 272 -41.70 -25.64 -23.78
C VAL F 272 -41.56 -24.33 -24.53
N ALA F 273 -42.12 -23.25 -23.98
CA ALA F 273 -42.12 -21.96 -24.66
C ALA F 273 -41.95 -20.84 -23.64
N GLY F 274 -41.20 -19.80 -24.03
CA GLY F 274 -40.97 -18.66 -23.16
C GLY F 274 -40.37 -17.52 -23.96
N ASN F 275 -40.30 -16.35 -23.32
CA ASN F 275 -40.77 -16.17 -21.97
C ASN F 275 -42.00 -15.26 -21.84
N VAL F 276 -42.75 -15.53 -20.79
CA VAL F 276 -43.85 -14.68 -20.36
C VAL F 276 -43.77 -14.56 -18.84
N VAL F 277 -44.33 -13.47 -18.33
CA VAL F 277 -44.38 -13.24 -16.89
C VAL F 277 -45.78 -12.80 -16.52
N SER F 278 -46.74 -13.08 -17.40
CA SER F 278 -48.13 -12.70 -17.19
C SER F 278 -49.03 -13.91 -17.40
N ALA F 279 -50.21 -13.87 -16.78
CA ALA F 279 -51.18 -14.94 -16.95
C ALA F 279 -51.73 -14.95 -18.38
N GLU F 280 -51.93 -13.76 -18.97
CA GLU F 280 -52.39 -13.67 -20.35
C GLU F 280 -51.38 -14.33 -21.29
N GLY F 281 -50.10 -14.01 -21.13
CA GLY F 281 -49.08 -14.63 -21.94
C GLY F 281 -48.95 -16.13 -21.68
N THR F 282 -49.27 -16.56 -20.47
CA THR F 282 -49.19 -17.98 -20.15
C THR F 282 -50.29 -18.75 -20.88
N ARG F 283 -51.53 -18.28 -20.80
CA ARG F 283 -52.65 -19.01 -21.42
C ARG F 283 -52.51 -19.03 -22.93
N ASP F 284 -52.12 -17.90 -23.53
CA ASP F 284 -51.99 -17.85 -24.99
C ASP F 284 -50.94 -18.82 -25.50
N LEU F 285 -49.90 -19.07 -24.71
CA LEU F 285 -48.86 -20.02 -25.13
C LEU F 285 -49.34 -21.46 -24.97
N ILE F 286 -50.14 -21.76 -23.94
CA ILE F 286 -50.62 -23.12 -23.75
C ILE F 286 -51.60 -23.50 -24.85
N GLU F 287 -52.55 -22.62 -25.17
CA GLU F 287 -53.50 -22.89 -26.23
C GLU F 287 -52.84 -22.92 -27.61
N ALA F 288 -51.65 -22.33 -27.75
CA ALA F 288 -50.95 -22.39 -29.02
C ALA F 288 -50.36 -23.76 -29.29
N GLY F 289 -50.22 -24.60 -28.26
CA GLY F 289 -49.71 -25.94 -28.45
C GLY F 289 -48.57 -26.31 -27.51
N ALA F 290 -48.26 -25.44 -26.56
CA ALA F 290 -47.17 -25.67 -25.63
C ALA F 290 -47.69 -26.39 -24.38
N SER F 291 -46.96 -27.42 -23.97
CA SER F 291 -47.29 -28.16 -22.75
C SER F 291 -46.71 -27.52 -21.50
N ILE F 292 -45.52 -26.92 -21.61
CA ILE F 292 -44.88 -26.22 -20.50
C ILE F 292 -44.55 -24.81 -20.96
N VAL F 293 -44.71 -23.84 -20.05
CA VAL F 293 -44.39 -22.45 -20.32
C VAL F 293 -43.23 -22.05 -19.42
N LYS F 294 -42.20 -21.43 -20.01
CA LYS F 294 -41.02 -20.99 -19.28
C LYS F 294 -41.17 -19.53 -18.90
N VAL F 295 -41.00 -19.24 -17.62
CA VAL F 295 -41.27 -17.93 -17.05
C VAL F 295 -39.95 -17.25 -16.70
N GLY F 296 -39.82 -15.98 -17.07
CA GLY F 296 -38.64 -15.21 -16.73
C GLY F 296 -38.29 -14.15 -17.74
N VAL F 297 -38.68 -12.90 -17.47
CA VAL F 297 -38.35 -11.75 -18.30
C VAL F 297 -37.74 -10.69 -17.39
N GLY F 298 -36.43 -10.48 -17.52
CA GLY F 298 -35.72 -9.51 -16.73
C GLY F 298 -35.98 -9.64 -15.24
N PRO F 299 -35.53 -10.75 -14.64
CA PRO F 299 -35.82 -10.97 -13.21
C PRO F 299 -35.03 -10.05 -12.30
N GLY F 300 -33.85 -9.60 -12.71
CA GLY F 300 -33.03 -8.73 -11.89
C GLY F 300 -33.38 -7.27 -12.11
N ALA F 301 -33.44 -6.51 -11.01
CA ALA F 301 -33.74 -5.10 -11.08
C ALA F 301 -32.60 -4.27 -11.66
N MET F 302 -31.40 -4.83 -11.79
CA MET F 302 -30.26 -4.10 -12.34
C MET F 302 -29.52 -4.91 -13.40
N CYS F 303 -30.25 -5.69 -14.19
CA CYS F 303 -29.67 -6.47 -15.28
C CYS F 303 -29.84 -5.72 -16.60
N THR F 304 -29.46 -6.37 -17.70
CA THR F 304 -29.47 -5.70 -19.00
C THR F 304 -30.88 -5.32 -19.42
N THR F 305 -31.82 -6.26 -19.36
CA THR F 305 -33.18 -5.99 -19.82
C THR F 305 -33.84 -4.89 -18.99
N ARG F 306 -33.68 -4.94 -17.67
CA ARG F 306 -34.37 -3.98 -16.81
C ARG F 306 -33.77 -2.58 -16.94
N MET F 307 -32.46 -2.48 -17.11
CA MET F 307 -31.82 -1.17 -17.18
C MET F 307 -31.85 -0.57 -18.58
N MET F 308 -32.01 -1.39 -19.62
CA MET F 308 -32.13 -0.88 -20.97
C MET F 308 -33.57 -0.52 -21.33
N THR F 309 -34.53 -1.33 -20.91
CA THR F 309 -35.93 -1.17 -21.30
C THR F 309 -36.89 -0.89 -20.16
N GLY F 310 -36.53 -1.22 -18.92
CA GLY F 310 -37.46 -1.14 -17.82
C GLY F 310 -38.47 -2.26 -17.79
N VAL F 311 -38.46 -3.16 -18.76
CA VAL F 311 -39.43 -4.25 -18.81
C VAL F 311 -38.93 -5.39 -17.95
N GLY F 312 -39.86 -6.03 -17.25
CA GLY F 312 -39.52 -7.15 -16.39
C GLY F 312 -40.59 -7.36 -15.34
N ARG F 313 -40.30 -8.30 -14.44
CA ARG F 313 -41.20 -8.58 -13.33
C ARG F 313 -40.44 -9.39 -12.31
N PRO F 314 -40.62 -9.13 -11.01
CA PRO F 314 -40.02 -9.99 -9.99
C PRO F 314 -40.38 -11.45 -10.22
N GLN F 315 -39.36 -12.31 -10.17
CA GLN F 315 -39.53 -13.67 -10.65
C GLN F 315 -40.52 -14.46 -9.80
N PHE F 316 -40.53 -14.23 -8.49
CA PHE F 316 -41.42 -15.00 -7.63
C PHE F 316 -42.88 -14.69 -7.93
N SER F 317 -43.24 -13.39 -8.00
CA SER F 317 -44.60 -13.02 -8.32
C SER F 317 -44.98 -13.38 -9.75
N ALA F 318 -43.99 -13.51 -10.64
CA ALA F 318 -44.28 -13.94 -12.00
C ALA F 318 -44.58 -15.43 -12.06
N VAL F 319 -43.83 -16.24 -11.31
CA VAL F 319 -44.07 -17.67 -11.30
C VAL F 319 -45.39 -18.00 -10.61
N VAL F 320 -45.72 -17.25 -9.55
CA VAL F 320 -46.98 -17.49 -8.84
C VAL F 320 -48.17 -17.31 -9.76
N GLU F 321 -48.21 -16.19 -10.48
CA GLU F 321 -49.34 -15.93 -11.37
C GLU F 321 -49.33 -16.89 -12.56
N CYS F 322 -48.17 -17.19 -13.11
CA CYS F 322 -48.11 -18.06 -14.28
C CYS F 322 -48.39 -19.52 -13.93
N ALA F 323 -48.03 -19.95 -12.72
CA ALA F 323 -48.30 -21.33 -12.33
C ALA F 323 -49.78 -21.55 -12.06
N ALA F 324 -50.46 -20.56 -11.49
CA ALA F 324 -51.89 -20.69 -11.24
C ALA F 324 -52.68 -20.70 -12.53
N ALA F 325 -52.26 -19.91 -13.52
CA ALA F 325 -52.93 -19.86 -14.81
C ALA F 325 -52.61 -21.09 -15.67
N ALA F 326 -51.39 -21.62 -15.56
CA ALA F 326 -51.03 -22.79 -16.36
C ALA F 326 -51.71 -24.05 -15.85
N ARG F 327 -51.93 -24.15 -14.54
CA ARG F 327 -52.57 -25.35 -13.99
C ARG F 327 -54.03 -25.43 -14.40
N GLN F 328 -54.69 -24.28 -14.59
CA GLN F 328 -56.09 -24.29 -15.01
C GLN F 328 -56.26 -24.85 -16.42
N LEU F 329 -55.25 -24.68 -17.28
CA LEU F 329 -55.26 -25.24 -18.63
C LEU F 329 -54.53 -26.57 -18.72
N GLY F 330 -54.13 -27.15 -17.59
CA GLY F 330 -53.42 -28.41 -17.59
C GLY F 330 -51.94 -28.30 -17.91
N GLY F 331 -51.39 -27.09 -17.99
CA GLY F 331 -49.99 -26.90 -18.28
C GLY F 331 -49.16 -26.64 -17.02
N HIS F 332 -47.84 -26.70 -17.19
CA HIS F 332 -46.90 -26.52 -16.10
C HIS F 332 -46.00 -25.34 -16.40
N VAL F 333 -45.21 -24.95 -15.40
CA VAL F 333 -44.41 -23.73 -15.43
C VAL F 333 -42.97 -24.04 -15.06
N TRP F 334 -42.03 -23.47 -15.81
CA TRP F 334 -40.61 -23.53 -15.49
C TRP F 334 -40.13 -22.15 -15.04
N ALA F 335 -39.41 -22.12 -13.92
CA ALA F 335 -38.84 -20.89 -13.40
C ALA F 335 -37.44 -20.72 -13.97
N ASP F 336 -37.23 -19.65 -14.73
CA ASP F 336 -36.01 -19.43 -15.49
C ASP F 336 -35.32 -18.16 -15.03
N GLY F 337 -34.07 -18.28 -14.63
CA GLY F 337 -33.22 -17.12 -14.38
C GLY F 337 -33.22 -16.67 -12.93
N GLY F 338 -32.10 -16.09 -12.51
CA GLY F 338 -31.99 -15.50 -11.20
C GLY F 338 -31.71 -16.45 -10.05
N VAL F 339 -31.36 -17.70 -10.34
CA VAL F 339 -31.14 -18.69 -9.29
C VAL F 339 -29.67 -18.62 -8.87
N ARG F 340 -29.44 -18.33 -7.59
CA ARG F 340 -28.06 -18.17 -7.07
C ARG F 340 -27.88 -19.03 -5.83
N HIS F 341 -28.97 -19.35 -5.14
CA HIS F 341 -28.91 -20.17 -3.95
C HIS F 341 -30.00 -21.23 -4.03
N PRO F 342 -29.86 -22.34 -3.31
CA PRO F 342 -30.88 -23.39 -3.36
C PRO F 342 -32.25 -22.93 -2.88
N ARG F 343 -32.32 -21.90 -2.04
CA ARG F 343 -33.63 -21.39 -1.63
C ARG F 343 -34.37 -20.75 -2.79
N ASP F 344 -33.65 -20.29 -3.83
CA ASP F 344 -34.31 -19.83 -5.04
C ASP F 344 -35.01 -20.98 -5.75
N VAL F 345 -34.43 -22.19 -5.69
CA VAL F 345 -35.09 -23.35 -6.26
C VAL F 345 -36.29 -23.74 -5.42
N ALA F 346 -36.15 -23.70 -4.08
CA ALA F 346 -37.25 -24.11 -3.20
C ALA F 346 -38.42 -23.15 -3.30
N LEU F 347 -38.16 -21.84 -3.33
CA LEU F 347 -39.24 -20.87 -3.40
C LEU F 347 -39.91 -20.88 -4.77
N ALA F 348 -39.18 -21.24 -5.83
CA ALA F 348 -39.79 -21.35 -7.14
C ALA F 348 -40.70 -22.57 -7.23
N LEU F 349 -40.36 -23.64 -6.51
CA LEU F 349 -41.25 -24.81 -6.46
C LEU F 349 -42.47 -24.52 -5.60
N ALA F 350 -42.28 -23.82 -4.47
CA ALA F 350 -43.40 -23.43 -3.63
C ALA F 350 -44.32 -22.43 -4.30
N ALA F 351 -43.82 -21.69 -5.30
CA ALA F 351 -44.63 -20.78 -6.09
C ALA F 351 -45.53 -21.49 -7.08
N GLY F 352 -45.21 -22.74 -7.43
CA GLY F 352 -46.03 -23.52 -8.35
C GLY F 352 -45.30 -24.02 -9.58
N ALA F 353 -44.00 -23.79 -9.72
CA ALA F 353 -43.28 -24.25 -10.90
C ALA F 353 -42.91 -25.72 -10.75
N SER F 354 -42.95 -26.45 -11.86
CA SER F 354 -42.60 -27.87 -11.84
C SER F 354 -41.09 -28.09 -11.93
N ASN F 355 -40.35 -27.14 -12.51
CA ASN F 355 -38.91 -27.24 -12.62
C ASN F 355 -38.29 -25.85 -12.51
N VAL F 356 -37.00 -25.84 -12.20
CA VAL F 356 -36.22 -24.62 -12.04
C VAL F 356 -35.07 -24.67 -13.03
N MET F 357 -35.00 -23.68 -13.91
CA MET F 357 -33.92 -23.59 -14.89
C MET F 357 -32.77 -22.79 -14.30
N ILE F 358 -31.62 -23.43 -14.12
CA ILE F 358 -30.44 -22.83 -13.54
C ILE F 358 -29.38 -22.69 -14.62
N GLY F 359 -28.71 -21.54 -14.65
CA GLY F 359 -27.76 -21.28 -15.70
C GLY F 359 -26.38 -20.82 -15.26
N SER F 360 -26.19 -19.51 -15.05
CA SER F 360 -24.84 -18.98 -14.75
C SER F 360 -24.24 -19.59 -13.49
N TRP F 361 -25.06 -20.02 -12.54
CA TRP F 361 -24.52 -20.67 -11.36
C TRP F 361 -23.74 -21.92 -11.73
N PHE F 362 -24.16 -22.64 -12.76
CA PHE F 362 -23.48 -23.86 -13.20
C PHE F 362 -22.29 -23.58 -14.11
N ALA F 363 -22.06 -22.32 -14.49
CA ALA F 363 -20.90 -22.01 -15.32
C ALA F 363 -19.60 -22.20 -14.55
N GLY F 364 -19.60 -21.90 -13.25
CA GLY F 364 -18.44 -22.10 -12.42
C GLY F 364 -18.28 -23.53 -11.97
N THR F 365 -18.18 -24.46 -12.92
CA THR F 365 -18.02 -25.87 -12.63
C THR F 365 -17.00 -26.46 -13.60
N TYR F 366 -16.44 -27.62 -13.22
CA TYR F 366 -15.52 -28.31 -14.10
C TYR F 366 -16.21 -28.78 -15.37
N GLU F 367 -17.49 -29.11 -15.29
CA GLU F 367 -18.21 -29.73 -16.40
C GLU F 367 -18.75 -28.72 -17.41
N SER F 368 -18.64 -27.42 -17.14
CA SER F 368 -19.09 -26.43 -18.10
C SER F 368 -18.12 -26.36 -19.27
N PRO F 369 -18.60 -26.01 -20.46
CA PRO F 369 -17.74 -26.01 -21.66
C PRO F 369 -16.65 -24.95 -21.63
N GLY F 370 -16.71 -23.98 -20.73
CA GLY F 370 -15.69 -22.93 -20.70
C GLY F 370 -14.38 -23.42 -20.11
N ASP F 371 -13.31 -22.71 -20.48
CA ASP F 371 -12.00 -23.06 -19.97
C ASP F 371 -11.85 -22.61 -18.52
N LEU F 372 -11.14 -23.41 -17.73
CA LEU F 372 -10.87 -23.06 -16.34
C LEU F 372 -9.75 -22.02 -16.29
N LEU F 373 -10.06 -20.86 -15.72
CA LEU F 373 -9.11 -19.76 -15.64
C LEU F 373 -8.79 -19.44 -14.19
N PHE F 374 -7.66 -18.78 -13.99
CA PHE F 374 -7.20 -18.37 -12.66
C PHE F 374 -6.85 -16.89 -12.69
N ASP F 375 -7.31 -16.16 -11.69
CA ASP F 375 -7.02 -14.73 -11.59
C ASP F 375 -5.62 -14.50 -11.01
N ARG F 376 -5.37 -13.27 -10.55
CA ARG F 376 -4.07 -12.96 -9.96
C ARG F 376 -3.86 -13.66 -8.63
N ASP F 377 -4.93 -14.07 -7.95
CA ASP F 377 -4.84 -14.75 -6.67
C ASP F 377 -4.92 -16.26 -6.81
N ASP F 378 -4.78 -16.79 -8.03
CA ASP F 378 -4.78 -18.23 -8.29
C ASP F 378 -6.05 -18.91 -7.80
N ARG F 379 -7.19 -18.20 -7.90
CA ARG F 379 -8.43 -18.86 -7.52
C ARG F 379 -9.22 -19.23 -8.77
N PRO F 380 -9.75 -20.44 -8.83
CA PRO F 380 -10.37 -20.91 -10.08
C PRO F 380 -11.68 -20.20 -10.36
N TYR F 381 -11.93 -19.95 -11.65
CA TYR F 381 -13.17 -19.30 -12.07
C TYR F 381 -13.38 -19.59 -13.55
N LYS F 382 -14.63 -19.48 -13.98
CA LYS F 382 -15.00 -19.59 -15.38
C LYS F 382 -16.01 -18.49 -15.70
N GLU F 383 -15.94 -17.97 -16.91
CA GLU F 383 -16.77 -16.84 -17.30
C GLU F 383 -18.09 -17.32 -17.90
N SER F 384 -19.15 -16.58 -17.59
CA SER F 384 -20.48 -16.83 -18.15
C SER F 384 -20.90 -15.63 -19.00
N TYR F 385 -21.69 -15.92 -20.03
CA TYR F 385 -22.11 -14.87 -20.96
C TYR F 385 -23.47 -15.24 -21.54
N GLY F 386 -24.23 -14.21 -21.92
CA GLY F 386 -25.57 -14.41 -22.41
C GLY F 386 -25.64 -14.74 -23.89
N MET F 387 -26.80 -15.26 -24.31
CA MET F 387 -27.00 -15.64 -25.70
C MET F 387 -27.21 -14.42 -26.60
N ALA F 388 -27.60 -13.29 -26.02
CA ALA F 388 -27.76 -12.03 -26.75
C ALA F 388 -28.73 -12.16 -27.92
N SER F 389 -28.21 -12.07 -29.15
CA SER F 389 -29.08 -12.05 -30.33
C SER F 389 -29.72 -13.40 -30.61
N LYS F 390 -29.18 -14.49 -30.04
CA LYS F 390 -29.76 -15.81 -30.26
C LYS F 390 -31.10 -16.00 -29.59
N ARG F 391 -31.59 -15.01 -28.84
CA ARG F 391 -32.90 -15.08 -28.20
C ARG F 391 -33.85 -13.99 -28.67
N ALA F 392 -33.46 -13.19 -29.66
CA ALA F 392 -34.25 -12.06 -30.12
C ALA F 392 -34.78 -12.31 -31.53
N VAL F 393 -35.66 -11.41 -31.97
CA VAL F 393 -36.24 -11.49 -33.30
C VAL F 393 -35.23 -10.98 -34.32
N ALA F 394 -35.03 -11.74 -35.40
CA ALA F 394 -34.12 -11.35 -36.46
C ALA F 394 -34.67 -10.15 -37.22
N SER F 401 -24.70 -8.93 -46.64
CA SER F 401 -24.77 -7.48 -46.68
C SER F 401 -24.24 -6.88 -45.38
N SER F 402 -23.04 -6.28 -45.46
CA SER F 402 -22.45 -5.66 -44.28
C SER F 402 -23.24 -4.44 -43.82
N PHE F 403 -23.95 -3.79 -44.74
CA PHE F 403 -24.81 -2.67 -44.34
C PHE F 403 -25.97 -3.15 -43.48
N ASP F 404 -26.55 -4.31 -43.83
CA ASP F 404 -27.63 -4.87 -43.01
C ASP F 404 -27.09 -5.41 -41.69
N ARG F 405 -25.89 -5.98 -41.70
CA ARG F 405 -25.27 -6.44 -40.46
C ARG F 405 -24.91 -5.29 -39.55
N ALA F 406 -24.63 -4.10 -40.11
CA ALA F 406 -24.31 -2.94 -39.29
C ALA F 406 -25.56 -2.33 -38.67
N ARG F 407 -26.66 -2.25 -39.43
CA ARG F 407 -27.91 -1.77 -38.85
C ARG F 407 -28.35 -2.65 -37.68
N LYS F 408 -28.16 -3.96 -37.81
CA LYS F 408 -28.57 -4.88 -36.76
C LYS F 408 -27.68 -4.75 -35.54
N GLY F 409 -26.36 -4.74 -35.75
CA GLY F 409 -25.42 -4.68 -34.64
C GLY F 409 -25.39 -3.35 -33.91
N LEU F 410 -25.84 -2.27 -34.55
CA LEU F 410 -25.84 -0.97 -33.90
C LEU F 410 -26.77 -0.97 -32.69
N PHE F 411 -27.96 -1.55 -32.83
CA PHE F 411 -28.92 -1.65 -31.74
C PHE F 411 -28.94 -3.01 -31.07
N GLU F 412 -28.06 -3.92 -31.49
CA GLU F 412 -28.10 -5.28 -30.96
C GLU F 412 -27.61 -5.31 -29.52
N GLU F 413 -28.11 -6.28 -28.76
CA GLU F 413 -27.74 -6.43 -27.37
C GLU F 413 -26.28 -6.86 -27.24
N GLY F 414 -25.52 -6.15 -26.41
CA GLY F 414 -24.14 -6.51 -26.19
C GLY F 414 -24.01 -7.81 -25.42
N ILE F 415 -22.91 -8.53 -25.69
CA ILE F 415 -22.65 -9.81 -25.06
C ILE F 415 -21.93 -9.53 -23.74
N SER F 416 -22.69 -9.51 -22.65
CA SER F 416 -22.12 -9.25 -21.33
C SER F 416 -21.42 -10.50 -20.80
N THR F 417 -20.31 -10.28 -20.09
CA THR F 417 -19.53 -11.36 -19.52
C THR F 417 -19.37 -11.14 -18.02
N SER F 418 -19.44 -12.22 -17.26
CA SER F 418 -19.31 -12.16 -15.81
C SER F 418 -18.42 -13.29 -15.33
N ARG F 419 -17.84 -13.08 -14.15
CA ARG F 419 -16.91 -14.04 -13.55
C ARG F 419 -17.67 -14.93 -12.59
N MET F 420 -17.61 -16.25 -12.81
CA MET F 420 -18.23 -17.24 -11.94
C MET F 420 -17.11 -18.06 -11.30
N SER F 421 -16.93 -17.89 -10.00
CA SER F 421 -15.84 -18.54 -9.29
C SER F 421 -16.22 -19.96 -8.89
N LEU F 422 -15.25 -20.86 -8.98
CA LEU F 422 -15.42 -22.24 -8.55
C LEU F 422 -15.04 -22.38 -7.08
N ASP F 423 -15.76 -23.26 -6.39
CA ASP F 423 -15.37 -23.63 -5.04
C ASP F 423 -14.12 -24.48 -5.10
N PRO F 424 -13.00 -24.06 -4.50
CA PRO F 424 -11.77 -24.86 -4.60
C PRO F 424 -11.89 -26.26 -4.02
N ALA F 425 -12.86 -26.50 -3.15
CA ALA F 425 -13.10 -27.82 -2.59
C ALA F 425 -14.24 -28.57 -3.27
N ARG F 426 -15.25 -27.85 -3.76
CA ARG F 426 -16.43 -28.46 -4.36
C ARG F 426 -16.70 -27.78 -5.71
N GLY F 427 -15.79 -28.00 -6.66
CA GLY F 427 -15.87 -27.36 -7.97
C GLY F 427 -16.68 -28.09 -9.01
N GLY F 428 -17.20 -29.28 -8.69
CA GLY F 428 -17.99 -30.02 -9.66
C GLY F 428 -19.45 -29.63 -9.66
N VAL F 429 -20.11 -29.87 -10.79
CA VAL F 429 -21.53 -29.55 -10.91
C VAL F 429 -22.37 -30.45 -10.02
N GLU F 430 -21.91 -31.67 -9.76
CA GLU F 430 -22.64 -32.56 -8.87
C GLU F 430 -22.62 -32.05 -7.44
N ASP F 431 -21.58 -31.33 -7.04
CA ASP F 431 -21.55 -30.72 -5.72
C ASP F 431 -22.65 -29.67 -5.59
N LEU F 432 -22.90 -28.90 -6.64
CA LEU F 432 -24.03 -27.99 -6.63
C LEU F 432 -25.35 -28.74 -6.63
N LEU F 433 -25.41 -29.89 -7.31
CA LEU F 433 -26.61 -30.73 -7.24
C LEU F 433 -26.83 -31.23 -5.82
N ASP F 434 -25.75 -31.63 -5.14
CA ASP F 434 -25.87 -31.99 -3.72
C ASP F 434 -26.27 -30.79 -2.88
N HIS F 435 -25.81 -29.60 -3.25
CA HIS F 435 -26.14 -28.40 -2.48
C HIS F 435 -27.59 -27.98 -2.70
N ILE F 436 -28.04 -28.01 -3.96
CA ILE F 436 -29.40 -27.55 -4.27
C ILE F 436 -30.44 -28.53 -3.72
N THR F 437 -30.25 -29.83 -3.99
CA THR F 437 -31.25 -30.81 -3.61
C THR F 437 -31.34 -30.98 -2.09
N SER F 438 -30.23 -30.81 -1.38
CA SER F 438 -30.27 -30.94 0.08
C SER F 438 -31.14 -29.86 0.72
N GLY F 439 -31.12 -28.66 0.15
CA GLY F 439 -31.96 -27.59 0.70
C GLY F 439 -33.41 -27.76 0.32
N VAL F 440 -33.68 -28.22 -0.90
CA VAL F 440 -35.06 -28.42 -1.33
C VAL F 440 -35.71 -29.56 -0.54
N ARG F 441 -34.96 -30.65 -0.34
CA ARG F 441 -35.47 -31.76 0.48
C ARG F 441 -35.72 -31.31 1.91
N SER F 442 -34.85 -30.45 2.45
CA SER F 442 -35.07 -29.91 3.78
C SER F 442 -36.24 -28.93 3.80
N THR F 443 -36.50 -28.26 2.68
CA THR F 443 -37.65 -27.37 2.61
C THR F 443 -38.95 -28.15 2.71
N CYS F 444 -39.03 -29.30 2.04
CA CYS F 444 -40.23 -30.14 2.12
C CYS F 444 -40.41 -30.68 3.53
N THR F 445 -39.32 -30.96 4.23
CA THR F 445 -39.43 -31.45 5.61
C THR F 445 -39.99 -30.38 6.53
N TYR F 446 -39.58 -29.12 6.32
CA TYR F 446 -40.14 -28.02 7.13
C TYR F 446 -41.62 -27.81 6.82
N VAL F 447 -41.99 -27.89 5.54
CA VAL F 447 -43.40 -27.72 5.17
C VAL F 447 -44.21 -28.94 5.59
N GLY F 448 -43.66 -30.13 5.38
CA GLY F 448 -44.36 -31.37 5.63
C GLY F 448 -44.77 -32.13 4.38
N ALA F 449 -44.09 -31.92 3.27
CA ALA F 449 -44.44 -32.55 2.00
C ALA F 449 -43.53 -33.72 1.70
N ALA F 450 -44.09 -34.78 1.13
CA ALA F 450 -43.33 -35.93 0.72
C ALA F 450 -42.85 -35.86 -0.73
N ASN F 451 -43.32 -34.88 -1.50
CA ASN F 451 -42.92 -34.75 -2.89
C ASN F 451 -43.22 -33.32 -3.34
N LEU F 452 -42.86 -33.02 -4.60
CA LEU F 452 -42.98 -31.65 -5.08
C LEU F 452 -44.43 -31.20 -5.21
N PRO F 453 -45.37 -31.98 -5.79
CA PRO F 453 -46.76 -31.50 -5.84
C PRO F 453 -47.34 -31.19 -4.48
N GLU F 454 -46.89 -31.89 -3.44
CA GLU F 454 -47.32 -31.58 -2.08
C GLU F 454 -46.67 -30.32 -1.54
N LEU F 455 -45.48 -29.98 -2.02
CA LEU F 455 -44.80 -28.77 -1.55
C LEU F 455 -45.60 -27.51 -1.92
N HIS F 456 -46.14 -27.48 -3.14
CA HIS F 456 -46.86 -26.29 -3.60
C HIS F 456 -48.21 -26.14 -2.90
N GLU F 457 -48.81 -27.24 -2.45
CA GLU F 457 -50.14 -27.19 -1.86
C GLU F 457 -50.12 -26.95 -0.36
N LYS F 458 -49.06 -27.36 0.34
CA LYS F 458 -49.00 -27.24 1.79
C LYS F 458 -48.21 -26.04 2.26
N VAL F 459 -47.50 -25.35 1.38
CA VAL F 459 -46.59 -24.30 1.82
C VAL F 459 -47.38 -23.07 2.25
N VAL F 460 -46.96 -22.47 3.36
CA VAL F 460 -47.47 -21.19 3.83
C VAL F 460 -46.34 -20.18 3.70
N LEU F 461 -46.62 -19.05 3.07
CA LEU F 461 -45.61 -18.06 2.75
C LEU F 461 -45.83 -16.78 3.55
N GLY F 462 -44.77 -15.97 3.62
CA GLY F 462 -44.85 -14.69 4.30
C GLY F 462 -43.91 -13.71 3.64
N VAL F 463 -44.17 -12.43 3.91
CA VAL F 463 -43.41 -11.32 3.33
C VAL F 463 -42.57 -10.70 4.43
N GLN F 464 -41.35 -10.28 4.08
CA GLN F 464 -40.43 -9.63 5.01
C GLN F 464 -39.94 -8.33 4.39
N SER F 465 -39.46 -7.44 5.26
CA SER F 465 -38.91 -6.16 4.82
C SER F 465 -37.45 -6.35 4.42
N ALA F 466 -36.73 -5.23 4.28
CA ALA F 466 -35.32 -5.32 3.91
C ALA F 466 -34.48 -5.91 5.04
N ALA F 467 -34.87 -5.68 6.29
CA ALA F 467 -34.16 -6.21 7.44
C ALA F 467 -34.42 -7.70 7.60
N VAL G 2 -49.93 -7.32 22.83
CA VAL G 2 -49.17 -6.21 22.31
C VAL G 2 -50.08 -5.27 21.51
N ARG G 3 -49.82 -3.97 21.62
CA ARG G 3 -50.61 -2.97 20.93
C ARG G 3 -49.67 -2.04 20.16
N PHE G 4 -49.93 -1.89 18.87
CA PHE G 4 -49.14 -1.01 18.01
C PHE G 4 -49.78 0.37 17.92
N LEU G 5 -49.06 1.30 17.33
CA LEU G 5 -49.60 2.62 17.05
C LEU G 5 -50.70 2.50 16.00
N ASP G 6 -51.57 3.51 15.96
CA ASP G 6 -52.68 3.52 15.01
C ASP G 6 -52.16 3.58 13.58
N GLY G 7 -52.59 2.63 12.76
CA GLY G 7 -52.16 2.55 11.39
C GLY G 7 -50.95 1.68 11.13
N HIS G 8 -50.23 1.28 12.18
CA HIS G 8 -49.01 0.48 12.02
C HIS G 8 -49.40 -1.00 11.88
N THR G 9 -50.02 -1.31 10.75
CA THR G 9 -50.40 -2.67 10.39
C THR G 9 -49.70 -3.01 9.09
N PRO G 10 -48.41 -3.36 9.14
CA PRO G 10 -47.67 -3.59 7.90
C PRO G 10 -48.04 -4.91 7.24
N ALA G 11 -47.87 -4.96 5.92
CA ALA G 11 -48.14 -6.16 5.14
C ALA G 11 -46.95 -7.12 5.12
N TYR G 12 -46.26 -7.27 6.24
CA TYR G 12 -45.09 -8.14 6.33
C TYR G 12 -44.80 -8.41 7.79
N ASP G 13 -44.01 -9.45 8.04
CA ASP G 13 -43.57 -9.75 9.39
C ASP G 13 -42.39 -8.88 9.78
N LEU G 14 -42.17 -8.77 11.08
CA LEU G 14 -41.26 -7.77 11.64
C LEU G 14 -40.07 -8.46 12.31
N THR G 15 -38.88 -7.96 12.02
CA THR G 15 -37.67 -8.36 12.73
C THR G 15 -37.42 -7.41 13.89
N TYR G 16 -36.30 -7.61 14.59
CA TYR G 16 -35.94 -6.71 15.67
C TYR G 16 -35.59 -5.31 15.17
N ASN G 17 -35.20 -5.17 13.90
CA ASN G 17 -34.87 -3.86 13.35
C ASN G 17 -36.09 -3.10 12.84
N ASP G 18 -37.22 -3.78 12.67
CA ASP G 18 -38.41 -3.18 12.07
C ASP G 18 -39.28 -2.43 13.07
N VAL G 19 -39.06 -2.60 14.38
CA VAL G 19 -39.96 -2.06 15.38
C VAL G 19 -39.20 -1.15 16.34
N PHE G 20 -39.97 -0.34 17.06
CA PHE G 20 -39.45 0.52 18.12
C PHE G 20 -40.48 0.58 19.23
N VAL G 21 -40.04 1.02 20.41
CA VAL G 21 -40.89 1.11 21.59
C VAL G 21 -41.17 2.59 21.87
N VAL G 22 -42.45 2.92 22.05
CA VAL G 22 -42.85 4.29 22.36
C VAL G 22 -42.94 4.44 23.87
N PRO G 23 -42.27 5.43 24.46
CA PRO G 23 -42.34 5.59 25.92
C PRO G 23 -43.70 6.10 26.37
N GLY G 24 -44.06 5.72 27.60
CA GLY G 24 -45.32 6.13 28.19
C GLY G 24 -45.11 6.76 29.55
N ARG G 25 -46.23 7.10 30.19
CA ARG G 25 -46.19 7.70 31.51
C ARG G 25 -45.65 6.70 32.52
N SER G 26 -44.74 7.15 33.37
CA SER G 26 -44.00 6.25 34.25
C SER G 26 -43.78 6.90 35.62
N ASP G 27 -43.89 6.09 36.68
CA ASP G 27 -43.45 6.50 38.00
C ASP G 27 -42.18 5.79 38.44
N VAL G 28 -41.71 4.80 37.68
CA VAL G 28 -40.51 4.04 37.99
C VAL G 28 -39.31 4.98 38.02
N ALA G 29 -38.79 5.24 39.21
CA ALA G 29 -37.71 6.21 39.37
C ALA G 29 -36.41 5.71 38.77
N SER G 30 -35.84 4.67 39.36
CA SER G 30 -34.52 4.17 38.97
C SER G 30 -34.64 2.83 38.27
N ARG G 31 -33.57 2.46 37.57
CA ARG G 31 -33.50 1.15 36.92
C ARG G 31 -33.42 0.02 37.94
N PHE G 32 -32.98 0.31 39.15
CA PHE G 32 -32.87 -0.71 40.19
C PHE G 32 -34.22 -1.07 40.79
N ASP G 33 -35.25 -0.24 40.58
CA ASP G 33 -36.59 -0.56 41.04
C ASP G 33 -37.27 -1.61 40.19
N VAL G 34 -36.72 -1.93 39.02
CA VAL G 34 -37.32 -2.91 38.12
C VAL G 34 -36.98 -4.32 38.61
N ASP G 35 -37.96 -5.20 38.56
CA ASP G 35 -37.79 -6.61 38.94
C ASP G 35 -37.68 -7.44 37.67
N LEU G 36 -36.46 -7.84 37.32
CA LEU G 36 -36.21 -8.62 36.11
C LEU G 36 -36.46 -10.11 36.30
N SER G 37 -37.15 -10.50 37.37
CA SER G 37 -37.40 -11.91 37.62
C SER G 37 -38.36 -12.48 36.57
N THR G 38 -38.13 -13.73 36.20
CA THR G 38 -38.98 -14.41 35.23
C THR G 38 -40.06 -15.20 35.92
N VAL G 39 -41.13 -15.49 35.18
CA VAL G 39 -42.31 -16.16 35.72
C VAL G 39 -42.60 -17.46 34.97
N ASP G 40 -41.62 -17.99 34.24
CA ASP G 40 -41.80 -19.21 33.47
C ASP G 40 -41.37 -20.46 34.22
N GLY G 41 -41.11 -20.36 35.52
CA GLY G 41 -40.68 -21.52 36.28
C GLY G 41 -39.25 -21.92 36.06
N SER G 42 -38.47 -21.11 35.34
CA SER G 42 -37.05 -21.44 35.11
C SER G 42 -36.17 -21.11 36.31
N GLY G 43 -36.60 -20.19 37.17
CA GLY G 43 -35.81 -19.81 38.32
C GLY G 43 -34.81 -18.70 38.07
N THR G 44 -34.81 -18.10 36.90
CA THR G 44 -33.86 -17.04 36.58
C THR G 44 -34.38 -15.70 37.08
N THR G 45 -33.51 -14.94 37.74
CA THR G 45 -33.85 -13.60 38.19
C THR G 45 -33.57 -12.54 37.12
N ILE G 46 -32.98 -12.93 36.00
CA ILE G 46 -32.84 -12.04 34.84
C ILE G 46 -33.28 -12.82 33.60
N PRO G 47 -33.86 -12.18 32.59
CA PRO G 47 -34.36 -12.87 31.40
C PRO G 47 -33.27 -13.23 30.39
N VAL G 48 -32.21 -13.87 30.87
CA VAL G 48 -31.08 -14.27 30.04
C VAL G 48 -30.85 -15.76 30.20
N VAL G 49 -30.80 -16.47 29.08
CA VAL G 49 -30.53 -17.90 29.05
C VAL G 49 -29.43 -18.17 28.02
N VAL G 50 -28.39 -18.88 28.43
CA VAL G 50 -27.30 -19.22 27.52
C VAL G 50 -27.71 -20.42 26.68
N ALA G 51 -27.50 -20.32 25.37
CA ALA G 51 -27.95 -21.33 24.43
C ALA G 51 -27.20 -22.64 24.64
N ASN G 52 -27.83 -23.73 24.21
CA ASN G 52 -27.25 -25.08 24.33
C ASN G 52 -26.36 -25.35 23.11
N MET G 53 -25.26 -24.60 23.05
CA MET G 53 -24.25 -24.75 22.01
C MET G 53 -22.92 -25.08 22.65
N THR G 54 -22.21 -26.05 22.07
CA THR G 54 -20.93 -26.49 22.62
C THR G 54 -19.91 -25.36 22.67
N ALA G 55 -20.05 -24.34 21.83
CA ALA G 55 -19.11 -23.23 21.82
C ALA G 55 -19.42 -22.18 22.88
N VAL G 56 -20.57 -22.26 23.56
CA VAL G 56 -20.97 -21.27 24.55
C VAL G 56 -21.25 -21.90 25.90
N ALA G 57 -22.08 -22.95 25.92
CA ALA G 57 -22.55 -23.56 27.16
C ALA G 57 -21.43 -24.43 27.74
N GLY G 58 -20.57 -23.81 28.54
CA GLY G 58 -19.48 -24.48 29.20
C GLY G 58 -19.65 -24.52 30.71
N ARG G 59 -18.64 -25.12 31.36
CA ARG G 59 -18.66 -25.22 32.81
C ARG G 59 -18.47 -23.86 33.47
N ARG G 60 -17.44 -23.12 33.06
CA ARG G 60 -17.21 -21.80 33.63
C ARG G 60 -18.31 -20.82 33.26
N MET G 61 -18.94 -21.00 32.09
CA MET G 61 -20.08 -20.17 31.74
C MET G 61 -21.29 -20.48 32.61
N ALA G 62 -21.48 -21.77 32.96
CA ALA G 62 -22.62 -22.15 33.77
C ALA G 62 -22.54 -21.54 35.17
N GLU G 63 -21.34 -21.53 35.76
CA GLU G 63 -21.18 -20.94 37.09
C GLU G 63 -21.31 -19.43 37.04
N THR G 64 -20.68 -18.79 36.05
CA THR G 64 -20.64 -17.33 36.01
C THR G 64 -22.02 -16.74 35.71
N VAL G 65 -22.79 -17.38 34.81
CA VAL G 65 -24.08 -16.85 34.44
C VAL G 65 -25.12 -17.11 35.53
N ALA G 66 -25.10 -18.31 36.12
CA ALA G 66 -26.10 -18.64 37.13
C ALA G 66 -25.95 -17.79 38.39
N ARG G 67 -24.72 -17.41 38.74
CA ARG G 67 -24.52 -16.58 39.92
C ARG G 67 -25.13 -15.21 39.75
N ARG G 68 -25.23 -14.71 38.52
CA ARG G 68 -25.80 -13.40 38.24
C ARG G 68 -27.27 -13.47 37.87
N GLY G 69 -27.90 -14.64 38.03
CA GLY G 69 -29.34 -14.76 37.83
C GLY G 69 -29.76 -15.45 36.56
N GLY G 70 -28.83 -15.87 35.71
CA GLY G 70 -29.17 -16.56 34.49
C GLY G 70 -29.14 -18.07 34.65
N ILE G 71 -29.28 -18.76 33.52
CA ILE G 71 -29.20 -20.21 33.47
C ILE G 71 -28.54 -20.61 32.16
N VAL G 72 -27.79 -21.71 32.20
CA VAL G 72 -27.04 -22.20 31.06
C VAL G 72 -27.55 -23.60 30.74
N VAL G 73 -28.13 -23.76 29.55
CA VAL G 73 -28.59 -25.07 29.10
C VAL G 73 -27.40 -25.84 28.53
N LEU G 74 -27.07 -26.95 29.15
CA LEU G 74 -25.93 -27.74 28.70
C LEU G 74 -26.24 -28.35 27.32
N PRO G 75 -25.25 -28.42 26.43
CA PRO G 75 -25.52 -28.92 25.08
C PRO G 75 -25.97 -30.38 25.11
N GLN G 76 -26.85 -30.72 24.19
CA GLN G 76 -27.35 -32.09 24.10
C GLN G 76 -26.24 -33.02 23.62
N ASP G 77 -26.48 -34.32 23.81
CA ASP G 77 -25.57 -35.40 23.46
C ASP G 77 -24.25 -35.32 24.22
N LEU G 78 -24.16 -34.47 25.24
CA LEU G 78 -22.99 -34.48 26.11
C LEU G 78 -22.99 -35.75 26.94
N PRO G 79 -21.85 -36.43 27.08
CA PRO G 79 -21.81 -37.68 27.85
C PRO G 79 -22.29 -37.48 29.27
N ILE G 80 -23.15 -38.40 29.72
CA ILE G 80 -23.79 -38.27 31.04
C ILE G 80 -22.74 -38.21 32.14
N THR G 81 -21.57 -38.80 31.92
CA THR G 81 -20.48 -38.67 32.88
C THR G 81 -19.99 -37.24 32.97
N ALA G 82 -19.84 -36.58 31.81
CA ALA G 82 -19.41 -35.18 31.81
C ALA G 82 -20.53 -34.26 32.29
N VAL G 83 -21.79 -34.68 32.15
CA VAL G 83 -22.89 -33.87 32.64
C VAL G 83 -22.84 -33.77 34.17
N SER G 84 -22.90 -34.92 34.85
CA SER G 84 -22.88 -34.91 36.31
C SER G 84 -21.63 -34.25 36.86
N GLU G 85 -20.49 -34.38 36.16
CA GLU G 85 -19.27 -33.73 36.61
C GLU G 85 -19.39 -32.21 36.55
N THR G 86 -20.12 -31.69 35.56
CA THR G 86 -20.34 -30.25 35.47
C THR G 86 -21.42 -29.79 36.43
N VAL G 87 -22.50 -30.55 36.56
CA VAL G 87 -23.60 -30.15 37.45
C VAL G 87 -23.13 -30.15 38.90
N ASP G 88 -22.43 -31.20 39.32
CA ASP G 88 -21.94 -31.26 40.70
C ASP G 88 -20.96 -30.13 40.99
N PHE G 89 -20.23 -29.65 39.98
CA PHE G 89 -19.33 -28.52 40.18
C PHE G 89 -20.12 -27.23 40.38
N VAL G 90 -21.08 -26.96 39.49
CA VAL G 90 -21.86 -25.73 39.57
C VAL G 90 -22.66 -25.69 40.88
N LYS G 91 -23.23 -26.84 41.28
CA LYS G 91 -24.01 -26.88 42.51
C LYS G 91 -23.17 -26.63 43.75
N SER G 92 -21.84 -26.74 43.65
CA SER G 92 -20.96 -26.63 44.81
C SER G 92 -20.19 -25.30 44.83
N ARG G 93 -20.65 -24.31 44.08
CA ARG G 93 -20.00 -23.01 44.04
C ARG G 93 -20.69 -22.03 44.99
N ASP G 94 -19.92 -21.05 45.44
CA ASP G 94 -20.45 -20.04 46.34
C ASP G 94 -21.29 -19.02 45.57
N LEU G 95 -22.33 -18.50 46.24
CA LEU G 95 -23.28 -17.60 45.59
C LEU G 95 -22.74 -16.19 45.42
N VAL G 96 -21.60 -15.86 46.02
CA VAL G 96 -20.97 -14.55 45.86
C VAL G 96 -19.51 -14.75 45.50
N VAL G 97 -18.85 -15.66 46.21
CA VAL G 97 -17.44 -15.97 45.96
C VAL G 97 -17.33 -16.75 44.65
N ASP G 98 -16.42 -16.30 43.78
CA ASP G 98 -16.25 -16.90 42.46
C ASP G 98 -15.03 -17.83 42.46
N THR G 99 -14.96 -18.69 41.45
CA THR G 99 -13.87 -19.65 41.34
C THR G 99 -12.69 -19.02 40.61
N PRO G 100 -11.53 -18.87 41.25
CA PRO G 100 -10.39 -18.25 40.58
C PRO G 100 -9.61 -19.28 39.76
N VAL G 101 -8.57 -18.80 39.09
CA VAL G 101 -7.62 -19.65 38.40
C VAL G 101 -6.54 -20.05 39.40
N THR G 102 -6.41 -21.35 39.64
CA THR G 102 -5.47 -21.87 40.63
C THR G 102 -4.18 -22.32 39.95
N LEU G 103 -3.05 -21.98 40.56
CA LEU G 103 -1.74 -22.34 40.05
C LEU G 103 -0.94 -23.03 41.14
N SER G 104 -0.10 -23.96 40.73
CA SER G 104 0.87 -24.58 41.61
C SER G 104 2.22 -23.89 41.51
N PRO G 105 2.98 -23.82 42.60
CA PRO G 105 4.33 -23.23 42.50
C PRO G 105 5.23 -23.98 41.54
N GLU G 106 4.90 -25.21 41.18
CA GLU G 106 5.67 -26.01 40.24
C GLU G 106 5.30 -25.76 38.79
N ASP G 107 4.19 -25.08 38.54
CA ASP G 107 3.74 -24.86 37.17
C ASP G 107 4.64 -23.86 36.45
N SER G 108 4.57 -23.90 35.12
CA SER G 108 5.30 -22.96 34.29
C SER G 108 4.46 -21.70 34.05
N VAL G 109 5.15 -20.58 33.88
CA VAL G 109 4.45 -19.34 33.58
C VAL G 109 3.86 -19.33 32.18
N SER G 110 4.21 -20.31 31.35
CA SER G 110 3.54 -20.46 30.06
C SER G 110 2.09 -20.89 30.25
N ASP G 111 1.87 -21.95 31.02
CA ASP G 111 0.51 -22.34 31.35
C ASP G 111 -0.17 -21.31 32.24
N ALA G 112 0.59 -20.65 33.11
CA ALA G 112 0.02 -19.62 33.97
C ALA G 112 -0.50 -18.45 33.15
N ASN G 113 0.25 -18.02 32.14
CA ASN G 113 -0.16 -16.89 31.32
C ASN G 113 -1.39 -17.22 30.49
N ALA G 114 -1.53 -18.47 30.06
CA ALA G 114 -2.70 -18.86 29.27
C ALA G 114 -3.91 -19.14 30.15
N LEU G 115 -3.69 -19.65 31.37
CA LEU G 115 -4.81 -19.92 32.29
C LEU G 115 -5.42 -18.65 32.86
N LEU G 116 -4.72 -17.52 32.79
CA LEU G 116 -5.26 -16.27 33.34
C LEU G 116 -6.55 -15.87 32.64
N HIS G 117 -6.66 -16.14 31.34
CA HIS G 117 -7.80 -15.72 30.54
C HIS G 117 -8.97 -16.69 30.64
N LYS G 118 -8.89 -17.71 31.49
CA LYS G 118 -10.05 -18.57 31.74
C LYS G 118 -11.12 -17.86 32.55
N ARG G 119 -10.75 -16.79 33.25
CA ARG G 119 -11.67 -15.98 34.03
C ARG G 119 -11.41 -14.51 33.74
N ALA G 120 -12.30 -13.66 34.25
CA ALA G 120 -12.19 -12.22 34.08
C ALA G 120 -11.58 -11.54 35.30
N HIS G 121 -10.91 -12.30 36.17
CA HIS G 121 -10.37 -11.75 37.41
C HIS G 121 -9.06 -11.01 37.21
N GLY G 122 -8.33 -11.31 36.12
CA GLY G 122 -7.07 -10.65 35.88
C GLY G 122 -5.93 -11.09 36.78
N ALA G 123 -6.11 -12.17 37.54
CA ALA G 123 -5.08 -12.65 38.44
C ALA G 123 -5.39 -14.10 38.81
N ALA G 124 -4.34 -14.89 38.97
CA ALA G 124 -4.46 -16.28 39.40
C ALA G 124 -3.80 -16.45 40.76
N VAL G 125 -4.38 -17.32 41.58
CA VAL G 125 -3.93 -17.54 42.95
C VAL G 125 -3.08 -18.81 43.00
N VAL G 126 -1.98 -18.75 43.75
CA VAL G 126 -1.09 -19.90 43.94
C VAL G 126 -1.46 -20.57 45.26
N VAL G 127 -1.67 -21.88 45.21
CA VAL G 127 -2.06 -22.65 46.38
C VAL G 127 -1.02 -23.72 46.65
N PHE G 128 -0.80 -24.00 47.92
CA PHE G 128 0.08 -25.09 48.36
C PHE G 128 -0.62 -25.80 49.52
N GLU G 129 -0.88 -27.10 49.35
CA GLU G 129 -1.66 -27.88 50.31
C GLU G 129 -3.05 -27.29 50.51
N GLY G 130 -3.60 -26.67 49.46
CA GLY G 130 -4.92 -26.11 49.51
C GLY G 130 -5.02 -24.70 50.07
N ARG G 131 -3.91 -24.09 50.48
CA ARG G 131 -3.94 -22.77 51.07
C ARG G 131 -3.33 -21.75 50.13
N PRO G 132 -3.97 -20.60 49.92
CA PRO G 132 -3.41 -19.58 49.02
C PRO G 132 -2.16 -18.94 49.60
N ILE G 133 -1.10 -18.88 48.80
CA ILE G 133 0.15 -18.25 49.20
C ILE G 133 0.39 -16.92 48.50
N GLY G 134 -0.18 -16.70 47.34
CA GLY G 134 0.15 -15.52 46.55
C GLY G 134 -0.59 -15.50 45.24
N LEU G 135 -0.46 -14.38 44.54
CA LEU G 135 -1.18 -14.13 43.31
C LEU G 135 -0.22 -13.99 42.13
N VAL G 136 -0.72 -14.30 40.94
CA VAL G 136 0.03 -14.18 39.69
C VAL G 136 -0.82 -13.38 38.72
N THR G 137 -0.30 -12.25 38.27
CA THR G 137 -0.95 -11.42 37.27
C THR G 137 -0.18 -11.48 35.96
N GLU G 138 -0.77 -10.87 34.93
CA GLU G 138 -0.12 -10.87 33.62
C GLU G 138 1.13 -10.01 33.62
N ALA G 139 1.19 -9.00 34.50
CA ALA G 139 2.41 -8.20 34.61
C ALA G 139 3.56 -9.00 35.20
N ASN G 140 3.25 -9.99 36.05
CA ASN G 140 4.30 -10.83 36.61
C ASN G 140 4.90 -11.78 35.58
N CYS G 141 4.19 -12.05 34.50
CA CYS G 141 4.65 -12.99 33.48
C CYS G 141 5.23 -12.30 32.25
N ALA G 142 5.08 -10.98 32.13
CA ALA G 142 5.59 -10.27 30.96
C ALA G 142 7.11 -10.21 30.99
N GLY G 143 7.73 -10.54 29.86
CA GLY G 143 9.18 -10.52 29.75
C GLY G 143 9.89 -11.58 30.56
N VAL G 144 9.17 -12.54 31.13
CA VAL G 144 9.75 -13.59 31.96
C VAL G 144 9.91 -14.84 31.11
N ASP G 145 10.95 -15.61 31.41
CA ASP G 145 11.18 -16.91 30.79
C ASP G 145 9.91 -17.75 30.87
N ARG G 146 9.36 -18.10 29.70
CA ARG G 146 8.07 -18.78 29.65
C ARG G 146 8.10 -20.17 30.27
N PHE G 147 9.28 -20.74 30.51
CA PHE G 147 9.38 -22.03 31.17
C PHE G 147 9.97 -21.93 32.57
N ALA G 148 10.04 -20.73 33.13
CA ALA G 148 10.35 -20.60 34.55
C ALA G 148 9.15 -21.05 35.38
N ARG G 149 9.38 -21.24 36.68
CA ARG G 149 8.34 -21.71 37.57
C ARG G 149 7.51 -20.54 38.11
N VAL G 150 6.25 -20.85 38.42
CA VAL G 150 5.38 -19.86 39.05
C VAL G 150 5.95 -19.40 40.38
N ARG G 151 6.72 -20.27 41.03
CA ARG G 151 7.41 -19.93 42.27
C ARG G 151 8.32 -18.71 42.13
N ASP G 152 8.73 -18.38 40.91
CA ASP G 152 9.71 -17.33 40.68
C ASP G 152 9.10 -15.95 40.48
N ILE G 153 7.79 -15.84 40.25
CA ILE G 153 7.20 -14.56 39.88
C ILE G 153 5.92 -14.29 40.66
N ALA G 154 5.67 -15.07 41.69
CA ALA G 154 4.44 -14.92 42.47
C ALA G 154 4.56 -13.79 43.48
N LEU G 155 3.52 -12.97 43.56
CA LEU G 155 3.45 -11.91 44.56
C LEU G 155 3.03 -12.50 45.90
N SER G 156 3.84 -12.25 46.94
CA SER G 156 3.65 -12.93 48.21
C SER G 156 2.52 -12.34 49.05
N ASP G 157 2.23 -11.04 48.90
CA ASP G 157 1.17 -10.40 49.66
C ASP G 157 -0.07 -10.19 48.80
N PHE G 158 -1.23 -10.16 49.45
CA PHE G 158 -2.52 -10.01 48.80
C PHE G 158 -3.56 -9.73 49.85
N VAL G 159 -4.74 -9.31 49.40
CA VAL G 159 -5.85 -9.00 50.31
C VAL G 159 -6.59 -10.29 50.63
N THR G 160 -6.82 -10.54 51.91
CA THR G 160 -7.50 -11.74 52.38
C THR G 160 -8.65 -11.34 53.29
N ALA G 161 -9.81 -11.97 53.07
CA ALA G 161 -10.99 -11.78 53.90
C ALA G 161 -11.71 -13.10 54.03
N PRO G 162 -12.27 -13.40 55.21
CA PRO G 162 -12.95 -14.69 55.39
C PRO G 162 -14.26 -14.74 54.60
N VAL G 163 -14.62 -15.96 54.19
CA VAL G 163 -15.88 -16.17 53.48
C VAL G 163 -17.05 -15.85 54.41
N GLY G 164 -18.02 -15.13 53.88
CA GLY G 164 -19.11 -14.61 54.67
C GLY G 164 -18.96 -13.15 55.04
N THR G 165 -17.80 -12.55 54.76
CA THR G 165 -17.62 -11.12 54.98
C THR G 165 -18.60 -10.34 54.12
N ASP G 166 -19.08 -9.22 54.66
CA ASP G 166 -20.00 -8.36 53.95
C ASP G 166 -19.35 -7.89 52.65
N PRO G 167 -19.97 -8.11 51.49
CA PRO G 167 -19.36 -7.63 50.24
C PRO G 167 -19.15 -6.13 50.20
N ARG G 168 -19.76 -5.38 51.12
CA ARG G 168 -19.51 -3.94 51.19
C ARG G 168 -18.10 -3.65 51.67
N GLU G 169 -17.64 -4.36 52.71
CA GLU G 169 -16.29 -4.14 53.24
C GLU G 169 -15.22 -4.74 52.34
N VAL G 170 -15.51 -5.88 51.70
CA VAL G 170 -14.55 -6.45 50.75
C VAL G 170 -14.31 -5.49 49.61
N PHE G 171 -15.32 -4.71 49.23
CA PHE G 171 -15.13 -3.63 48.26
C PHE G 171 -14.26 -2.52 48.86
N ASP G 172 -14.40 -2.26 50.15
CA ASP G 172 -13.63 -1.19 50.77
C ASP G 172 -12.19 -1.62 51.01
N LEU G 173 -11.94 -2.92 51.21
CA LEU G 173 -10.58 -3.40 51.39
C LEU G 173 -9.75 -3.21 50.13
N LEU G 174 -10.36 -3.42 48.96
CA LEU G 174 -9.68 -3.25 47.69
C LEU G 174 -9.68 -1.81 47.19
N GLU G 175 -9.87 -0.84 48.09
CA GLU G 175 -9.91 0.56 47.68
C GLU G 175 -8.58 1.01 47.10
N HIS G 176 -7.49 0.80 47.86
CA HIS G 176 -6.16 1.18 47.42
C HIS G 176 -5.26 -0.04 47.22
N ALA G 177 -5.84 -1.21 47.01
CA ALA G 177 -5.06 -2.41 46.79
C ALA G 177 -4.38 -2.36 45.42
N PRO G 178 -3.18 -2.94 45.29
CA PRO G 178 -2.50 -2.89 43.99
C PRO G 178 -3.19 -3.72 42.92
N ILE G 179 -3.83 -4.83 43.30
CA ILE G 179 -4.55 -5.69 42.38
C ILE G 179 -5.99 -5.78 42.85
N ASP G 180 -6.93 -5.49 41.95
CA ASP G 180 -8.35 -5.54 42.29
C ASP G 180 -8.82 -6.98 42.46
N VAL G 181 -8.16 -7.73 43.34
CA VAL G 181 -8.48 -9.12 43.60
C VAL G 181 -8.35 -9.37 45.10
N ALA G 182 -9.40 -9.91 45.71
CA ALA G 182 -9.40 -10.25 47.13
C ALA G 182 -9.73 -11.73 47.27
N VAL G 183 -8.77 -12.50 47.76
CA VAL G 183 -8.98 -13.93 47.97
C VAL G 183 -9.83 -14.12 49.23
N MET G 184 -10.71 -15.12 49.19
CA MET G 184 -11.62 -15.40 50.29
C MET G 184 -11.32 -16.79 50.82
N THR G 185 -11.02 -16.87 52.12
CA THR G 185 -10.49 -18.09 52.72
C THR G 185 -11.55 -18.77 53.60
N ALA G 186 -11.49 -20.09 53.63
CA ALA G 186 -12.34 -20.88 54.50
C ALA G 186 -11.88 -20.75 55.94
N PRO G 187 -12.71 -21.16 56.92
CA PRO G 187 -12.27 -21.07 58.32
C PRO G 187 -10.94 -21.76 58.60
N ASP G 188 -10.67 -22.89 57.98
CA ASP G 188 -9.40 -23.58 58.17
C ASP G 188 -8.27 -22.99 57.33
N GLY G 189 -8.52 -21.90 56.62
CA GLY G 189 -7.49 -21.20 55.86
C GLY G 189 -7.36 -21.61 54.42
N THR G 190 -8.06 -22.65 53.98
CA THR G 190 -7.94 -23.11 52.60
C THR G 190 -8.57 -22.09 51.65
N LEU G 191 -8.21 -22.21 50.38
CA LEU G 191 -8.75 -21.33 49.35
C LEU G 191 -10.20 -21.70 49.05
N ALA G 192 -11.11 -20.73 49.22
CA ALA G 192 -12.50 -20.92 48.87
C ALA G 192 -12.90 -20.23 47.58
N GLY G 193 -12.18 -19.19 47.18
CA GLY G 193 -12.47 -18.52 45.94
C GLY G 193 -11.95 -17.08 45.94
N VAL G 194 -12.54 -16.28 45.03
CA VAL G 194 -12.09 -14.93 44.73
C VAL G 194 -13.31 -14.02 44.71
N LEU G 195 -13.09 -12.75 45.07
CA LEU G 195 -14.15 -11.74 45.01
C LEU G 195 -13.49 -10.40 44.70
N THR G 196 -13.76 -9.85 43.52
CA THR G 196 -13.18 -8.58 43.11
C THR G 196 -14.11 -7.44 43.52
N ARG G 197 -13.71 -6.20 43.23
CA ARG G 197 -14.58 -5.07 43.50
C ARG G 197 -15.87 -5.18 42.69
N THR G 198 -15.75 -5.16 41.36
CA THR G 198 -16.94 -5.24 40.50
C THR G 198 -17.80 -6.45 40.84
N GLY G 199 -17.19 -7.56 41.25
CA GLY G 199 -17.98 -8.71 41.66
C GLY G 199 -18.75 -8.47 42.94
N ALA G 200 -18.25 -7.58 43.80
CA ALA G 200 -18.97 -7.26 45.03
C ALA G 200 -20.22 -6.43 44.73
N ILE G 201 -20.13 -5.47 43.81
CA ILE G 201 -21.29 -4.68 43.42
C ILE G 201 -22.34 -5.56 42.74
N ARG G 202 -21.90 -6.48 41.86
CA ARG G 202 -22.85 -7.38 41.20
C ARG G 202 -23.56 -8.28 42.18
N ALA G 203 -22.94 -8.54 43.34
CA ALA G 203 -23.62 -9.29 44.39
C ALA G 203 -24.80 -8.52 44.96
N GLY G 204 -24.73 -7.20 44.95
CA GLY G 204 -25.82 -6.34 45.40
C GLY G 204 -26.80 -5.94 44.32
N ILE G 205 -26.63 -6.43 43.09
CA ILE G 205 -27.53 -6.13 41.98
C ILE G 205 -28.22 -7.39 41.48
N TYR G 206 -27.46 -8.46 41.27
CA TYR G 206 -27.97 -9.70 40.70
C TYR G 206 -28.30 -10.69 41.82
N THR G 207 -29.50 -11.27 41.75
CA THR G 207 -29.87 -12.34 42.66
C THR G 207 -29.53 -13.68 42.03
N PRO G 208 -28.73 -14.52 42.67
CA PRO G 208 -28.35 -15.81 42.06
C PRO G 208 -29.57 -16.70 41.83
N ALA G 209 -29.60 -17.31 40.64
CA ALA G 209 -30.64 -18.28 40.31
C ALA G 209 -30.35 -19.57 41.06
N VAL G 210 -31.10 -19.84 42.12
CA VAL G 210 -30.87 -20.99 42.97
C VAL G 210 -32.10 -21.88 42.97
N ASP G 211 -31.88 -23.17 43.20
CA ASP G 211 -32.95 -24.14 43.29
C ASP G 211 -33.55 -24.09 44.70
N ALA G 212 -34.34 -25.11 45.05
CA ALA G 212 -34.91 -25.17 46.39
C ALA G 212 -33.86 -25.47 47.46
N LYS G 213 -32.62 -25.78 47.08
CA LYS G 213 -31.56 -26.10 48.02
C LYS G 213 -30.52 -24.99 48.13
N GLY G 214 -30.74 -23.84 47.51
CA GLY G 214 -29.77 -22.77 47.57
C GLY G 214 -28.54 -22.98 46.71
N ARG G 215 -28.62 -23.87 45.72
CA ARG G 215 -27.51 -24.13 44.82
C ARG G 215 -27.81 -23.55 43.45
N LEU G 216 -26.75 -23.10 42.76
CA LEU G 216 -26.91 -22.43 41.47
C LEU G 216 -27.64 -23.34 40.49
N ARG G 217 -28.64 -22.77 39.80
CA ARG G 217 -29.43 -23.53 38.86
C ARG G 217 -28.63 -23.85 37.61
N ILE G 218 -29.11 -24.84 36.86
CA ILE G 218 -28.42 -25.33 35.67
C ILE G 218 -29.38 -26.22 34.88
N ALA G 219 -29.32 -26.14 33.56
CA ALA G 219 -30.23 -26.88 32.69
C ALA G 219 -29.45 -27.82 31.79
N ALA G 220 -30.20 -28.63 31.03
CA ALA G 220 -29.59 -29.58 30.11
C ALA G 220 -30.52 -29.75 28.91
N ALA G 221 -29.90 -30.07 27.76
CA ALA G 221 -30.63 -30.28 26.52
C ALA G 221 -30.60 -31.75 26.14
N VAL G 222 -31.53 -32.12 25.25
CA VAL G 222 -31.67 -33.50 24.81
C VAL G 222 -32.23 -33.51 23.41
N GLY G 223 -31.69 -34.40 22.56
CA GLY G 223 -32.18 -34.57 21.21
C GLY G 223 -33.32 -35.58 21.15
N ILE G 224 -33.94 -35.65 19.97
CA ILE G 224 -35.08 -36.54 19.75
C ILE G 224 -34.67 -37.85 19.08
N ASN G 225 -33.37 -38.09 18.94
CA ASN G 225 -32.89 -39.36 18.40
C ASN G 225 -32.60 -40.32 19.54
N GLY G 226 -33.01 -41.58 19.36
CA GLY G 226 -32.83 -42.58 20.39
C GLY G 226 -33.95 -42.55 21.42
N ASP G 227 -33.60 -42.90 22.65
CA ASP G 227 -34.55 -42.94 23.76
C ASP G 227 -34.52 -41.59 24.46
N VAL G 228 -35.51 -40.75 24.16
CA VAL G 228 -35.58 -39.44 24.79
C VAL G 228 -35.94 -39.56 26.27
N GLY G 229 -36.86 -40.47 26.59
CA GLY G 229 -37.27 -40.63 27.98
C GLY G 229 -36.14 -41.11 28.87
N ALA G 230 -35.27 -41.97 28.34
CA ALA G 230 -34.14 -42.45 29.12
C ALA G 230 -33.10 -41.35 29.31
N LYS G 231 -32.81 -40.58 28.27
CA LYS G 231 -31.83 -39.51 28.38
C LYS G 231 -32.36 -38.36 29.23
N ALA G 232 -33.66 -38.06 29.13
CA ALA G 232 -34.23 -37.00 29.95
C ALA G 232 -34.22 -37.38 31.43
N GLN G 233 -34.49 -38.65 31.73
CA GLN G 233 -34.46 -39.09 33.13
C GLN G 233 -33.04 -39.17 33.66
N ALA G 234 -32.07 -39.51 32.79
CA ALA G 234 -30.68 -39.55 33.21
C ALA G 234 -30.15 -38.14 33.49
N LEU G 235 -30.58 -37.16 32.69
CA LEU G 235 -30.18 -35.78 32.94
C LEU G 235 -30.83 -35.24 34.21
N ALA G 236 -32.08 -35.62 34.47
CA ALA G 236 -32.74 -35.19 35.70
C ALA G 236 -32.07 -35.78 36.93
N GLU G 237 -31.70 -37.07 36.87
CA GLU G 237 -30.98 -37.69 37.98
C GLU G 237 -29.56 -37.15 38.12
N ALA G 238 -29.02 -36.52 37.07
CA ALA G 238 -27.71 -35.92 37.16
C ALA G 238 -27.71 -34.63 37.97
N GLY G 239 -28.88 -33.99 38.13
CA GLY G 239 -28.98 -32.79 38.92
C GLY G 239 -29.51 -31.60 38.16
N ALA G 240 -30.01 -31.82 36.95
CA ALA G 240 -30.52 -30.74 36.13
C ALA G 240 -31.81 -30.18 36.71
N ASP G 241 -31.95 -28.85 36.61
CA ASP G 241 -33.15 -28.17 37.11
C ASP G 241 -34.16 -27.86 36.01
N LEU G 242 -33.76 -27.98 34.75
CA LEU G 242 -34.63 -27.68 33.63
C LEU G 242 -34.14 -28.47 32.42
N LEU G 243 -35.08 -29.02 31.65
CA LEU G 243 -34.76 -29.83 30.48
C LEU G 243 -35.27 -29.15 29.22
N VAL G 244 -34.48 -29.23 28.15
CA VAL G 244 -34.81 -28.61 26.87
C VAL G 244 -34.77 -29.70 25.80
N ILE G 245 -35.94 -30.01 25.23
CA ILE G 245 -36.02 -30.94 24.11
C ILE G 245 -35.87 -30.10 22.83
N ASP G 246 -34.69 -30.17 22.23
CA ASP G 246 -34.29 -29.24 21.18
C ASP G 246 -34.19 -29.94 19.84
N THR G 247 -34.64 -29.25 18.79
CA THR G 247 -34.48 -29.73 17.42
C THR G 247 -34.59 -28.53 16.50
N ALA G 248 -34.30 -28.76 15.22
CA ALA G 248 -34.32 -27.67 14.24
C ALA G 248 -35.74 -27.26 13.91
N HIS G 249 -36.62 -28.24 13.65
CA HIS G 249 -38.00 -28.01 13.27
C HIS G 249 -38.89 -28.60 14.36
N GLY G 250 -39.21 -27.80 15.37
CA GLY G 250 -39.94 -28.29 16.52
C GLY G 250 -41.34 -28.78 16.22
N HIS G 251 -41.92 -28.34 15.11
CA HIS G 251 -43.29 -28.71 14.76
C HIS G 251 -43.31 -29.94 13.87
N GLN G 252 -42.84 -31.06 14.44
CA GLN G 252 -42.80 -32.33 13.74
C GLN G 252 -43.34 -33.43 14.65
N ALA G 253 -43.62 -34.58 14.04
CA ALA G 253 -44.21 -35.69 14.78
C ALA G 253 -43.26 -36.23 15.84
N LYS G 254 -42.01 -36.51 15.46
CA LYS G 254 -41.07 -37.13 16.38
C LYS G 254 -40.77 -36.24 17.58
N MET G 255 -40.97 -34.93 17.44
CA MET G 255 -40.84 -34.04 18.60
C MET G 255 -42.04 -34.14 19.51
N LEU G 256 -43.24 -34.29 18.94
CA LEU G 256 -44.43 -34.47 19.77
C LEU G 256 -44.35 -35.75 20.58
N ASP G 257 -43.84 -36.83 19.97
CA ASP G 257 -43.70 -38.08 20.70
C ASP G 257 -42.67 -37.98 21.82
N ALA G 258 -41.64 -37.16 21.62
CA ALA G 258 -40.61 -37.01 22.66
C ALA G 258 -41.13 -36.22 23.85
N ILE G 259 -41.98 -35.22 23.60
CA ILE G 259 -42.54 -34.44 24.70
C ILE G 259 -43.48 -35.31 25.54
N LYS G 260 -44.33 -36.09 24.87
CA LYS G 260 -45.24 -36.97 25.60
C LYS G 260 -44.49 -38.10 26.31
N ALA G 261 -43.31 -38.47 25.80
CA ALA G 261 -42.51 -39.50 26.46
C ALA G 261 -41.89 -38.98 27.75
N VAL G 262 -41.40 -37.74 27.74
CA VAL G 262 -40.80 -37.17 28.94
C VAL G 262 -41.87 -36.70 29.92
N ALA G 263 -43.00 -36.20 29.42
CA ALA G 263 -44.05 -35.72 30.30
C ALA G 263 -44.70 -36.85 31.08
N SER G 264 -44.79 -38.04 30.47
CA SER G 264 -45.38 -39.18 31.17
C SER G 264 -44.49 -39.71 32.29
N LEU G 265 -43.19 -39.42 32.24
CA LEU G 265 -42.28 -39.88 33.28
C LEU G 265 -42.33 -39.02 34.54
N ASP G 266 -43.05 -37.90 34.50
CA ASP G 266 -43.26 -37.03 35.66
C ASP G 266 -42.00 -36.80 36.47
N LEU G 267 -41.01 -36.13 35.88
CA LEU G 267 -39.75 -35.87 36.55
C LEU G 267 -39.77 -34.60 37.40
N GLY G 268 -40.85 -33.83 37.34
CA GLY G 268 -40.95 -32.62 38.14
C GLY G 268 -40.09 -31.47 37.67
N LEU G 269 -39.72 -31.44 36.39
CA LEU G 269 -38.88 -30.38 35.85
C LEU G 269 -39.59 -29.64 34.73
N PRO G 270 -39.31 -28.35 34.55
CA PRO G 270 -39.90 -27.62 33.43
C PRO G 270 -39.41 -28.18 32.10
N LEU G 271 -40.34 -28.26 31.14
CA LEU G 271 -40.05 -28.79 29.82
C LEU G 271 -40.04 -27.67 28.80
N VAL G 272 -38.89 -27.50 28.13
CA VAL G 272 -38.75 -26.56 27.02
C VAL G 272 -38.66 -27.36 25.73
N ALA G 273 -39.49 -27.00 24.75
CA ALA G 273 -39.53 -27.70 23.47
C ALA G 273 -39.51 -26.68 22.34
N GLY G 274 -38.75 -26.99 21.31
CA GLY G 274 -38.65 -26.11 20.15
C GLY G 274 -37.90 -26.78 19.03
N ASN G 275 -37.72 -26.03 17.94
CA ASN G 275 -38.19 -24.66 17.86
C ASN G 275 -39.31 -24.50 16.83
N VAL G 276 -40.28 -23.65 17.14
CA VAL G 276 -41.39 -23.35 16.25
C VAL G 276 -41.52 -21.84 16.14
N VAL G 277 -42.20 -21.38 15.09
CA VAL G 277 -42.40 -19.96 14.85
C VAL G 277 -43.85 -19.70 14.46
N SER G 278 -44.75 -20.64 14.77
CA SER G 278 -46.15 -20.52 14.45
C SER G 278 -47.00 -20.81 15.68
N ALA G 279 -48.18 -20.19 15.72
CA ALA G 279 -49.10 -20.42 16.84
C ALA G 279 -49.61 -21.86 16.86
N GLU G 280 -49.76 -22.47 15.68
CA GLU G 280 -50.21 -23.87 15.63
C GLU G 280 -49.20 -24.79 16.28
N GLY G 281 -47.92 -24.62 15.93
CA GLY G 281 -46.88 -25.45 16.53
C GLY G 281 -46.66 -25.16 18.00
N THR G 282 -46.98 -23.95 18.44
CA THR G 282 -46.83 -23.62 19.86
C THR G 282 -47.86 -24.35 20.71
N ARG G 283 -49.12 -24.37 20.26
CA ARG G 283 -50.15 -25.08 21.02
C ARG G 283 -49.92 -26.58 21.00
N ASP G 284 -49.54 -27.14 19.84
CA ASP G 284 -49.33 -28.58 19.74
C ASP G 284 -48.18 -29.03 20.62
N LEU G 285 -47.16 -28.20 20.81
CA LEU G 285 -46.08 -28.55 21.72
C LEU G 285 -46.53 -28.49 23.16
N ILE G 286 -47.33 -27.47 23.52
CA ILE G 286 -47.87 -27.41 24.87
C ILE G 286 -48.90 -28.51 25.09
N GLU G 287 -49.73 -28.77 24.08
CA GLU G 287 -50.71 -29.85 24.18
C GLU G 287 -50.01 -31.20 24.33
N ALA G 288 -48.78 -31.32 23.84
CA ALA G 288 -48.00 -32.54 24.02
C ALA G 288 -47.43 -32.67 25.42
N GLY G 289 -47.36 -31.58 26.18
CA GLY G 289 -46.89 -31.65 27.55
C GLY G 289 -45.76 -30.68 27.88
N ALA G 290 -45.46 -29.76 26.97
CA ALA G 290 -44.40 -28.80 27.18
C ALA G 290 -44.94 -27.56 27.88
N SER G 291 -44.19 -27.06 28.87
CA SER G 291 -44.59 -25.87 29.60
C SER G 291 -44.01 -24.59 29.01
N ILE G 292 -42.85 -24.69 28.36
CA ILE G 292 -42.21 -23.54 27.72
C ILE G 292 -41.89 -23.91 26.28
N VAL G 293 -42.16 -22.98 25.36
CA VAL G 293 -41.93 -23.18 23.93
C VAL G 293 -40.79 -22.29 23.50
N LYS G 294 -39.79 -22.89 22.84
CA LYS G 294 -38.64 -22.15 22.33
C LYS G 294 -38.92 -21.71 20.90
N VAL G 295 -38.79 -20.42 20.64
CA VAL G 295 -39.16 -19.82 19.36
C VAL G 295 -37.90 -19.36 18.65
N GLY G 296 -37.75 -19.79 17.39
CA GLY G 296 -36.62 -19.39 16.59
C GLY G 296 -36.26 -20.39 15.50
N VAL G 297 -36.74 -20.13 14.28
CA VAL G 297 -36.43 -20.95 13.12
C VAL G 297 -35.95 -20.02 12.02
N GLY G 298 -34.65 -20.05 11.74
CA GLY G 298 -34.05 -19.18 10.75
C GLY G 298 -34.42 -17.72 10.92
N PRO G 299 -34.00 -17.11 12.03
CA PRO G 299 -34.39 -15.72 12.27
C PRO G 299 -33.71 -14.73 11.35
N GLY G 300 -32.52 -15.06 10.84
CA GLY G 300 -31.82 -14.17 9.93
C GLY G 300 -32.19 -14.44 8.49
N ALA G 301 -32.47 -13.37 7.76
CA ALA G 301 -32.86 -13.48 6.35
C ALA G 301 -31.70 -13.86 5.44
N MET G 302 -30.48 -13.96 5.96
CA MET G 302 -29.31 -14.27 5.16
C MET G 302 -28.40 -15.25 5.89
N CYS G 303 -28.99 -16.18 6.63
CA CYS G 303 -28.25 -17.20 7.36
C CYS G 303 -28.35 -18.53 6.61
N THR G 304 -27.81 -19.59 7.22
CA THR G 304 -27.71 -20.88 6.53
C THR G 304 -29.08 -21.48 6.26
N THR G 305 -29.95 -21.50 7.28
CA THR G 305 -31.27 -22.10 7.10
C THR G 305 -32.09 -21.35 6.07
N ARG G 306 -32.01 -20.01 6.07
CA ARG G 306 -32.78 -19.22 5.12
C ARG G 306 -32.21 -19.33 3.71
N MET G 307 -30.88 -19.46 3.58
CA MET G 307 -30.27 -19.51 2.25
C MET G 307 -30.37 -20.90 1.63
N MET G 308 -30.36 -21.95 2.45
CA MET G 308 -30.42 -23.30 1.91
C MET G 308 -31.85 -23.71 1.60
N THR G 309 -32.80 -23.36 2.47
CA THR G 309 -34.17 -23.83 2.36
C THR G 309 -35.20 -22.74 2.13
N GLY G 310 -34.87 -21.48 2.42
CA GLY G 310 -35.88 -20.44 2.35
C GLY G 310 -36.88 -20.47 3.48
N VAL G 311 -36.71 -21.36 4.44
CA VAL G 311 -37.63 -21.53 5.55
C VAL G 311 -37.17 -20.65 6.71
N GLY G 312 -38.12 -20.00 7.35
CA GLY G 312 -37.83 -19.15 8.49
C GLY G 312 -38.97 -18.20 8.75
N ARG G 313 -38.75 -17.31 9.71
CA ARG G 313 -39.72 -16.27 10.03
C ARG G 313 -39.03 -15.19 10.83
N PRO G 314 -39.32 -13.92 10.56
CA PRO G 314 -38.78 -12.84 11.40
C PRO G 314 -39.09 -13.08 12.88
N GLN G 315 -38.08 -12.90 13.72
CA GLN G 315 -38.16 -13.37 15.10
C GLN G 315 -39.18 -12.58 15.91
N PHE G 316 -39.29 -11.27 15.67
CA PHE G 316 -40.18 -10.46 16.49
C PHE G 316 -41.64 -10.85 16.24
N SER G 317 -42.06 -10.91 14.98
CA SER G 317 -43.42 -11.35 14.68
C SER G 317 -43.63 -12.80 15.08
N ALA G 318 -42.58 -13.61 15.08
CA ALA G 318 -42.70 -15.01 15.50
C ALA G 318 -42.93 -15.11 17.00
N VAL G 319 -42.20 -14.32 17.79
CA VAL G 319 -42.37 -14.37 19.24
C VAL G 319 -43.71 -13.78 19.65
N VAL G 320 -44.18 -12.74 18.94
CA VAL G 320 -45.48 -12.14 19.26
C VAL G 320 -46.59 -13.16 19.11
N GLU G 321 -46.61 -13.88 17.99
CA GLU G 321 -47.70 -14.83 17.73
C GLU G 321 -47.58 -16.05 18.61
N CYS G 322 -46.37 -16.61 18.73
CA CYS G 322 -46.20 -17.85 19.49
C CYS G 322 -46.47 -17.64 20.98
N ALA G 323 -46.04 -16.50 21.53
CA ALA G 323 -46.32 -16.23 22.93
C ALA G 323 -47.81 -16.01 23.17
N ALA G 324 -48.53 -15.47 22.19
CA ALA G 324 -49.97 -15.29 22.34
C ALA G 324 -50.69 -16.62 22.45
N ALA G 325 -50.32 -17.59 21.61
CA ALA G 325 -50.93 -18.92 21.69
C ALA G 325 -50.51 -19.64 22.97
N ALA G 326 -49.28 -19.42 23.43
CA ALA G 326 -48.82 -20.11 24.63
C ALA G 326 -49.47 -19.56 25.89
N ARG G 327 -49.66 -18.25 25.96
CA ARG G 327 -50.24 -17.65 27.17
C ARG G 327 -51.75 -17.86 27.24
N GLN G 328 -52.41 -18.02 26.10
CA GLN G 328 -53.82 -18.39 26.11
C GLN G 328 -54.01 -19.78 26.70
N LEU G 329 -52.98 -20.61 26.66
CA LEU G 329 -53.01 -21.96 27.25
C LEU G 329 -52.24 -22.02 28.56
N GLY G 330 -51.79 -20.88 29.09
CA GLY G 330 -51.08 -20.86 30.35
C GLY G 330 -49.61 -21.21 30.26
N GLY G 331 -49.00 -21.10 29.09
CA GLY G 331 -47.60 -21.41 28.90
C GLY G 331 -46.74 -20.17 28.73
N HIS G 332 -45.47 -20.42 28.45
CA HIS G 332 -44.48 -19.35 28.26
C HIS G 332 -43.64 -19.64 27.03
N VAL G 333 -42.90 -18.63 26.59
CA VAL G 333 -42.16 -18.69 25.33
C VAL G 333 -40.76 -18.14 25.54
N TRP G 334 -39.76 -18.83 24.99
CA TRP G 334 -38.38 -18.39 24.99
C TRP G 334 -38.01 -17.89 23.60
N ALA G 335 -37.38 -16.71 23.54
CA ALA G 335 -36.90 -16.14 22.29
C ALA G 335 -35.47 -16.62 22.05
N ASP G 336 -35.27 -17.37 20.97
CA ASP G 336 -34.00 -18.02 20.69
C ASP G 336 -33.48 -17.55 19.34
N GLY G 337 -32.27 -16.98 19.34
CA GLY G 337 -31.59 -16.65 18.10
C GLY G 337 -31.64 -15.18 17.71
N GLY G 338 -30.56 -14.69 17.11
CA GLY G 338 -30.51 -13.35 16.57
C GLY G 338 -30.25 -12.24 17.57
N VAL G 339 -29.91 -12.57 18.81
CA VAL G 339 -29.67 -11.54 19.83
C VAL G 339 -28.26 -11.00 19.63
N ARG G 340 -28.17 -9.72 19.27
CA ARG G 340 -26.89 -9.05 19.09
C ARG G 340 -26.72 -7.81 19.95
N HIS G 341 -27.79 -7.22 20.45
CA HIS G 341 -27.75 -6.00 21.24
C HIS G 341 -28.77 -6.13 22.36
N PRO G 342 -28.62 -5.36 23.44
CA PRO G 342 -29.66 -5.34 24.48
C PRO G 342 -31.03 -4.94 23.96
N ARG G 343 -31.11 -4.23 22.84
CA ARG G 343 -32.39 -3.95 22.22
C ARG G 343 -33.12 -5.23 21.85
N ASP G 344 -32.39 -6.23 21.36
CA ASP G 344 -33.00 -7.49 20.98
C ASP G 344 -33.57 -8.22 22.19
N VAL G 345 -32.97 -8.05 23.36
CA VAL G 345 -33.50 -8.68 24.56
C VAL G 345 -34.79 -8.00 25.00
N ALA G 346 -34.80 -6.66 24.99
CA ALA G 346 -35.98 -5.93 25.43
C ALA G 346 -37.15 -6.14 24.48
N LEU G 347 -36.91 -6.06 23.18
CA LEU G 347 -37.99 -6.25 22.21
C LEU G 347 -38.56 -7.65 22.30
N ALA G 348 -37.72 -8.65 22.57
CA ALA G 348 -38.21 -10.01 22.75
C ALA G 348 -39.12 -10.12 23.96
N LEU G 349 -38.79 -9.39 25.04
CA LEU G 349 -39.65 -9.38 26.22
C LEU G 349 -40.93 -8.61 25.96
N ALA G 350 -40.84 -7.45 25.30
CA ALA G 350 -42.03 -6.69 24.95
C ALA G 350 -42.94 -7.45 24.00
N ALA G 351 -42.39 -8.41 23.26
CA ALA G 351 -43.20 -9.22 22.34
C ALA G 351 -44.02 -10.29 23.06
N GLY G 352 -43.67 -10.63 24.30
CA GLY G 352 -44.39 -11.63 25.06
C GLY G 352 -43.55 -12.79 25.56
N ALA G 353 -42.26 -12.83 25.29
CA ALA G 353 -41.42 -13.94 25.73
C ALA G 353 -41.05 -13.77 27.21
N SER G 354 -40.89 -14.91 27.88
CA SER G 354 -40.50 -14.91 29.29
C SER G 354 -38.99 -14.91 29.48
N ASN G 355 -38.25 -15.50 28.56
CA ASN G 355 -36.79 -15.54 28.62
C ASN G 355 -36.23 -15.32 27.23
N VAL G 356 -34.98 -14.90 27.18
CA VAL G 356 -34.26 -14.65 25.93
C VAL G 356 -33.03 -15.54 25.91
N MET G 357 -32.95 -16.43 24.92
CA MET G 357 -31.82 -17.33 24.78
C MET G 357 -30.78 -16.70 23.85
N ILE G 358 -29.57 -16.51 24.37
CA ILE G 358 -28.48 -15.86 23.65
C ILE G 358 -27.36 -16.87 23.44
N GLY G 359 -26.84 -16.94 22.21
CA GLY G 359 -25.86 -17.94 21.87
C GLY G 359 -24.49 -17.39 21.50
N SER G 360 -24.29 -17.11 20.21
CA SER G 360 -22.97 -16.75 19.71
C SER G 360 -22.42 -15.47 20.34
N TRP G 361 -23.28 -14.57 20.79
CA TRP G 361 -22.82 -13.32 21.40
C TRP G 361 -21.95 -13.59 22.63
N PHE G 362 -22.34 -14.57 23.46
CA PHE G 362 -21.58 -14.87 24.66
C PHE G 362 -20.34 -15.71 24.39
N ALA G 363 -20.13 -16.18 23.16
CA ALA G 363 -18.95 -16.97 22.85
C ALA G 363 -17.68 -16.13 22.95
N GLY G 364 -17.75 -14.85 22.60
CA GLY G 364 -16.60 -13.97 22.68
C GLY G 364 -16.39 -13.43 24.08
N THR G 365 -16.26 -14.32 25.06
CA THR G 365 -16.03 -13.94 26.44
C THR G 365 -14.96 -14.85 27.03
N TYR G 366 -14.42 -14.45 28.19
CA TYR G 366 -13.43 -15.28 28.87
C TYR G 366 -14.02 -16.60 29.34
N GLU G 367 -15.29 -16.61 29.71
CA GLU G 367 -15.90 -17.78 30.34
C GLU G 367 -16.34 -18.84 29.36
N SER G 368 -16.30 -18.56 28.05
CA SER G 368 -16.71 -19.56 27.08
C SER G 368 -15.65 -20.66 26.97
N PRO G 369 -16.06 -21.88 26.61
CA PRO G 369 -15.10 -23.01 26.58
C PRO G 369 -14.05 -22.91 25.49
N GLY G 370 -14.21 -22.01 24.51
CA GLY G 370 -13.22 -21.89 23.47
C GLY G 370 -11.95 -21.24 23.95
N ASP G 371 -10.87 -21.48 23.20
CA ASP G 371 -9.57 -20.89 23.54
C ASP G 371 -9.50 -19.46 23.02
N LEU G 372 -8.88 -18.59 23.81
CA LEU G 372 -8.70 -17.21 23.40
C LEU G 372 -7.68 -17.12 22.26
N LEU G 373 -8.08 -16.50 21.17
CA LEU G 373 -7.23 -16.37 19.99
C LEU G 373 -6.97 -14.90 19.70
N PHE G 374 -5.95 -14.65 18.88
CA PHE G 374 -5.58 -13.31 18.45
C PHE G 374 -5.36 -13.31 16.95
N ASP G 375 -5.90 -12.29 16.28
CA ASP G 375 -5.76 -12.17 14.83
C ASP G 375 -4.44 -11.51 14.49
N ARG G 376 -4.28 -11.09 13.23
CA ARG G 376 -3.04 -10.44 12.82
C ARG G 376 -2.88 -9.07 13.49
N ASP G 377 -3.98 -8.44 13.88
CA ASP G 377 -3.96 -7.15 14.55
C ASP G 377 -3.88 -7.28 16.07
N ASP G 378 -3.59 -8.47 16.59
CA ASP G 378 -3.48 -8.73 18.02
C ASP G 378 -4.76 -8.40 18.77
N ARG G 379 -5.91 -8.59 18.13
CA ARG G 379 -7.17 -8.38 18.82
C ARG G 379 -7.73 -9.69 19.32
N PRO G 380 -8.17 -9.78 20.57
CA PRO G 380 -8.65 -11.06 21.10
C PRO G 380 -10.01 -11.42 20.51
N TYR G 381 -10.17 -12.70 20.19
CA TYR G 381 -11.43 -13.21 19.68
C TYR G 381 -11.57 -14.68 20.06
N LYS G 382 -12.78 -15.19 19.96
CA LYS G 382 -13.05 -16.61 20.12
C LYS G 382 -14.02 -17.05 19.03
N GLU G 383 -13.97 -18.33 18.70
CA GLU G 383 -14.77 -18.87 17.62
C GLU G 383 -16.12 -19.37 18.12
N SER G 384 -17.16 -19.12 17.35
CA SER G 384 -18.49 -19.67 17.59
C SER G 384 -18.88 -20.53 16.41
N TYR G 385 -19.58 -21.64 16.69
CA TYR G 385 -19.97 -22.58 15.66
C TYR G 385 -21.30 -23.21 16.04
N GLY G 386 -22.08 -23.59 15.03
CA GLY G 386 -23.37 -24.17 15.27
C GLY G 386 -23.31 -25.64 15.63
N MET G 387 -24.44 -26.16 16.11
CA MET G 387 -24.53 -27.57 16.46
C MET G 387 -24.76 -28.46 15.25
N ALA G 388 -25.31 -27.92 14.17
CA ALA G 388 -25.50 -28.64 12.91
C ALA G 388 -26.34 -29.90 13.09
N SER G 389 -25.69 -31.07 13.02
CA SER G 389 -26.42 -32.34 13.07
C SER G 389 -26.95 -32.65 14.46
N LYS G 390 -26.43 -32.01 15.51
CA LYS G 390 -26.90 -32.27 16.87
C LYS G 390 -28.29 -31.72 17.13
N ARG G 391 -28.86 -30.96 16.19
CA ARG G 391 -30.23 -30.46 16.32
C ARG G 391 -31.15 -31.00 15.23
N ALA G 392 -30.69 -31.96 14.42
CA ALA G 392 -31.45 -32.52 13.32
C ALA G 392 -31.81 -33.97 13.63
N VAL G 393 -32.77 -34.48 12.85
CA VAL G 393 -33.21 -35.86 12.98
C VAL G 393 -32.26 -36.77 12.21
N ALA G 394 -31.81 -37.84 12.86
CA ALA G 394 -30.89 -38.79 12.23
C ALA G 394 -31.60 -39.59 11.14
N SER G 401 -21.24 -47.73 10.12
CA SER G 401 -21.39 -47.97 8.70
C SER G 401 -20.89 -46.77 7.89
N SER G 402 -19.70 -46.90 7.29
CA SER G 402 -19.11 -45.79 6.56
C SER G 402 -19.96 -45.38 5.35
N PHE G 403 -20.60 -46.35 4.70
CA PHE G 403 -21.46 -46.02 3.57
C PHE G 403 -22.72 -45.29 4.01
N ASP G 404 -23.36 -45.79 5.07
CA ASP G 404 -24.52 -45.09 5.63
C ASP G 404 -24.11 -43.75 6.23
N ARG G 405 -22.87 -43.65 6.73
CA ARG G 405 -22.40 -42.38 7.28
C ARG G 405 -22.11 -41.37 6.18
N ALA G 406 -21.48 -41.81 5.09
CA ALA G 406 -21.13 -40.89 4.01
C ALA G 406 -22.36 -40.41 3.25
N ARG G 407 -23.43 -41.21 3.21
CA ARG G 407 -24.64 -40.80 2.53
C ARG G 407 -25.27 -39.60 3.23
N LYS G 408 -25.46 -39.68 4.55
CA LYS G 408 -26.03 -38.57 5.29
C LYS G 408 -25.09 -37.37 5.33
N GLY G 409 -23.78 -37.62 5.37
CA GLY G 409 -22.82 -36.53 5.34
C GLY G 409 -22.79 -35.76 4.03
N LEU G 410 -23.27 -36.37 2.95
CA LEU G 410 -23.33 -35.67 1.67
C LEU G 410 -24.33 -34.52 1.71
N PHE G 411 -25.43 -34.71 2.44
CA PHE G 411 -26.50 -33.70 2.51
C PHE G 411 -26.56 -32.97 3.85
N GLU G 412 -25.81 -33.40 4.85
CA GLU G 412 -25.97 -32.82 6.18
C GLU G 412 -25.42 -31.40 6.22
N GLU G 413 -25.94 -30.62 7.18
CA GLU G 413 -25.59 -29.22 7.30
C GLU G 413 -24.14 -29.06 7.77
N GLY G 414 -23.36 -28.29 7.01
CA GLY G 414 -21.99 -28.02 7.42
C GLY G 414 -21.94 -27.16 8.67
N ILE G 415 -20.89 -27.37 9.46
CA ILE G 415 -20.72 -26.68 10.73
C ILE G 415 -19.99 -25.36 10.44
N SER G 416 -20.74 -24.28 10.37
CA SER G 416 -20.16 -22.98 10.06
C SER G 416 -19.40 -22.44 11.28
N THR G 417 -18.37 -21.65 11.00
CA THR G 417 -17.57 -21.01 12.04
C THR G 417 -17.56 -19.50 11.82
N SER G 418 -17.45 -18.77 12.92
CA SER G 418 -17.47 -17.31 12.86
C SER G 418 -16.61 -16.75 13.98
N ARG G 419 -16.08 -15.54 13.74
CA ARG G 419 -15.19 -14.88 14.68
C ARG G 419 -16.00 -13.98 15.60
N MET G 420 -15.85 -14.17 16.90
CA MET G 420 -16.53 -13.36 17.92
C MET G 420 -15.47 -12.56 18.66
N SER G 421 -15.42 -11.26 18.40
CA SER G 421 -14.40 -10.41 18.99
C SER G 421 -14.74 -10.11 20.45
N LEU G 422 -13.72 -10.20 21.31
CA LEU G 422 -13.86 -9.80 22.70
C LEU G 422 -13.68 -8.30 22.85
N ASP G 423 -14.47 -7.70 23.72
CA ASP G 423 -14.27 -6.31 24.08
C ASP G 423 -12.95 -6.20 24.83
N PRO G 424 -11.95 -5.48 24.32
CA PRO G 424 -10.65 -5.43 25.01
C PRO G 424 -10.71 -4.81 26.39
N ALA G 425 -11.76 -4.06 26.71
CA ALA G 425 -11.96 -3.47 28.03
C ALA G 425 -12.98 -4.21 28.88
N ARG G 426 -13.96 -4.88 28.27
CA ARG G 426 -15.01 -5.59 28.99
C ARG G 426 -15.14 -7.00 28.39
N GLY G 427 -14.13 -7.84 28.64
CA GLY G 427 -14.10 -9.15 28.01
C GLY G 427 -14.87 -10.24 28.71
N GLY G 428 -15.39 -9.97 29.90
CA GLY G 428 -16.13 -10.98 30.65
C GLY G 428 -17.60 -11.02 30.26
N VAL G 429 -18.20 -12.20 30.44
CA VAL G 429 -19.61 -12.36 30.14
C VAL G 429 -20.48 -11.60 31.13
N GLU G 430 -19.96 -11.33 32.33
CA GLU G 430 -20.69 -10.50 33.28
C GLU G 430 -20.79 -9.06 32.79
N ASP G 431 -19.81 -8.60 32.03
CA ASP G 431 -19.88 -7.27 31.43
C ASP G 431 -21.03 -7.20 30.42
N LEU G 432 -21.24 -8.27 29.66
CA LEU G 432 -22.38 -8.31 28.74
C LEU G 432 -23.69 -8.36 29.52
N LEU G 433 -23.70 -9.07 30.65
CA LEU G 433 -24.90 -9.08 31.49
C LEU G 433 -25.18 -7.70 32.07
N ASP G 434 -24.12 -6.96 32.43
CA ASP G 434 -24.31 -5.58 32.84
C ASP G 434 -24.83 -4.73 31.68
N HIS G 435 -24.38 -5.03 30.46
CA HIS G 435 -24.80 -4.26 29.30
C HIS G 435 -26.22 -4.61 28.89
N ILE G 436 -26.59 -5.90 28.97
CA ILE G 436 -27.93 -6.31 28.57
C ILE G 436 -28.97 -5.85 29.59
N THR G 437 -28.73 -6.12 30.87
CA THR G 437 -29.71 -5.77 31.89
C THR G 437 -29.87 -4.27 32.04
N SER G 438 -28.82 -3.50 31.74
CA SER G 438 -28.94 -2.04 31.79
C SER G 438 -29.96 -1.53 30.77
N GLY G 439 -29.98 -2.14 29.59
CA GLY G 439 -30.94 -1.73 28.57
C GLY G 439 -32.35 -2.19 28.87
N VAL G 440 -32.50 -3.42 29.39
CA VAL G 440 -33.82 -3.92 29.73
C VAL G 440 -34.42 -3.11 30.87
N ARG G 441 -33.62 -2.81 31.90
CA ARG G 441 -34.11 -2.00 32.99
C ARG G 441 -34.47 -0.59 32.53
N SER G 442 -33.69 -0.05 31.59
CA SER G 442 -34.01 1.27 31.05
C SER G 442 -35.22 1.23 30.13
N THR G 443 -35.45 0.10 29.46
CA THR G 443 -36.65 -0.03 28.63
C THR G 443 -37.90 -0.01 29.50
N CYS G 444 -37.86 -0.67 30.66
CA CYS G 444 -39.02 -0.69 31.54
C CYS G 444 -39.32 0.70 32.10
N THR G 445 -38.29 1.51 32.35
CA THR G 445 -38.52 2.86 32.84
C THR G 445 -39.18 3.74 31.78
N TYR G 446 -38.80 3.54 30.52
CA TYR G 446 -39.45 4.29 29.44
C TYR G 446 -40.90 3.87 29.27
N VAL G 447 -41.18 2.57 29.37
CA VAL G 447 -42.56 2.10 29.27
C VAL G 447 -43.35 2.45 30.52
N GLY G 448 -42.71 2.35 31.68
CA GLY G 448 -43.38 2.51 32.95
C GLY G 448 -43.62 1.23 33.72
N ALA G 449 -42.87 0.17 33.45
CA ALA G 449 -43.08 -1.12 34.08
C ALA G 449 -42.09 -1.32 35.22
N ALA G 450 -42.57 -1.92 36.31
CA ALA G 450 -41.71 -2.28 37.43
C ALA G 450 -41.23 -3.72 37.34
N ASN G 451 -41.70 -4.49 36.37
CA ASN G 451 -41.30 -5.88 36.19
C ASN G 451 -41.58 -6.28 34.75
N LEU G 452 -41.17 -7.50 34.40
CA LEU G 452 -41.30 -8.00 33.04
C LEU G 452 -42.76 -8.21 32.61
N PRO G 453 -43.63 -8.78 33.46
CA PRO G 453 -45.05 -8.88 33.04
C PRO G 453 -45.68 -7.53 32.74
N GLU G 454 -45.34 -6.49 33.51
CA GLU G 454 -45.87 -5.17 33.21
C GLU G 454 -45.29 -4.60 31.92
N LEU G 455 -44.10 -5.05 31.52
CA LEU G 455 -43.51 -4.59 30.28
C LEU G 455 -44.35 -5.02 29.08
N HIS G 456 -44.61 -6.32 28.97
CA HIS G 456 -45.45 -6.83 27.89
C HIS G 456 -46.87 -6.29 27.97
N GLU G 457 -47.30 -5.81 29.13
CA GLU G 457 -48.68 -5.35 29.28
C GLU G 457 -48.84 -3.89 28.86
N LYS G 458 -47.85 -3.05 29.19
CA LYS G 458 -47.96 -1.61 29.00
C LYS G 458 -47.22 -1.09 27.78
N VAL G 459 -46.51 -1.94 27.06
CA VAL G 459 -45.66 -1.48 25.96
C VAL G 459 -46.51 -1.09 24.77
N VAL G 460 -46.16 0.02 24.12
CA VAL G 460 -46.78 0.46 22.88
C VAL G 460 -45.68 0.51 21.83
N LEU G 461 -45.79 -0.35 20.82
CA LEU G 461 -44.75 -0.47 19.81
C LEU G 461 -45.18 0.20 18.50
N GLY G 462 -44.18 0.49 17.67
CA GLY G 462 -44.43 1.06 16.36
C GLY G 462 -43.48 0.45 15.34
N VAL G 463 -43.82 0.66 14.07
CA VAL G 463 -43.04 0.14 12.94
C VAL G 463 -42.34 1.30 12.27
N GLN G 464 -41.11 1.05 11.79
CA GLN G 464 -40.31 2.05 11.12
C GLN G 464 -39.82 1.49 9.79
N SER G 465 -39.44 2.40 8.89
CA SER G 465 -38.94 2.01 7.59
C SER G 465 -37.43 1.76 7.67
N ALA G 466 -36.77 1.70 6.51
CA ALA G 466 -35.33 1.46 6.49
C ALA G 466 -34.55 2.65 7.03
N ALA G 467 -35.06 3.86 6.83
CA ALA G 467 -34.39 5.06 7.31
C ALA G 467 -34.64 5.26 8.81
N VAL H 2 -51.05 19.10 9.45
CA VAL H 2 -50.35 18.95 8.17
C VAL H 2 -51.23 18.20 7.19
N ARG H 3 -50.90 18.29 5.90
CA ARG H 3 -51.67 17.66 4.84
C ARG H 3 -50.73 16.84 3.98
N PHE H 4 -50.99 15.55 3.87
CA PHE H 4 -50.22 14.65 3.01
C PHE H 4 -50.97 14.40 1.70
N LEU H 5 -50.22 13.91 0.71
CA LEU H 5 -50.81 13.56 -0.57
C LEU H 5 -51.83 12.44 -0.40
N ASP H 6 -52.77 12.37 -1.34
CA ASP H 6 -53.81 11.35 -1.28
C ASP H 6 -53.20 9.96 -1.43
N GLY H 7 -53.53 9.08 -0.48
CA GLY H 7 -53.01 7.73 -0.47
C GLY H 7 -51.75 7.53 0.36
N HIS H 8 -51.06 8.62 0.71
CA HIS H 8 -49.82 8.53 1.47
C HIS H 8 -50.13 8.37 2.96
N THR H 9 -50.63 7.19 3.31
CA THR H 9 -50.93 6.81 4.68
C THR H 9 -50.13 5.54 4.99
N PRO H 10 -48.83 5.67 5.29
CA PRO H 10 -47.99 4.49 5.48
C PRO H 10 -48.26 3.79 6.80
N ALA H 11 -47.95 2.50 6.82
CA ALA H 11 -48.08 1.68 8.03
C ALA H 11 -46.86 1.75 8.91
N TYR H 12 -46.24 2.93 9.02
CA TYR H 12 -45.05 3.12 9.84
C TYR H 12 -44.88 4.60 10.11
N ASP H 13 -44.01 4.91 11.07
CA ASP H 13 -43.68 6.30 11.36
C ASP H 13 -42.52 6.77 10.48
N LEU H 14 -42.43 8.08 10.32
CA LEU H 14 -41.59 8.70 9.31
C LEU H 14 -40.45 9.47 9.97
N THR H 15 -39.24 9.28 9.45
CA THR H 15 -38.09 10.10 9.82
C THR H 15 -37.97 11.27 8.86
N TYR H 16 -36.91 12.07 9.04
CA TYR H 16 -36.68 13.19 8.12
C TYR H 16 -36.33 12.73 6.72
N ASN H 17 -35.92 11.48 6.56
CA ASN H 17 -35.59 10.94 5.24
C ASN H 17 -36.81 10.38 4.51
N ASP H 18 -37.91 10.14 5.20
CA ASP H 18 -39.05 9.46 4.60
C ASP H 18 -39.99 10.40 3.86
N VAL H 19 -39.88 11.71 4.07
CA VAL H 19 -40.88 12.64 3.58
C VAL H 19 -40.23 13.68 2.68
N PHE H 20 -41.07 14.33 1.87
CA PHE H 20 -40.67 15.42 0.99
C PHE H 20 -41.79 16.45 0.94
N VAL H 21 -41.42 17.68 0.59
CA VAL H 21 -42.36 18.79 0.49
C VAL H 21 -42.75 18.98 -0.97
N VAL H 22 -44.05 19.05 -1.23
CA VAL H 22 -44.56 19.31 -2.58
C VAL H 22 -44.76 20.81 -2.74
N PRO H 23 -44.17 21.43 -3.76
CA PRO H 23 -44.34 22.88 -3.93
C PRO H 23 -45.74 23.23 -4.41
N GLY H 24 -46.18 24.44 -4.05
CA GLY H 24 -47.49 24.91 -4.44
C GLY H 24 -47.46 26.29 -5.06
N ARG H 25 -48.64 26.89 -5.26
CA ARG H 25 -48.72 28.23 -5.84
C ARG H 25 -48.19 29.26 -4.85
N SER H 26 -47.36 30.18 -5.36
CA SER H 26 -46.66 31.12 -4.51
C SER H 26 -46.56 32.49 -5.18
N ASP H 27 -46.63 33.55 -4.37
CA ASP H 27 -46.29 34.89 -4.81
C ASP H 27 -45.03 35.41 -4.15
N VAL H 28 -44.45 34.65 -3.21
CA VAL H 28 -43.25 35.05 -2.49
C VAL H 28 -42.09 35.15 -3.48
N ALA H 29 -41.61 36.37 -3.71
CA ALA H 29 -40.58 36.61 -4.71
C ALA H 29 -39.25 35.97 -4.34
N SER H 30 -38.56 36.52 -3.36
CA SER H 30 -37.22 36.08 -2.97
C SER H 30 -37.24 35.49 -1.57
N ARG H 31 -36.08 35.02 -1.13
CA ARG H 31 -35.96 34.48 0.22
C ARG H 31 -36.07 35.58 1.28
N PHE H 32 -35.64 36.80 0.95
CA PHE H 32 -35.64 37.87 1.94
C PHE H 32 -37.05 38.36 2.28
N ASP H 33 -38.04 38.05 1.45
CA ASP H 33 -39.42 38.37 1.77
C ASP H 33 -39.99 37.49 2.88
N VAL H 34 -39.30 36.41 3.23
CA VAL H 34 -39.78 35.46 4.24
C VAL H 34 -39.36 35.94 5.62
N ASP H 35 -40.29 35.87 6.57
CA ASP H 35 -40.04 36.23 7.96
C ASP H 35 -39.82 34.95 8.75
N LEU H 36 -38.57 34.72 9.17
CA LEU H 36 -38.21 33.51 9.90
C LEU H 36 -38.39 33.65 11.41
N SER H 37 -38.96 34.76 11.89
CA SER H 37 -39.13 34.95 13.31
C SER H 37 -40.14 33.96 13.88
N THR H 38 -39.89 33.52 15.11
CA THR H 38 -40.73 32.55 15.78
C THR H 38 -41.76 33.24 16.66
N VAL H 39 -42.78 32.49 17.05
CA VAL H 39 -43.91 33.02 17.81
C VAL H 39 -44.17 32.16 19.05
N ASP H 40 -43.13 31.53 19.57
CA ASP H 40 -43.27 30.66 20.74
C ASP H 40 -42.79 31.32 22.03
N GLY H 41 -42.60 32.63 22.03
CA GLY H 41 -42.14 33.33 23.21
C GLY H 41 -40.67 33.22 23.50
N SER H 42 -39.89 32.58 22.62
CA SER H 42 -38.45 32.46 22.83
C SER H 42 -37.72 33.74 22.50
N GLY H 43 -38.25 34.54 21.56
CA GLY H 43 -37.59 35.76 21.14
C GLY H 43 -36.63 35.59 19.98
N THR H 44 -36.60 34.44 19.33
CA THR H 44 -35.67 34.17 18.25
C THR H 44 -36.23 34.66 16.93
N THR H 45 -35.42 35.37 16.15
CA THR H 45 -35.81 35.80 14.82
C THR H 45 -35.50 34.76 13.74
N ILE H 46 -34.82 33.68 14.10
CA ILE H 46 -34.66 32.53 13.21
C ILE H 46 -35.00 31.28 14.02
N PRO H 47 -35.55 30.23 13.38
CA PRO H 47 -35.96 29.01 14.11
C PRO H 47 -34.81 28.08 14.46
N VAL H 48 -33.77 28.63 15.09
CA VAL H 48 -32.56 27.87 15.42
C VAL H 48 -32.29 28.04 16.91
N VAL H 49 -32.14 26.91 17.60
CA VAL H 49 -31.82 26.88 19.03
C VAL H 49 -30.63 25.93 19.23
N VAL H 50 -29.63 26.39 19.98
CA VAL H 50 -28.44 25.57 20.26
C VAL H 50 -28.72 24.69 21.46
N ALA H 51 -28.48 23.39 21.31
CA ALA H 51 -28.77 22.43 22.36
C ALA H 51 -27.93 22.69 23.60
N ASN H 52 -28.44 22.25 24.74
CA ASN H 52 -27.76 22.41 26.02
C ASN H 52 -26.79 21.25 26.24
N MET H 53 -25.67 21.31 25.50
CA MET H 53 -24.60 20.33 25.58
C MET H 53 -23.29 21.06 25.78
N THR H 54 -22.48 20.57 26.73
CA THR H 54 -21.22 21.24 27.05
C THR H 54 -20.27 21.31 25.87
N ALA H 55 -20.45 20.43 24.87
CA ALA H 55 -19.60 20.44 23.69
C ALA H 55 -20.02 21.50 22.67
N VAL H 56 -21.17 22.16 22.87
CA VAL H 56 -21.69 23.12 21.91
C VAL H 56 -22.03 24.44 22.60
N ALA H 57 -22.90 24.37 23.62
CA ALA H 57 -23.43 25.55 24.31
C ALA H 57 -22.32 26.22 25.12
N GLY H 58 -21.56 27.10 24.47
CA GLY H 58 -20.50 27.84 25.11
C GLY H 58 -20.74 29.34 25.10
N ARG H 59 -19.77 30.07 25.65
CA ARG H 59 -19.87 31.51 25.74
C ARG H 59 -19.79 32.16 24.37
N ARG H 60 -18.75 31.82 23.59
CA ARG H 60 -18.62 32.39 22.25
C ARG H 60 -19.76 31.94 21.34
N MET H 61 -20.32 30.76 21.57
CA MET H 61 -21.47 30.32 20.79
C MET H 61 -22.71 31.13 21.15
N ALA H 62 -22.86 31.49 22.43
CA ALA H 62 -24.04 32.24 22.86
C ALA H 62 -24.09 33.61 22.20
N GLU H 63 -22.97 34.34 22.22
CA GLU H 63 -22.92 35.66 21.60
C GLU H 63 -23.11 35.57 20.09
N THR H 64 -22.47 34.59 19.45
CA THR H 64 -22.50 34.53 17.99
C THR H 64 -23.87 34.16 17.47
N VAL H 65 -24.56 33.22 18.13
CA VAL H 65 -25.86 32.78 17.66
C VAL H 65 -26.95 33.78 18.02
N ALA H 66 -26.84 34.43 19.18
CA ALA H 66 -27.85 35.41 19.57
C ALA H 66 -27.84 36.62 18.65
N ARG H 67 -26.66 37.03 18.17
CA ARG H 67 -26.57 38.16 17.27
C ARG H 67 -27.25 37.87 15.94
N ARG H 68 -27.24 36.61 15.49
CA ARG H 68 -27.82 36.23 14.22
C ARG H 68 -29.26 35.74 14.35
N GLY H 69 -29.88 35.88 15.52
CA GLY H 69 -31.29 35.62 15.70
C GLY H 69 -31.61 34.40 16.56
N GLY H 70 -30.67 33.49 16.74
CA GLY H 70 -30.90 32.30 17.53
C GLY H 70 -30.73 32.55 19.01
N ILE H 71 -30.79 31.46 19.78
CA ILE H 71 -30.57 31.49 21.22
C ILE H 71 -29.86 30.20 21.62
N VAL H 72 -29.01 30.29 22.64
CA VAL H 72 -28.21 29.17 23.12
C VAL H 72 -28.66 28.83 24.53
N VAL H 73 -29.01 27.56 24.75
CA VAL H 73 -29.40 27.08 26.06
C VAL H 73 -28.15 26.57 26.75
N LEU H 74 -27.73 27.26 27.82
CA LEU H 74 -26.55 26.84 28.56
C LEU H 74 -26.78 25.46 29.16
N PRO H 75 -25.74 24.63 29.22
CA PRO H 75 -25.91 23.27 29.74
C PRO H 75 -26.30 23.27 31.20
N GLN H 76 -27.11 22.27 31.57
CA GLN H 76 -27.54 22.15 32.96
C GLN H 76 -26.37 21.74 33.85
N ASP H 77 -26.57 21.92 35.16
CA ASP H 77 -25.58 21.62 36.19
C ASP H 77 -24.33 22.48 36.08
N LEU H 78 -24.33 23.48 35.20
CA LEU H 78 -23.24 24.43 35.17
C LEU H 78 -23.25 25.26 36.44
N PRO H 79 -22.08 25.52 37.06
CA PRO H 79 -22.06 26.31 38.29
C PRO H 79 -22.70 27.68 38.09
N ILE H 80 -23.46 28.11 39.10
CA ILE H 80 -24.20 29.36 39.01
C ILE H 80 -23.27 30.54 38.83
N THR H 81 -22.04 30.44 39.35
CA THR H 81 -21.06 31.52 39.15
C THR H 81 -20.67 31.63 37.69
N ALA H 82 -20.48 30.49 37.02
CA ALA H 82 -20.16 30.52 35.60
C ALA H 82 -21.34 30.95 34.74
N VAL H 83 -22.56 30.65 35.18
CA VAL H 83 -23.74 31.10 34.45
C VAL H 83 -23.87 32.61 34.53
N SER H 84 -23.65 33.18 35.72
CA SER H 84 -23.75 34.63 35.87
C SER H 84 -22.69 35.34 35.04
N GLU H 85 -21.48 34.79 35.01
CA GLU H 85 -20.40 35.41 34.23
C GLU H 85 -20.67 35.31 32.74
N THR H 86 -21.28 34.22 32.28
CA THR H 86 -21.60 34.07 30.87
C THR H 86 -22.75 34.99 30.47
N VAL H 87 -23.79 35.07 31.31
CA VAL H 87 -24.93 35.93 31.00
C VAL H 87 -24.51 37.40 30.96
N ASP H 88 -23.72 37.82 31.98
CA ASP H 88 -23.25 39.19 32.00
C ASP H 88 -22.39 39.52 30.79
N PHE H 89 -21.67 38.53 30.26
CA PHE H 89 -20.87 38.75 29.07
C PHE H 89 -21.76 38.90 27.83
N VAL H 90 -22.59 37.89 27.55
CA VAL H 90 -23.38 37.88 26.32
C VAL H 90 -24.28 39.11 26.25
N LYS H 91 -24.91 39.49 27.35
CA LYS H 91 -25.82 40.62 27.36
C LYS H 91 -25.09 41.96 27.40
N SER H 92 -23.77 41.97 27.30
CA SER H 92 -23.00 43.21 27.25
C SER H 92 -22.30 43.40 25.91
N ARG H 93 -22.60 42.58 24.91
CA ARG H 93 -21.97 42.70 23.61
C ARG H 93 -22.76 43.65 22.71
N ASP H 94 -22.10 44.10 21.65
CA ASP H 94 -22.74 44.95 20.66
C ASP H 94 -23.62 44.10 19.73
N LEU H 95 -24.72 44.70 19.28
CA LEU H 95 -25.67 43.97 18.44
C LEU H 95 -25.17 43.76 17.01
N VAL H 96 -24.11 44.44 16.61
CA VAL H 96 -23.58 44.31 15.26
C VAL H 96 -22.08 44.03 15.33
N VAL H 97 -21.37 44.81 16.15
CA VAL H 97 -19.93 44.64 16.30
C VAL H 97 -19.66 43.38 17.11
N ASP H 98 -18.77 42.53 16.58
CA ASP H 98 -18.47 41.24 17.17
C ASP H 98 -17.22 41.32 18.06
N THR H 99 -17.14 40.41 19.02
CA THR H 99 -16.03 40.36 19.95
C THR H 99 -14.85 39.63 19.33
N PRO H 100 -13.68 40.26 19.18
CA PRO H 100 -12.55 39.59 18.55
C PRO H 100 -11.62 38.90 19.55
N VAL H 101 -10.57 38.29 19.04
CA VAL H 101 -9.52 37.72 19.87
C VAL H 101 -8.53 38.83 20.22
N THR H 102 -8.38 39.09 21.51
CA THR H 102 -7.50 40.14 21.99
C THR H 102 -6.16 39.57 22.43
N LEU H 103 -5.08 40.23 22.04
CA LEU H 103 -3.73 39.80 22.36
C LEU H 103 -2.98 40.93 23.04
N SER H 104 -2.15 40.58 23.99
CA SER H 104 -1.23 41.54 24.56
C SER H 104 0.10 41.50 23.82
N PRO H 105 0.81 42.64 23.71
CA PRO H 105 2.12 42.61 23.06
C PRO H 105 3.12 41.69 23.73
N GLU H 106 2.86 41.28 24.98
CA GLU H 106 3.75 40.37 25.70
C GLU H 106 3.35 38.91 25.55
N ASP H 107 2.22 38.62 24.89
CA ASP H 107 1.82 37.24 24.69
C ASP H 107 2.77 36.55 23.71
N SER H 108 2.81 35.22 23.79
CA SER H 108 3.60 34.41 22.88
C SER H 108 2.82 34.13 21.61
N VAL H 109 3.54 34.00 20.49
CA VAL H 109 2.88 33.67 19.24
C VAL H 109 2.31 32.26 19.28
N SER H 110 2.75 31.42 20.22
CA SER H 110 2.14 30.11 20.40
C SER H 110 0.69 30.25 20.85
N ASP H 111 0.44 31.10 21.85
CA ASP H 111 -0.94 31.39 22.24
C ASP H 111 -1.65 32.20 21.18
N ALA H 112 -0.93 33.10 20.50
CA ALA H 112 -1.55 33.93 19.48
C ALA H 112 -2.05 33.08 18.32
N ASN H 113 -1.27 32.09 17.90
CA ASN H 113 -1.68 31.25 16.78
C ASN H 113 -2.86 30.35 17.17
N ALA H 114 -2.89 29.89 18.42
CA ALA H 114 -3.96 29.00 18.85
C ALA H 114 -5.25 29.76 19.18
N LEU H 115 -5.13 30.98 19.70
CA LEU H 115 -6.32 31.74 20.06
C LEU H 115 -7.06 32.28 18.83
N LEU H 116 -6.42 32.31 17.67
CA LEU H 116 -7.06 32.85 16.48
C LEU H 116 -8.28 32.03 16.07
N HIS H 117 -8.25 30.73 16.31
CA HIS H 117 -9.30 29.83 15.84
C HIS H 117 -10.48 29.72 16.80
N LYS H 118 -10.48 30.50 17.89
CA LYS H 118 -11.66 30.57 18.74
C LYS H 118 -12.73 31.50 18.16
N ARG H 119 -12.40 32.25 17.12
CA ARG H 119 -13.34 33.08 16.38
C ARG H 119 -13.12 32.85 14.89
N ALA H 120 -14.08 33.27 14.08
CA ALA H 120 -14.00 33.14 12.64
C ALA H 120 -13.49 34.40 11.95
N HIS H 121 -12.89 35.32 12.71
CA HIS H 121 -12.47 36.59 12.14
C HIS H 121 -11.25 36.44 11.24
N GLY H 122 -10.38 35.49 11.54
CA GLY H 122 -9.14 35.36 10.81
C GLY H 122 -8.05 36.33 11.21
N ALA H 123 -8.27 37.14 12.23
CA ALA H 123 -7.29 38.10 12.71
C ALA H 123 -7.59 38.43 14.16
N ALA H 124 -6.55 38.79 14.89
CA ALA H 124 -6.66 39.16 16.30
C ALA H 124 -6.17 40.57 16.50
N VAL H 125 -6.86 41.31 17.36
CA VAL H 125 -6.50 42.69 17.67
C VAL H 125 -5.58 42.69 18.89
N VAL H 126 -4.44 43.36 18.78
CA VAL H 126 -3.54 43.53 19.91
C VAL H 126 -3.87 44.87 20.58
N VAL H 127 -3.79 44.88 21.91
CA VAL H 127 -4.25 46.02 22.69
C VAL H 127 -3.20 46.40 23.72
N PHE H 128 -3.17 47.68 24.06
CA PHE H 128 -2.33 48.19 25.14
C PHE H 128 -3.16 49.22 25.90
N GLU H 129 -3.49 48.91 27.16
CA GLU H 129 -4.34 49.76 27.98
C GLU H 129 -5.71 49.96 27.34
N GLY H 130 -6.18 48.93 26.64
CA GLY H 130 -7.49 48.92 26.04
C GLY H 130 -7.57 49.48 24.64
N ARG H 131 -6.49 50.07 24.12
CA ARG H 131 -6.61 50.65 22.79
C ARG H 131 -5.95 49.75 21.74
N PRO H 132 -6.57 49.61 20.57
CA PRO H 132 -5.99 48.74 19.53
C PRO H 132 -4.78 49.41 18.89
N ILE H 133 -3.70 48.63 18.75
CA ILE H 133 -2.46 49.13 18.18
C ILE H 133 -1.92 48.25 17.07
N GLY H 134 -2.60 47.16 16.73
CA GLY H 134 -2.13 46.29 15.65
C GLY H 134 -2.99 45.06 15.54
N LEU H 135 -2.78 44.34 14.43
CA LEU H 135 -3.48 43.10 14.13
C LEU H 135 -2.51 41.94 14.07
N VAL H 136 -3.05 40.73 14.24
CA VAL H 136 -2.27 39.49 14.16
C VAL H 136 -3.10 38.47 13.40
N THR H 137 -2.59 38.01 12.25
CA THR H 137 -3.21 36.96 11.48
C THR H 137 -2.33 35.72 11.47
N GLU H 138 -2.88 34.64 10.91
CA GLU H 138 -2.13 33.39 10.83
C GLU H 138 -0.91 33.53 9.92
N ALA H 139 -1.01 34.39 8.90
CA ALA H 139 0.15 34.63 8.03
C ALA H 139 1.30 35.27 8.79
N ASN H 140 0.99 36.08 9.81
CA ASN H 140 2.04 36.68 10.62
C ASN H 140 2.76 35.67 11.51
N CYS H 141 2.10 34.56 11.84
CA CYS H 141 2.67 33.57 12.74
C CYS H 141 3.37 32.43 12.01
N ALA H 142 3.24 32.33 10.69
CA ALA H 142 3.84 31.23 9.95
C ALA H 142 5.35 31.35 9.94
N GLY H 143 6.02 30.25 10.30
CA GLY H 143 7.47 30.22 10.31
C GLY H 143 8.13 31.07 11.37
N VAL H 144 7.38 31.59 12.32
CA VAL H 144 7.90 32.47 13.37
C VAL H 144 8.19 31.64 14.60
N ASP H 145 9.22 32.04 15.34
CA ASP H 145 9.57 31.42 16.61
C ASP H 145 8.34 31.31 17.51
N ARG H 146 8.04 30.09 17.95
CA ARG H 146 6.82 29.86 18.71
C ARG H 146 6.77 30.62 20.02
N PHE H 147 7.91 31.05 20.54
CA PHE H 147 7.96 31.78 21.81
C PHE H 147 8.50 33.19 21.62
N ALA H 148 8.32 33.76 20.43
CA ALA H 148 8.54 35.18 20.24
C ALA H 148 7.35 35.96 20.81
N ARG H 149 7.50 37.28 20.87
CA ARG H 149 6.44 38.12 21.40
C ARG H 149 5.52 38.61 20.27
N VAL H 150 4.29 38.96 20.66
CA VAL H 150 3.30 39.41 19.68
C VAL H 150 3.75 40.70 19.00
N ARG H 151 4.52 41.54 19.70
CA ARG H 151 5.01 42.78 19.11
C ARG H 151 5.94 42.53 17.93
N ASP H 152 6.46 41.32 17.78
CA ASP H 152 7.39 40.99 16.70
C ASP H 152 6.71 40.60 15.41
N ILE H 153 5.38 40.51 15.38
CA ILE H 153 4.67 40.01 14.21
C ILE H 153 3.39 40.79 13.96
N ALA H 154 3.16 41.84 14.75
CA ALA H 154 1.92 42.60 14.67
C ALA H 154 1.98 43.62 13.55
N LEU H 155 0.93 43.66 12.72
CA LEU H 155 0.79 44.66 11.67
C LEU H 155 0.27 45.95 12.28
N SER H 156 1.05 47.02 12.20
CA SER H 156 0.71 48.25 12.92
C SER H 156 -0.45 49.01 12.30
N ASP H 157 -0.82 48.73 11.05
CA ASP H 157 -1.87 49.45 10.36
C ASP H 157 -3.09 48.54 10.19
N PHE H 158 -4.28 49.14 10.30
CA PHE H 158 -5.53 48.40 10.20
C PHE H 158 -6.67 49.38 9.97
N VAL H 159 -7.78 48.85 9.49
CA VAL H 159 -8.95 49.67 9.21
C VAL H 159 -9.71 49.93 10.51
N THR H 160 -9.95 51.21 10.81
CA THR H 160 -10.61 51.62 12.04
C THR H 160 -11.84 52.46 11.70
N ALA H 161 -12.91 52.26 12.46
CA ALA H 161 -14.15 53.01 12.30
C ALA H 161 -14.82 53.12 13.67
N PRO H 162 -15.44 54.25 13.98
CA PRO H 162 -16.11 54.38 15.28
C PRO H 162 -17.33 53.48 15.37
N VAL H 163 -17.67 53.10 16.61
CA VAL H 163 -18.86 52.30 16.83
C VAL H 163 -20.09 53.10 16.48
N GLY H 164 -21.03 52.47 15.79
CA GLY H 164 -22.21 53.15 15.27
C GLY H 164 -22.12 53.51 13.80
N THR H 165 -20.97 53.30 13.17
CA THR H 165 -20.83 53.53 11.74
C THR H 165 -21.81 52.66 10.98
N ASP H 166 -22.27 53.17 9.83
CA ASP H 166 -23.21 52.43 9.00
C ASP H 166 -22.61 51.08 8.62
N PRO H 167 -23.35 49.98 8.78
CA PRO H 167 -22.77 48.66 8.49
C PRO H 167 -22.42 48.46 7.03
N ARG H 168 -23.00 49.22 6.11
CA ARG H 168 -22.67 49.10 4.71
C ARG H 168 -21.48 49.96 4.31
N GLU H 169 -21.24 51.06 5.01
CA GLU H 169 -20.07 51.89 4.70
C GLU H 169 -18.79 51.19 5.11
N VAL H 170 -18.78 50.57 6.29
CA VAL H 170 -17.60 49.81 6.73
C VAL H 170 -17.35 48.63 5.79
N PHE H 171 -18.40 48.13 5.14
CA PHE H 171 -18.22 47.14 4.09
C PHE H 171 -17.42 47.70 2.93
N ASP H 172 -17.64 48.99 2.61
CA ASP H 172 -16.89 49.64 1.53
C ASP H 172 -15.49 50.05 1.98
N LEU H 173 -15.30 50.29 3.28
CA LEU H 173 -13.96 50.57 3.78
C LEU H 173 -13.03 49.37 3.62
N LEU H 174 -13.57 48.16 3.74
CA LEU H 174 -12.81 46.93 3.57
C LEU H 174 -12.84 46.41 2.13
N GLU H 175 -13.18 47.27 1.17
CA GLU H 175 -13.29 46.81 -0.22
C GLU H 175 -11.97 46.30 -0.74
N HIS H 176 -10.91 47.10 -0.61
CA HIS H 176 -9.57 46.72 -1.05
C HIS H 176 -8.60 46.59 0.12
N ALA H 177 -9.11 46.41 1.33
CA ALA H 177 -8.25 46.27 2.49
C ALA H 177 -7.52 44.92 2.44
N PRO H 178 -6.28 44.87 2.93
CA PRO H 178 -5.55 43.59 2.88
C PRO H 178 -6.13 42.53 3.79
N ILE H 179 -6.61 42.92 4.97
CA ILE H 179 -7.23 42.00 5.92
C ILE H 179 -8.71 42.35 6.04
N ASP H 180 -9.56 41.35 5.87
CA ASP H 180 -11.01 41.57 5.90
C ASP H 180 -11.50 41.74 7.33
N VAL H 181 -10.88 42.66 8.07
CA VAL H 181 -11.27 42.96 9.45
C VAL H 181 -11.20 44.47 9.64
N ALA H 182 -12.24 45.04 10.26
CA ALA H 182 -12.29 46.46 10.56
C ALA H 182 -12.42 46.62 12.08
N VAL H 183 -11.43 47.27 12.68
CA VAL H 183 -11.39 47.41 14.13
C VAL H 183 -12.29 48.56 14.56
N MET H 184 -13.34 48.23 15.32
CA MET H 184 -14.28 49.23 15.80
C MET H 184 -13.81 49.77 17.15
N THR H 185 -13.79 51.10 17.28
CA THR H 185 -13.25 51.76 18.45
C THR H 185 -14.31 52.63 19.13
N ALA H 186 -14.30 52.61 20.45
CA ALA H 186 -15.18 53.46 21.24
C ALA H 186 -14.77 54.93 21.09
N PRO H 187 -15.64 55.86 21.47
CA PRO H 187 -15.27 57.29 21.34
C PRO H 187 -13.97 57.65 22.06
N ASP H 188 -13.72 57.07 23.23
CA ASP H 188 -12.48 57.33 23.94
C ASP H 188 -11.30 56.55 23.38
N GLY H 189 -11.50 55.77 22.31
CA GLY H 189 -10.43 55.08 21.63
C GLY H 189 -10.26 53.62 22.01
N THR H 190 -10.96 53.13 23.03
CA THR H 190 -10.80 51.75 23.43
C THR H 190 -11.37 50.81 22.37
N LEU H 191 -10.92 49.55 22.42
CA LEU H 191 -11.40 48.54 21.50
C LEU H 191 -12.78 48.06 21.92
N ALA H 192 -13.75 48.17 21.01
CA ALA H 192 -15.09 47.65 21.24
C ALA H 192 -15.39 46.38 20.47
N GLY H 193 -14.59 46.05 19.46
CA GLY H 193 -14.80 44.85 18.68
C GLY H 193 -14.43 45.10 17.22
N VAL H 194 -14.76 44.13 16.38
CA VAL H 194 -14.48 44.19 14.95
C VAL H 194 -15.75 43.90 14.17
N LEU H 195 -15.65 44.09 12.85
CA LEU H 195 -16.73 43.76 11.94
C LEU H 195 -16.12 43.50 10.57
N THR H 196 -16.43 42.34 9.98
CA THR H 196 -15.91 41.96 8.69
C THR H 196 -16.93 42.30 7.59
N ARG H 197 -16.52 42.06 6.34
CA ARG H 197 -17.43 42.31 5.22
C ARG H 197 -18.63 41.37 5.25
N THR H 198 -18.40 40.11 5.60
CA THR H 198 -19.51 39.16 5.68
C THR H 198 -20.37 39.42 6.91
N GLY H 199 -19.74 39.78 8.04
CA GLY H 199 -20.50 40.10 9.23
C GLY H 199 -21.30 41.38 9.09
N ALA H 200 -20.84 42.31 8.25
CA ALA H 200 -21.58 43.55 8.03
C ALA H 200 -22.86 43.29 7.23
N ILE H 201 -22.80 42.37 6.28
CA ILE H 201 -24.00 42.02 5.50
C ILE H 201 -24.97 41.22 6.35
N ARG H 202 -24.47 40.38 7.25
CA ARG H 202 -25.35 39.62 8.12
C ARG H 202 -26.10 40.52 9.08
N ALA H 203 -25.55 41.70 9.38
CA ALA H 203 -26.25 42.67 10.21
C ALA H 203 -27.49 43.21 9.51
N GLY H 204 -27.49 43.23 8.17
CA GLY H 204 -28.63 43.63 7.39
C GLY H 204 -29.57 42.51 6.99
N ILE H 205 -29.25 41.27 7.35
CA ILE H 205 -30.09 40.12 7.04
C ILE H 205 -30.66 39.50 8.31
N TYR H 206 -29.84 39.35 9.35
CA TYR H 206 -30.28 38.74 10.60
C TYR H 206 -30.64 39.83 11.61
N THR H 207 -31.76 39.62 12.30
CA THR H 207 -32.17 40.51 13.38
C THR H 207 -31.75 39.89 14.70
N PRO H 208 -30.95 40.58 15.51
CA PRO H 208 -30.51 40.00 16.79
C PRO H 208 -31.69 39.70 17.71
N ALA H 209 -31.57 38.61 18.45
CA ALA H 209 -32.58 38.21 19.43
C ALA H 209 -32.27 38.92 20.75
N VAL H 210 -33.07 39.92 21.09
CA VAL H 210 -32.83 40.76 22.25
C VAL H 210 -34.02 40.70 23.18
N ASP H 211 -33.76 41.03 24.44
CA ASP H 211 -34.78 41.07 25.48
C ASP H 211 -35.43 42.46 25.48
N ALA H 212 -36.16 42.79 26.55
CA ALA H 212 -36.76 44.11 26.65
C ALA H 212 -35.73 45.21 26.83
N LYS H 213 -34.51 44.86 27.26
CA LYS H 213 -33.44 45.83 27.49
C LYS H 213 -32.50 45.97 26.31
N GLY H 214 -32.82 45.36 25.17
CA GLY H 214 -31.96 45.45 24.01
C GLY H 214 -30.69 44.64 24.10
N ARG H 215 -30.61 43.70 25.03
CA ARG H 215 -29.44 42.86 25.22
C ARG H 215 -29.69 41.48 24.63
N LEU H 216 -28.62 40.88 24.11
CA LEU H 216 -28.73 39.58 23.45
C LEU H 216 -29.34 38.54 24.37
N ARG H 217 -30.20 37.70 23.81
CA ARG H 217 -30.89 36.68 24.59
C ARG H 217 -29.99 35.48 24.86
N ILE H 218 -30.30 34.76 25.93
CA ILE H 218 -29.58 33.56 26.31
C ILE H 218 -30.48 32.74 27.23
N ALA H 219 -30.41 31.42 27.10
CA ALA H 219 -31.23 30.50 27.87
C ALA H 219 -30.34 29.62 28.74
N ALA H 220 -30.98 28.89 29.65
CA ALA H 220 -30.27 28.01 30.57
C ALA H 220 -31.14 26.78 30.84
N ALA H 221 -30.48 25.64 31.01
CA ALA H 221 -31.14 24.38 31.26
C ALA H 221 -30.97 23.96 32.72
N VAL H 222 -31.84 23.07 33.16
CA VAL H 222 -31.81 22.57 34.53
C VAL H 222 -32.34 21.15 34.54
N GLY H 223 -31.64 20.26 35.25
CA GLY H 223 -32.10 18.90 35.42
C GLY H 223 -33.11 18.79 36.54
N ILE H 224 -33.79 17.64 36.59
CA ILE H 224 -34.82 17.41 37.59
C ILE H 224 -34.27 16.79 38.86
N ASN H 225 -32.97 16.57 38.96
CA ASN H 225 -32.38 16.08 40.19
C ASN H 225 -32.17 17.22 41.17
N GLY H 226 -32.29 16.90 42.47
CA GLY H 226 -32.10 17.90 43.49
C GLY H 226 -33.28 18.83 43.63
N ASP H 227 -33.00 20.06 44.06
CA ASP H 227 -34.03 21.08 44.25
C ASP H 227 -34.19 21.84 42.94
N VAL H 228 -35.17 21.44 42.15
CA VAL H 228 -35.38 22.06 40.84
C VAL H 228 -35.83 23.51 40.99
N GLY H 229 -36.55 23.82 42.07
CA GLY H 229 -37.08 25.17 42.24
C GLY H 229 -35.98 26.21 42.43
N ALA H 230 -35.02 25.93 43.32
CA ALA H 230 -33.97 26.90 43.59
C ALA H 230 -33.04 27.05 42.40
N LYS H 231 -32.68 25.94 41.74
CA LYS H 231 -31.81 26.02 40.58
C LYS H 231 -32.47 26.80 39.45
N ALA H 232 -33.75 26.55 39.19
CA ALA H 232 -34.45 27.30 38.16
C ALA H 232 -34.60 28.77 38.53
N GLN H 233 -34.75 29.07 39.83
CA GLN H 233 -34.87 30.45 40.25
C GLN H 233 -33.52 31.17 40.24
N ALA H 234 -32.44 30.45 40.56
CA ALA H 234 -31.11 31.06 40.49
C ALA H 234 -30.74 31.39 39.05
N LEU H 235 -31.12 30.53 38.10
CA LEU H 235 -30.85 30.82 36.69
C LEU H 235 -31.67 32.02 36.22
N ALA H 236 -32.91 32.13 36.68
CA ALA H 236 -33.73 33.28 36.32
C ALA H 236 -33.15 34.57 36.90
N GLU H 237 -32.70 34.52 38.15
CA GLU H 237 -32.08 35.68 38.77
C GLU H 237 -30.72 36.02 38.16
N ALA H 238 -30.05 35.03 37.55
CA ALA H 238 -28.79 35.30 36.89
C ALA H 238 -28.96 36.11 35.62
N GLY H 239 -30.14 36.10 35.01
CA GLY H 239 -30.40 36.90 33.83
C GLY H 239 -30.89 36.09 32.64
N ALA H 240 -31.22 34.81 32.86
CA ALA H 240 -31.67 33.96 31.78
C ALA H 240 -33.03 34.43 31.26
N ASP H 241 -33.20 34.35 29.95
CA ASP H 241 -34.46 34.74 29.30
C ASP H 241 -35.39 33.55 29.05
N LEU H 242 -34.91 32.33 29.22
CA LEU H 242 -35.71 31.14 28.96
C LEU H 242 -35.12 29.98 29.75
N LEU H 243 -35.98 29.12 30.28
CA LEU H 243 -35.57 27.99 31.09
C LEU H 243 -35.99 26.69 30.43
N VAL H 244 -35.13 25.68 30.53
CA VAL H 244 -35.35 24.38 29.94
C VAL H 244 -35.25 23.34 31.05
N ILE H 245 -36.37 22.69 31.37
CA ILE H 245 -36.39 21.57 32.30
C ILE H 245 -36.16 20.32 31.47
N ASP H 246 -34.94 19.79 31.49
CA ASP H 246 -34.52 18.75 30.57
C ASP H 246 -34.28 17.44 31.30
N THR H 247 -34.72 16.34 30.69
CA THR H 247 -34.42 15.00 31.17
C THR H 247 -34.58 14.04 29.99
N ALA H 248 -34.05 12.83 30.16
CA ALA H 248 -34.08 11.84 29.08
C ALA H 248 -35.51 11.39 28.81
N HIS H 249 -36.23 10.98 29.85
CA HIS H 249 -37.61 10.52 29.74
C HIS H 249 -38.50 11.58 30.38
N GLY H 250 -38.99 12.51 29.56
CA GLY H 250 -39.80 13.61 30.06
C GLY H 250 -41.18 13.20 30.52
N HIS H 251 -41.68 12.04 30.07
CA HIS H 251 -43.02 11.60 30.41
C HIS H 251 -43.00 10.71 31.65
N GLN H 252 -42.52 11.29 32.76
CA GLN H 252 -42.47 10.59 34.03
C GLN H 252 -42.95 11.51 35.14
N ALA H 253 -43.18 10.92 36.31
CA ALA H 253 -43.80 11.67 37.41
C ALA H 253 -42.88 12.76 37.93
N LYS H 254 -41.59 12.48 38.07
CA LYS H 254 -40.68 13.47 38.65
C LYS H 254 -40.55 14.70 37.74
N MET H 255 -40.67 14.51 36.43
CA MET H 255 -40.68 15.66 35.53
C MET H 255 -41.93 16.51 35.74
N LEU H 256 -43.09 15.87 35.86
CA LEU H 256 -44.34 16.61 36.09
C LEU H 256 -44.27 17.41 37.38
N ASP H 257 -43.73 16.82 38.45
CA ASP H 257 -43.58 17.55 39.70
C ASP H 257 -42.54 18.65 39.59
N ALA H 258 -41.51 18.46 38.74
CA ALA H 258 -40.51 19.49 38.56
C ALA H 258 -41.06 20.69 37.80
N ILE H 259 -41.93 20.44 36.83
CA ILE H 259 -42.56 21.54 36.10
C ILE H 259 -43.49 22.33 37.02
N LYS H 260 -44.33 21.61 37.79
CA LYS H 260 -45.22 22.29 38.73
C LYS H 260 -44.44 23.05 39.79
N ALA H 261 -43.25 22.56 40.16
CA ALA H 261 -42.44 23.27 41.12
C ALA H 261 -41.92 24.59 40.55
N VAL H 262 -41.30 24.54 39.37
CA VAL H 262 -40.73 25.74 38.77
C VAL H 262 -41.82 26.75 38.43
N ALA H 263 -42.96 26.27 37.94
CA ALA H 263 -44.06 27.16 37.55
C ALA H 263 -44.67 27.87 38.75
N SER H 264 -44.54 27.31 39.96
CA SER H 264 -45.16 27.93 41.13
C SER H 264 -44.44 29.19 41.56
N LEU H 265 -43.13 29.30 41.29
CA LEU H 265 -42.39 30.49 41.69
C LEU H 265 -42.73 31.69 40.83
N ASP H 266 -43.35 31.48 39.67
CA ASP H 266 -43.82 32.56 38.80
C ASP H 266 -42.66 33.49 38.40
N LEU H 267 -41.68 32.89 37.71
CA LEU H 267 -40.51 33.66 37.28
C LEU H 267 -40.81 34.59 36.11
N GLY H 268 -41.92 34.38 35.40
CA GLY H 268 -42.22 35.19 34.24
C GLY H 268 -41.37 34.89 33.03
N LEU H 269 -40.88 33.65 32.91
CA LEU H 269 -40.06 33.23 31.79
C LEU H 269 -40.70 32.02 31.10
N PRO H 270 -40.48 31.87 29.80
CA PRO H 270 -41.00 30.68 29.10
C PRO H 270 -40.37 29.41 29.64
N LEU H 271 -41.18 28.38 29.83
CA LEU H 271 -40.75 27.11 30.39
C LEU H 271 -40.78 26.04 29.32
N VAL H 272 -39.61 25.49 29.01
CA VAL H 272 -39.47 24.39 28.05
C VAL H 272 -39.26 23.11 28.83
N ALA H 273 -39.96 22.05 28.43
CA ALA H 273 -39.86 20.77 29.10
C ALA H 273 -39.75 19.65 28.09
N GLY H 274 -38.95 18.65 28.41
CA GLY H 274 -38.77 17.50 27.52
C GLY H 274 -37.94 16.44 28.19
N ASN H 275 -37.78 15.31 27.49
CA ASN H 275 -38.31 15.15 26.14
C ASN H 275 -39.38 14.06 26.07
N VAL H 276 -40.35 14.26 25.18
CA VAL H 276 -41.42 13.30 24.93
C VAL H 276 -41.56 13.14 23.42
N VAL H 277 -42.27 12.09 23.03
CA VAL H 277 -42.52 11.81 21.61
C VAL H 277 -43.97 11.37 21.39
N SER H 278 -44.81 11.59 22.40
CA SER H 278 -46.21 11.20 22.32
C SER H 278 -47.10 12.38 22.66
N ALA H 279 -48.31 12.38 22.08
CA ALA H 279 -49.27 13.44 22.35
C ALA H 279 -49.68 13.45 23.82
N GLU H 280 -49.84 12.26 24.41
CA GLU H 280 -50.18 12.16 25.83
C GLU H 280 -49.12 12.84 26.68
N GLY H 281 -47.84 12.56 26.40
CA GLY H 281 -46.78 13.20 27.16
C GLY H 281 -46.69 14.69 26.92
N THR H 282 -47.07 15.15 25.72
CA THR H 282 -47.05 16.58 25.43
C THR H 282 -48.09 17.32 26.27
N ARG H 283 -49.31 16.76 26.37
CA ARG H 283 -50.34 17.41 27.16
C ARG H 283 -50.00 17.40 28.64
N ASP H 284 -49.44 16.28 29.13
CA ASP H 284 -49.11 16.17 30.55
C ASP H 284 -48.09 17.24 30.96
N LEU H 285 -47.12 17.53 30.10
CA LEU H 285 -46.12 18.54 30.43
C LEU H 285 -46.72 19.94 30.35
N ILE H 286 -47.60 20.18 29.36
CA ILE H 286 -48.24 21.49 29.27
C ILE H 286 -49.23 21.68 30.40
N GLU H 287 -49.99 20.63 30.74
CA GLU H 287 -50.88 20.70 31.90
C GLU H 287 -50.09 20.96 33.17
N ALA H 288 -48.86 20.44 33.25
CA ALA H 288 -48.02 20.67 34.43
C ALA H 288 -47.59 22.12 34.57
N GLY H 289 -47.57 22.88 33.47
CA GLY H 289 -47.20 24.27 33.53
C GLY H 289 -46.14 24.69 32.53
N ALA H 290 -45.74 23.78 31.65
CA ALA H 290 -44.74 24.07 30.65
C ALA H 290 -45.35 24.82 29.47
N SER H 291 -44.64 25.84 29.00
CA SER H 291 -45.07 26.61 27.84
C SER H 291 -44.65 25.97 26.52
N ILE H 292 -43.49 25.33 26.48
CA ILE H 292 -42.96 24.69 25.29
C ILE H 292 -42.56 23.27 25.63
N VAL H 293 -42.81 22.34 24.72
CA VAL H 293 -42.49 20.93 24.89
C VAL H 293 -41.36 20.58 23.93
N LYS H 294 -40.26 20.05 24.46
CA LYS H 294 -39.12 19.65 23.65
C LYS H 294 -39.30 18.19 23.25
N VAL H 295 -39.29 17.93 21.94
CA VAL H 295 -39.62 16.62 21.39
C VAL H 295 -38.35 15.97 20.85
N GLY H 296 -38.12 14.72 21.24
CA GLY H 296 -36.98 13.96 20.77
C GLY H 296 -36.51 12.90 21.75
N VAL H 297 -36.82 11.64 21.47
CA VAL H 297 -36.38 10.51 22.27
C VAL H 297 -35.85 9.45 21.32
N GLY H 298 -34.53 9.26 21.30
CA GLY H 298 -33.89 8.30 20.44
C GLY H 298 -34.34 8.38 19.00
N PRO H 299 -34.06 9.50 18.32
CA PRO H 299 -34.53 9.65 16.94
C PRO H 299 -33.78 8.80 15.94
N GLY H 300 -32.55 8.39 16.25
CA GLY H 300 -31.75 7.58 15.33
C GLY H 300 -32.03 6.11 15.52
N ALA H 301 -32.22 5.40 14.40
CA ALA H 301 -32.53 3.98 14.46
C ALA H 301 -31.36 3.13 14.93
N MET H 302 -30.14 3.68 14.91
CA MET H 302 -28.94 2.96 15.32
C MET H 302 -28.09 3.81 16.25
N CYS H 303 -28.74 4.59 17.10
CA CYS H 303 -28.04 5.40 18.09
C CYS H 303 -28.01 4.66 19.43
N THR H 304 -27.54 5.35 20.47
CA THR H 304 -27.29 4.68 21.74
C THR H 304 -28.58 4.28 22.44
N THR H 305 -29.61 5.13 22.36
CA THR H 305 -30.86 4.81 23.05
C THR H 305 -31.61 3.67 22.37
N ARG H 306 -31.67 3.70 21.03
CA ARG H 306 -32.39 2.66 20.31
C ARG H 306 -31.69 1.32 20.41
N MET H 307 -30.35 1.31 20.41
CA MET H 307 -29.61 0.07 20.45
C MET H 307 -29.56 -0.53 21.85
N MET H 308 -29.60 0.29 22.89
CA MET H 308 -29.57 -0.22 24.25
C MET H 308 -30.95 -0.67 24.72
N THR H 309 -31.98 0.12 24.43
CA THR H 309 -33.32 -0.11 24.98
C THR H 309 -34.38 -0.41 23.94
N GLY H 310 -34.18 -0.05 22.68
CA GLY H 310 -35.24 -0.14 21.70
C GLY H 310 -36.28 0.94 21.78
N VAL H 311 -36.13 1.88 22.71
CA VAL H 311 -37.09 2.96 22.91
C VAL H 311 -36.73 4.11 21.98
N GLY H 312 -37.75 4.70 21.38
CA GLY H 312 -37.55 5.82 20.49
C GLY H 312 -38.75 6.01 19.60
N ARG H 313 -38.63 6.97 18.67
CA ARG H 313 -39.67 7.22 17.70
C ARG H 313 -39.08 8.05 16.57
N PRO H 314 -39.41 7.74 15.31
CA PRO H 314 -38.98 8.61 14.21
C PRO H 314 -39.38 10.06 14.46
N GLN H 315 -38.43 10.97 14.26
CA GLN H 315 -38.57 12.32 14.76
C GLN H 315 -39.68 13.08 14.04
N PHE H 316 -39.82 12.87 12.73
CA PHE H 316 -40.82 13.63 11.98
C PHE H 316 -42.23 13.31 12.46
N SER H 317 -42.56 12.02 12.57
CA SER H 317 -43.87 11.64 13.08
C SER H 317 -44.06 12.11 14.53
N ALA H 318 -42.98 12.17 15.30
CA ALA H 318 -43.08 12.64 16.68
C ALA H 318 -43.41 14.12 16.74
N VAL H 319 -42.77 14.93 15.88
CA VAL H 319 -43.05 16.36 15.87
C VAL H 319 -44.44 16.63 15.34
N VAL H 320 -44.90 15.86 14.35
CA VAL H 320 -46.23 16.06 13.80
C VAL H 320 -47.29 15.87 14.87
N GLU H 321 -47.20 14.75 15.60
CA GLU H 321 -48.22 14.46 16.61
C GLU H 321 -48.11 15.40 17.81
N CYS H 322 -46.89 15.68 18.26
CA CYS H 322 -46.73 16.48 19.47
C CYS H 322 -47.05 17.95 19.23
N ALA H 323 -46.75 18.47 18.03
CA ALA H 323 -47.06 19.87 17.75
C ALA H 323 -48.55 20.11 17.66
N ALA H 324 -49.28 19.16 17.06
CA ALA H 324 -50.73 19.30 16.98
C ALA H 324 -51.37 19.26 18.37
N ALA H 325 -50.87 18.39 19.24
CA ALA H 325 -51.40 18.32 20.60
C ALA H 325 -51.02 19.55 21.40
N ALA H 326 -49.80 20.06 21.21
CA ALA H 326 -49.38 21.25 21.94
C ALA H 326 -50.14 22.49 21.47
N ARG H 327 -50.40 22.58 20.17
CA ARG H 327 -51.13 23.73 19.65
C ARG H 327 -52.58 23.75 20.13
N GLN H 328 -53.13 22.57 20.42
CA GLN H 328 -54.50 22.50 20.92
C GLN H 328 -54.62 23.11 22.32
N LEU H 329 -53.58 22.97 23.14
CA LEU H 329 -53.56 23.56 24.47
C LEU H 329 -52.86 24.91 24.51
N GLY H 330 -52.61 25.52 23.36
CA GLY H 330 -51.95 26.81 23.33
C GLY H 330 -50.46 26.78 23.57
N GLY H 331 -49.83 25.61 23.47
CA GLY H 331 -48.41 25.48 23.66
C GLY H 331 -47.64 25.40 22.34
N HIS H 332 -46.34 25.14 22.47
CA HIS H 332 -45.46 25.04 21.31
C HIS H 332 -44.56 23.82 21.48
N VAL H 333 -43.82 23.50 20.42
CA VAL H 333 -43.00 22.29 20.36
C VAL H 333 -41.65 22.64 19.77
N TRP H 334 -40.58 22.17 20.41
CA TRP H 334 -39.23 22.27 19.88
C TRP H 334 -38.81 20.91 19.33
N ALA H 335 -38.23 20.92 18.13
CA ALA H 335 -37.69 19.71 17.52
C ALA H 335 -36.23 19.55 17.94
N ASP H 336 -35.94 18.49 18.69
CA ASP H 336 -34.63 18.30 19.30
C ASP H 336 -34.04 16.97 18.83
N GLY H 337 -32.90 17.05 18.14
CA GLY H 337 -32.15 15.86 17.79
C GLY H 337 -32.24 15.46 16.33
N GLY H 338 -31.11 15.01 15.77
CA GLY H 338 -31.09 14.44 14.45
C GLY H 338 -30.91 15.42 13.30
N VAL H 339 -30.68 16.69 13.60
CA VAL H 339 -30.55 17.71 12.55
C VAL H 339 -29.14 17.61 11.97
N ARG H 340 -29.05 17.19 10.70
CA ARG H 340 -27.78 17.11 9.99
C ARG H 340 -27.73 17.97 8.73
N HIS H 341 -28.87 18.35 8.18
CA HIS H 341 -28.94 19.12 6.95
C HIS H 341 -30.03 20.16 7.09
N PRO H 342 -29.98 21.24 6.30
CA PRO H 342 -31.02 22.28 6.41
C PRO H 342 -32.43 21.77 6.15
N ARG H 343 -32.59 20.71 5.35
CA ARG H 343 -33.94 20.18 5.14
C ARG H 343 -34.51 19.56 6.40
N ASP H 344 -33.66 19.15 7.34
CA ASP H 344 -34.18 18.68 8.63
C ASP H 344 -34.82 19.82 9.40
N VAL H 345 -34.28 21.03 9.29
CA VAL H 345 -34.89 22.19 9.93
C VAL H 345 -36.20 22.56 9.23
N ALA H 346 -36.21 22.50 7.90
CA ALA H 346 -37.42 22.86 7.15
C ALA H 346 -38.53 21.87 7.42
N LEU H 347 -38.23 20.56 7.42
CA LEU H 347 -39.25 19.56 7.69
C LEU H 347 -39.74 19.62 9.12
N ALA H 348 -38.86 19.97 10.07
CA ALA H 348 -39.29 20.11 11.46
C ALA H 348 -40.27 21.26 11.62
N LEU H 349 -40.06 22.35 10.88
CA LEU H 349 -40.99 23.47 10.94
C LEU H 349 -42.30 23.15 10.23
N ALA H 350 -42.22 22.46 9.09
CA ALA H 350 -43.43 22.07 8.37
C ALA H 350 -44.27 21.10 9.18
N ALA H 351 -43.64 20.32 10.06
CA ALA H 351 -44.37 19.38 10.90
C ALA H 351 -45.16 20.07 12.00
N GLY H 352 -44.83 21.33 12.31
CA GLY H 352 -45.54 22.08 13.33
C GLY H 352 -44.69 22.59 14.47
N ALA H 353 -43.39 22.32 14.49
CA ALA H 353 -42.52 22.84 15.54
C ALA H 353 -42.27 24.33 15.34
N SER H 354 -42.17 25.04 16.46
CA SER H 354 -41.86 26.47 16.46
C SER H 354 -40.37 26.75 16.39
N ASN H 355 -39.54 25.89 16.96
CA ASN H 355 -38.09 26.06 16.92
C ASN H 355 -37.43 24.70 16.70
N VAL H 356 -36.22 24.73 16.17
CA VAL H 356 -35.44 23.52 15.90
C VAL H 356 -34.16 23.58 16.73
N MET H 357 -33.95 22.56 17.56
CA MET H 357 -32.77 22.50 18.42
C MET H 357 -31.69 21.66 17.73
N ILE H 358 -30.49 22.23 17.64
CA ILE H 358 -29.36 21.62 16.95
C ILE H 358 -28.23 21.44 17.95
N GLY H 359 -27.61 20.26 17.95
CA GLY H 359 -26.57 19.96 18.90
C GLY H 359 -25.21 19.70 18.28
N SER H 360 -24.92 18.43 17.98
CA SER H 360 -23.59 18.03 17.54
C SER H 360 -23.16 18.70 16.24
N TRP H 361 -24.11 19.12 15.40
CA TRP H 361 -23.75 19.75 14.14
C TRP H 361 -22.97 21.04 14.37
N PHE H 362 -23.35 21.82 15.38
CA PHE H 362 -22.67 23.08 15.66
C PHE H 362 -21.39 22.88 16.47
N ALA H 363 -21.02 21.65 16.80
CA ALA H 363 -19.77 21.43 17.53
C ALA H 363 -18.56 21.62 16.63
N GLY H 364 -18.68 21.29 15.35
CA GLY H 364 -17.59 21.47 14.41
C GLY H 364 -17.52 22.89 13.86
N THR H 365 -17.39 23.86 14.76
CA THR H 365 -17.29 25.27 14.40
C THR H 365 -16.22 25.91 15.26
N TYR H 366 -15.78 27.11 14.85
CA TYR H 366 -14.80 27.84 15.65
C TYR H 366 -15.38 28.26 17.00
N GLU H 367 -16.68 28.55 17.05
CA GLU H 367 -17.28 29.14 18.24
C GLU H 367 -17.62 28.12 19.32
N SER H 368 -17.53 26.82 19.03
CA SER H 368 -17.82 25.82 20.02
C SER H 368 -16.74 25.79 21.10
N PRO H 369 -17.07 25.31 22.30
CA PRO H 369 -16.07 25.34 23.40
C PRO H 369 -14.86 24.46 23.14
N GLY H 370 -15.01 23.37 22.40
CA GLY H 370 -13.90 22.44 22.22
C GLY H 370 -12.75 23.03 21.45
N ASP H 371 -11.57 22.45 21.66
CA ASP H 371 -10.38 22.91 20.95
C ASP H 371 -10.36 22.38 19.53
N LEU H 372 -9.81 23.20 18.63
CA LEU H 372 -9.65 22.80 17.24
C LEU H 372 -8.56 21.74 17.14
N LEU H 373 -8.89 20.60 16.53
CA LEU H 373 -7.96 19.50 16.37
C LEU H 373 -7.78 19.18 14.89
N PHE H 374 -6.64 18.55 14.59
CA PHE H 374 -6.31 18.15 13.24
C PHE H 374 -5.92 16.67 13.23
N ASP H 375 -6.39 15.94 12.22
CA ASP H 375 -6.12 14.52 12.11
C ASP H 375 -4.78 14.32 11.38
N ARG H 376 -4.56 13.12 10.83
CA ARG H 376 -3.30 12.85 10.14
C ARG H 376 -3.20 13.61 8.82
N ASP H 377 -4.33 13.93 8.20
CA ASP H 377 -4.36 14.66 6.95
C ASP H 377 -4.50 16.17 7.16
N ASP H 378 -4.24 16.66 8.37
CA ASP H 378 -4.33 18.09 8.70
C ASP H 378 -5.72 18.65 8.43
N ARG H 379 -6.75 17.81 8.52
CA ARG H 379 -8.12 18.30 8.35
C ARG H 379 -8.68 18.76 9.68
N PRO H 380 -9.25 19.96 9.76
CA PRO H 380 -9.73 20.46 11.05
C PRO H 380 -11.00 19.75 11.49
N TYR H 381 -11.10 19.51 12.79
CA TYR H 381 -12.28 18.87 13.36
C TYR H 381 -12.33 19.18 14.84
N LYS H 382 -13.52 19.00 15.42
CA LYS H 382 -13.72 19.13 16.86
C LYS H 382 -14.57 17.96 17.34
N GLU H 383 -14.40 17.62 18.61
CA GLU H 383 -15.10 16.48 19.20
C GLU H 383 -16.46 16.91 19.74
N SER H 384 -17.44 16.03 19.61
CA SER H 384 -18.74 16.19 20.23
C SER H 384 -19.03 14.98 21.11
N TYR H 385 -19.76 15.23 22.20
CA TYR H 385 -20.07 14.17 23.15
C TYR H 385 -21.37 14.50 23.87
N GLY H 386 -22.11 13.45 24.24
CA GLY H 386 -23.40 13.65 24.86
C GLY H 386 -23.30 13.99 26.33
N MET H 387 -24.40 14.51 26.87
CA MET H 387 -24.45 14.87 28.28
C MET H 387 -24.55 13.65 29.18
N ALA H 388 -25.04 12.53 28.65
CA ALA H 388 -25.10 11.25 29.38
C ALA H 388 -25.85 11.38 30.70
N SER H 389 -25.11 11.36 31.82
CA SER H 389 -25.73 11.34 33.14
C SER H 389 -26.43 12.64 33.48
N LYS H 390 -26.04 13.76 32.85
CA LYS H 390 -26.68 15.04 33.10
C LYS H 390 -28.11 15.11 32.55
N ARG H 391 -28.60 14.07 31.89
CA ARG H 391 -29.95 14.02 31.39
C ARG H 391 -30.79 12.91 32.00
N ALA H 392 -30.22 12.11 32.89
CA ALA H 392 -30.93 11.00 33.53
C ALA H 392 -31.26 11.35 34.97
N VAL H 393 -32.12 10.52 35.56
CA VAL H 393 -32.54 10.69 36.95
C VAL H 393 -31.54 9.99 37.86
N ALA H 394 -31.21 10.64 38.98
CA ALA H 394 -30.25 10.09 39.92
C ALA H 394 -30.87 8.95 40.72
N SER H 401 -21.66 6.28 49.73
CA SER H 401 -20.21 6.19 49.64
C SER H 401 -19.77 5.87 48.21
N SER H 402 -18.52 5.42 48.07
CA SER H 402 -18.01 5.05 46.75
C SER H 402 -18.68 3.80 46.21
N PHE H 403 -19.23 2.94 47.08
CA PHE H 403 -19.97 1.77 46.61
C PHE H 403 -21.21 2.19 45.81
N ASP H 404 -21.82 3.31 46.19
CA ASP H 404 -22.94 3.83 45.38
C ASP H 404 -22.44 4.37 44.06
N ARG H 405 -21.28 5.01 44.05
CA ARG H 405 -20.71 5.54 42.81
C ARG H 405 -20.34 4.42 41.85
N ALA H 406 -19.94 3.26 42.37
CA ALA H 406 -19.65 2.12 41.51
C ALA H 406 -20.93 1.46 41.00
N ARG H 407 -21.93 1.34 41.87
CA ARG H 407 -23.22 0.80 41.45
C ARG H 407 -23.91 1.73 40.47
N LYS H 408 -23.73 3.04 40.64
CA LYS H 408 -24.33 4.00 39.71
C LYS H 408 -23.59 4.03 38.38
N GLY H 409 -22.28 3.82 38.39
CA GLY H 409 -21.50 3.82 37.16
C GLY H 409 -21.45 2.50 36.43
N LEU H 410 -21.96 1.43 37.03
CA LEU H 410 -21.97 0.14 36.35
C LEU H 410 -23.01 0.08 35.25
N PHE H 411 -24.11 0.81 35.40
CA PHE H 411 -25.21 0.80 34.45
C PHE H 411 -25.39 2.11 33.70
N GLU H 412 -24.74 3.20 34.13
CA GLU H 412 -25.03 4.50 33.55
C GLU H 412 -24.51 4.59 32.12
N GLU H 413 -25.06 5.55 31.38
CA GLU H 413 -24.75 5.69 29.96
C GLU H 413 -23.32 6.17 29.76
N GLY H 414 -22.58 5.48 28.90
CA GLY H 414 -21.24 5.90 28.57
C GLY H 414 -21.24 7.10 27.65
N ILE H 415 -20.22 7.94 27.78
CA ILE H 415 -20.11 9.17 27.00
C ILE H 415 -19.52 8.83 25.64
N SER H 416 -20.34 8.93 24.59
CA SER H 416 -19.89 8.67 23.24
C SER H 416 -19.23 9.91 22.65
N THR H 417 -18.12 9.70 21.94
CA THR H 417 -17.34 10.79 21.36
C THR H 417 -17.25 10.60 19.85
N SER H 418 -17.56 11.65 19.10
CA SER H 418 -17.51 11.63 17.65
C SER H 418 -16.76 12.85 17.14
N ARG H 419 -16.19 12.72 15.95
CA ARG H 419 -15.43 13.80 15.33
C ARG H 419 -16.35 14.59 14.39
N MET H 420 -16.38 15.91 14.58
CA MET H 420 -17.18 16.81 13.75
C MET H 420 -16.23 17.63 12.89
N SER H 421 -16.21 17.33 11.59
CA SER H 421 -15.29 17.99 10.68
C SER H 421 -15.74 19.42 10.39
N LEU H 422 -14.77 20.34 10.38
CA LEU H 422 -15.03 21.72 10.01
C LEU H 422 -14.89 21.89 8.51
N ASP H 423 -15.74 22.73 7.94
CA ASP H 423 -15.55 23.15 6.55
C ASP H 423 -14.28 23.98 6.47
N PRO H 424 -13.25 23.52 5.77
CA PRO H 424 -11.98 24.27 5.75
C PRO H 424 -12.12 25.68 5.20
N ALA H 425 -13.13 25.96 4.37
CA ALA H 425 -13.35 27.30 3.84
C ALA H 425 -14.40 28.08 4.59
N ARG H 426 -15.34 27.42 5.28
CA ARG H 426 -16.44 28.08 5.98
C ARG H 426 -16.66 27.36 7.31
N GLY H 427 -15.72 27.55 8.25
CA GLY H 427 -15.75 26.88 9.53
C GLY H 427 -16.48 27.58 10.63
N GLY H 428 -17.03 28.77 10.39
CA GLY H 428 -17.78 29.47 11.42
C GLY H 428 -19.21 29.02 11.51
N VAL H 429 -19.80 29.17 12.71
CA VAL H 429 -21.17 28.74 12.92
C VAL H 429 -22.14 29.66 12.16
N GLU H 430 -21.74 30.89 11.88
CA GLU H 430 -22.59 31.78 11.08
C GLU H 430 -22.70 31.28 9.64
N ASP H 431 -21.67 30.57 9.17
CA ASP H 431 -21.76 29.96 7.84
C ASP H 431 -22.80 28.86 7.81
N LEU H 432 -22.94 28.12 8.92
CA LEU H 432 -24.02 27.14 9.02
C LEU H 432 -25.38 27.82 9.13
N LEU H 433 -25.44 28.95 9.85
CA LEU H 433 -26.69 29.69 9.96
C LEU H 433 -27.11 30.23 8.59
N ASP H 434 -26.15 30.70 7.79
CA ASP H 434 -26.46 31.07 6.42
C ASP H 434 -26.91 29.85 5.63
N HIS H 435 -26.30 28.70 5.88
CA HIS H 435 -26.68 27.48 5.18
C HIS H 435 -28.08 27.03 5.57
N ILE H 436 -28.41 27.12 6.87
CA ILE H 436 -29.71 26.63 7.34
C ILE H 436 -30.82 27.57 6.91
N THR H 437 -30.66 28.88 7.16
CA THR H 437 -31.71 29.83 6.83
C THR H 437 -31.91 29.98 5.33
N SER H 438 -30.89 29.68 4.51
CA SER H 438 -31.07 29.73 3.07
C SER H 438 -32.04 28.66 2.59
N GLY H 439 -31.99 27.48 3.20
CA GLY H 439 -32.86 26.39 2.80
C GLY H 439 -34.28 26.55 3.31
N VAL H 440 -34.43 27.06 4.53
CA VAL H 440 -35.76 27.27 5.09
C VAL H 440 -36.49 28.38 4.32
N ARG H 441 -35.80 29.48 4.02
CA ARG H 441 -36.40 30.54 3.23
C ARG H 441 -36.76 30.05 1.83
N SER H 442 -35.91 29.18 1.26
CA SER H 442 -36.23 28.62 -0.05
C SER H 442 -37.41 27.66 0.03
N THR H 443 -37.56 26.93 1.14
CA THR H 443 -38.72 26.07 1.30
C THR H 443 -40.00 26.88 1.37
N CYS H 444 -39.96 28.04 2.05
CA CYS H 444 -41.14 28.88 2.15
C CYS H 444 -41.58 29.40 0.79
N THR H 445 -40.62 29.67 -0.10
CA THR H 445 -40.98 30.14 -1.44
C THR H 445 -41.57 29.01 -2.27
N TYR H 446 -41.08 27.79 -2.10
CA TYR H 446 -41.68 26.65 -2.79
C TYR H 446 -43.10 26.39 -2.31
N VAL H 447 -43.32 26.49 -0.99
CA VAL H 447 -44.65 26.25 -0.44
C VAL H 447 -45.57 27.43 -0.71
N GLY H 448 -45.06 28.65 -0.58
CA GLY H 448 -45.87 29.83 -0.81
C GLY H 448 -46.15 30.57 0.46
N ALA H 449 -45.24 30.46 1.42
CA ALA H 449 -45.39 31.02 2.76
C ALA H 449 -44.49 32.22 2.92
N ALA H 450 -45.03 33.28 3.50
CA ALA H 450 -44.24 34.47 3.83
C ALA H 450 -43.66 34.41 5.23
N ASN H 451 -44.06 33.43 6.04
CA ASN H 451 -43.55 33.27 7.39
C ASN H 451 -43.68 31.80 7.79
N LEU H 452 -43.23 31.49 9.00
CA LEU H 452 -43.25 30.12 9.50
C LEU H 452 -44.66 29.61 9.78
N PRO H 453 -45.57 30.41 10.38
CA PRO H 453 -46.94 29.92 10.55
C PRO H 453 -47.62 29.54 9.25
N GLU H 454 -47.41 30.32 8.18
CA GLU H 454 -47.98 29.96 6.89
C GLU H 454 -47.33 28.72 6.30
N LEU H 455 -46.07 28.45 6.67
CA LEU H 455 -45.41 27.25 6.18
C LEU H 455 -46.09 26.00 6.71
N HIS H 456 -46.38 25.98 8.02
CA HIS H 456 -47.04 24.82 8.61
C HIS H 456 -48.46 24.63 8.06
N GLU H 457 -49.11 25.71 7.63
CA GLU H 457 -50.49 25.59 7.14
C GLU H 457 -50.53 25.16 5.68
N LYS H 458 -49.69 25.76 4.83
CA LYS H 458 -49.78 25.57 3.38
C LYS H 458 -48.96 24.40 2.87
N VAL H 459 -48.16 23.75 3.72
CA VAL H 459 -47.26 22.71 3.23
C VAL H 459 -48.05 21.47 2.87
N VAL H 460 -47.65 20.83 1.77
CA VAL H 460 -48.20 19.54 1.34
C VAL H 460 -47.05 18.55 1.28
N LEU H 461 -47.12 17.50 2.09
CA LEU H 461 -46.04 16.55 2.23
C LEU H 461 -46.37 15.23 1.56
N GLY H 462 -45.32 14.48 1.23
CA GLY H 462 -45.49 13.16 0.63
C GLY H 462 -44.46 12.20 1.18
N VAL H 463 -44.68 10.93 0.91
CA VAL H 463 -43.81 9.84 1.39
C VAL H 463 -43.06 9.26 0.20
N GLN H 464 -41.79 8.92 0.42
CA GLN H 464 -40.95 8.34 -0.61
C GLN H 464 -40.34 7.05 -0.08
N SER H 465 -39.85 6.22 -1.00
CA SER H 465 -39.16 4.99 -0.66
C SER H 465 -37.68 5.30 -0.39
N ALA H 466 -36.86 4.25 -0.28
CA ALA H 466 -35.44 4.44 -0.08
C ALA H 466 -34.78 5.00 -1.34
N ALA H 467 -35.31 4.67 -2.51
CA ALA H 467 -34.77 5.17 -3.78
C ALA H 467 -35.18 6.62 -4.00
P 5GP I . 28.81 19.56 12.15
O1P 5GP I . 29.18 18.31 11.37
O2P 5GP I . 27.38 20.03 12.02
O3P 5GP I . 29.26 19.48 13.60
O5' 5GP I . 29.71 20.72 11.52
C5' 5GP I . 29.66 22.04 12.05
C4' 5GP I . 30.70 22.93 11.40
O4' 5GP I . 30.39 23.10 9.99
C3' 5GP I . 30.79 24.35 11.93
O3' 5GP I . 31.53 24.44 13.15
C2' 5GP I . 31.43 25.10 10.77
O2' 5GP I . 32.84 24.88 10.74
C1' 5GP I . 30.81 24.39 9.57
N9 5GP I . 29.64 25.12 9.03
C8 5GP I . 28.72 25.86 9.72
N7 5GP I . 27.78 26.42 8.93
C5 5GP I . 28.12 26.01 7.66
C6 5GP I . 27.53 26.28 6.38
O6 5GP I . 26.54 26.97 6.14
N1 5GP I . 28.22 25.66 5.35
C2 5GP I . 29.34 24.88 5.49
N2 5GP I . 29.88 24.37 4.38
N3 5GP I . 29.92 24.61 6.67
C4 5GP I . 29.28 25.20 7.70
PG GTP J . 18.16 30.47 23.54
PG GTP J . 18.16 30.15 23.15
O1G GTP J . 17.01 30.16 22.61
O1G GTP J . 18.95 28.94 23.59
O2G GTP J . 19.44 30.79 22.80
O2G GTP J . 18.54 30.61 21.75
O3G GTP J . 18.35 29.41 24.61
O3G GTP J . 18.18 31.27 24.16
O3B GTP J . 17.82 31.84 24.36
O3B GTP J . 16.58 29.75 23.03
PB GTP J . 16.52 32.77 24.45
PB GTP J . 15.33 30.45 22.33
O1B GTP J . 16.88 34.02 25.13
O1B GTP J . 15.72 31.81 21.88
O2B GTP J . 15.88 32.82 23.12
O2B GTP J . 14.72 29.51 21.36
O3A GTP J . 15.62 31.88 25.43
O3A GTP J . 14.34 30.59 23.59
PA GTP J . 14.60 30.68 25.16
PA GTP J . 14.59 30.95 25.12
O1A GTP J . 14.63 30.31 23.74
O1A GTP J . 14.67 29.70 25.90
O2A GTP J . 14.84 29.63 26.19
O2A GTP J . 15.69 31.93 25.22
O5' GTP J . 13.21 31.39 25.46
O5' GTP J . 13.21 31.67 25.50
C5' GTP J . 12.59 32.22 24.46
C5' GTP J . 12.51 32.43 24.49
C4' GTP J . 11.37 32.88 25.06
C4' GTP J . 11.27 33.02 25.12
O4' GTP J . 10.50 31.88 25.60
O4' GTP J . 10.44 31.96 25.64
C3' GTP J . 11.65 33.83 26.21
C3' GTP J . 11.51 33.95 26.29
O3' GTP J . 11.94 35.14 25.75
O3' GTP J . 11.74 35.29 25.87
C2' GTP J . 10.34 33.78 27.00
C2' GTP J . 10.20 33.83 27.08
O2' GTP J . 9.35 34.63 26.43
O2' GTP J . 9.18 34.65 26.54
C1' GTP J . 9.94 32.31 26.83
C1' GTP J . 9.86 32.35 26.87
N9 GTP J . 10.46 31.44 27.90
N9 GTP J . 10.40 31.47 27.93
C8 GTP J . 11.60 30.68 27.90
C8 GTP J . 11.54 30.72 27.89
N7 GTP J . 11.79 30.01 29.04
N7 GTP J . 11.76 30.03 29.02
C5 GTP J . 10.71 30.35 29.82
C5 GTP J . 10.69 30.36 29.83
C6 GTP J . 10.32 29.97 31.16
C6 GTP J . 10.34 29.95 31.17
O6 GTP J . 10.93 29.21 31.92
O6 GTP J . 10.96 29.18 31.91
N1 GTP J . 9.14 30.55 31.56
N1 GTP J . 9.16 30.53 31.59
C2 GTP J . 8.38 31.41 30.80
C2 GTP J . 8.39 31.40 30.85
N2 GTP J . 7.26 31.88 31.35
N2 GTP J . 7.28 31.86 31.43
N3 GTP J . 8.71 31.79 29.56
N3 GTP J . 8.69 31.79 29.62
C4 GTP J . 9.87 31.24 29.13
C4 GTP J . 9.83 31.26 29.17
P 5GP K . 29.84 -13.17 17.63
O1P 5GP K . 30.12 -12.34 16.38
O2P 5GP K . 28.46 -13.01 18.25
O3P 5GP K . 30.23 -14.62 17.46
O5' 5GP K . 30.86 -12.60 18.71
C5' 5GP K . 30.90 -13.15 20.02
C4' 5GP K . 32.02 -12.54 20.83
O4' 5GP K . 31.78 -11.12 21.01
C3' 5GP K . 32.19 -13.07 22.25
O3' 5GP K . 32.88 -14.30 22.30
C2' 5GP K . 32.93 -11.92 22.93
O2' 5GP K . 34.30 -11.96 22.61
C1' 5GP K . 32.30 -10.70 22.26
N9 5GP K . 31.21 -10.11 23.06
C8 5GP K . 30.31 -10.77 23.87
N7 5GP K . 29.44 -9.94 24.49
C5 5GP K . 29.81 -8.68 24.05
C6 5GP K . 29.29 -7.38 24.34
O6 5GP K . 28.35 -7.09 25.08
N1 5GP K . 29.97 -6.37 23.67
C2 5GP K . 31.04 -6.57 22.81
N2 5GP K . 31.56 -5.48 22.26
N3 5GP K . 31.54 -7.77 22.53
C4 5GP K . 30.90 -8.77 23.17
PG GTP L . 19.57 -24.44 29.18
PG GTP L . 19.56 -24.14 28.91
O1G GTP L . 18.57 -23.36 28.85
O1G GTP L . 19.82 -24.85 27.61
O2G GTP L . 20.90 -23.90 29.68
O2G GTP L . 20.68 -23.19 29.30
O3G GTP L . 19.74 -25.45 28.06
O3G GTP L . 19.18 -25.08 30.03
O3B GTP L . 19.01 -25.32 30.43
O3B GTP L . 18.26 -23.16 28.73
PB GTP L . 18.02 -24.99 31.64
PB GTP L . 16.97 -22.88 29.63
O1B GTP L . 18.50 -25.64 32.87
O1B GTP L . 17.35 -22.89 31.06
O2B GTP L . 17.75 -23.53 31.66
O2B GTP L . 16.24 -21.70 29.09
O3A GTP L . 16.70 -25.74 31.14
O3A GTP L . 16.11 -24.20 29.31
PA GTP L . 15.84 -25.67 29.78
PA GTP L . 16.00 -25.63 30.03
O1A GTP L . 15.96 -24.31 29.21
O1A GTP L . 16.37 -26.68 29.05
O2A GTP L . 16.18 -26.84 28.94
O2A GTP L . 16.71 -25.57 31.32
O5' GTP L . 14.36 -25.83 30.35
O5' GTP L . 14.44 -25.73 30.29
C5' GTP L . 13.83 -24.84 31.25
C5' GTP L . 13.78 -24.74 31.11
C4' GTP L . 12.80 -25.50 32.15
C4' GTP L . 12.73 -25.41 31.95
O4' GTP L . 11.79 -26.14 31.32
O4' GTP L . 11.79 -26.10 31.09
C3' GTP L . 13.33 -26.60 33.05
C3' GTP L . 13.23 -26.47 32.92
O3' GTP L . 13.82 -26.06 34.28
O3' GTP L . 13.65 -25.89 34.14
C2' GTP L . 12.09 -27.47 33.27
C2' GTP L . 12.00 -27.35 33.10
O2' GTP L . 11.26 -26.94 34.29
O2' GTP L . 11.10 -26.81 34.07
C1' GTP L . 11.40 -27.38 31.91
C1' GTP L . 11.37 -27.32 31.70
N9 GTP L . 11.77 -28.47 30.99
N9 GTP L . 11.78 -28.43 30.85
C8 GTP L . 12.90 -28.53 30.18
C8 GTP L . 12.92 -28.52 30.08
N7 GTP L . 12.96 -29.67 29.47
N7 GTP L . 13.02 -29.68 29.40
C5 GTP L . 11.82 -30.36 29.82
C5 GTP L . 11.88 -30.37 29.76
C6 GTP L . 11.30 -31.64 29.40
C6 GTP L . 11.38 -31.68 29.38
O6 GTP L . 11.82 -32.42 28.60
O6 GTP L . 11.93 -32.48 28.62
N1 GTP L . 10.11 -31.94 30.02
N1 GTP L . 10.18 -31.96 29.99
C2 GTP L . 9.45 -31.15 30.94
C2 GTP L . 9.49 -31.15 30.85
N2 GTP L . 8.31 -31.62 31.42
N2 GTP L . 8.34 -31.60 31.33
N3 GTP L . 9.91 -29.97 31.34
N3 GTP L . 9.92 -29.94 31.22
C4 GTP L . 11.08 -29.63 30.76
C4 GTP L . 11.09 -29.61 30.65
P 5GP M . 28.38 -18.53 -15.10
O1P 5GP M . 28.73 -17.30 -14.29
O2P 5GP M . 26.97 -19.05 -14.98
O3P 5GP M . 28.81 -18.40 -16.55
O5' 5GP M . 29.30 -19.67 -14.52
C5' 5GP M . 29.22 -21.01 -15.00
C4' 5GP M . 30.35 -21.86 -14.49
O4' 5GP M . 30.20 -22.08 -13.07
C3' 5GP M . 30.46 -23.25 -15.08
O3' 5GP M . 31.07 -23.26 -16.36
C2' 5GP M . 31.24 -24.01 -14.02
O2' 5GP M . 32.62 -23.72 -14.13
C1' 5GP M . 30.71 -23.36 -12.74
N9 5GP M . 29.63 -24.16 -12.11
C8 5GP M . 28.66 -24.89 -12.74
N7 5GP M . 27.82 -25.50 -11.88
C5 5GP M . 28.29 -25.14 -10.64
C6 5GP M . 27.82 -25.45 -9.31
O6 5GP M . 26.87 -26.16 -9.00
N1 5GP M . 28.61 -24.85 -8.33
C2 5GP M . 29.69 -24.05 -8.56
N2 5GP M . 30.32 -23.56 -7.49
N3 5GP M . 30.14 -23.73 -9.78
C4 5GP M . 29.41 -24.30 -10.76
PG GTP N . 16.92 -29.76 -25.47
PG GTP N . 16.98 -29.57 -25.52
O1G GTP N . 16.00 -29.42 -24.33
O1G GTP N . 17.43 -28.24 -26.11
O2G GTP N . 18.18 -30.46 -25.03
O2G GTP N . 18.07 -30.24 -24.70
O3G GTP N . 17.21 -28.57 -26.36
O3G GTP N . 16.38 -30.49 -26.55
O3B GTP N . 16.19 -30.84 -26.46
O3B GTP N . 15.77 -29.30 -24.45
PB GTP N . 15.25 -32.11 -26.18
PB GTP N . 14.49 -30.14 -23.99
O1B GTP N . 15.69 -33.23 -27.03
O1B GTP N . 14.80 -31.58 -24.09
O2B GTP N . 15.13 -32.30 -24.72
O2B GTP N . 13.99 -29.59 -22.70
O3A GTP N . 13.86 -31.55 -26.74
O3A GTP N . 13.46 -29.75 -25.15
PA GTP N . 13.04 -30.21 -26.45
PA GTP N . 13.12 -30.41 -26.56
O1A GTP N . 13.44 -29.67 -25.13
O1A GTP N . 13.19 -29.38 -27.62
O2A GTP N . 13.10 -29.33 -27.64
O2A GTP N . 13.90 -31.66 -26.72
O5' GTP N . 11.56 -30.77 -26.28
O5' GTP N . 11.58 -30.79 -26.38
C5' GTP N . 11.35 -32.09 -25.72
C5' GTP N . 11.20 -31.75 -25.37
C4' GTP N . 9.88 -32.42 -25.75
C4' GTP N . 9.78 -32.21 -25.63
O4' GTP N . 9.19 -31.45 -26.56
O4' GTP N . 9.15 -31.29 -26.54
C3' GTP N . 9.54 -33.77 -26.37
C3' GTP N . 9.66 -33.59 -26.28
O3' GTP N . 8.35 -34.31 -25.81
O3' GTP N . 8.49 -34.27 -25.80
C2' GTP N . 9.37 -33.42 -27.85
C2' GTP N . 9.56 -33.26 -27.77
O2' GTP N . 8.50 -34.34 -28.51
O2' GTP N . 8.83 -34.26 -28.47
C1' GTP N . 8.71 -32.04 -27.76
C1' GTP N . 8.78 -31.95 -27.74
N9 GTP N . 9.05 -31.15 -28.88
N9 GTP N . 9.10 -31.07 -28.87
C8 GTP N . 10.21 -30.43 -29.04
C8 GTP N . 10.24 -30.33 -29.05
N7 GTP N . 10.24 -29.72 -30.19
N7 GTP N . 10.25 -29.64 -30.20
C5 GTP N . 9.03 -30.02 -30.79
C5 GTP N . 9.05 -29.96 -30.80
C6 GTP N . 8.45 -29.58 -32.03
C6 GTP N . 8.46 -29.55 -32.04
O6 GTP N . 8.95 -28.82 -32.87
O6 GTP N . 8.94 -28.80 -32.89
N1 GTP N . 7.20 -30.13 -32.24
N1 GTP N . 7.21 -30.11 -32.24
C2 GTP N . 6.55 -31.00 -31.40
C2 GTP N . 6.57 -30.97 -31.37
N2 GTP N . 5.34 -31.41 -31.77
N2 GTP N . 5.37 -31.42 -31.74
N3 GTP N . 7.06 -31.42 -30.24
N3 GTP N . 7.10 -31.37 -30.21
C4 GTP N . 8.28 -30.90 -29.99
C4 GTP N . 8.31 -30.84 -29.98
P 5GP O . 27.36 14.04 -20.64
O1P 5GP O . 27.89 13.32 -19.41
O2P 5GP O . 25.95 13.72 -21.06
O3P 5GP O . 27.63 15.54 -20.58
O5' 5GP O . 28.29 13.52 -21.82
C5' 5GP O . 28.13 14.03 -23.15
C4' 5GP O . 29.20 13.47 -24.07
O4' 5GP O . 29.01 12.04 -24.24
C3' 5GP O . 29.19 14.02 -25.50
O3' 5GP O . 29.81 15.29 -25.60
C2' 5GP O . 29.90 12.92 -26.27
O2' 5GP O . 31.30 13.01 -26.10
C1' 5GP O . 29.41 11.66 -25.55
N9 5GP O . 28.27 11.03 -26.23
C8 5GP O . 27.22 11.64 -26.88
N7 5GP O . 26.33 10.78 -27.41
C5 5GP O . 26.83 9.53 -27.06
C6 5GP O . 26.35 8.21 -27.33
O6 5GP O . 25.33 7.89 -27.95
N1 5GP O . 27.18 7.23 -26.80
C2 5GP O . 28.35 7.48 -26.10
N2 5GP O . 29.01 6.40 -25.68
N3 5GP O . 28.81 8.70 -25.84
C4 5GP O . 28.03 9.67 -26.34
PG GTP P . 15.59 24.88 -31.16
PG GTP P . 15.60 24.55 -30.72
O1G GTP P . 14.69 23.79 -30.62
O1G GTP P . 16.14 25.03 -29.39
O2G GTP P . 16.76 24.35 -31.97
O2G GTP P . 16.56 23.62 -31.44
O3G GTP P . 16.02 25.85 -30.08
O3G GTP P . 15.12 25.67 -31.60
O3B GTP P . 14.74 25.80 -32.21
O3B GTP P . 14.27 23.63 -30.46
PB GTP P . 13.82 25.43 -33.47
PB GTP P . 12.97 23.33 -31.33
O1B GTP P . 14.15 26.33 -34.59
O1B GTP P . 13.30 23.45 -32.77
O2B GTP P . 13.89 23.96 -33.69
O2B GTP P . 12.34 22.07 -30.84
O3A GTP P . 12.38 25.80 -32.90
O3A GTP P . 12.04 24.57 -30.92
PA GTP P . 11.79 25.90 -31.41
PA GTP P . 11.90 26.05 -31.49
O1A GTP P . 12.01 24.60 -30.72
O1A GTP P . 12.25 27.02 -30.41
O2A GTP P . 12.27 27.14 -30.78
O2A GTP P . 12.60 26.14 -32.78
O5' GTP P . 10.22 26.01 -31.72
O5' GTP P . 10.32 26.14 -31.73
C5' GTP P . 9.59 25.05 -32.57
C5' GTP P . 9.66 25.11 -32.48
C4' GTP P . 8.53 25.75 -33.40
C4' GTP P . 8.48 25.71 -33.21
O4' GTP P . 7.59 26.39 -32.52
O4' GTP P . 7.59 26.33 -32.26
C3' GTP P . 9.04 26.86 -34.31
C3' GTP P . 8.82 26.81 -34.20
O3' GTP P . 9.47 26.33 -35.56
O3' GTP P . 9.14 26.27 -35.48
C2' GTP P . 7.81 27.75 -34.46
C2' GTP P . 7.53 27.63 -34.24
O2' GTP P . 6.93 27.27 -35.46
O2' GTP P . 6.56 27.05 -35.11
C1' GTP P . 7.17 27.64 -33.07
C1' GTP P . 7.06 27.53 -32.78
N9 GTP P . 7.58 28.71 -32.14
N9 GTP P . 7.51 28.64 -31.94
C8 GTP P . 8.79 28.82 -31.47
C8 GTP P . 8.71 28.74 -31.26
N7 GTP P . 8.86 29.92 -30.70
N7 GTP P . 8.84 29.88 -30.58
C5 GTP P . 7.63 30.54 -30.88
C5 GTP P . 7.67 30.57 -30.84
C6 GTP P . 7.08 31.75 -30.33
C6 GTP P . 7.19 31.86 -30.40
O6 GTP P . 7.63 32.53 -29.55
O6 GTP P . 7.76 32.66 -29.68
N1 GTP P . 5.81 32.00 -30.80
N1 GTP P . 5.93 32.15 -30.92
C2 GTP P . 5.11 31.20 -31.68
C2 GTP P . 5.20 31.32 -31.74
N2 GTP P . 3.88 31.61 -32.01
N2 GTP P . 4.01 31.78 -32.14
N3 GTP P . 5.59 30.07 -32.19
N3 GTP P . 5.62 30.13 -32.15
C4 GTP P . 6.83 29.79 -31.78
C4 GTP P . 6.83 29.81 -31.68
P 5GP Q . -29.84 15.88 -15.22
O1P 5GP Q . -30.14 14.75 -14.26
O2P 5GP Q . -28.44 16.44 -15.18
O3P 5GP Q . -30.30 15.57 -16.64
O5' 5GP Q . -30.79 17.07 -14.76
C5' 5GP Q . -30.77 18.32 -15.44
C4' 5GP Q . -31.86 19.24 -14.93
O4' 5GP Q . -31.57 19.65 -13.57
C3' 5GP Q . -32.04 20.54 -15.69
O3' 5GP Q . -32.78 20.40 -16.89
C2' 5GP Q . -32.72 21.43 -14.66
O2' 5GP Q . -34.10 21.13 -14.58
C1' 5GP Q . -32.05 20.96 -13.36
N9 5GP Q . -30.92 21.84 -12.98
C8 5GP Q . -30.01 22.43 -13.80
N7 5GP Q . -29.10 23.18 -13.13
C5 5GP Q . -29.47 23.05 -11.80
C6 5GP Q . -28.91 23.59 -10.59
O6 5GP Q . -27.93 24.33 -10.49
N1 5GP Q . -29.61 23.19 -9.47
C2 5GP Q . -30.71 22.36 -9.47
N2 5GP Q . -31.25 22.08 -8.28
N3 5GP Q . -31.25 21.85 -10.57
C4 5GP Q . -30.60 22.21 -11.69
PG GTP R . -19.42 24.88 -28.56
PG GTP R . -19.39 24.48 -28.19
O1G GTP R . -18.33 24.76 -27.52
O1G GTP R . -19.83 23.08 -28.50
O2G GTP R . -20.66 25.56 -28.03
O2G GTP R . -20.38 25.22 -27.29
O3G GTP R . -19.74 23.55 -29.22
O3G GTP R . -19.06 25.28 -29.43
O3B GTP R . -18.91 25.84 -29.78
O3B GTP R . -18.00 24.45 -27.33
PB GTP R . -17.94 27.09 -29.83
PB GTP R . -16.71 25.39 -27.31
O1B GTP R . -18.45 28.06 -30.83
O1B GTP R . -17.11 26.78 -27.60
O2B GTP R . -17.67 27.57 -28.44
O2B GTP R . -15.94 25.11 -26.07
O3A GTP R . -16.61 26.40 -30.40
O3A GTP R . -15.91 24.80 -28.57
PA GTP R . -15.75 25.15 -29.92
PA GTP R . -15.88 25.19 -30.11
O1A GTP R . -15.82 25.04 -28.45
O1A GTP R . -16.23 24.01 -30.92
O2A GTP R . -16.12 23.98 -30.76
O2A GTP R . -16.64 26.46 -30.31
O5' GTP R . -14.28 25.62 -30.30
O5' GTP R . -14.32 25.49 -30.33
C5' GTP R . -13.67 26.72 -29.59
C5' GTP R . -13.66 26.51 -29.55
C4' GTP R . -12.70 27.41 -30.51
C4' GTP R . -12.65 27.21 -30.42
O4' GTP R . -11.74 26.47 -31.02
O4' GTP R . -11.72 26.24 -30.95
C3' GTP R . -13.32 28.04 -31.76
C3' GTP R . -13.22 27.93 -31.63
O3' GTP R . -13.80 29.35 -31.49
O3' GTP R . -13.64 29.25 -31.30
C2' GTP R . -12.14 28.07 -32.74
C2' GTP R . -12.02 27.94 -32.59
O2' GTP R . -11.29 29.19 -32.52
O2' GTP R . -11.13 29.00 -32.30
C1' GTP R . -11.41 26.76 -32.37
C1' GTP R . -11.37 26.58 -32.29
N9 GTP R . -11.81 25.62 -33.20
N9 GTP R . -11.81 25.50 -33.17
C8 GTP R . -12.91 24.81 -33.03
C8 GTP R . -12.94 24.72 -33.05
N7 GTP R . -13.00 23.84 -33.97
N7 GTP R . -13.07 23.82 -34.04
C5 GTP R . -11.90 24.04 -34.77
C5 GTP R . -11.95 24.02 -34.83
C6 GTP R . -11.42 23.35 -35.95
C6 GTP R . -11.50 23.37 -36.03
O6 GTP R . -11.94 22.38 -36.51
O6 GTP R . -12.05 22.45 -36.64
N1 GTP R . -10.25 23.91 -36.43
N1 GTP R . -10.31 23.91 -36.50
C2 GTP R . -9.59 24.99 -35.90
C2 GTP R . -9.62 24.94 -35.91
N2 GTP R . -8.48 25.37 -36.51
N2 GTP R . -8.49 25.32 -36.51
N3 GTP R . -10.01 25.65 -34.81
N3 GTP R . -10.01 25.56 -34.80
C4 GTP R . -11.14 25.14 -34.30
C4 GTP R . -11.16 25.07 -34.31
P 5GP S . -29.29 -17.26 -14.72
O1P 5GP S . -29.59 -16.25 -13.64
O2P 5GP S . -27.91 -17.22 -15.34
O3P 5GP S . -29.69 -18.67 -14.32
O5' 5GP S . -30.29 -16.89 -15.92
C5' 5GP S . -30.27 -17.63 -17.13
C4' 5GP S . -31.42 -17.25 -18.02
O4' 5GP S . -31.27 -15.88 -18.47
C3' 5GP S . -31.56 -18.04 -19.32
O3' 5GP S . -32.18 -19.29 -19.14
C2' 5GP S . -32.34 -17.08 -20.20
O2' 5GP S . -33.73 -17.13 -19.89
C1' 5GP S . -31.80 -15.72 -19.77
N9 5GP S . -30.73 -15.22 -20.66
C8 5GP S . -29.74 -15.96 -21.27
N7 5GP S . -28.92 -15.21 -22.04
C5 5GP S . -29.43 -13.93 -21.92
C6 5GP S . -29.01 -12.68 -22.49
O6 5GP S . -28.08 -12.48 -23.26
N1 5GP S . -29.82 -11.63 -22.09
C2 5GP S . -30.91 -11.73 -21.25
N2 5GP S . -31.57 -10.60 -20.98
N3 5GP S . -31.32 -12.87 -20.70
C4 5GP S . -30.56 -13.92 -21.06
PG GTP T . -18.20 -29.61 -24.42
PG GTP T . -18.17 -29.58 -24.04
O1G GTP T . -17.27 -28.42 -24.43
O1G GTP T . -18.37 -30.16 -22.66
O2G GTP T . -19.57 -29.29 -24.99
O2G GTP T . -19.33 -28.71 -24.50
O3G GTP T . -18.28 -30.29 -23.06
O3G GTP T . -17.83 -30.65 -25.07
O3B GTP T . -17.62 -30.77 -25.41
O3B GTP T . -16.90 -28.58 -24.04
PB GTP T . -16.69 -30.72 -26.71
PB GTP T . -15.65 -28.37 -25.03
O1B GTP T . -17.16 -31.73 -27.68
O1B GTP T . -16.09 -28.61 -26.42
O2B GTP T . -16.54 -29.31 -27.15
O2B GTP T . -14.97 -27.10 -24.69
O3A GTP T . -15.30 -31.22 -26.08
O3A GTP T . -14.72 -29.59 -24.58
PA GTP T . -14.36 -30.66 -24.92
PA GTP T . -14.61 -31.11 -25.05
O1A GTP T . -14.48 -29.18 -24.86
O1A GTP T . -14.90 -31.99 -23.89
O2A GTP T . -14.59 -31.45 -23.70
O2A GTP T . -15.37 -31.28 -26.30
O5' GTP T . -12.92 -31.00 -25.52
O5' GTP T . -13.05 -31.25 -25.35
C5' GTP T . -12.35 -30.19 -26.57
C5' GTP T . -12.39 -30.25 -26.16
C4' GTP T . -11.13 -30.86 -27.12
C4' GTP T . -11.20 -30.88 -26.87
O4' GTP T . -10.49 -31.64 -26.07
O4' GTP T . -10.48 -31.70 -25.93
C3' GTP T . -11.37 -31.83 -28.29
C3' GTP T . -11.54 -31.77 -28.05
O3' GTP T . -10.33 -31.72 -29.25
O3' GTP T . -10.56 -31.65 -29.08
C2' GTP T . -11.37 -33.20 -27.60
C2' GTP T . -11.55 -33.17 -27.44
O2' GTP T . -10.92 -34.22 -28.48
O2' GTP T . -11.22 -34.16 -28.40
C1' GTP T . -10.34 -32.98 -26.49
C1' GTP T . -10.44 -33.05 -26.40
N9 GTP T . -10.56 -33.86 -25.33
N9 GTP T . -10.63 -33.93 -25.24
C8 GTP T . -11.64 -33.87 -24.49
C8 GTP T . -11.68 -33.97 -24.37
N7 GTP T . -11.55 -34.81 -23.52
N7 GTP T . -11.57 -34.92 -23.43
C5 GTP T . -10.34 -35.42 -23.76
C5 GTP T . -10.37 -35.53 -23.70
C6 GTP T . -9.66 -36.51 -23.10
C6 GTP T . -9.67 -36.60 -23.06
O6 GTP T . -10.05 -37.14 -22.11
O6 GTP T . -10.03 -37.25 -22.08
N1 GTP T . -8.44 -36.79 -23.69
N1 GTP T . -8.47 -36.90 -23.69
C2 GTP T . -7.91 -36.16 -24.78
C2 GTP T . -7.96 -36.24 -24.79
N2 GTP T . -6.72 -36.59 -25.20
N2 GTP T . -6.78 -36.67 -25.25
N3 GTP T . -8.52 -35.16 -25.43
N3 GTP T . -8.59 -35.24 -25.40
C4 GTP T . -9.71 -34.84 -24.88
C4 GTP T . -9.76 -34.93 -24.83
P 5GP U . -27.46 -16.86 18.25
O1P 5GP U . -27.91 -15.81 17.26
O2P 5GP U . -26.04 -17.36 18.11
O3P 5GP U . -27.79 -16.47 19.68
O5' 5GP U . -28.39 -18.12 17.97
C5' 5GP U . -28.23 -19.33 18.70
C4' 5GP U . -29.31 -20.32 18.38
O4' 5GP U . -29.19 -20.77 17.00
C3' 5GP U . -29.30 -21.61 19.18
O3' 5GP U . -29.87 -21.47 20.47
C2' 5GP U . -30.07 -22.58 18.28
O2' 5GP U . -31.47 -22.36 18.39
C1' 5GP U . -29.62 -22.11 16.89
N9 5GP U . -28.52 -22.93 16.35
C8 5GP U . -27.49 -23.50 17.03
N7 5GP U . -26.65 -24.21 16.24
C5 5GP U . -27.20 -24.10 14.98
C6 5GP U . -26.79 -24.62 13.70
O6 5GP U . -25.82 -25.33 13.47
N1 5GP U . -27.65 -24.25 12.69
C2 5GP U . -28.77 -23.45 12.84
N2 5GP U . -29.48 -23.21 11.74
N3 5GP U . -29.17 -22.96 14.01
C4 5GP U . -28.36 -23.30 15.02
PG GTP V . -15.37 -25.62 30.15
PG GTP V . -15.50 -25.22 29.94
O1G GTP V . -14.39 -25.23 29.06
O1G GTP V . -15.99 -23.80 30.08
O2G GTP V . -16.40 -26.63 29.68
O2G GTP V . -16.50 -26.12 29.24
O3G GTP V . -16.00 -24.42 30.82
O3G GTP V . -15.01 -25.80 31.26
O3B GTP V . -14.56 -26.38 31.33
O3B GTP V . -14.17 -25.25 28.98
PB GTP V . -13.75 -27.76 31.39
PB GTP V . -12.92 -26.24 28.87
O1B GTP V . -14.04 -28.45 32.66
O1B GTP V . -13.34 -27.59 29.32
O2B GTP V . -13.96 -28.48 30.11
O2B GTP V . -12.30 -26.08 27.54
O3A GTP V . -12.25 -27.20 31.42
O3A GTP V . -11.96 -25.60 29.98
PA GTP V . -11.60 -25.77 31.12
PA GTP V . -11.79 -25.85 31.55
O1A GTP V . -11.80 -25.45 29.68
O1A GTP V . -12.07 -24.58 32.27
O2A GTP V . -12.05 -24.81 32.14
O2A GTP V . -12.55 -27.07 31.92
O5' GTP V . -10.05 -26.08 31.33
O5' GTP V . -10.23 -26.13 31.67
C5' GTP V . -9.43 -27.18 30.63
C5' GTP V . -9.61 -27.06 30.75
C4' GTP V . -8.49 -27.89 31.56
C4' GTP V . -8.43 -27.70 31.44
O4' GTP V . -7.51 -26.97 32.06
O4' GTP V . -7.50 -26.69 31.87
C3' GTP V . -9.13 -28.49 32.80
C3' GTP V . -8.77 -28.49 32.71
O3' GTP V . -9.67 -29.79 32.53
O3' GTP V . -9.15 -29.82 32.40
C2' GTP V . -7.96 -28.56 33.77
C2' GTP V . -7.45 -28.43 33.48
O2' GTP V . -7.16 -29.73 33.56
O2' GTP V . -6.53 -29.42 33.03
C1' GTP V . -7.17 -27.30 33.40
C1' GTP V . -6.95 -27.02 33.13
N9 GTP V . -7.46 -26.15 34.26
N9 GTP V . -7.34 -26.00 34.10
C8 GTP V . -8.60 -25.37 34.26
C8 GTP V . -8.52 -25.28 34.12
N7 GTP V . -8.57 -24.38 35.18
N7 GTP V . -8.58 -24.40 35.14
C5 GTP V . -7.35 -24.54 35.79
C5 GTP V . -7.39 -24.57 35.81
C6 GTP V . -6.71 -23.80 36.86
C6 GTP V . -6.85 -23.93 36.98
O6 GTP V . -7.16 -22.84 37.48
O6 GTP V . -7.39 -23.06 37.67
N1 GTP V . -5.45 -24.31 37.16
N1 GTP V . -5.60 -24.42 37.31
C2 GTP V . -4.85 -25.38 36.55
C2 GTP V . -4.91 -25.39 36.61
N2 GTP V . -3.64 -25.72 36.98
N2 GTP V . -3.71 -25.72 37.09
N3 GTP V . -5.42 -26.08 35.56
N3 GTP V . -5.38 -26.00 35.52
C4 GTP V . -6.64 -25.62 35.23
C4 GTP V . -6.61 -25.55 35.18
P 5GP W . -27.95 16.30 17.79
O1P 5GP W . -28.34 15.29 16.74
O2P 5GP W . -26.51 16.24 18.28
O3P 5GP W . -28.36 17.71 17.43
O5' 5GP W . -28.83 15.95 19.08
C5' 5GP W . -28.70 16.70 20.27
C4' 5GP W . -29.72 16.27 21.31
O4' 5GP W . -29.46 14.90 21.72
C3' 5GP W . -29.72 17.05 22.60
O3' 5GP W . -30.40 18.29 22.51
C2' 5GP W . -30.38 16.08 23.58
O2' 5GP W . -31.78 16.07 23.42
C1' 5GP W . -29.83 14.73 23.08
N9 5GP W . -28.66 14.27 23.85
C8 5GP W . -27.67 15.04 24.41
N7 5GP W . -26.74 14.33 25.07
C5 5GP W . -27.16 13.02 24.92
C6 5GP W . -26.61 11.77 25.38
O6 5GP W . -25.59 11.62 26.06
N1 5GP W . -27.36 10.69 24.98
C2 5GP W . -28.52 10.74 24.24
N2 5GP W . -29.11 9.58 23.96
N3 5GP W . -29.05 11.88 23.80
C4 5GP W . -28.35 12.97 24.16
PG GTP X . -16.41 29.01 26.22
PG GTP X . -16.52 29.02 25.69
O1G GTP X . -15.40 27.89 26.08
O1G GTP X . -16.89 29.35 24.25
O2G GTP X . -17.63 28.60 27.00
O2G GTP X . -17.62 28.25 26.41
O3G GTP X . -16.76 29.63 24.89
O3G GTP X . -16.04 30.22 26.46
O3B GTP X . -15.76 30.23 27.09
O3B GTP X . -15.26 27.99 25.68
PB GTP X . -14.67 30.26 28.25
PB GTP X . -14.02 27.78 26.67
O1B GTP X . -15.04 31.29 29.25
O1B GTP X . -14.41 28.21 28.03
O2B GTP X . -14.41 28.88 28.71
O2B GTP X . -13.46 26.42 26.47
O3A GTP X . -13.39 30.77 27.44
O3A GTP X . -12.98 28.85 26.07
PA GTP X . -12.76 30.36 26.02
PA GTP X . -12.85 30.44 26.21
O1A GTP X . -12.95 28.90 25.82
O1A GTP X . -13.30 31.07 24.94
O2A GTP X . -13.24 31.31 24.99
O2A GTP X . -13.48 30.86 27.49
O5' GTP X . -11.21 30.61 26.30
O5' GTP X . -11.28 30.62 26.32
C5' GTP X . -10.52 29.82 27.29
C5' GTP X . -10.53 29.80 27.23
C4' GTP X . -9.47 30.67 27.94
C4' GTP X . -9.46 30.65 27.88
O4' GTP X . -8.59 31.22 26.94
O4' GTP X . -8.60 31.21 26.85
C3' GTP X . -10.00 31.88 28.70
C3' GTP X . -9.96 31.84 28.67
O3' GTP X . -10.35 31.53 30.05
O3' GTP X . -10.28 31.47 30.00
C2' GTP X . -8.81 32.84 28.67
C2' GTP X . -8.76 32.80 28.62
O2' GTP X . -7.86 32.53 29.69
O2' GTP X . -7.79 32.48 29.61
C1' GTP X . -8.22 32.55 27.28
C1' GTP X . -8.20 32.52 27.21
N9 GTP X . -8.72 33.45 26.23
N9 GTP X . -8.71 33.46 26.19
C8 GTP X . -9.93 33.40 25.59
C8 GTP X . -9.92 33.43 25.56
N7 GTP X . -10.09 34.37 24.67
N7 GTP X . -10.08 34.43 24.67
C5 GTP X . -8.91 35.10 24.74
C5 GTP X . -8.89 35.14 24.74
C6 GTP X . -8.46 36.25 24.02
C6 GTP X . -8.43 36.31 24.04
O6 GTP X . -9.07 36.88 23.15
O6 GTP X . -9.04 36.96 23.19
N1 GTP X . -7.18 36.64 24.41
N1 GTP X . -7.15 36.67 24.43
C2 GTP X . -6.42 36.02 25.36
C2 GTP X . -6.38 36.02 25.37
N2 GTP X . -5.21 36.53 25.61
N2 GTP X . -5.16 36.52 25.60
N3 GTP X . -6.82 34.94 26.05
N3 GTP X . -6.78 34.93 26.02
C4 GTP X . -8.05 34.53 25.70
C4 GTP X . -8.02 34.55 25.68
#